data_5MY0
#
_entry.id   5MY0
#
_cell.length_a   147.044
_cell.length_b   354.390
_cell.length_c   217.463
_cell.angle_alpha   90.00
_cell.angle_beta   90.00
_cell.angle_gamma   90.00
#
_symmetry.space_group_name_H-M   'C 2 2 21'
#
loop_
_entity.id
_entity.type
_entity.pdbx_description
1 polymer 'Fatty acid synthase'
2 polymer 'Fatty acid synthase'
3 non-polymer 'COENZYME A'
4 non-polymer 'MALONYL-COENZYME A'
#
loop_
_entity_poly.entity_id
_entity_poly.type
_entity_poly.pdbx_seq_one_letter_code
_entity_poly.pdbx_strand_id
1 'polypeptide(L)'
;SEEVVIAGMSGKLPESENLQEFWANLIGGVDMVTDDDRRWKAGLYGLPKRSGKLKDLSKFDASFFGVHPKQAHTMDPQLR
LLLEVSYEAIVDGGINPASLRGTNTGVWVGVSGSEASEALSRDPETLLGYSMVGCQRAMMANRLSFFFDFKGPSIALDTA
CSSSLLALQNAYQAIRSGECPAALVGGINLLLKPNTSVQFMKLGMLSPDGTCRSFDDSGSGYCRSEAVVAVLLTKKSLAR
RVYATILNAGTNTDGSKEQGVTFPSGEVQEQLICSLYQPAGLAPESLEYIEAHGTGTKVGDPQELNGITRSLCAFRQAPL
LIGSTKSNMGHPEPASGLAALTKVLLSLEHGVWAPNLHFHNPNPEIPALLDGRLQVVDRPLPVRGGNVGINSFGFGGSNV
HVILQPNTRQAPAPTAHAALPHLLHASGRTLEAVQDLLEQGRQHSQDLAFVSMLNDIAATPTAAMPFRGYTVLGVEGRVQ
EVQQVSTNKRPLWFICSGMGTQWRGMGLSLMRLDSFRESILRSDEAVKPLGVKVSDLLLSTDERTFDDIVHAFVSLTAIQ
IALIDLLTSVGLKPDGIIGH(K5L)LGEVACGYADGCLSQREAVLAAYWRGQCIKDAHLPPGSMAAVGLSWEECKQRCPA
GVVPACHNSEDTVTISGPQAAVNEFVEQLKQEGVFAKEVRTGGLAFHSYFMEGIAPTLLQALKKVIREPRPRSARWLSTS
IPEAQWQSSLARTSSAEYNVNNLVSPVLFQEALWHIPEHAVVLEIAPHALLQAVLKRGVKSSCTIIPLMKRDHKDNLEFF
LTNLGKVHLTGINVNPNALFPPVEFPAPRGTPLISPHIKWDHSQTWDVPVAEDFPN
;
A,D
2 'polypeptide(L)'
;SEEVVIAGMSGKLPESENLQEFWANLIGGVDMVTDDDRRWKAGLYGLPKRSGKLKDLSKFDASFFGVHPKQAHTMDPQLR
LLLEVSYEAIVDGGINPASLRGTNTGVWVGVSGSEASEALSRDPETLLGYSMVGCQRAMMANRLSFFFDFKGPSIALDTA
CSSSLLALQNAYQAIRSGECPAALVGGINLLLKPNTSVQFMKLGMLSPDGTCRSFDDSGSGYCRSEAVVAVLLTKKSLAR
RVYATILNAGTNTDGSKEQGVTFPSGEVQEQLICSLYQPAGLAPESLEYIEAHGTGTKVGDPQELNGITRSLCAFRQAPL
LIGSTKSNMGHPEPASGLAALTKVLLSLEHGVWAPNLHFHNPNPEIPALLDGRLQVVDRPLPVRGGNVGINSFGFGGSNV
HVILQPNTRQAPAPTAHAALPHLLHASGRTLEAVQDLLEQGRQHSQDLAFVSMLNDIAATPTAAMPFRGYTVLGVEGRVQ
EVQQVSTNKRPLWFICSGMGTQWRGMGLSLMRLDSFRESILRSDEAVKPLGVKVSDLLLSTDERTFDDIVHAFVSLTAIQ
IALIDLLTSVGLKPDGIIGHSLGEVACGYADGCLSQREAVLAAYWRGQCIKDAHLPPGSMAAVGLSWEECKQRCPAGVVP
ACHNSEDTVTISGPQAAVNEFVEQLKQEGVFAKEVRTGGLAFHSYFMEGIAPTLLQALKKVIREPRPRSARWLSTSIPEA
QWQSSLARTSSAEYNVNNLVSPVLFQEALWHIPEHAVVLEIAPHALLQAVLKRGVKSSCTIIPLMKRDHKDNLEFFLTNL
GKVHLTGINVNPNALFPPVEFPAPRGTPLISPHIKWDHSQTWDVPVAEDFPN
;
B,C
#
loop_
_chem_comp.id
_chem_comp.type
_chem_comp.name
_chem_comp.formula
COA non-polymer 'COENZYME A' 'C21 H36 N7 O16 P3 S'
MLC non-polymer 'MALONYL-COENZYME A' 'C24 H38 N7 O19 P3 S'
#
# COMPACT_ATOMS: atom_id res chain seq x y z
N SER A 1 3.68 31.38 28.06
CA SER A 1 3.89 31.81 29.49
C SER A 1 5.38 32.09 29.84
N GLU A 2 5.94 33.08 29.17
CA GLU A 2 7.18 33.77 29.55
C GLU A 2 6.93 35.29 29.34
N GLU A 3 7.28 36.15 30.30
CA GLU A 3 7.00 37.60 30.16
C GLU A 3 7.91 38.26 29.14
N VAL A 4 7.36 39.08 28.25
CA VAL A 4 8.13 39.68 27.17
C VAL A 4 8.15 41.17 27.39
N VAL A 5 9.34 41.76 27.36
CA VAL A 5 9.48 43.21 27.57
C VAL A 5 10.12 43.90 26.38
N ILE A 6 9.86 45.20 26.27
CA ILE A 6 10.54 46.03 25.30
C ILE A 6 11.74 46.60 26.05
N ALA A 7 12.92 46.12 25.68
CA ALA A 7 14.16 46.38 26.40
C ALA A 7 14.94 47.56 25.90
N GLY A 8 14.88 47.84 24.60
CA GLY A 8 15.74 48.87 24.02
C GLY A 8 15.17 49.37 22.71
N MET A 9 15.48 50.62 22.39
CA MET A 9 14.99 51.19 21.13
C MET A 9 15.89 52.27 20.58
N SER A 10 15.79 52.41 19.26
CA SER A 10 16.45 53.51 18.57
C SER A 10 15.73 53.75 17.25
N GLY A 11 16.03 54.85 16.61
CA GLY A 11 15.45 55.12 15.31
C GLY A 11 15.90 56.40 14.62
N LYS A 12 15.64 56.47 13.32
CA LYS A 12 15.76 57.71 12.58
C LYS A 12 14.41 58.00 12.03
N LEU A 13 13.89 59.19 12.30
CA LEU A 13 12.59 59.58 11.84
C LEU A 13 12.73 60.89 11.07
N PRO A 14 11.62 61.40 10.48
CA PRO A 14 11.69 62.65 9.79
C PRO A 14 12.18 63.79 10.63
N GLU A 15 13.07 64.55 10.02
CA GLU A 15 13.86 65.57 10.65
C GLU A 15 14.42 65.18 12.00
N SER A 16 14.74 63.91 12.19
CA SER A 16 15.08 63.42 13.52
C SER A 16 16.16 62.35 13.40
N GLU A 17 17.38 62.74 13.66
CA GLU A 17 18.53 61.89 13.49
C GLU A 17 18.61 60.79 14.57
N ASN A 18 17.89 60.96 15.66
CA ASN A 18 17.79 59.93 16.66
C ASN A 18 16.53 60.13 17.52
N LEU A 19 16.30 59.26 18.50
CA LEU A 19 15.05 59.33 19.23
C LEU A 19 14.95 60.53 20.13
N GLN A 20 16.06 61.18 20.44
CA GLN A 20 16.02 62.42 21.26
C GLN A 20 15.52 63.57 20.41
N GLU A 21 16.06 63.72 19.20
CA GLU A 21 15.58 64.72 18.27
C GLU A 21 14.09 64.50 17.94
N PHE A 22 13.69 63.23 17.90
CA PHE A 22 12.31 62.88 17.62
C PHE A 22 11.42 63.31 18.78
N TRP A 23 11.86 63.02 20.00
CA TRP A 23 11.08 63.44 21.18
C TRP A 23 10.95 64.96 21.26
N ALA A 24 12.05 65.66 21.02
CA ALA A 24 12.03 67.11 20.95
C ALA A 24 11.00 67.64 19.99
N ASN A 25 10.95 67.09 18.79
CA ASN A 25 9.93 67.48 17.81
C ASN A 25 8.49 67.14 18.25
N LEU A 26 8.34 66.01 18.92
CA LEU A 26 7.01 65.55 19.35
C LEU A 26 6.46 66.50 20.44
N ILE A 27 7.19 66.61 21.54
CA ILE A 27 6.71 67.35 22.69
C ILE A 27 6.70 68.83 22.38
N GLY A 28 7.60 69.26 21.50
CA GLY A 28 7.60 70.63 21.03
C GLY A 28 6.59 71.02 19.94
N GLY A 29 5.85 70.06 19.41
CA GLY A 29 4.86 70.35 18.38
C GLY A 29 5.42 70.82 17.04
N VAL A 30 6.64 70.40 16.76
CA VAL A 30 7.24 70.62 15.47
C VAL A 30 6.64 69.58 14.52
N ASP A 31 6.38 70.07 13.29
CA ASP A 31 5.90 69.27 12.19
C ASP A 31 7.10 68.82 11.40
N MET A 32 7.29 67.52 11.32
CA MET A 32 8.48 66.92 10.70
C MET A 32 8.29 66.66 9.20
N VAL A 33 7.07 66.92 8.73
CA VAL A 33 6.78 66.84 7.32
C VAL A 33 7.32 68.11 6.70
N THR A 34 8.05 67.99 5.59
CA THR A 34 8.75 69.10 4.92
C THR A 34 8.42 69.10 3.45
N ASP A 35 8.79 70.17 2.74
CA ASP A 35 8.49 70.28 1.30
C ASP A 35 9.66 70.57 0.39
N ASP A 36 10.87 70.31 0.85
CA ASP A 36 12.06 70.51 0.05
C ASP A 36 12.25 69.44 -1.02
N ASP A 37 13.26 69.65 -1.86
CA ASP A 37 13.58 68.81 -3.03
C ASP A 37 14.51 67.60 -2.76
N ARG A 38 14.64 67.18 -1.51
CA ARG A 38 15.61 66.14 -1.14
C ARG A 38 15.61 64.87 -1.98
N ARG A 39 14.42 64.37 -2.29
CA ARG A 39 14.32 63.08 -2.97
C ARG A 39 14.01 63.26 -4.44
N TRP A 40 13.15 64.24 -4.75
CA TRP A 40 12.83 64.60 -6.11
C TRP A 40 12.25 66.03 -6.16
N LYS A 41 12.14 66.64 -7.34
CA LYS A 41 11.66 68.05 -7.43
C LYS A 41 10.27 68.05 -6.85
N ALA A 42 9.97 68.94 -5.90
CA ALA A 42 8.66 68.88 -5.24
C ALA A 42 7.61 69.31 -6.25
N GLY A 43 6.49 68.57 -6.33
CA GLY A 43 5.47 68.84 -7.35
C GLY A 43 5.48 67.89 -8.53
N LEU A 44 6.64 67.30 -8.79
CA LEU A 44 6.86 66.34 -9.88
C LEU A 44 5.69 65.41 -10.08
N TYR A 45 5.28 65.26 -11.33
CA TYR A 45 4.12 64.46 -11.70
C TYR A 45 2.83 64.80 -10.93
N GLY A 46 2.72 66.02 -10.40
CA GLY A 46 1.54 66.45 -9.66
C GLY A 46 1.47 65.93 -8.25
N LEU A 47 2.59 65.47 -7.73
CA LEU A 47 2.61 64.84 -6.41
C LEU A 47 2.50 65.89 -5.35
N PRO A 48 2.11 65.50 -4.14
CA PRO A 48 2.20 66.42 -3.03
C PRO A 48 3.62 66.86 -2.82
N LYS A 49 3.80 68.13 -2.49
CA LYS A 49 5.11 68.70 -2.20
C LYS A 49 5.63 68.21 -0.84
N ARG A 50 4.70 67.82 0.02
CA ARG A 50 5.03 67.46 1.40
C ARG A 50 5.23 65.95 1.62
N SER A 51 6.26 65.59 2.36
CA SER A 51 6.51 64.24 2.81
C SER A 51 7.46 64.25 3.99
N GLY A 52 7.41 63.18 4.80
CA GLY A 52 8.31 63.05 5.95
C GLY A 52 9.63 62.47 5.49
N LYS A 53 10.74 63.20 5.61
CA LYS A 53 12.02 62.65 5.08
C LYS A 53 13.14 62.66 6.11
N LEU A 54 14.00 61.64 6.04
CA LEU A 54 15.18 61.56 6.90
C LEU A 54 16.17 62.67 6.53
N LYS A 55 16.92 63.15 7.50
CA LYS A 55 17.90 64.20 7.23
C LYS A 55 18.96 63.68 6.29
N ASP A 56 19.47 62.47 6.54
CA ASP A 56 20.53 61.90 5.73
C ASP A 56 20.40 60.39 5.44
N LEU A 57 20.72 59.95 4.23
CA LEU A 57 20.86 58.53 3.85
C LEU A 57 22.30 58.10 3.55
N SER A 58 23.19 59.09 3.41
CA SER A 58 24.58 58.87 2.98
C SER A 58 25.57 58.34 3.99
N LYS A 59 25.24 58.30 5.29
CA LYS A 59 26.20 57.87 6.32
C LYS A 59 26.02 56.42 6.76
N PHE A 60 27.13 55.82 7.19
CA PHE A 60 27.23 54.39 7.54
C PHE A 60 28.65 54.05 7.93
N ASP A 61 28.82 53.54 9.13
CA ASP A 61 30.15 53.20 9.63
C ASP A 61 30.54 51.79 9.16
N ALA A 62 30.83 51.72 7.87
CA ALA A 62 30.98 50.45 7.18
C ALA A 62 31.93 49.47 7.84
N SER A 63 33.10 49.93 8.28
CA SER A 63 34.10 48.97 8.79
C SER A 63 33.62 48.33 10.08
N PHE A 64 32.88 49.05 10.90
CA PHE A 64 32.32 48.44 12.10
C PHE A 64 31.46 47.23 11.80
N PHE A 65 30.75 47.28 10.68
CA PHE A 65 29.85 46.21 10.26
C PHE A 65 30.46 45.26 9.25
N GLY A 66 31.77 45.40 9.04
CA GLY A 66 32.50 44.48 8.21
C GLY A 66 32.18 44.59 6.75
N VAL A 67 31.77 45.79 6.33
CA VAL A 67 31.36 46.00 4.96
C VAL A 67 32.46 46.76 4.27
N HIS A 68 33.00 46.21 3.18
CA HIS A 68 34.07 46.92 2.44
C HIS A 68 33.43 48.03 1.62
N PRO A 69 34.21 49.02 1.21
CA PRO A 69 33.57 50.18 0.56
C PRO A 69 32.79 49.93 -0.72
N LYS A 70 33.22 48.95 -1.52
CA LYS A 70 32.54 48.70 -2.80
C LYS A 70 31.12 48.20 -2.54
N GLN A 71 30.92 47.50 -1.42
CA GLN A 71 29.60 46.99 -1.04
C GLN A 71 28.75 48.02 -0.34
N ALA A 72 29.35 48.77 0.57
CA ALA A 72 28.65 49.87 1.23
C ALA A 72 27.95 50.76 0.23
N HIS A 73 28.63 51.10 -0.85
CA HIS A 73 28.05 51.97 -1.88
C HIS A 73 26.87 51.35 -2.61
N THR A 74 26.74 50.01 -2.57
CA THR A 74 25.63 49.29 -3.22
C THR A 74 24.72 48.53 -2.22
N MET A 75 24.55 49.09 -1.01
CA MET A 75 23.57 48.62 -0.07
C MET A 75 22.36 49.55 -0.10
N ASP A 76 21.18 48.99 0.12
CA ASP A 76 19.96 49.78 0.36
C ASP A 76 20.28 50.69 1.53
N PRO A 77 20.03 51.98 1.38
CA PRO A 77 20.30 52.79 2.57
C PRO A 77 19.43 52.38 3.75
N GLN A 78 18.24 51.82 3.51
CA GLN A 78 17.46 51.19 4.55
C GLN A 78 18.29 50.30 5.44
N LEU A 79 19.12 49.46 4.84
CA LEU A 79 19.88 48.45 5.56
C LEU A 79 21.07 49.04 6.31
N ARG A 80 21.77 49.96 5.65
CA ARG A 80 22.89 50.65 6.27
C ARG A 80 22.39 51.33 7.54
N LEU A 81 21.31 52.06 7.43
CA LEU A 81 20.73 52.72 8.57
C LEU A 81 20.20 51.72 9.60
N LEU A 82 19.59 50.64 9.14
CA LEU A 82 19.07 49.66 10.07
C LEU A 82 20.17 48.97 10.89
N LEU A 83 21.33 48.76 10.27
CA LEU A 83 22.44 48.14 11.00
C LEU A 83 22.83 49.01 12.24
N GLU A 84 23.00 50.31 12.01
CA GLU A 84 23.34 51.24 13.09
C GLU A 84 22.20 51.30 14.11
N VAL A 85 20.98 51.42 13.64
CA VAL A 85 19.85 51.56 14.54
C VAL A 85 19.65 50.28 15.36
N SER A 86 19.86 49.12 14.73
CA SER A 86 19.78 47.88 15.45
C SER A 86 20.84 47.81 16.58
N TYR A 87 22.09 48.18 16.27
CA TYR A 87 23.13 48.23 17.33
C TYR A 87 22.71 49.22 18.42
N GLU A 88 22.30 50.43 18.00
CA GLU A 88 21.86 51.44 18.94
C GLU A 88 20.79 50.87 19.86
N ALA A 89 19.85 50.12 19.31
CA ALA A 89 18.74 49.64 20.11
C ALA A 89 19.13 48.59 21.15
N ILE A 90 20.04 47.69 20.79
CA ILE A 90 20.51 46.68 21.72
C ILE A 90 21.21 47.35 22.92
N VAL A 91 22.18 48.22 22.65
CA VAL A 91 22.93 48.84 23.75
C VAL A 91 22.06 49.83 24.51
N ASP A 92 21.02 50.35 23.87
CA ASP A 92 20.06 51.22 24.58
C ASP A 92 19.47 50.48 25.76
N GLY A 93 19.30 49.19 25.64
CA GLY A 93 18.67 48.46 26.69
C GLY A 93 19.58 47.99 27.80
N GLY A 94 20.81 48.50 27.80
CA GLY A 94 21.82 48.11 28.74
C GLY A 94 22.44 46.75 28.47
N ILE A 95 22.38 46.31 27.22
CA ILE A 95 22.76 44.95 26.90
C ILE A 95 23.91 44.90 25.94
N ASN A 96 24.94 44.17 26.30
CA ASN A 96 26.10 44.08 25.46
C ASN A 96 25.73 43.11 24.37
N PRO A 97 25.87 43.51 23.12
CA PRO A 97 25.48 42.59 22.08
C PRO A 97 26.16 41.23 22.13
N ALA A 98 27.36 41.17 22.70
CA ALA A 98 28.09 39.90 22.79
C ALA A 98 27.30 38.90 23.59
N SER A 99 26.51 39.37 24.55
CA SER A 99 25.74 38.48 25.36
C SER A 99 24.68 37.73 24.57
N LEU A 100 24.30 38.21 23.39
CA LEU A 100 23.29 37.51 22.56
C LEU A 100 23.87 36.73 21.35
N ARG A 101 25.16 36.88 21.07
CA ARG A 101 25.77 36.16 19.96
C ARG A 101 25.68 34.68 20.17
N GLY A 102 25.43 33.95 19.11
CA GLY A 102 25.31 32.51 19.18
C GLY A 102 23.95 32.05 19.70
N THR A 103 23.11 32.94 20.24
CA THR A 103 21.87 32.53 20.84
C THR A 103 20.78 32.37 19.80
N ASN A 104 19.63 31.81 20.17
CA ASN A 104 18.50 31.70 19.23
C ASN A 104 17.62 32.98 19.21
N THR A 105 18.27 34.13 19.31
CA THR A 105 17.62 35.41 19.17
C THR A 105 17.15 35.54 17.75
N GLY A 106 15.92 36.04 17.59
CA GLY A 106 15.30 36.20 16.28
C GLY A 106 15.37 37.63 15.78
N VAL A 107 15.09 37.76 14.49
CA VAL A 107 15.05 39.04 13.80
C VAL A 107 13.83 39.07 12.90
N TRP A 108 13.00 40.08 13.02
CA TRP A 108 11.84 40.25 12.18
C TRP A 108 11.83 41.69 11.73
N VAL A 109 11.78 41.91 10.41
CA VAL A 109 11.81 43.26 9.88
C VAL A 109 10.61 43.49 8.99
N GLY A 110 9.84 44.52 9.31
CA GLY A 110 8.71 44.93 8.49
C GLY A 110 9.23 45.85 7.40
N VAL A 111 8.94 45.52 6.15
CA VAL A 111 9.48 46.27 5.04
C VAL A 111 8.71 45.95 3.80
N SER A 112 8.37 47.01 3.06
CA SER A 112 7.48 46.95 1.92
C SER A 112 8.10 47.38 0.60
N GLY A 113 9.34 47.82 0.59
CA GLY A 113 9.92 48.47 -0.57
C GLY A 113 11.37 48.17 -0.76
N SER A 114 11.76 47.89 -2.01
CA SER A 114 13.14 47.58 -2.35
C SER A 114 13.56 48.46 -3.53
N GLU A 115 13.31 49.76 -3.38
CA GLU A 115 13.53 50.74 -4.43
C GLU A 115 15.02 50.82 -4.77
N ALA A 116 15.90 50.76 -3.78
CA ALA A 116 17.34 50.73 -4.08
C ALA A 116 17.74 49.51 -4.92
N SER A 117 17.21 48.33 -4.64
CA SER A 117 17.49 47.16 -5.45
C SER A 117 17.16 47.39 -6.92
N GLU A 118 16.08 48.08 -7.16
CA GLU A 118 15.62 48.37 -8.53
C GLU A 118 16.67 49.25 -9.22
N ALA A 119 17.05 50.31 -8.52
CA ALA A 119 18.02 51.25 -9.01
C ALA A 119 19.36 50.60 -9.30
N LEU A 120 19.84 49.79 -8.37
CA LEU A 120 21.16 49.21 -8.49
C LEU A 120 21.25 48.01 -9.41
N SER A 121 20.12 47.60 -9.98
CA SER A 121 20.10 46.48 -10.92
C SER A 121 19.61 46.90 -12.31
N ARG A 122 19.68 48.21 -12.60
CA ARG A 122 19.12 48.71 -13.85
C ARG A 122 19.98 48.48 -15.07
N ASP A 123 21.29 48.42 -14.91
CA ASP A 123 22.17 48.20 -16.09
C ASP A 123 22.88 46.84 -15.98
N PRO A 124 22.42 45.84 -16.73
CA PRO A 124 23.07 44.54 -16.77
C PRO A 124 24.57 44.58 -17.02
N GLU A 125 25.00 45.48 -17.90
CA GLU A 125 26.41 45.54 -18.25
C GLU A 125 27.28 45.89 -17.04
N THR A 126 26.82 46.82 -16.20
CA THR A 126 27.63 47.35 -15.08
C THR A 126 27.20 46.98 -13.65
N LEU A 127 26.07 46.32 -13.48
CA LEU A 127 25.58 46.07 -12.12
C LEU A 127 26.44 45.11 -11.36
N LEU A 128 26.34 45.15 -10.04
CA LEU A 128 27.14 44.25 -9.20
C LEU A 128 26.34 43.12 -8.60
N GLY A 129 26.95 41.95 -8.52
CA GLY A 129 26.36 40.83 -7.82
C GLY A 129 26.04 41.21 -6.39
N TYR A 130 26.99 41.87 -5.73
CA TYR A 130 26.82 42.32 -4.36
C TYR A 130 25.60 43.14 -4.06
N SER A 131 25.11 43.85 -5.06
CA SER A 131 23.89 44.65 -4.91
C SER A 131 22.70 43.82 -4.36
N MET A 132 22.56 42.60 -4.83
CA MET A 132 21.52 41.70 -4.33
C MET A 132 21.68 41.46 -2.83
N VAL A 133 22.92 41.22 -2.40
CA VAL A 133 23.20 40.93 -1.01
C VAL A 133 22.98 42.16 -0.10
N GLY A 134 22.93 43.34 -0.69
CA GLY A 134 22.71 44.58 0.05
C GLY A 134 21.36 45.16 -0.14
N CYS A 135 20.59 44.65 -1.11
CA CYS A 135 19.32 45.26 -1.48
C CYS A 135 18.07 44.38 -1.47
N GLN A 136 18.22 43.06 -1.65
CA GLN A 136 17.06 42.14 -1.75
C GLN A 136 16.36 42.13 -0.42
N ARG A 137 15.04 42.06 -0.47
CA ARG A 137 14.24 42.22 0.73
C ARG A 137 14.61 41.28 1.90
N ALA A 138 14.90 40.02 1.60
CA ALA A 138 15.30 39.08 2.65
C ALA A 138 16.51 39.52 3.41
N MET A 139 17.43 40.22 2.74
CA MET A 139 18.65 40.67 3.37
C MET A 139 18.41 41.72 4.46
N MET A 140 17.32 42.47 4.38
CA MET A 140 17.03 43.49 5.39
C MET A 140 17.00 42.84 6.78
N ALA A 141 16.62 41.56 6.83
CA ALA A 141 16.67 40.77 8.05
C ALA A 141 17.92 39.93 8.13
N ASN A 142 18.26 39.25 7.05
CA ASN A 142 19.36 38.29 7.05
C ASN A 142 20.74 38.94 7.38
N ARG A 143 20.98 40.18 6.97
CA ARG A 143 22.27 40.85 7.26
C ARG A 143 22.38 41.23 8.69
N LEU A 144 21.27 41.50 9.32
CA LEU A 144 21.26 41.77 10.74
C LEU A 144 21.64 40.46 11.44
N SER A 145 20.93 39.38 11.11
CA SER A 145 21.18 38.08 11.74
C SER A 145 22.68 37.72 11.56
N PHE A 146 23.25 38.01 10.40
CA PHE A 146 24.68 37.77 10.09
C PHE A 146 25.64 38.56 10.92
N PHE A 147 25.35 39.84 11.11
CA PHE A 147 26.28 40.69 11.84
C PHE A 147 26.30 40.41 13.34
N PHE A 148 25.10 40.33 13.92
CA PHE A 148 24.92 40.11 15.35
C PHE A 148 25.02 38.64 15.79
N ASP A 149 25.19 37.72 14.85
CA ASP A 149 25.24 36.27 15.11
C ASP A 149 23.97 35.81 15.86
N PHE A 150 22.81 36.19 15.35
CA PHE A 150 21.54 35.79 15.90
C PHE A 150 21.00 34.60 15.08
N LYS A 151 20.99 33.43 15.68
CA LYS A 151 20.68 32.17 15.00
C LYS A 151 19.21 31.74 15.06
N GLY A 152 18.35 32.48 15.74
CA GLY A 152 16.90 32.27 15.61
C GLY A 152 16.36 32.68 14.25
N PRO A 153 15.03 32.77 14.10
CA PRO A 153 14.40 33.16 12.83
C PRO A 153 14.94 34.47 12.27
N SER A 154 14.95 34.59 10.94
CA SER A 154 15.39 35.80 10.27
C SER A 154 14.48 36.03 9.10
N ILE A 155 13.47 36.88 9.32
CA ILE A 155 12.34 37.01 8.42
C ILE A 155 12.09 38.45 8.09
N ALA A 156 11.92 38.71 6.81
CA ALA A 156 11.45 40.00 6.34
C ALA A 156 10.01 39.82 5.98
N LEU A 157 9.10 40.58 6.59
CA LEU A 157 7.69 40.42 6.25
C LEU A 157 7.03 41.68 5.79
N ASP A 158 6.00 41.53 4.96
CA ASP A 158 5.25 42.61 4.32
C ASP A 158 3.76 42.36 4.43
N THR A 159 3.12 43.24 5.19
CA THR A 159 1.68 43.31 5.27
C THR A 159 1.24 44.75 5.04
N ALA A 160 2.05 45.46 4.25
CA ALA A 160 1.94 46.89 4.07
C ALA A 160 1.98 47.61 5.44
N CYS A 161 1.12 48.57 5.73
CA CYS A 161 1.33 49.45 6.88
C CYS A 161 1.52 48.75 8.23
N SER A 162 0.95 47.56 8.38
CA SER A 162 1.07 46.83 9.64
C SER A 162 2.35 45.99 9.80
N SER A 163 3.29 46.08 8.87
CA SER A 163 4.41 45.13 8.82
C SER A 163 5.28 45.19 10.06
N SER A 164 5.64 46.39 10.52
CA SER A 164 6.58 46.49 11.62
C SER A 164 5.89 46.09 12.90
N LEU A 165 4.63 46.46 13.10
CA LEU A 165 3.95 46.00 14.32
C LEU A 165 3.64 44.52 14.27
N LEU A 166 3.37 43.98 13.09
CA LEU A 166 3.24 42.53 12.94
C LEU A 166 4.55 41.83 13.29
N ALA A 167 5.67 42.40 12.85
CA ALA A 167 6.97 41.91 13.27
C ALA A 167 7.09 41.93 14.78
N LEU A 168 6.72 43.03 15.43
CA LEU A 168 6.69 43.05 16.92
C LEU A 168 5.87 41.89 17.47
N GLN A 169 4.68 41.71 16.91
CA GLN A 169 3.76 40.68 17.35
C GLN A 169 4.34 39.27 17.12
N ASN A 170 4.91 38.99 15.96
CA ASN A 170 5.54 37.69 15.72
C ASN A 170 6.69 37.43 16.71
N ALA A 171 7.53 38.44 16.93
CA ALA A 171 8.66 38.34 17.86
C ALA A 171 8.17 38.08 19.26
N TYR A 172 7.14 38.85 19.65
CA TYR A 172 6.45 38.65 20.91
C TYR A 172 6.04 37.19 21.15
N GLN A 173 5.45 36.53 20.15
CA GLN A 173 5.02 35.14 20.36
C GLN A 173 6.18 34.19 20.43
N ALA A 174 7.23 34.48 19.70
CA ALA A 174 8.42 33.63 19.73
C ALA A 174 9.10 33.67 21.09
N ILE A 175 9.04 34.80 21.77
CA ILE A 175 9.66 34.92 23.05
C ILE A 175 8.75 34.29 24.09
N ARG A 176 7.44 34.59 24.03
CA ARG A 176 6.46 34.06 24.97
C ARG A 176 6.47 32.57 24.95
N SER A 177 6.64 31.99 23.77
CA SER A 177 6.58 30.55 23.64
C SER A 177 7.81 29.84 24.11
N GLY A 178 8.93 30.51 24.26
CA GLY A 178 10.20 29.83 24.44
C GLY A 178 11.09 29.71 23.23
N GLU A 179 10.59 29.83 21.99
CA GLU A 179 11.46 29.75 20.76
C GLU A 179 12.72 30.56 20.93
N CYS A 180 12.56 31.79 21.42
CA CYS A 180 13.61 32.78 21.43
C CYS A 180 13.74 33.47 22.77
N PRO A 181 14.98 33.68 23.24
CA PRO A 181 15.17 34.49 24.45
C PRO A 181 14.98 35.97 24.19
N ALA A 182 15.19 36.40 22.95
CA ALA A 182 15.14 37.81 22.60
C ALA A 182 14.89 37.97 21.12
N ALA A 183 14.66 39.20 20.69
CA ALA A 183 14.40 39.45 19.29
C ALA A 183 14.65 40.88 18.92
N LEU A 184 15.23 41.06 17.74
CA LEU A 184 15.44 42.37 17.16
C LEU A 184 14.32 42.58 16.18
N VAL A 185 13.62 43.69 16.28
CA VAL A 185 12.46 43.95 15.46
C VAL A 185 12.69 45.25 14.76
N GLY A 186 12.61 45.26 13.44
CA GLY A 186 12.88 46.44 12.64
C GLY A 186 11.70 46.89 11.80
N GLY A 187 11.67 48.16 11.46
CA GLY A 187 10.72 48.71 10.49
C GLY A 187 11.43 49.73 9.64
N ILE A 188 11.28 49.64 8.32
CA ILE A 188 11.98 50.53 7.40
C ILE A 188 11.14 51.00 6.21
N ASN A 189 11.34 52.28 5.85
CA ASN A 189 10.69 52.86 4.68
C ASN A 189 11.45 54.06 4.15
N LEU A 190 11.70 54.09 2.84
CA LEU A 190 12.35 55.23 2.20
C LEU A 190 11.55 55.69 0.99
N LEU A 191 11.65 56.96 0.64
CA LEU A 191 10.90 57.52 -0.48
C LEU A 191 11.89 57.88 -1.58
N LEU A 192 12.47 56.88 -2.23
CA LEU A 192 13.49 57.14 -3.25
C LEU A 192 12.93 57.33 -4.66
N LYS A 193 11.86 56.60 -4.94
CA LYS A 193 11.34 56.46 -6.29
C LYS A 193 10.00 57.17 -6.38
N PRO A 194 9.92 58.27 -7.15
CA PRO A 194 8.66 59.01 -7.25
C PRO A 194 7.48 58.21 -7.78
N ASN A 195 7.75 57.25 -8.68
CA ASN A 195 6.64 56.56 -9.37
C ASN A 195 5.72 55.91 -8.32
N THR A 196 6.33 55.45 -7.23
CA THR A 196 5.60 54.87 -6.13
C THR A 196 4.58 55.83 -5.52
N SER A 197 5.00 57.06 -5.21
CA SER A 197 4.07 58.08 -4.71
C SER A 197 2.95 58.33 -5.74
N VAL A 198 3.26 58.23 -7.04
CA VAL A 198 2.23 58.43 -8.07
C VAL A 198 1.19 57.31 -8.01
N GLN A 199 1.63 56.06 -7.96
CA GLN A 199 0.69 54.96 -7.73
C GLN A 199 -0.24 55.21 -6.54
N PHE A 200 0.34 55.58 -5.40
CA PHE A 200 -0.48 55.88 -4.22
C PHE A 200 -1.43 57.06 -4.47
N MET A 201 -0.93 58.10 -5.13
CA MET A 201 -1.76 59.26 -5.46
C MET A 201 -2.93 58.82 -6.30
N LYS A 202 -2.66 58.02 -7.32
CA LYS A 202 -3.70 57.59 -8.25
C LYS A 202 -4.70 56.68 -7.59
N LEU A 203 -4.31 55.91 -6.59
CA LEU A 203 -5.29 55.17 -5.77
C LEU A 203 -6.17 56.02 -4.84
N GLY A 204 -5.91 57.31 -4.77
CA GLY A 204 -6.62 58.21 -3.88
C GLY A 204 -6.21 58.17 -2.42
N MET A 205 -5.03 57.65 -2.12
CA MET A 205 -4.61 57.48 -0.73
C MET A 205 -3.85 58.66 -0.18
N LEU A 206 -3.27 59.51 -1.03
CA LEU A 206 -2.45 60.63 -0.53
C LEU A 206 -3.21 61.90 -0.51
N SER A 207 -3.16 62.58 0.62
CA SER A 207 -3.72 63.90 0.73
C SER A 207 -2.83 64.88 -0.04
N PRO A 208 -3.43 65.82 -0.80
CA PRO A 208 -2.66 66.83 -1.52
C PRO A 208 -1.86 67.73 -0.63
N ASP A 209 -2.50 68.20 0.45
CA ASP A 209 -1.81 68.93 1.57
C ASP A 209 -0.65 68.18 2.21
N GLY A 210 -0.44 66.89 1.91
CA GLY A 210 0.69 66.15 2.42
C GLY A 210 0.65 66.11 3.91
N THR A 211 -0.51 65.79 4.48
CA THR A 211 -0.73 65.86 5.91
C THR A 211 -1.70 64.79 6.37
N CYS A 212 -1.31 64.08 7.44
CA CYS A 212 -2.23 63.15 8.08
C CYS A 212 -2.99 63.94 9.10
N ARG A 213 -4.19 64.38 8.79
CA ARG A 213 -4.96 65.14 9.76
C ARG A 213 -5.76 64.19 10.63
N SER A 214 -5.04 63.41 11.43
CA SER A 214 -5.65 62.36 12.21
C SER A 214 -6.85 62.87 12.97
N PHE A 215 -7.99 62.27 12.67
CA PHE A 215 -9.29 62.47 13.34
C PHE A 215 -10.03 63.72 12.93
N ASP A 216 -9.44 64.58 12.09
CA ASP A 216 -10.06 65.84 11.70
C ASP A 216 -11.04 65.56 10.61
N ASP A 217 -12.12 66.34 10.61
CA ASP A 217 -13.06 66.44 9.49
C ASP A 217 -12.37 66.71 8.17
N SER A 218 -11.30 67.48 8.19
CA SER A 218 -10.58 67.96 7.03
C SER A 218 -9.82 66.85 6.30
N GLY A 219 -9.66 65.70 6.98
CA GLY A 219 -8.76 64.66 6.53
C GLY A 219 -9.19 64.02 5.22
N SER A 220 -8.23 63.92 4.32
CA SER A 220 -8.45 63.61 2.93
C SER A 220 -7.32 62.76 2.34
N GLY A 221 -6.73 61.86 3.15
CA GLY A 221 -5.57 61.11 2.72
C GLY A 221 -4.38 61.21 3.64
N TYR A 222 -3.32 60.45 3.34
CA TYR A 222 -2.11 60.43 4.17
C TYR A 222 -0.89 61.07 3.52
N CYS A 223 0.09 61.33 4.37
CA CYS A 223 1.39 61.90 3.99
C CYS A 223 2.42 60.78 4.00
N ARG A 224 3.17 60.60 2.92
CA ARG A 224 4.16 59.53 2.92
C ARG A 224 5.37 59.98 3.67
N SER A 225 6.00 59.06 4.38
CA SER A 225 7.14 59.39 5.21
C SER A 225 8.11 58.24 5.32
N GLU A 226 9.29 58.59 5.78
CA GLU A 226 10.40 57.65 5.90
C GLU A 226 10.59 57.34 7.38
N ALA A 227 11.26 56.24 7.66
CA ALA A 227 11.58 55.84 9.01
C ALA A 227 12.43 54.58 9.04
N VAL A 228 13.36 54.54 9.97
CA VAL A 228 14.16 53.39 10.22
C VAL A 228 14.12 53.24 11.72
N VAL A 229 13.48 52.18 12.20
CA VAL A 229 13.31 52.00 13.62
C VAL A 229 13.62 50.57 14.00
N ALA A 230 14.22 50.41 15.16
CA ALA A 230 14.43 49.08 15.70
C ALA A 230 14.21 49.08 17.19
N VAL A 231 13.88 47.90 17.67
CA VAL A 231 13.49 47.69 19.02
C VAL A 231 14.05 46.34 19.45
N LEU A 232 14.53 46.23 20.67
CA LEU A 232 14.98 44.94 21.17
C LEU A 232 13.92 44.47 22.15
N LEU A 233 13.40 43.26 21.93
CA LEU A 233 12.59 42.57 22.92
C LEU A 233 13.43 41.49 23.60
N THR A 234 13.19 41.29 24.88
CA THR A 234 13.76 40.14 25.61
C THR A 234 12.71 39.58 26.53
N LYS A 235 12.93 38.35 26.96
CA LYS A 235 12.21 37.84 28.10
C LYS A 235 12.66 38.62 29.36
N LYS A 236 11.76 38.81 30.33
CA LYS A 236 12.03 39.69 31.51
C LYS A 236 13.34 39.39 32.20
N SER A 237 13.63 38.13 32.40
CA SER A 237 14.85 37.73 33.06
C SER A 237 16.16 38.27 32.44
N LEU A 238 16.19 38.60 31.15
CA LEU A 238 17.43 39.14 30.54
C LEU A 238 17.50 40.64 30.54
N ALA A 239 16.41 41.32 30.86
CA ALA A 239 16.34 42.76 30.68
C ALA A 239 17.11 43.49 31.73
N ARG A 240 17.63 44.65 31.34
CA ARG A 240 18.12 45.63 32.29
C ARG A 240 17.12 46.75 32.27
N ARG A 241 17.10 47.50 31.17
CA ARG A 241 16.09 48.54 30.99
C ARG A 241 14.84 47.83 30.56
N VAL A 242 13.69 48.39 30.99
CA VAL A 242 12.38 47.92 30.55
C VAL A 242 11.48 49.11 30.31
N TYR A 243 11.17 49.39 29.05
CA TYR A 243 10.23 50.45 28.73
C TYR A 243 8.82 50.04 29.08
N ALA A 244 8.45 48.83 28.73
CA ALA A 244 7.10 48.34 28.97
C ALA A 244 7.07 46.83 28.85
N THR A 245 6.00 46.26 29.37
CA THR A 245 5.77 44.85 29.24
C THR A 245 4.65 44.65 28.24
N ILE A 246 4.81 43.69 27.33
CA ILE A 246 3.78 43.42 26.36
C ILE A 246 2.83 42.45 27.03
N LEU A 247 1.63 42.93 27.37
CA LEU A 247 0.60 42.10 27.98
C LEU A 247 -0.06 41.20 26.96
N ASN A 248 -0.28 41.68 25.75
CA ASN A 248 -0.90 40.86 24.74
C ASN A 248 -0.73 41.49 23.36
N ALA A 249 -0.85 40.67 22.33
CA ALA A 249 -0.83 41.17 20.99
C ALA A 249 -1.34 40.16 20.02
N GLY A 250 -2.12 40.60 19.04
CA GLY A 250 -2.52 39.71 17.98
C GLY A 250 -2.70 40.38 16.66
N THR A 251 -3.01 39.56 15.65
CA THR A 251 -3.34 40.04 14.32
C THR A 251 -4.53 39.26 13.85
N ASN A 252 -5.40 39.90 13.09
CA ASN A 252 -6.35 39.23 12.20
C ASN A 252 -6.33 39.94 10.85
N THR A 253 -7.28 39.60 9.98
CA THR A 253 -7.36 40.19 8.65
C THR A 253 -8.81 40.41 8.26
N ASP A 254 -9.08 41.55 7.64
CA ASP A 254 -10.44 42.00 7.33
C ASP A 254 -11.24 40.94 6.57
N GLY A 255 -10.54 40.20 5.73
CA GLY A 255 -11.16 39.16 4.95
C GLY A 255 -11.91 39.78 3.80
N SER A 256 -13.11 39.25 3.56
CA SER A 256 -13.94 39.62 2.45
C SER A 256 -14.84 40.80 2.79
N LYS A 257 -14.87 41.79 1.91
CA LYS A 257 -15.58 43.05 2.12
C LYS A 257 -16.15 43.53 0.78
N GLU A 258 -17.48 43.76 0.76
CA GLU A 258 -18.16 44.23 -0.46
C GLU A 258 -17.50 45.49 -1.03
N GLN A 259 -17.00 46.37 -0.18
CA GLN A 259 -16.59 47.69 -0.64
C GLN A 259 -15.25 47.69 -1.39
N GLY A 260 -14.48 46.59 -1.30
CA GLY A 260 -13.17 46.49 -2.00
C GLY A 260 -12.01 46.11 -1.09
N VAL A 261 -10.90 45.69 -1.68
CA VAL A 261 -9.82 45.19 -0.80
C VAL A 261 -9.15 46.24 0.08
N THR A 262 -9.21 47.51 -0.29
CA THR A 262 -8.57 48.58 0.50
C THR A 262 -9.54 49.40 1.34
N PHE A 263 -10.73 48.89 1.57
CA PHE A 263 -11.65 49.52 2.47
C PHE A 263 -11.41 48.88 3.85
N PRO A 264 -11.06 49.68 4.84
CA PRO A 264 -10.86 49.10 6.15
C PRO A 264 -12.15 48.64 6.85
N SER A 265 -12.15 47.43 7.37
CA SER A 265 -13.31 46.90 8.07
C SER A 265 -13.17 47.20 9.54
N GLY A 266 -13.76 48.32 9.95
CA GLY A 266 -13.95 48.61 11.37
C GLY A 266 -14.53 47.47 12.19
N GLU A 267 -15.39 46.65 11.60
CA GLU A 267 -15.97 45.55 12.37
C GLU A 267 -14.94 44.51 12.69
N VAL A 268 -14.07 44.20 11.73
CA VAL A 268 -13.06 43.17 11.98
C VAL A 268 -11.94 43.70 12.87
N GLN A 269 -11.65 45.00 12.77
CA GLN A 269 -10.68 45.62 13.65
C GLN A 269 -11.18 45.51 15.07
N GLU A 270 -12.46 45.84 15.26
CA GLU A 270 -13.16 45.71 16.55
C GLU A 270 -13.03 44.30 17.06
N GLN A 271 -13.26 43.32 16.18
CA GLN A 271 -13.13 41.90 16.56
C GLN A 271 -11.77 41.57 17.11
N LEU A 272 -10.72 42.10 16.46
CA LEU A 272 -9.34 41.86 16.92
C LEU A 272 -9.15 42.41 18.31
N ILE A 273 -9.60 43.64 18.52
CA ILE A 273 -9.44 44.28 19.81
C ILE A 273 -10.16 43.47 20.88
N CYS A 274 -11.38 43.07 20.59
CA CYS A 274 -12.21 42.35 21.57
C CYS A 274 -11.54 41.08 22.00
N SER A 275 -10.85 40.42 21.07
CA SER A 275 -10.24 39.13 21.36
C SER A 275 -9.07 39.20 22.29
N LEU A 276 -8.52 40.40 22.47
CA LEU A 276 -7.26 40.59 23.18
C LEU A 276 -7.41 41.15 24.59
N TYR A 277 -8.56 41.75 24.87
CA TYR A 277 -8.81 42.36 26.17
C TYR A 277 -9.54 41.38 27.11
N GLN A 278 -10.86 41.45 27.13
CA GLN A 278 -11.64 40.72 28.14
C GLN A 278 -11.33 39.20 28.16
N PRO A 279 -11.15 38.56 27.00
CA PRO A 279 -10.78 37.15 27.01
C PRO A 279 -9.44 36.82 27.61
N ALA A 280 -8.59 37.80 27.88
CA ALA A 280 -7.26 37.54 28.44
C ALA A 280 -7.12 38.10 29.84
N GLY A 281 -8.21 38.56 30.41
CA GLY A 281 -8.18 39.15 31.73
C GLY A 281 -7.74 40.58 31.77
N LEU A 282 -7.73 41.24 30.60
CA LEU A 282 -7.28 42.62 30.51
C LEU A 282 -8.52 43.46 30.26
N ALA A 283 -8.78 44.43 31.11
CA ALA A 283 -10.00 45.18 30.99
C ALA A 283 -9.76 46.45 30.21
N PRO A 284 -10.67 46.77 29.28
CA PRO A 284 -10.61 48.07 28.66
C PRO A 284 -10.60 49.23 29.66
N GLU A 285 -11.22 49.07 30.81
CA GLU A 285 -11.11 50.09 31.87
C GLU A 285 -9.64 50.40 32.21
N SER A 286 -8.74 49.42 32.11
CA SER A 286 -7.35 49.63 32.49
C SER A 286 -6.53 50.52 31.55
N LEU A 287 -6.99 50.76 30.33
CA LEU A 287 -6.24 51.61 29.42
C LEU A 287 -6.26 53.07 29.83
N GLU A 288 -5.12 53.73 29.76
CA GLU A 288 -5.09 55.21 29.78
C GLU A 288 -5.19 55.86 28.40
N TYR A 289 -4.44 55.31 27.44
CA TYR A 289 -4.27 55.91 26.11
C TYR A 289 -4.25 54.81 25.06
N ILE A 290 -4.74 55.14 23.89
CA ILE A 290 -4.61 54.25 22.73
C ILE A 290 -3.98 55.06 21.58
N GLU A 291 -2.89 54.54 21.03
CA GLU A 291 -2.24 55.12 19.85
C GLU A 291 -2.95 54.50 18.67
N ALA A 292 -3.73 55.30 17.98
CA ALA A 292 -4.50 54.85 16.82
C ALA A 292 -3.63 54.87 15.60
N HIS A 293 -4.05 54.09 14.62
CA HIS A 293 -3.43 54.11 13.32
C HIS A 293 -3.48 55.52 12.78
N GLY A 294 -4.69 56.04 12.61
CA GLY A 294 -4.90 57.46 12.37
C GLY A 294 -4.23 58.05 11.16
N THR A 295 -4.41 57.43 10.01
CA THR A 295 -3.82 57.97 8.80
C THR A 295 -4.54 59.22 8.30
N GLY A 296 -5.77 59.46 8.76
CA GLY A 296 -6.50 60.69 8.41
C GLY A 296 -7.18 60.67 7.05
N THR A 297 -7.90 59.58 6.81
CA THR A 297 -8.60 59.30 5.56
C THR A 297 -10.12 59.37 5.77
N LYS A 298 -10.85 59.81 4.73
CA LYS A 298 -12.31 60.00 4.83
C LYS A 298 -13.01 58.77 5.41
N VAL A 299 -12.58 57.63 4.92
CA VAL A 299 -13.23 56.35 5.19
C VAL A 299 -12.69 55.69 6.43
N GLY A 300 -11.37 55.64 6.55
CA GLY A 300 -10.69 54.81 7.54
C GLY A 300 -10.66 55.29 8.96
N ASP A 301 -10.54 56.61 9.12
CA ASP A 301 -10.65 57.24 10.46
C ASP A 301 -11.94 56.88 11.21
N PRO A 302 -13.12 57.06 10.58
CA PRO A 302 -14.34 56.63 11.27
C PRO A 302 -14.43 55.14 11.51
N GLN A 303 -14.09 54.34 10.53
CA GLN A 303 -14.07 52.88 10.70
C GLN A 303 -13.29 52.50 11.93
N GLU A 304 -12.08 53.06 12.05
CA GLU A 304 -11.15 52.72 13.11
C GLU A 304 -11.65 53.16 14.47
N LEU A 305 -11.96 54.45 14.58
CA LEU A 305 -12.34 55.06 15.86
C LEU A 305 -13.67 54.57 16.35
N ASN A 306 -14.60 54.33 15.43
CA ASN A 306 -15.88 53.74 15.82
C ASN A 306 -15.65 52.28 16.30
N GLY A 307 -14.83 51.52 15.58
CA GLY A 307 -14.33 50.24 16.11
C GLY A 307 -13.73 50.30 17.51
N ILE A 308 -12.93 51.33 17.79
CA ILE A 308 -12.40 51.56 19.15
C ILE A 308 -13.55 51.86 20.12
N THR A 309 -14.49 52.73 19.70
CA THR A 309 -15.64 53.05 20.51
C THR A 309 -16.38 51.75 20.92
N ARG A 310 -16.67 50.86 19.98
CA ARG A 310 -17.41 49.64 20.29
C ARG A 310 -16.63 48.56 21.05
N SER A 311 -15.31 48.47 20.82
CA SER A 311 -14.48 47.41 21.43
C SER A 311 -13.97 47.76 22.82
N LEU A 312 -13.73 49.04 23.06
CA LEU A 312 -13.11 49.53 24.28
C LEU A 312 -13.96 50.58 25.04
N CYS A 313 -14.39 51.65 24.39
CA CYS A 313 -15.15 52.74 25.07
C CYS A 313 -16.41 52.22 25.75
N ALA A 314 -17.11 51.33 25.05
CA ALA A 314 -18.31 50.71 25.56
C ALA A 314 -18.13 49.93 26.85
N PHE A 315 -16.92 49.69 27.30
CA PHE A 315 -16.68 49.04 28.56
C PHE A 315 -15.91 49.93 29.52
N ARG A 316 -16.12 51.24 29.44
CA ARG A 316 -15.33 52.21 30.21
C ARG A 316 -16.18 53.30 30.81
N GLN A 317 -15.98 53.61 32.09
CA GLN A 317 -16.54 54.83 32.66
C GLN A 317 -15.84 56.08 32.15
N ALA A 318 -14.52 56.09 32.14
CA ALA A 318 -13.73 57.29 31.82
C ALA A 318 -13.42 57.48 30.34
N PRO A 319 -13.23 58.76 29.90
CA PRO A 319 -12.76 59.02 28.56
C PRO A 319 -11.46 58.30 28.27
N LEU A 320 -11.27 57.86 27.03
CA LEU A 320 -10.03 57.24 26.60
C LEU A 320 -9.27 58.27 25.82
N LEU A 321 -8.01 58.46 26.19
CA LEU A 321 -7.15 59.38 25.46
C LEU A 321 -6.74 58.69 24.18
N ILE A 322 -6.69 59.44 23.09
CA ILE A 322 -6.31 58.89 21.80
C ILE A 322 -5.36 59.84 21.05
N GLY A 323 -4.38 59.28 20.35
CA GLY A 323 -3.52 60.04 19.48
C GLY A 323 -3.01 59.25 18.28
N SER A 324 -2.28 59.93 17.40
CA SER A 324 -1.62 59.29 16.29
C SER A 324 -0.39 60.05 15.94
N THR A 325 0.74 59.36 16.06
CA THR A 325 2.04 59.88 15.70
C THR A 325 2.10 60.34 14.26
N LYS A 326 1.19 59.86 13.42
CA LYS A 326 1.19 60.30 12.03
C LYS A 326 0.85 61.76 11.82
N SER A 327 0.10 62.37 12.75
CA SER A 327 -0.15 63.81 12.67
C SER A 327 1.15 64.61 12.75
N ASN A 328 2.07 64.08 13.56
CA ASN A 328 3.37 64.68 13.73
C ASN A 328 4.38 64.54 12.61
N MET A 329 4.48 63.35 12.01
CA MET A 329 5.58 63.02 11.07
C MET A 329 5.15 62.35 9.81
N GLY A 330 3.83 62.23 9.60
CA GLY A 330 3.30 61.46 8.50
C GLY A 330 3.35 59.96 8.73
N HIS A 331 3.07 59.24 7.65
CA HIS A 331 2.87 57.82 7.71
C HIS A 331 4.00 57.13 7.02
N PRO A 332 4.84 56.37 7.75
CA PRO A 332 5.95 55.69 7.11
C PRO A 332 5.60 54.24 6.76
N GLU A 333 4.35 54.03 6.39
CA GLU A 333 3.91 52.81 5.77
C GLU A 333 4.32 51.60 6.64
N PRO A 334 5.15 50.65 6.15
CA PRO A 334 5.31 49.50 7.05
C PRO A 334 5.97 49.82 8.40
N ALA A 335 6.73 50.91 8.49
CA ALA A 335 7.40 51.26 9.74
C ALA A 335 6.50 52.03 10.68
N SER A 336 5.25 52.27 10.27
CA SER A 336 4.27 53.02 11.08
C SER A 336 4.16 52.58 12.54
N GLY A 337 4.14 51.26 12.73
CA GLY A 337 3.91 50.68 14.05
C GLY A 337 5.00 50.94 15.01
N LEU A 338 6.24 50.66 14.62
CA LEU A 338 7.37 50.96 15.50
C LEU A 338 7.62 52.44 15.60
N ALA A 339 7.29 53.22 14.58
CA ALA A 339 7.46 54.65 14.71
C ALA A 339 6.54 55.12 15.83
N ALA A 340 5.30 54.65 15.81
CA ALA A 340 4.31 55.02 16.81
C ALA A 340 4.69 54.48 18.18
N LEU A 341 5.22 53.27 18.21
CA LEU A 341 5.70 52.70 19.46
C LEU A 341 6.71 53.62 20.15
N THR A 342 7.66 54.18 19.41
CA THR A 342 8.65 55.07 20.02
C THR A 342 8.02 56.34 20.58
N LYS A 343 6.99 56.88 19.91
CA LYS A 343 6.21 57.98 20.47
C LYS A 343 5.64 57.58 21.84
N VAL A 344 5.01 56.42 21.92
CA VAL A 344 4.40 55.99 23.17
C VAL A 344 5.46 55.81 24.24
N LEU A 345 6.53 55.12 23.93
CA LEU A 345 7.54 54.87 24.92
C LEU A 345 8.28 56.17 25.35
N LEU A 346 8.60 57.05 24.40
CA LEU A 346 9.19 58.33 24.78
C LEU A 346 8.25 59.12 25.69
N SER A 347 6.98 59.19 25.29
CA SER A 347 5.96 59.81 26.12
C SER A 347 5.92 59.25 27.55
N LEU A 348 5.88 57.93 27.67
CA LEU A 348 5.87 57.29 28.98
C LEU A 348 7.11 57.67 29.77
N GLU A 349 8.27 57.55 29.16
CA GLU A 349 9.53 57.84 29.86
C GLU A 349 9.63 59.28 30.35
N HIS A 350 9.12 60.22 29.60
CA HIS A 350 9.19 61.62 30.03
C HIS A 350 8.00 62.04 30.92
N GLY A 351 7.04 61.14 31.12
CA GLY A 351 5.88 61.47 31.92
C GLY A 351 4.81 62.34 31.26
N VAL A 352 4.88 62.52 29.96
CA VAL A 352 3.96 63.44 29.27
C VAL A 352 3.63 62.93 27.87
N TRP A 353 2.33 62.89 27.54
CA TRP A 353 1.86 62.48 26.21
C TRP A 353 2.18 63.57 25.22
N ALA A 354 2.88 63.23 24.16
CA ALA A 354 3.13 64.14 23.10
C ALA A 354 1.84 64.29 22.29
N PRO A 355 1.47 65.51 22.02
CA PRO A 355 0.21 65.79 21.37
C PRO A 355 0.17 65.60 19.87
N ASN A 356 -1.02 65.39 19.32
CA ASN A 356 -1.21 65.37 17.86
C ASN A 356 -1.10 66.76 17.33
N LEU A 357 -0.71 66.86 16.08
CA LEU A 357 -0.99 68.05 15.31
C LEU A 357 -2.27 67.91 14.51
N HIS A 358 -2.64 69.04 13.94
CA HIS A 358 -3.68 69.16 12.92
C HIS A 358 -5.12 68.77 13.27
N PHE A 359 -5.41 68.74 14.57
CA PHE A 359 -6.73 68.39 15.06
C PHE A 359 -7.49 69.63 15.44
N HIS A 360 -8.27 70.14 14.50
CA HIS A 360 -9.07 71.34 14.67
C HIS A 360 -10.57 71.08 14.84
N ASN A 361 -11.13 70.15 14.08
CA ASN A 361 -12.58 69.91 14.03
C ASN A 361 -12.89 68.45 13.98
N PRO A 362 -13.54 67.90 15.01
CA PRO A 362 -13.67 66.43 15.01
C PRO A 362 -14.45 65.95 13.81
N ASN A 363 -14.06 64.82 13.25
CA ASN A 363 -14.81 64.19 12.18
C ASN A 363 -16.20 63.89 12.75
N PRO A 364 -17.26 64.46 12.13
CA PRO A 364 -18.59 64.28 12.67
C PRO A 364 -19.19 62.86 12.52
N GLU A 365 -18.58 61.98 11.72
CA GLU A 365 -19.02 60.58 11.62
C GLU A 365 -18.58 59.72 12.83
N ILE A 366 -17.94 60.34 13.83
CA ILE A 366 -17.31 59.62 14.93
C ILE A 366 -17.92 60.14 16.24
N PRO A 367 -19.08 59.59 16.63
CA PRO A 367 -19.81 60.04 17.83
C PRO A 367 -18.95 60.25 19.07
N ALA A 368 -18.06 59.31 19.33
CA ALA A 368 -17.22 59.35 20.53
C ALA A 368 -16.29 60.58 20.65
N LEU A 369 -15.97 61.24 19.54
CA LEU A 369 -15.22 62.50 19.62
C LEU A 369 -16.08 63.65 20.06
N LEU A 370 -17.34 63.62 19.65
CA LEU A 370 -18.30 64.67 19.97
C LEU A 370 -18.83 64.54 21.40
N ASP A 371 -19.05 63.32 21.90
CA ASP A 371 -19.53 63.12 23.28
C ASP A 371 -18.43 62.92 24.36
N GLY A 372 -17.16 63.05 23.98
CA GLY A 372 -16.06 63.00 24.94
C GLY A 372 -15.59 61.65 25.47
N ARG A 373 -16.17 60.54 24.96
CA ARG A 373 -15.67 59.19 25.28
C ARG A 373 -14.27 58.87 24.73
N LEU A 374 -13.96 59.45 23.57
CA LEU A 374 -12.59 59.58 23.07
C LEU A 374 -12.15 61.02 23.20
N GLN A 375 -10.94 61.21 23.72
CA GLN A 375 -10.38 62.54 23.94
C GLN A 375 -9.03 62.62 23.23
N VAL A 376 -9.00 63.36 22.13
CA VAL A 376 -7.77 63.49 21.36
C VAL A 376 -6.74 64.25 22.21
N VAL A 377 -5.52 63.77 22.25
CA VAL A 377 -4.47 64.47 22.97
C VAL A 377 -3.94 65.51 22.03
N ASP A 378 -4.46 66.73 22.15
CA ASP A 378 -4.08 67.84 21.26
C ASP A 378 -3.27 68.92 21.93
N ARG A 379 -3.05 68.81 23.25
CA ARG A 379 -2.04 69.58 23.96
C ARG A 379 -1.35 68.61 24.92
N PRO A 380 -0.12 68.92 25.37
CA PRO A 380 0.59 67.97 26.20
C PRO A 380 -0.11 67.73 27.51
N LEU A 381 -0.44 66.48 27.81
CA LEU A 381 -1.12 66.08 29.06
C LEU A 381 -0.16 65.18 29.82
N PRO A 382 -0.18 65.25 31.15
CA PRO A 382 0.66 64.33 31.94
C PRO A 382 0.13 62.93 31.93
N VAL A 383 1.03 61.97 32.08
CA VAL A 383 0.73 60.56 32.10
C VAL A 383 0.24 60.23 33.48
N ARG A 384 -1.05 59.89 33.58
CA ARG A 384 -1.71 59.62 34.87
C ARG A 384 -1.54 58.17 35.33
N GLY A 385 -1.32 57.23 34.44
CA GLY A 385 -1.08 55.82 34.82
C GLY A 385 -2.07 54.93 34.13
N GLY A 386 -1.64 53.76 33.69
CA GLY A 386 -2.53 52.84 32.95
C GLY A 386 -1.86 52.11 31.79
N ASN A 387 -2.48 51.02 31.35
CA ASN A 387 -2.05 50.31 30.13
C ASN A 387 -2.22 51.14 28.86
N VAL A 388 -1.52 50.75 27.80
CA VAL A 388 -1.56 51.46 26.52
C VAL A 388 -1.83 50.53 25.37
N GLY A 389 -2.76 50.94 24.50
CA GLY A 389 -3.02 50.19 23.27
C GLY A 389 -2.38 50.77 22.01
N ILE A 390 -1.94 49.91 21.08
CA ILE A 390 -1.47 50.40 19.78
C ILE A 390 -2.15 49.64 18.63
N ASN A 391 -2.74 50.38 17.70
CA ASN A 391 -3.29 49.85 16.45
C ASN A 391 -2.31 50.04 15.29
N SER A 392 -2.17 49.07 14.40
CA SER A 392 -1.53 49.28 13.11
C SER A 392 -2.25 48.41 12.10
N PHE A 393 -2.89 49.05 11.12
CA PHE A 393 -3.76 48.37 10.17
C PHE A 393 -3.27 48.67 8.79
N GLY A 394 -2.95 47.61 8.05
CA GLY A 394 -2.45 47.78 6.69
C GLY A 394 -3.55 47.88 5.67
N PHE A 395 -3.26 48.55 4.55
CA PHE A 395 -4.27 48.79 3.52
C PHE A 395 -4.76 47.54 2.81
N GLY A 396 -4.11 46.39 2.94
CA GLY A 396 -4.64 45.12 2.36
C GLY A 396 -5.50 44.30 3.29
N GLY A 397 -5.66 44.84 4.49
CA GLY A 397 -6.53 44.29 5.51
C GLY A 397 -5.83 43.64 6.69
N SER A 398 -4.49 43.59 6.72
CA SER A 398 -3.83 42.94 7.84
C SER A 398 -3.77 43.88 9.04
N ASN A 399 -4.50 43.53 10.10
CA ASN A 399 -4.59 44.34 11.33
C ASN A 399 -3.75 43.77 12.48
N VAL A 400 -3.15 44.64 13.28
CA VAL A 400 -2.39 44.24 14.46
C VAL A 400 -2.74 45.15 15.61
N HIS A 401 -2.81 44.60 16.82
CA HIS A 401 -2.99 45.40 18.03
C HIS A 401 -2.06 44.85 19.08
N VAL A 402 -1.42 45.76 19.83
CA VAL A 402 -0.60 45.34 20.98
C VAL A 402 -0.98 46.16 22.19
N ILE A 403 -0.95 45.49 23.36
CA ILE A 403 -1.32 46.05 24.65
C ILE A 403 -0.05 46.12 25.50
N LEU A 404 0.31 47.33 25.91
CA LEU A 404 1.49 47.54 26.75
C LEU A 404 1.16 47.90 28.21
N GLN A 405 1.99 47.40 29.11
CA GLN A 405 1.99 47.78 30.51
C GLN A 405 3.24 48.61 30.79
N PRO A 406 3.07 49.92 31.00
CA PRO A 406 4.27 50.72 31.17
C PRO A 406 5.00 50.33 32.43
N ASN A 407 6.32 50.43 32.41
CA ASN A 407 7.17 50.26 33.58
C ASN A 407 7.07 51.47 34.44
N THR A 408 6.87 51.28 35.74
CA THR A 408 6.76 52.42 36.69
C THR A 408 7.65 52.28 37.93
N ARG A 409 8.67 51.43 37.86
CA ARG A 409 9.61 51.28 38.95
C ARG A 409 10.30 52.61 39.21
N GLN A 410 10.46 52.96 40.49
CA GLN A 410 11.12 54.19 40.90
C GLN A 410 12.51 53.91 41.44
N ALA A 411 13.39 54.90 41.37
CA ALA A 411 14.75 54.78 41.93
C ALA A 411 14.68 54.49 43.43
N PRO A 412 15.54 53.57 43.95
CA PRO A 412 15.60 53.46 45.42
C PRO A 412 16.00 54.76 46.10
N ALA A 413 15.70 54.88 47.40
CA ALA A 413 16.14 56.04 48.18
C ALA A 413 17.67 55.98 48.30
N PRO A 414 18.36 57.15 48.30
CA PRO A 414 19.81 57.02 48.55
C PRO A 414 20.18 56.40 49.89
N THR A 415 19.37 56.68 50.96
CA THR A 415 19.06 55.96 52.23
C THR A 415 20.20 55.85 53.27
N ALA A 416 20.44 54.71 53.96
CA ALA A 416 21.56 54.58 54.90
C ALA A 416 22.88 54.08 54.25
N HIS A 417 23.16 54.44 52.99
CA HIS A 417 24.29 53.89 52.20
C HIS A 417 25.44 54.90 51.90
N ALA A 418 25.54 56.00 52.66
CA ALA A 418 26.28 57.25 52.23
C ALA A 418 27.34 57.30 51.04
N ALA A 419 27.03 58.10 50.01
CA ALA A 419 27.62 57.91 48.63
C ALA A 419 29.17 57.84 48.33
N LEU A 420 29.54 56.61 48.04
CA LEU A 420 30.90 56.22 47.56
C LEU A 420 31.20 56.74 46.17
N PRO A 421 32.48 56.81 45.79
CA PRO A 421 32.79 57.05 44.38
C PRO A 421 32.58 55.79 43.56
N HIS A 422 32.25 55.96 42.29
CA HIS A 422 32.05 54.84 41.37
C HIS A 422 32.93 55.07 40.15
N LEU A 423 33.14 53.99 39.39
CA LEU A 423 33.95 54.03 38.19
C LEU A 423 33.04 53.79 37.02
N LEU A 424 33.26 54.57 35.94
CA LEU A 424 32.46 54.49 34.70
C LEU A 424 33.35 54.30 33.48
N HIS A 425 33.10 53.23 32.72
CA HIS A 425 33.83 52.96 31.51
C HIS A 425 33.04 53.25 30.25
N ALA A 426 33.76 53.48 29.16
CA ALA A 426 33.14 53.65 27.85
C ALA A 426 34.05 53.22 26.69
N SER A 427 33.39 52.72 25.66
CA SER A 427 34.06 52.35 24.43
C SER A 427 33.36 53.08 23.33
N GLY A 428 34.06 53.23 22.21
CA GLY A 428 33.47 53.97 21.12
C GLY A 428 34.26 53.97 19.84
N ARG A 429 33.59 54.47 18.80
CA ARG A 429 34.18 54.47 17.45
C ARG A 429 35.10 55.65 17.23
N THR A 430 34.82 56.73 17.95
CA THR A 430 35.60 57.94 17.89
C THR A 430 35.81 58.53 19.28
N LEU A 431 36.68 59.53 19.33
CA LEU A 431 36.90 60.28 20.54
C LEU A 431 35.60 60.86 21.14
N GLU A 432 34.75 61.41 20.26
CA GLU A 432 33.47 62.05 20.65
C GLU A 432 32.54 61.02 21.23
N ALA A 433 32.56 59.82 20.64
CA ALA A 433 31.70 58.72 21.09
C ALA A 433 31.94 58.43 22.58
N VAL A 434 33.21 58.38 22.96
CA VAL A 434 33.59 58.09 24.32
C VAL A 434 33.35 59.29 25.20
N GLN A 435 33.77 60.47 24.73
CA GLN A 435 33.53 61.69 25.50
C GLN A 435 32.05 61.87 25.87
N ASP A 436 31.15 61.55 24.94
CA ASP A 436 29.71 61.79 25.15
C ASP A 436 29.14 60.84 26.19
N LEU A 437 29.51 59.57 26.11
CA LEU A 437 29.02 58.58 27.08
C LEU A 437 29.52 58.88 28.47
N LEU A 438 30.79 59.28 28.58
CA LEU A 438 31.34 59.68 29.87
C LEU A 438 30.64 60.92 30.42
N GLU A 439 30.44 61.94 29.59
CA GLU A 439 29.71 63.14 29.99
C GLU A 439 28.31 62.78 30.50
N GLN A 440 27.62 61.86 29.81
CA GLN A 440 26.30 61.45 30.25
C GLN A 440 26.35 60.82 31.63
N GLY A 441 27.37 59.99 31.86
CA GLY A 441 27.60 59.41 33.19
C GLY A 441 27.78 60.47 34.27
N ARG A 442 28.68 61.41 34.00
CA ARG A 442 28.95 62.52 34.91
C ARG A 442 27.63 63.25 35.21
N GLN A 443 26.87 63.62 34.18
CA GLN A 443 25.60 64.29 34.41
C GLN A 443 24.51 63.47 35.14
N HIS A 444 24.64 62.13 35.17
CA HIS A 444 23.67 61.31 35.90
C HIS A 444 24.37 60.36 36.87
N SER A 445 25.46 60.85 37.44
CA SER A 445 26.33 60.00 38.26
C SER A 445 25.65 59.35 39.45
N GLN A 446 24.49 59.84 39.85
CA GLN A 446 23.76 59.19 40.95
C GLN A 446 22.77 58.13 40.51
N ASP A 447 22.45 58.03 39.21
CA ASP A 447 21.58 56.95 38.68
C ASP A 447 22.41 55.68 38.58
N LEU A 448 22.26 54.82 39.58
CA LEU A 448 23.10 53.66 39.70
C LEU A 448 22.89 52.69 38.58
N ALA A 449 21.63 52.49 38.24
CA ALA A 449 21.25 51.66 37.10
C ALA A 449 21.84 52.17 35.78
N PHE A 450 21.72 53.47 35.52
CA PHE A 450 22.26 54.05 34.30
C PHE A 450 23.75 53.81 34.17
N VAL A 451 24.47 53.96 35.27
CA VAL A 451 25.92 53.73 35.28
C VAL A 451 26.21 52.24 35.11
N SER A 452 25.44 51.41 35.81
CA SER A 452 25.65 49.96 35.74
C SER A 452 25.49 49.46 34.29
N MET A 453 24.51 50.02 33.59
CA MET A 453 24.26 49.67 32.20
C MET A 453 25.36 50.19 31.30
N LEU A 454 25.77 51.44 31.46
CA LEU A 454 26.84 51.98 30.64
C LEU A 454 28.12 51.17 30.74
N ASN A 455 28.37 50.62 31.94
CA ASN A 455 29.54 49.80 32.19
C ASN A 455 29.43 48.48 31.46
N ASP A 456 28.27 47.84 31.54
CA ASP A 456 28.02 46.58 30.83
C ASP A 456 28.29 46.70 29.32
N ILE A 457 27.88 47.79 28.70
CA ILE A 457 28.05 47.94 27.25
C ILE A 457 29.42 48.41 26.84
N ALA A 458 30.27 48.80 27.80
CA ALA A 458 31.61 49.33 27.47
C ALA A 458 32.60 48.23 27.12
N ALA A 459 32.39 47.02 27.62
CA ALA A 459 33.21 45.89 27.31
C ALA A 459 33.01 45.39 25.88
N THR A 460 33.86 45.79 24.95
CA THR A 460 33.71 45.45 23.54
C THR A 460 35.04 45.00 22.99
N PRO A 461 35.06 44.24 21.90
CA PRO A 461 36.36 43.98 21.23
C PRO A 461 37.04 45.27 20.78
N THR A 462 38.35 45.31 20.90
CA THR A 462 39.13 46.56 20.70
C THR A 462 39.25 46.87 19.18
N ALA A 463 39.19 45.81 18.36
CA ALA A 463 39.19 45.96 16.91
C ALA A 463 38.03 46.79 16.43
N ALA A 464 36.87 46.58 17.05
CA ALA A 464 35.61 47.20 16.66
C ALA A 464 35.45 48.60 17.24
N MET A 465 35.76 48.80 18.50
CA MET A 465 35.66 50.09 19.19
C MET A 465 37.05 50.52 19.65
N PRO A 466 37.81 51.19 18.76
CA PRO A 466 39.20 51.46 19.05
C PRO A 466 39.44 52.66 19.99
N PHE A 467 38.43 53.32 20.53
CA PHE A 467 38.64 54.37 21.54
C PHE A 467 38.05 53.93 22.86
N ARG A 468 38.79 54.11 23.95
CA ARG A 468 38.25 53.90 25.30
C ARG A 468 38.49 55.06 26.21
N GLY A 469 37.77 55.04 27.32
CA GLY A 469 37.87 56.09 28.32
C GLY A 469 37.29 55.65 29.64
N TYR A 470 37.54 56.42 30.70
CA TYR A 470 36.91 56.19 32.01
C TYR A 470 36.78 57.53 32.69
N THR A 471 35.87 57.60 33.66
CA THR A 471 35.93 58.66 34.63
C THR A 471 35.57 58.11 35.98
N VAL A 472 36.01 58.80 37.02
CA VAL A 472 35.65 58.43 38.36
C VAL A 472 34.57 59.40 38.80
N LEU A 473 33.42 58.86 39.13
CA LEU A 473 32.30 59.66 39.58
C LEU A 473 32.41 59.77 41.08
N GLY A 474 31.86 60.84 41.64
CA GLY A 474 31.71 61.01 43.10
C GLY A 474 32.93 61.53 43.81
N VAL A 475 33.69 62.41 43.17
CA VAL A 475 34.98 62.91 43.69
C VAL A 475 35.23 64.34 43.27
N GLU A 476 36.06 65.05 44.03
CA GLU A 476 36.43 66.45 43.72
C GLU A 476 36.34 66.98 42.27
N GLY A 477 37.26 66.60 41.40
CA GLY A 477 37.38 67.26 40.11
C GLY A 477 36.89 66.35 38.99
N ARG A 478 37.38 66.64 37.78
CA ARG A 478 37.16 65.79 36.62
C ARG A 478 38.35 64.84 36.49
N VAL A 479 38.18 63.62 36.97
CA VAL A 479 39.13 62.55 36.74
C VAL A 479 38.66 61.74 35.50
N GLN A 480 39.35 61.94 34.37
CA GLN A 480 38.97 61.34 33.10
C GLN A 480 40.16 61.18 32.15
N GLU A 481 40.34 60.02 31.58
CA GLU A 481 41.19 59.89 30.39
C GLU A 481 40.40 59.21 29.30
N VAL A 482 40.85 59.43 28.08
CA VAL A 482 40.28 58.83 26.89
C VAL A 482 41.43 58.65 25.95
N GLN A 483 41.57 57.50 25.33
CA GLN A 483 42.60 57.37 24.30
C GLN A 483 42.34 56.24 23.35
N GLN A 484 43.03 56.32 22.21
CA GLN A 484 43.01 55.29 21.21
C GLN A 484 43.74 54.04 21.70
N VAL A 485 43.33 52.87 21.26
CA VAL A 485 43.92 51.58 21.57
C VAL A 485 44.45 50.96 20.28
N SER A 486 45.51 50.14 20.38
CA SER A 486 45.96 49.24 19.30
C SER A 486 45.51 47.81 19.58
N THR A 487 45.14 47.09 18.51
CA THR A 487 44.62 45.71 18.59
C THR A 487 45.74 44.69 18.63
N ASN A 488 46.42 44.69 19.76
CA ASN A 488 47.33 43.67 20.20
C ASN A 488 46.42 43.16 21.34
N LYS A 489 46.26 41.86 21.54
CA LYS A 489 45.59 41.45 22.79
C LYS A 489 46.71 41.65 23.79
N ARG A 490 46.56 42.65 24.67
CA ARG A 490 47.59 43.03 25.62
C ARG A 490 47.53 42.12 26.85
N PRO A 491 48.62 41.37 27.12
CA PRO A 491 48.55 40.39 28.22
C PRO A 491 48.76 41.04 29.59
N LEU A 492 48.16 40.41 30.60
CA LEU A 492 48.02 41.01 31.92
C LEU A 492 48.93 40.32 32.91
N TRP A 493 49.79 41.09 33.57
CA TRP A 493 50.75 40.59 34.53
C TRP A 493 50.55 41.19 35.92
N PHE A 494 50.54 40.31 36.92
CA PHE A 494 50.49 40.69 38.34
C PHE A 494 51.89 40.65 38.98
N ILE A 495 52.27 41.71 39.68
CA ILE A 495 53.53 41.79 40.41
C ILE A 495 53.19 41.96 41.89
N CYS A 496 53.48 40.97 42.72
CA CYS A 496 53.25 41.12 44.18
C CYS A 496 54.53 41.59 44.87
N SER A 497 54.48 42.77 45.47
CA SER A 497 55.69 43.41 45.98
C SER A 497 55.97 43.03 47.42
N GLY A 498 57.19 43.35 47.84
CA GLY A 498 57.77 42.90 49.09
C GLY A 498 57.49 43.81 50.27
N MET A 499 58.49 43.86 51.14
CA MET A 499 58.51 44.78 52.26
C MET A 499 58.92 46.17 51.78
N GLY A 500 58.72 47.16 52.65
CA GLY A 500 58.91 48.57 52.29
C GLY A 500 57.60 49.24 51.91
N THR A 501 56.61 48.44 51.54
CA THR A 501 55.33 48.91 51.05
C THR A 501 54.30 49.08 52.17
N GLN A 502 54.64 48.77 53.40
CA GLN A 502 53.76 49.07 54.54
C GLN A 502 53.68 50.61 54.78
N TRP A 503 52.62 51.04 55.45
CA TRP A 503 52.43 52.42 55.88
C TRP A 503 51.26 52.62 56.90
N ARG A 504 51.28 53.78 57.54
CA ARG A 504 50.41 54.07 58.69
C ARG A 504 48.94 54.16 58.28
N GLY A 505 48.16 53.14 58.68
CA GLY A 505 46.74 53.08 58.30
C GLY A 505 46.39 52.84 56.81
N MET A 506 47.30 52.21 56.07
CA MET A 506 47.01 51.67 54.73
C MET A 506 45.73 50.80 54.74
N GLY A 507 45.01 50.81 53.64
CA GLY A 507 43.74 50.11 53.53
C GLY A 507 42.60 50.54 54.45
N LEU A 508 42.77 51.66 55.17
CA LEU A 508 41.63 52.27 55.88
C LEU A 508 40.57 52.68 54.83
N SER A 509 41.07 53.15 53.69
CA SER A 509 40.25 53.67 52.59
C SER A 509 39.42 52.59 51.87
N LEU A 510 40.09 51.51 51.45
CA LEU A 510 39.42 50.41 50.74
C LEU A 510 38.53 49.54 51.59
N MET A 511 38.52 49.70 52.93
CA MET A 511 37.62 48.90 53.78
C MET A 511 36.11 49.28 53.58
N ARG A 512 35.85 50.49 53.07
CA ARG A 512 34.54 50.89 52.55
C ARG A 512 33.94 49.91 51.55
N LEU A 513 34.78 49.42 50.66
CA LEU A 513 34.38 48.46 49.61
C LEU A 513 34.09 47.08 50.20
N ASP A 514 32.82 46.73 50.25
CA ASP A 514 32.35 45.44 50.78
C ASP A 514 33.21 44.21 50.42
N SER A 515 33.68 44.15 49.17
CA SER A 515 34.40 42.94 48.70
C SER A 515 35.79 42.79 49.33
N PHE A 516 36.48 43.90 49.50
CA PHE A 516 37.79 44.02 50.15
C PHE A 516 37.68 43.68 51.64
N ARG A 517 36.77 44.37 52.33
CA ARG A 517 36.51 44.18 53.76
C ARG A 517 36.29 42.70 54.10
N GLU A 518 35.62 41.99 53.20
CA GLU A 518 35.37 40.57 53.43
C GLU A 518 36.62 39.70 53.30
N SER A 519 37.53 40.04 52.40
CA SER A 519 38.81 39.35 52.22
C SER A 519 39.79 39.65 53.36
N ILE A 520 39.58 40.77 54.07
CA ILE A 520 40.31 41.05 55.28
C ILE A 520 39.69 40.19 56.38
N LEU A 521 38.36 40.26 56.54
CA LEU A 521 37.69 39.47 57.59
C LEU A 521 37.91 37.95 57.46
N ARG A 522 38.17 37.43 56.25
CA ARG A 522 38.54 36.01 56.08
C ARG A 522 40.01 35.78 56.47
N SER A 523 40.90 36.73 56.21
CA SER A 523 42.29 36.68 56.71
C SER A 523 42.36 36.74 58.24
N ASP A 524 41.38 37.41 58.87
CA ASP A 524 41.23 37.41 60.34
C ASP A 524 41.01 36.02 60.96
N GLU A 525 40.25 35.18 60.28
CA GLU A 525 39.94 33.85 60.80
C GLU A 525 41.14 32.93 60.75
N ALA A 526 42.02 33.11 59.77
CA ALA A 526 43.31 32.39 59.72
C ALA A 526 44.23 32.69 60.93
N VAL A 527 44.21 33.94 61.43
CA VAL A 527 45.08 34.32 62.57
C VAL A 527 44.34 34.78 63.85
N LYS A 528 43.07 34.43 64.02
CA LYS A 528 42.38 34.62 65.34
C LYS A 528 42.93 33.68 66.44
N PRO A 529 43.19 32.37 66.14
CA PRO A 529 43.71 31.54 67.24
C PRO A 529 45.13 31.92 67.71
N LEU A 530 45.88 32.64 66.87
CA LEU A 530 47.23 33.13 67.19
C LEU A 530 47.18 34.57 67.76
N GLY A 531 46.00 35.02 68.22
CA GLY A 531 45.81 36.27 68.97
C GLY A 531 46.05 37.57 68.22
N VAL A 532 45.73 37.59 66.93
CA VAL A 532 45.94 38.76 66.04
C VAL A 532 44.74 38.91 65.09
N LYS A 533 44.33 40.13 64.82
CA LYS A 533 43.29 40.44 63.83
C LYS A 533 43.74 41.57 62.92
N VAL A 534 43.80 41.28 61.62
CA VAL A 534 44.38 42.19 60.62
C VAL A 534 43.51 43.44 60.50
N SER A 535 42.18 43.24 60.60
CA SER A 535 41.21 44.33 60.56
C SER A 535 41.50 45.39 61.65
N ASP A 536 41.86 44.94 62.85
CA ASP A 536 42.25 45.83 63.94
C ASP A 536 43.53 46.57 63.60
N LEU A 537 44.50 45.86 63.02
CA LEU A 537 45.81 46.44 62.67
C LEU A 537 45.72 47.58 61.65
N LEU A 538 44.88 47.37 60.63
CA LEU A 538 44.71 48.35 59.57
C LEU A 538 43.99 49.59 60.09
N LEU A 539 42.95 49.35 60.91
CA LEU A 539 42.18 50.42 61.56
C LEU A 539 42.88 51.07 62.78
N SER A 540 43.96 50.48 63.28
CA SER A 540 44.72 51.02 64.41
C SER A 540 45.25 52.44 64.15
N THR A 541 45.18 53.28 65.19
CA THR A 541 45.72 54.64 65.22
C THR A 541 47.19 54.71 65.70
N ASP A 542 47.68 53.61 66.29
CA ASP A 542 49.03 53.56 66.89
C ASP A 542 50.14 53.71 65.82
N GLU A 543 50.79 54.88 65.78
CA GLU A 543 51.94 55.15 64.88
C GLU A 543 52.89 53.96 64.57
N ARG A 544 53.19 53.14 65.58
CA ARG A 544 54.24 52.10 65.49
C ARG A 544 53.74 50.69 65.09
N THR A 545 52.44 50.52 64.89
CA THR A 545 51.82 49.19 64.70
C THR A 545 52.59 48.24 63.76
N PHE A 546 53.00 48.77 62.60
CA PHE A 546 53.66 47.97 61.54
C PHE A 546 55.20 47.91 61.66
N ASP A 547 55.76 48.37 62.79
CA ASP A 547 57.19 48.19 63.09
C ASP A 547 57.43 46.75 63.43
N ASP A 548 56.54 46.19 64.25
CA ASP A 548 56.51 44.76 64.58
C ASP A 548 56.48 43.95 63.29
N ILE A 549 57.44 43.05 63.10
CA ILE A 549 57.62 42.37 61.81
C ILE A 549 56.53 41.34 61.50
N VAL A 550 55.75 40.90 62.49
CA VAL A 550 54.63 39.98 62.22
C VAL A 550 53.39 40.81 61.83
N HIS A 551 53.17 41.94 62.50
CA HIS A 551 52.11 42.86 62.12
C HIS A 551 52.26 43.28 60.64
N ALA A 552 53.50 43.51 60.20
CA ALA A 552 53.78 43.93 58.84
C ALA A 552 53.62 42.80 57.83
N PHE A 553 54.22 41.65 58.09
CA PHE A 553 54.14 40.52 57.16
C PHE A 553 52.70 40.05 56.88
N VAL A 554 51.90 39.96 57.94
CA VAL A 554 50.51 39.51 57.84
C VAL A 554 49.63 40.56 57.17
N SER A 555 49.77 41.82 57.57
CA SER A 555 48.96 42.90 56.99
C SER A 555 49.28 43.13 55.52
N LEU A 556 50.55 43.11 55.18
CA LEU A 556 51.02 43.28 53.80
C LEU A 556 50.44 42.21 52.91
N THR A 557 50.51 40.95 53.35
CA THR A 557 50.05 39.87 52.51
C THR A 557 48.51 39.75 52.50
N ALA A 558 47.85 40.14 53.60
CA ALA A 558 46.38 40.11 53.64
C ALA A 558 45.69 41.14 52.72
N ILE A 559 46.37 42.29 52.58
CA ILE A 559 45.99 43.34 51.63
C ILE A 559 46.24 42.92 50.20
N GLN A 560 47.38 42.29 49.93
CA GLN A 560 47.65 41.75 48.61
C GLN A 560 46.56 40.75 48.19
N ILE A 561 46.11 39.94 49.14
CA ILE A 561 45.04 38.95 48.89
C ILE A 561 43.71 39.66 48.57
N ALA A 562 43.37 40.68 49.36
CA ALA A 562 42.17 41.47 49.12
C ALA A 562 42.24 42.18 47.75
N LEU A 563 43.36 42.80 47.42
CA LEU A 563 43.52 43.33 46.07
C LEU A 563 43.36 42.28 45.00
N ILE A 564 43.88 41.08 45.22
CA ILE A 564 43.69 40.02 44.23
C ILE A 564 42.19 39.65 44.15
N ASP A 565 41.54 39.53 45.29
CA ASP A 565 40.09 39.26 45.33
C ASP A 565 39.25 40.30 44.53
N LEU A 566 39.49 41.59 44.74
CA LEU A 566 38.86 42.65 43.93
C LEU A 566 39.16 42.53 42.45
N LEU A 567 40.43 42.45 42.10
CA LEU A 567 40.83 42.29 40.71
C LEU A 567 40.14 41.09 40.08
N THR A 568 39.97 40.03 40.85
CA THR A 568 39.28 38.86 40.35
C THR A 568 37.81 39.17 40.14
N SER A 569 37.14 39.73 41.15
CA SER A 569 35.72 40.03 41.08
C SER A 569 35.31 40.92 39.88
N VAL A 570 36.22 41.78 39.41
CA VAL A 570 35.95 42.58 38.22
C VAL A 570 36.37 41.90 36.92
N GLY A 571 36.76 40.63 36.99
CA GLY A 571 37.00 39.80 35.80
C GLY A 571 38.43 39.65 35.26
N LEU A 572 39.41 40.17 35.99
CA LEU A 572 40.81 40.09 35.59
C LEU A 572 41.46 38.81 36.14
N LYS A 573 41.87 37.91 35.24
CA LYS A 573 42.69 36.73 35.59
C LYS A 573 44.05 36.97 34.92
N PRO A 574 45.15 36.80 35.68
CA PRO A 574 46.48 37.15 35.17
C PRO A 574 47.06 36.14 34.20
N ASP A 575 47.74 36.64 33.16
CA ASP A 575 48.48 35.79 32.20
C ASP A 575 49.85 35.36 32.75
N GLY A 576 50.51 36.24 33.52
CA GLY A 576 51.67 35.87 34.33
C GLY A 576 51.68 36.51 35.72
N ILE A 577 52.41 35.89 36.64
CA ILE A 577 52.51 36.32 38.04
C ILE A 577 53.97 36.35 38.50
N ILE A 578 54.36 37.38 39.24
CA ILE A 578 55.75 37.51 39.71
C ILE A 578 55.78 38.12 41.11
N GLY A 579 56.52 37.45 42.01
CA GLY A 579 56.74 37.96 43.37
C GLY A 579 58.08 38.62 43.61
N HIS A 580 58.18 39.27 44.77
CA HIS A 580 59.42 39.83 45.27
C HIS A 580 59.38 39.63 46.77
O K5L A 581 58.62 37.03 48.62
C K5L A 581 59.03 38.00 49.26
CA K5L A 581 60.28 38.78 48.82
N K5L A 581 60.29 38.85 47.36
CB K5L A 581 61.54 38.44 49.53
OAI K5L A 581 62.00 40.03 50.24
CAK K5L A 581 61.10 40.39 51.77
OAC K5L A 581 60.21 41.21 51.80
CAG K5L A 581 61.55 39.66 53.04
CAJ K5L A 581 60.80 38.30 53.20
OAE K5L A 581 59.74 38.23 53.87
OAB K5L A 581 61.25 37.22 52.72
N LEU A 582 58.42 38.50 50.32
CA LEU A 582 57.12 38.09 50.84
C LEU A 582 55.98 38.01 49.79
N GLY A 583 56.13 38.72 48.67
CA GLY A 583 55.20 38.66 47.59
C GLY A 583 54.98 37.29 46.98
N GLU A 584 55.97 36.40 47.06
CA GLU A 584 55.80 35.05 46.52
C GLU A 584 54.72 34.26 47.27
N VAL A 585 54.40 34.65 48.52
CA VAL A 585 53.26 34.07 49.23
C VAL A 585 51.95 34.47 48.53
N ALA A 586 51.81 35.76 48.25
CA ALA A 586 50.61 36.30 47.59
C ALA A 586 50.48 35.76 46.18
N CYS A 587 51.59 35.67 45.44
CA CYS A 587 51.62 34.99 44.14
C CYS A 587 51.01 33.60 44.17
N GLY A 588 51.26 32.88 45.26
CA GLY A 588 50.71 31.55 45.44
C GLY A 588 49.20 31.54 45.48
N TYR A 589 48.62 32.56 46.10
CA TYR A 589 47.17 32.75 46.16
C TYR A 589 46.63 33.06 44.76
N ALA A 590 47.22 34.07 44.12
CA ALA A 590 46.90 34.42 42.75
C ALA A 590 47.04 33.27 41.76
N ASP A 591 47.93 32.31 42.02
CA ASP A 591 48.09 31.17 41.12
C ASP A 591 47.18 29.96 41.42
N GLY A 592 46.46 29.99 42.54
CA GLY A 592 45.63 28.86 43.00
C GLY A 592 46.37 27.77 43.74
N CYS A 593 47.60 28.02 44.23
CA CYS A 593 48.42 27.05 44.98
C CYS A 593 48.12 27.07 46.47
N LEU A 594 48.11 28.29 47.03
CA LEU A 594 47.78 28.47 48.43
C LEU A 594 46.36 28.92 48.56
N SER A 595 45.66 28.35 49.53
CA SER A 595 44.38 28.88 49.95
C SER A 595 44.65 30.24 50.61
N GLN A 596 43.59 30.95 50.94
CA GLN A 596 43.74 32.19 51.66
C GLN A 596 44.35 31.95 53.03
N ARG A 597 43.84 30.95 53.76
CA ARG A 597 44.32 30.58 55.11
C ARG A 597 45.80 30.20 55.04
N GLU A 598 46.14 29.31 54.11
CA GLU A 598 47.53 28.88 53.90
C GLU A 598 48.47 30.07 53.69
N ALA A 599 48.12 31.01 52.82
CA ALA A 599 48.99 32.16 52.52
C ALA A 599 49.13 33.18 53.64
N VAL A 600 48.10 33.37 54.43
CA VAL A 600 48.15 34.33 55.54
C VAL A 600 48.98 33.75 56.69
N LEU A 601 48.89 32.43 56.91
CA LEU A 601 49.73 31.76 57.90
C LEU A 601 51.20 31.65 57.46
N ALA A 602 51.44 31.40 56.19
CA ALA A 602 52.81 31.44 55.63
C ALA A 602 53.50 32.81 55.71
N ALA A 603 52.72 33.86 55.95
CA ALA A 603 53.26 35.19 56.27
C ALA A 603 53.44 35.33 57.77
N TYR A 604 52.50 34.82 58.56
CA TYR A 604 52.59 34.94 60.01
C TYR A 604 53.84 34.19 60.53
N TRP A 605 53.96 32.92 60.15
CA TRP A 605 55.06 32.09 60.65
C TRP A 605 56.40 32.51 60.06
N ARG A 606 56.43 32.96 58.80
CA ARG A 606 57.62 33.59 58.24
C ARG A 606 58.10 34.82 59.06
N GLY A 607 57.16 35.56 59.62
CA GLY A 607 57.47 36.72 60.45
C GLY A 607 57.75 36.35 61.88
N GLN A 608 56.99 35.39 62.42
CA GLN A 608 57.15 34.95 63.82
C GLN A 608 58.47 34.23 64.01
N CYS A 609 58.83 33.36 63.08
CA CYS A 609 60.12 32.66 63.10
C CYS A 609 61.37 33.57 63.04
N ILE A 610 61.26 34.76 62.44
CA ILE A 610 62.36 35.74 62.41
C ILE A 610 62.39 36.59 63.67
N LYS A 611 61.22 37.00 64.16
CA LYS A 611 61.11 37.72 65.43
C LYS A 611 61.72 36.91 66.61
N ASP A 612 61.43 35.61 66.67
CA ASP A 612 61.90 34.68 67.71
C ASP A 612 63.42 34.50 67.86
N ALA A 613 64.15 34.58 66.73
CA ALA A 613 65.60 34.38 66.72
C ALA A 613 66.44 35.62 67.08
N HIS A 614 65.79 36.74 67.50
CA HIS A 614 66.45 38.03 67.73
C HIS A 614 67.98 38.08 67.29
N LEU A 615 68.21 37.84 66.00
CA LEU A 615 69.57 37.78 65.40
C LEU A 615 70.34 39.16 65.45
N PRO A 616 71.61 39.15 64.96
CA PRO A 616 72.44 40.36 65.02
C PRO A 616 71.87 41.54 64.25
N PRO A 617 72.13 42.79 64.70
CA PRO A 617 71.85 43.96 63.82
C PRO A 617 72.42 43.78 62.40
N GLY A 618 71.53 43.91 61.40
CA GLY A 618 71.86 43.75 59.98
C GLY A 618 71.30 44.94 59.21
N SER A 619 71.70 45.05 57.95
CA SER A 619 71.28 46.18 57.10
C SER A 619 71.22 45.74 55.64
N MET A 620 70.39 46.46 54.87
CA MET A 620 70.38 46.34 53.41
C MET A 620 70.44 47.72 52.80
N ALA A 621 70.90 47.76 51.56
CA ALA A 621 71.07 49.00 50.82
C ALA A 621 70.97 48.70 49.34
N ALA A 622 70.25 49.54 48.62
CA ALA A 622 70.23 49.43 47.16
C ALA A 622 71.48 50.16 46.72
N VAL A 623 72.13 49.63 45.69
CA VAL A 623 73.38 50.21 45.19
C VAL A 623 73.41 50.23 43.66
N GLY A 624 74.12 51.23 43.12
CA GLY A 624 74.18 51.45 41.68
C GLY A 624 75.22 50.63 40.95
N LEU A 625 75.07 49.31 41.02
CA LEU A 625 76.02 48.36 40.46
C LEU A 625 75.25 47.21 39.85
N SER A 626 75.79 46.61 38.79
CA SER A 626 75.13 45.45 38.16
C SER A 626 75.32 44.17 39.01
N TRP A 627 74.65 43.09 38.62
CA TRP A 627 74.64 41.82 39.37
C TRP A 627 76.02 41.21 39.58
N GLU A 628 76.74 40.97 38.48
CA GLU A 628 78.10 40.37 38.51
C GLU A 628 79.12 41.32 39.16
N GLU A 629 78.89 42.63 39.05
CA GLU A 629 79.79 43.63 39.61
C GLU A 629 79.64 43.82 41.14
N CYS A 630 78.55 43.30 41.72
CA CYS A 630 78.38 43.30 43.20
C CYS A 630 79.16 42.18 43.86
N LYS A 631 79.17 40.98 43.28
CA LYS A 631 80.01 39.87 43.79
C LYS A 631 81.50 40.25 43.80
N GLN A 632 81.94 40.91 42.73
CA GLN A 632 83.28 41.50 42.63
C GLN A 632 83.61 42.38 43.84
N ARG A 633 82.83 43.43 44.06
CA ARG A 633 83.20 44.49 45.00
C ARG A 633 82.68 44.37 46.45
N CYS A 634 81.92 43.34 46.76
CA CYS A 634 81.26 43.25 48.08
C CYS A 634 82.22 42.76 49.18
N PRO A 635 82.37 43.50 50.30
CA PRO A 635 83.24 43.02 51.40
C PRO A 635 82.67 41.74 52.02
N ALA A 636 83.54 40.85 52.48
CA ALA A 636 83.10 39.52 52.93
C ALA A 636 82.09 39.67 54.06
N GLY A 637 81.00 38.90 53.98
CA GLY A 637 79.86 39.05 54.89
C GLY A 637 78.67 39.75 54.25
N VAL A 638 78.93 40.59 53.25
CA VAL A 638 77.86 41.22 52.46
C VAL A 638 77.72 40.50 51.12
N VAL A 639 76.49 40.23 50.74
CA VAL A 639 76.15 39.45 49.57
C VAL A 639 75.10 40.26 48.78
N PRO A 640 75.13 40.20 47.43
CA PRO A 640 74.01 40.74 46.67
C PRO A 640 72.73 39.91 46.91
N ALA A 641 71.67 40.58 47.36
CA ALA A 641 70.48 39.91 47.91
C ALA A 641 69.29 39.92 46.95
N CYS A 642 68.93 41.08 46.38
CA CYS A 642 67.83 41.19 45.41
C CYS A 642 68.35 41.83 44.10
N HIS A 643 68.12 41.12 42.98
CA HIS A 643 68.38 41.67 41.64
C HIS A 643 67.14 42.42 41.14
N ASN A 644 67.04 43.70 41.52
CA ASN A 644 65.91 44.53 41.16
C ASN A 644 65.93 44.91 39.69
N SER A 645 67.04 45.46 39.22
CA SER A 645 67.16 45.80 37.80
C SER A 645 68.62 45.68 37.33
N GLU A 646 68.86 46.05 36.07
CA GLU A 646 70.25 46.14 35.59
C GLU A 646 71.09 47.17 36.37
N ASP A 647 70.49 48.22 36.90
CA ASP A 647 71.16 49.28 37.67
C ASP A 647 71.07 49.10 39.22
N THR A 648 69.88 48.77 39.72
CA THR A 648 69.68 48.65 41.17
C THR A 648 69.94 47.19 41.58
N VAL A 649 70.73 47.03 42.65
CA VAL A 649 70.86 45.76 43.36
C VAL A 649 70.85 46.06 44.85
N THR A 650 70.05 45.30 45.60
CA THR A 650 69.99 45.44 47.04
C THR A 650 70.97 44.43 47.65
N ILE A 651 71.90 44.93 48.47
CA ILE A 651 72.90 44.11 49.18
C ILE A 651 72.42 43.85 50.60
N SER A 652 72.92 42.78 51.21
CA SER A 652 72.50 42.37 52.56
C SER A 652 73.68 41.84 53.39
N GLY A 653 73.74 42.23 54.65
CA GLY A 653 74.79 41.75 55.55
C GLY A 653 74.77 42.39 56.93
N PRO A 654 75.87 42.22 57.71
CA PRO A 654 75.94 42.82 59.04
C PRO A 654 76.06 44.34 59.01
N GLN A 655 75.39 45.03 59.94
CA GLN A 655 75.31 46.51 60.02
C GLN A 655 76.68 47.18 59.84
N ALA A 656 77.67 46.66 60.59
CA ALA A 656 79.08 47.05 60.47
C ALA A 656 79.52 47.19 59.00
N ALA A 657 79.62 46.06 58.31
CA ALA A 657 80.18 45.99 56.94
C ALA A 657 79.38 46.77 55.90
N VAL A 658 78.06 46.83 56.05
CA VAL A 658 77.17 47.42 55.03
C VAL A 658 77.15 48.94 55.15
N ASN A 659 77.11 49.48 56.37
CA ASN A 659 77.17 50.95 56.59
C ASN A 659 78.52 51.54 56.11
N GLU A 660 79.60 50.75 56.21
CA GLU A 660 80.93 51.16 55.74
C GLU A 660 81.04 51.04 54.23
N PHE A 661 80.61 49.92 53.67
CA PHE A 661 80.62 49.72 52.20
C PHE A 661 79.66 50.67 51.45
N VAL A 662 78.76 51.34 52.15
CA VAL A 662 77.91 52.38 51.57
C VAL A 662 78.62 53.76 51.61
N GLU A 663 79.30 54.11 52.70
CA GLU A 663 80.04 55.39 52.75
C GLU A 663 81.29 55.39 51.84
N GLN A 664 81.88 54.22 51.62
CA GLN A 664 83.00 54.07 50.66
C GLN A 664 82.53 54.11 49.20
N LEU A 665 81.24 53.79 48.98
CA LEU A 665 80.64 53.76 47.65
C LEU A 665 80.15 55.13 47.17
N LYS A 666 79.64 55.95 48.09
CA LYS A 666 79.34 57.39 47.81
C LYS A 666 80.61 58.20 47.55
N GLN A 667 81.73 57.82 48.17
CA GLN A 667 83.03 58.44 47.91
C GLN A 667 83.68 57.99 46.58
N GLU A 668 83.02 57.08 45.84
CA GLU A 668 83.29 56.86 44.39
C GLU A 668 82.07 57.28 43.52
N GLY A 669 81.26 58.22 44.03
CA GLY A 669 80.08 58.75 43.34
C GLY A 669 78.99 57.80 42.88
N VAL A 670 78.87 56.65 43.55
CA VAL A 670 77.90 55.57 43.17
C VAL A 670 76.61 55.69 44.00
N PHE A 671 75.45 55.36 43.41
CA PHE A 671 74.14 55.38 44.11
C PHE A 671 74.15 54.37 45.25
N ALA A 672 73.76 54.79 46.46
CA ALA A 672 73.78 53.88 47.64
C ALA A 672 73.01 54.50 48.79
N LYS A 673 71.85 53.93 49.11
CA LYS A 673 71.06 54.40 50.25
C LYS A 673 70.53 53.18 50.98
N GLU A 674 70.51 53.28 52.31
CA GLU A 674 69.92 52.25 53.15
C GLU A 674 68.43 51.97 52.78
N VAL A 675 68.01 50.73 52.98
CA VAL A 675 66.61 50.34 52.89
C VAL A 675 66.18 50.05 54.34
N ARG A 676 65.05 50.63 54.75
CA ARG A 676 64.44 50.34 56.04
C ARG A 676 63.98 48.88 56.07
N THR A 677 64.58 48.07 56.94
CA THR A 677 64.30 46.64 56.99
C THR A 677 63.96 46.05 58.34
N GLY A 678 63.77 46.89 59.36
CA GLY A 678 63.64 46.45 60.75
C GLY A 678 64.97 46.03 61.36
N GLY A 679 66.06 46.56 60.81
CA GLY A 679 67.41 46.17 61.20
C GLY A 679 67.74 44.72 60.87
N LEU A 680 67.20 44.21 59.76
CA LEU A 680 67.37 42.81 59.34
C LEU A 680 68.02 42.69 57.96
N ALA A 681 68.61 41.52 57.72
CA ALA A 681 69.42 41.28 56.53
C ALA A 681 68.84 40.09 55.79
N PHE A 682 67.82 40.36 54.97
CA PHE A 682 67.10 39.29 54.27
C PHE A 682 67.96 38.71 53.13
N HIS A 683 67.66 37.49 52.75
CA HIS A 683 68.31 36.83 51.60
C HIS A 683 69.82 36.73 51.70
N SER A 684 70.29 36.55 52.94
CA SER A 684 71.70 36.31 53.25
C SER A 684 71.84 35.00 54.01
N TYR A 685 73.06 34.63 54.32
CA TYR A 685 73.36 33.51 55.27
C TYR A 685 72.63 33.63 56.63
N PHE A 686 72.46 34.85 57.15
CA PHE A 686 71.76 35.14 58.44
C PHE A 686 70.43 34.37 58.66
N MET A 687 69.74 34.03 57.58
CA MET A 687 68.45 33.36 57.63
C MET A 687 68.53 31.85 57.52
N GLU A 688 69.68 31.28 57.20
CA GLU A 688 69.87 29.82 57.35
C GLU A 688 69.64 29.43 58.83
N GLY A 689 69.84 30.36 59.77
CA GLY A 689 69.41 30.22 61.17
C GLY A 689 67.92 29.96 61.38
N ILE A 690 67.09 30.60 60.56
CA ILE A 690 65.64 30.43 60.58
C ILE A 690 65.21 29.14 59.80
N ALA A 691 65.92 28.78 58.72
CA ALA A 691 65.55 27.65 57.84
C ALA A 691 64.85 26.43 58.50
N PRO A 692 65.50 25.79 59.50
CA PRO A 692 64.86 24.61 60.12
C PRO A 692 63.58 24.91 60.94
N THR A 693 63.61 25.96 61.77
CA THR A 693 62.45 26.31 62.61
C THR A 693 61.20 26.67 61.77
N LEU A 694 61.41 27.36 60.64
CA LEU A 694 60.34 27.73 59.70
C LEU A 694 59.80 26.49 59.00
N LEU A 695 60.67 25.78 58.26
CA LEU A 695 60.31 24.51 57.57
C LEU A 695 59.37 23.64 58.39
N GLN A 696 59.63 23.53 59.70
CA GLN A 696 58.77 22.73 60.59
C GLN A 696 57.39 23.38 60.80
N ALA A 697 57.37 24.68 61.09
CA ALA A 697 56.09 25.42 61.28
C ALA A 697 55.22 25.46 60.02
N LEU A 698 55.86 25.66 58.86
CA LEU A 698 55.17 25.70 57.55
C LEU A 698 54.76 24.35 56.98
N LYS A 699 55.36 23.26 57.46
CA LYS A 699 54.89 21.91 57.11
C LYS A 699 53.51 21.61 57.73
N LYS A 700 53.23 22.25 58.89
CA LYS A 700 51.93 22.16 59.57
C LYS A 700 50.82 23.02 58.91
N VAL A 701 51.21 24.00 58.11
CA VAL A 701 50.27 24.92 57.42
C VAL A 701 50.01 24.49 55.97
N ILE A 702 51.05 24.09 55.23
CA ILE A 702 50.92 23.65 53.84
C ILE A 702 50.98 22.12 53.82
N ARG A 703 49.87 21.50 54.19
CA ARG A 703 49.79 20.03 54.31
C ARG A 703 49.92 19.32 52.95
N GLU A 704 49.23 19.82 51.94
CA GLU A 704 49.15 19.18 50.62
C GLU A 704 49.63 20.15 49.53
N PRO A 705 50.96 20.25 49.35
CA PRO A 705 51.55 21.05 48.29
C PRO A 705 50.92 20.88 46.89
N ARG A 706 50.41 21.99 46.34
CA ARG A 706 49.66 22.02 45.05
C ARG A 706 50.62 22.56 43.97
N PRO A 707 50.53 22.07 42.72
CA PRO A 707 51.55 22.49 41.71
C PRO A 707 51.51 23.98 41.37
N ARG A 708 52.67 24.61 41.21
CA ARG A 708 52.74 25.96 40.62
C ARG A 708 52.47 25.79 39.14
N SER A 709 51.91 26.82 38.52
CA SER A 709 51.55 26.77 37.09
C SER A 709 52.58 27.51 36.27
N ALA A 710 52.55 27.28 34.96
CA ALA A 710 53.46 27.96 34.00
C ALA A 710 53.39 29.48 34.10
N ARG A 711 52.21 30.00 34.43
CA ARG A 711 51.96 31.43 34.57
C ARG A 711 52.88 32.08 35.61
N TRP A 712 52.98 31.50 36.80
CA TRP A 712 53.85 32.02 37.89
C TRP A 712 55.35 31.82 37.63
N LEU A 713 56.08 32.92 37.45
CA LEU A 713 57.54 32.91 37.31
C LEU A 713 58.16 33.11 38.69
N SER A 714 59.04 32.17 39.07
CA SER A 714 59.68 32.20 40.38
C SER A 714 60.79 33.24 40.43
N THR A 715 60.93 33.90 41.57
CA THR A 715 62.09 34.72 41.84
C THR A 715 63.01 34.14 42.92
N SER A 716 62.58 33.04 43.59
CA SER A 716 63.42 32.37 44.57
C SER A 716 64.38 31.29 44.02
N ILE A 717 64.21 30.96 42.74
CA ILE A 717 64.85 29.80 42.10
C ILE A 717 65.19 30.20 40.66
N PRO A 718 66.47 30.07 40.22
CA PRO A 718 66.76 30.58 38.87
C PRO A 718 66.05 29.81 37.76
N GLU A 719 66.01 30.39 36.56
CA GLU A 719 65.28 29.78 35.43
C GLU A 719 65.75 28.35 35.25
N ALA A 720 67.06 28.19 35.06
CA ALA A 720 67.72 26.88 34.95
C ALA A 720 67.09 25.72 35.72
N GLN A 721 66.75 25.91 37.01
CA GLN A 721 66.14 24.85 37.86
C GLN A 721 64.61 24.97 38.05
N TRP A 722 63.89 25.63 37.14
CA TRP A 722 62.41 25.70 37.23
C TRP A 722 61.74 24.30 37.17
N GLN A 723 62.40 23.33 36.52
CA GLN A 723 61.92 21.93 36.49
C GLN A 723 62.02 21.13 37.81
N SER A 724 62.85 21.58 38.75
CA SER A 724 63.18 20.82 39.99
C SER A 724 62.01 20.40 40.92
N SER A 725 62.28 19.42 41.79
CA SER A 725 61.33 18.96 42.86
C SER A 725 60.83 20.06 43.80
N LEU A 726 61.70 21.04 44.06
CA LEU A 726 61.40 22.20 44.91
C LEU A 726 60.40 23.14 44.22
N ALA A 727 60.73 23.46 42.97
CA ALA A 727 59.91 24.34 42.12
C ALA A 727 58.56 23.76 41.60
N ARG A 728 58.32 22.45 41.73
CA ARG A 728 57.03 21.85 41.29
C ARG A 728 55.87 22.51 42.00
N THR A 729 55.98 22.60 43.32
CA THR A 729 54.91 23.00 44.20
C THR A 729 55.30 24.25 44.99
N SER A 730 54.28 24.93 45.52
CA SER A 730 54.39 25.98 46.53
C SER A 730 54.34 25.31 47.91
N SER A 731 55.46 24.66 48.25
CA SER A 731 55.64 23.87 49.45
C SER A 731 56.18 24.74 50.56
N ALA A 732 56.22 24.18 51.78
CA ALA A 732 56.95 24.80 52.90
C ALA A 732 58.42 24.97 52.52
N GLU A 733 58.93 23.96 51.82
CA GLU A 733 60.29 23.95 51.27
C GLU A 733 60.53 25.12 50.29
N TYR A 734 59.58 25.38 49.39
CA TYR A 734 59.68 26.52 48.45
C TYR A 734 59.81 27.86 49.16
N ASN A 735 59.04 28.00 50.26
CA ASN A 735 58.95 29.25 51.02
C ASN A 735 60.21 29.56 51.81
N VAL A 736 60.70 28.54 52.53
CA VAL A 736 61.96 28.69 53.26
C VAL A 736 63.05 29.11 52.27
N ASN A 737 63.18 28.36 51.16
CA ASN A 737 64.17 28.66 50.12
C ASN A 737 64.16 30.14 49.70
N ASN A 738 62.97 30.74 49.56
CA ASN A 738 62.82 32.17 49.17
C ASN A 738 63.51 33.11 50.15
N LEU A 739 63.38 32.79 51.43
CA LEU A 739 63.92 33.60 52.52
C LEU A 739 65.44 33.70 52.49
N VAL A 740 66.10 32.59 52.19
CA VAL A 740 67.57 32.49 52.24
C VAL A 740 68.21 32.84 50.90
N SER A 741 67.56 32.38 49.81
CA SER A 741 68.07 32.60 48.44
C SER A 741 67.92 34.07 48.05
N PRO A 742 68.63 34.51 47.00
CA PRO A 742 68.43 35.88 46.59
C PRO A 742 67.11 36.02 45.80
N VAL A 743 66.64 37.26 45.65
CA VAL A 743 65.42 37.55 44.88
C VAL A 743 65.85 37.91 43.45
N LEU A 744 65.52 37.01 42.52
CA LEU A 744 65.96 37.10 41.15
C LEU A 744 64.83 37.72 40.32
N PHE A 745 64.71 39.04 40.47
CA PHE A 745 63.53 39.78 40.05
C PHE A 745 63.68 40.22 38.60
N GLN A 746 64.74 41.00 38.28
CA GLN A 746 65.04 41.39 36.90
C GLN A 746 65.16 40.17 35.97
N GLU A 747 65.52 39.02 36.53
CA GLU A 747 65.56 37.77 35.78
C GLU A 747 64.20 37.43 35.16
N ALA A 748 63.13 37.56 35.94
CA ALA A 748 61.76 37.27 35.49
C ALA A 748 61.21 38.37 34.58
N LEU A 749 61.51 39.63 34.92
CA LEU A 749 61.03 40.77 34.14
C LEU A 749 61.46 40.78 32.67
N TRP A 750 62.55 40.09 32.32
CA TRP A 750 62.91 39.85 30.92
C TRP A 750 61.78 39.10 30.19
N HIS A 751 61.17 38.12 30.86
CA HIS A 751 60.15 37.23 30.24
C HIS A 751 58.83 37.93 29.84
N ILE A 752 58.52 39.11 30.43
CA ILE A 752 57.24 39.78 30.20
C ILE A 752 57.13 40.25 28.74
N PRO A 753 56.09 39.77 27.99
CA PRO A 753 56.05 40.03 26.54
C PRO A 753 55.86 41.49 26.16
N GLU A 754 55.85 41.77 24.86
CA GLU A 754 55.65 43.14 24.37
C GLU A 754 54.21 43.62 24.65
N HIS A 755 54.04 44.92 24.89
CA HIS A 755 52.72 45.56 25.09
C HIS A 755 51.88 45.02 26.29
N ALA A 756 52.52 44.47 27.30
CA ALA A 756 51.79 43.90 28.43
C ALA A 756 51.36 44.98 29.42
N VAL A 757 50.44 44.58 30.30
CA VAL A 757 49.89 45.49 31.30
C VAL A 757 50.26 44.92 32.67
N VAL A 758 50.98 45.72 33.44
CA VAL A 758 51.64 45.26 34.63
C VAL A 758 51.02 45.94 35.85
N LEU A 759 50.45 45.13 36.74
CA LEU A 759 49.79 45.62 37.94
C LEU A 759 50.60 45.39 39.20
N GLU A 760 51.02 46.46 39.86
CA GLU A 760 51.75 46.33 41.09
C GLU A 760 50.78 46.18 42.27
N ILE A 761 50.59 44.91 42.64
CA ILE A 761 49.72 44.51 43.73
C ILE A 761 50.45 44.68 45.07
N ALA A 762 50.25 45.84 45.67
CA ALA A 762 50.89 46.17 46.94
C ALA A 762 50.19 47.37 47.54
N PRO A 763 50.17 47.43 48.89
CA PRO A 763 49.54 48.58 49.56
C PRO A 763 50.26 49.90 49.33
N HIS A 764 51.43 49.89 48.74
CA HIS A 764 51.98 51.09 48.15
C HIS A 764 52.86 50.67 46.99
N ALA A 765 52.84 51.46 45.93
CA ALA A 765 53.40 51.02 44.66
C ALA A 765 54.89 51.39 44.58
N LEU A 766 55.68 50.67 45.37
CA LEU A 766 57.11 50.98 45.52
C LEU A 766 57.90 50.66 44.26
N LEU A 767 57.64 49.49 43.71
CA LEU A 767 58.39 49.00 42.54
C LEU A 767 57.99 49.65 41.20
N GLN A 768 57.15 50.69 41.18
CA GLN A 768 56.82 51.39 39.93
C GLN A 768 58.07 51.75 39.18
N ALA A 769 58.93 52.53 39.87
CA ALA A 769 60.23 52.96 39.39
C ALA A 769 61.01 51.81 38.72
N VAL A 770 61.13 50.72 39.47
CA VAL A 770 61.94 49.55 39.08
C VAL A 770 61.35 48.82 37.86
N LEU A 771 60.03 48.67 37.83
CA LEU A 771 59.36 47.93 36.78
C LEU A 771 59.49 48.64 35.43
N LYS A 772 59.42 49.98 35.44
CA LYS A 772 59.63 50.80 34.22
C LYS A 772 60.99 50.48 33.62
N ARG A 773 62.02 50.56 34.47
CA ARG A 773 63.40 50.23 34.06
C ARG A 773 63.57 48.74 33.69
N GLY A 774 63.01 47.84 34.49
CA GLY A 774 63.16 46.40 34.27
C GLY A 774 62.44 45.77 33.06
N VAL A 775 61.33 46.38 32.64
CA VAL A 775 60.40 45.78 31.66
C VAL A 775 60.43 46.57 30.35
N LYS A 776 60.06 45.91 29.24
CA LYS A 776 60.06 46.51 27.88
C LYS A 776 59.36 47.88 27.75
N SER A 777 59.83 48.68 26.78
CA SER A 777 59.39 50.11 26.63
C SER A 777 57.87 50.23 26.42
N SER A 778 57.36 49.41 25.51
CA SER A 778 55.93 49.33 25.20
C SER A 778 55.04 49.22 26.46
N CYS A 779 55.26 48.15 27.24
CA CYS A 779 54.48 47.81 28.44
C CYS A 779 54.04 49.00 29.30
N THR A 780 52.77 48.99 29.73
CA THR A 780 52.27 50.02 30.67
C THR A 780 52.17 49.43 32.08
N ILE A 781 52.60 50.24 33.06
CA ILE A 781 52.76 49.82 34.44
C ILE A 781 51.78 50.60 35.28
N ILE A 782 50.97 49.91 36.05
CA ILE A 782 49.86 50.54 36.73
C ILE A 782 49.89 50.20 38.21
N PRO A 783 49.94 51.23 39.07
CA PRO A 783 49.85 51.03 40.52
C PRO A 783 48.44 50.75 40.95
N LEU A 784 48.24 50.31 42.19
CA LEU A 784 46.88 50.17 42.73
C LEU A 784 46.66 50.93 44.00
N MET A 785 47.68 51.09 44.84
CA MET A 785 47.57 51.97 46.00
C MET A 785 48.79 52.86 46.05
N LYS A 786 48.64 53.99 46.75
CA LYS A 786 49.74 54.94 46.93
C LYS A 786 49.64 55.40 48.38
N ARG A 787 50.83 55.59 48.98
CA ARG A 787 50.98 55.82 50.40
C ARG A 787 50.64 57.27 50.70
N ASP A 788 49.82 57.46 51.73
CA ASP A 788 49.30 58.79 52.11
C ASP A 788 48.61 59.57 50.96
N HIS A 789 47.89 58.86 50.08
CA HIS A 789 47.02 59.51 49.07
C HIS A 789 45.79 59.88 49.86
N LYS A 790 45.16 61.01 49.53
CA LYS A 790 44.02 61.49 50.34
C LYS A 790 42.94 60.41 50.45
N ASP A 791 42.80 59.63 49.37
CA ASP A 791 41.74 58.63 49.21
C ASP A 791 42.26 57.56 48.24
N ASN A 792 42.47 56.35 48.74
CA ASN A 792 43.01 55.27 47.91
C ASN A 792 41.93 54.56 47.12
N LEU A 793 40.67 54.68 47.52
CA LEU A 793 39.56 54.12 46.75
C LEU A 793 39.50 54.84 45.43
N GLU A 794 39.44 56.17 45.45
CA GLU A 794 39.59 56.96 44.23
C GLU A 794 40.82 56.49 43.43
N PHE A 795 41.96 56.35 44.08
CA PHE A 795 43.19 55.92 43.37
C PHE A 795 43.03 54.56 42.68
N PHE A 796 42.47 53.61 43.41
CA PHE A 796 42.27 52.25 42.93
C PHE A 796 41.36 52.25 41.71
N LEU A 797 40.20 52.89 41.87
CA LEU A 797 39.26 53.10 40.78
C LEU A 797 39.97 53.78 39.61
N THR A 798 40.67 54.88 39.86
CA THR A 798 41.32 55.55 38.74
C THR A 798 42.28 54.61 37.96
N ASN A 799 42.95 53.73 38.67
CA ASN A 799 43.89 52.83 38.03
C ASN A 799 43.21 51.62 37.36
N LEU A 800 42.10 51.12 37.89
CA LEU A 800 41.26 50.17 37.14
C LEU A 800 40.83 50.77 35.83
N GLY A 801 40.38 52.03 35.88
CA GLY A 801 40.13 52.81 34.67
C GLY A 801 41.26 52.73 33.68
N LYS A 802 42.49 52.94 34.13
CA LYS A 802 43.66 52.86 33.25
C LYS A 802 43.87 51.46 32.65
N VAL A 803 43.43 50.42 33.35
CA VAL A 803 43.48 49.05 32.80
C VAL A 803 42.50 48.97 31.64
N HIS A 804 41.26 49.41 31.86
CA HIS A 804 40.23 49.45 30.82
C HIS A 804 40.75 50.22 29.60
N LEU A 805 41.43 51.34 29.83
CA LEU A 805 42.05 52.11 28.76
C LEU A 805 42.98 51.31 27.85
N THR A 806 43.55 50.23 28.35
CA THR A 806 44.50 49.45 27.58
C THR A 806 43.84 48.53 26.57
N GLY A 807 42.55 48.23 26.75
CA GLY A 807 41.88 47.20 25.94
C GLY A 807 41.49 45.94 26.68
N ILE A 808 42.01 45.76 27.87
CA ILE A 808 41.58 44.66 28.74
C ILE A 808 40.26 45.05 29.35
N ASN A 809 39.32 44.12 29.37
CA ASN A 809 37.97 44.47 29.85
C ASN A 809 37.90 44.32 31.33
N VAL A 810 37.26 45.30 31.96
CA VAL A 810 37.10 45.39 33.41
C VAL A 810 35.65 45.77 33.66
N ASN A 811 34.99 45.11 34.60
CA ASN A 811 33.64 45.46 34.93
C ASN A 811 33.53 45.92 36.37
N PRO A 812 33.61 47.23 36.60
CA PRO A 812 33.50 47.82 37.92
C PRO A 812 32.27 47.46 38.71
N ASN A 813 31.20 46.98 38.08
CA ASN A 813 29.93 46.86 38.79
C ASN A 813 30.01 45.91 39.99
N ALA A 814 30.85 44.89 39.89
CA ALA A 814 31.06 43.92 40.96
C ALA A 814 31.73 44.47 42.23
N LEU A 815 32.37 45.64 42.15
CA LEU A 815 32.98 46.26 43.32
C LEU A 815 31.90 46.74 44.28
N PHE A 816 30.70 47.05 43.78
CA PHE A 816 29.63 47.66 44.59
C PHE A 816 28.45 46.74 44.62
N PRO A 817 27.51 46.99 45.56
CA PRO A 817 26.37 46.05 45.61
C PRO A 817 25.59 46.09 44.31
N PRO A 818 25.09 44.92 43.88
CA PRO A 818 24.48 44.81 42.57
C PRO A 818 23.18 45.65 42.48
N VAL A 819 22.94 46.26 41.33
CA VAL A 819 21.74 47.05 41.10
C VAL A 819 20.59 46.09 40.81
N GLU A 820 19.41 46.37 41.35
CA GLU A 820 18.23 45.54 41.11
C GLU A 820 17.54 46.02 39.84
N PHE A 821 17.47 45.14 38.84
CA PHE A 821 16.78 45.44 37.60
C PHE A 821 15.39 44.81 37.64
N PRO A 822 14.42 45.28 36.85
CA PRO A 822 14.58 46.30 35.84
C PRO A 822 14.94 47.67 36.35
N ALA A 823 15.73 48.39 35.56
CA ALA A 823 15.99 49.80 35.86
C ALA A 823 14.71 50.60 36.09
N PRO A 824 14.81 51.62 36.92
CA PRO A 824 13.64 52.49 37.10
C PRO A 824 13.26 53.24 35.82
N ARG A 825 11.97 53.54 35.70
CA ARG A 825 11.45 54.38 34.64
C ARG A 825 12.17 55.70 34.69
N GLY A 826 12.47 56.24 33.52
CA GLY A 826 13.15 57.52 33.43
C GLY A 826 14.65 57.40 33.38
N THR A 827 15.19 56.20 33.56
CA THR A 827 16.62 56.00 33.35
C THR A 827 16.96 56.59 31.97
N PRO A 828 17.95 57.47 31.89
CA PRO A 828 18.19 58.19 30.65
C PRO A 828 18.38 57.29 29.46
N LEU A 829 17.94 57.76 28.28
CA LEU A 829 18.15 57.01 27.03
C LEU A 829 19.64 56.89 26.74
N ILE A 830 20.03 55.75 26.21
CA ILE A 830 21.40 55.52 25.74
C ILE A 830 21.52 55.66 24.23
N SER A 831 20.53 55.25 23.45
CA SER A 831 20.64 55.24 21.95
C SER A 831 21.14 56.55 21.34
N PRO A 832 20.65 57.70 21.84
CA PRO A 832 21.11 58.93 21.18
C PRO A 832 22.55 59.33 21.46
N HIS A 833 23.21 58.70 22.42
CA HIS A 833 24.63 58.99 22.70
C HIS A 833 25.58 57.95 22.12
N ILE A 834 25.10 57.12 21.19
CA ILE A 834 25.99 56.17 20.52
C ILE A 834 26.37 56.85 19.23
N LYS A 835 27.64 57.23 19.12
CA LYS A 835 28.12 57.97 17.95
C LYS A 835 29.05 57.12 17.12
N TRP A 836 29.00 57.36 15.82
CA TRP A 836 29.66 56.50 14.84
C TRP A 836 30.77 57.26 14.12
N ASP A 837 31.55 56.55 13.32
CA ASP A 837 32.56 57.18 12.48
C ASP A 837 31.90 57.44 11.13
N HIS A 838 31.38 58.65 10.98
CA HIS A 838 30.75 59.03 9.72
C HIS A 838 31.63 59.91 8.82
N SER A 839 32.95 59.68 8.85
CA SER A 839 33.87 60.42 7.97
C SER A 839 33.53 60.11 6.52
N GLN A 840 33.33 58.84 6.17
CA GLN A 840 33.03 58.55 4.77
C GLN A 840 31.55 58.85 4.48
N THR A 841 31.30 59.30 3.25
CA THR A 841 29.95 59.41 2.76
C THR A 841 29.70 58.42 1.56
N TRP A 842 28.51 57.86 1.45
CA TRP A 842 28.22 56.76 0.53
C TRP A 842 27.15 57.13 -0.48
N ASP A 843 27.02 56.29 -1.49
CA ASP A 843 26.10 56.55 -2.59
C ASP A 843 24.70 56.32 -2.09
N VAL A 844 23.78 57.07 -2.67
CA VAL A 844 22.36 56.94 -2.38
C VAL A 844 21.66 57.04 -3.71
N PRO A 845 20.78 56.10 -4.04
CA PRO A 845 20.02 56.21 -5.27
C PRO A 845 19.28 57.51 -5.35
N VAL A 846 19.07 57.98 -6.57
CA VAL A 846 18.37 59.24 -6.79
C VAL A 846 17.24 59.08 -7.79
N ALA A 847 16.37 60.07 -7.91
CA ALA A 847 15.16 59.90 -8.74
C ALA A 847 15.44 59.50 -10.18
N GLU A 848 16.53 60.02 -10.71
CA GLU A 848 16.93 59.77 -12.09
C GLU A 848 17.36 58.31 -12.31
N ASP A 849 17.71 57.59 -11.24
CA ASP A 849 17.98 56.14 -11.35
C ASP A 849 16.75 55.28 -11.65
N PHE A 850 15.55 55.86 -11.65
CA PHE A 850 14.36 55.09 -11.99
C PHE A 850 13.74 55.58 -13.30
N PRO A 851 12.93 54.75 -13.95
CA PRO A 851 12.18 55.10 -15.17
C PRO A 851 11.28 56.34 -15.09
N ASN A 852 10.99 57.01 -16.24
CA ASN A 852 10.05 58.20 -16.30
C ASN A 852 9.20 58.44 -17.57
N SER B 1 -3.33 18.15 20.58
CA SER B 1 -3.15 19.57 21.04
C SER B 1 -1.96 20.26 20.30
N GLU B 2 -2.04 20.41 18.98
CA GLU B 2 -3.09 20.03 18.06
C GLU B 2 -2.42 19.44 16.79
N GLU B 3 -2.90 18.30 16.27
CA GLU B 3 -2.24 17.65 15.11
C GLU B 3 -2.48 18.44 13.83
N VAL B 4 -1.43 18.65 13.04
CA VAL B 4 -1.54 19.45 11.82
C VAL B 4 -1.29 18.55 10.64
N VAL B 5 -2.16 18.58 9.64
CA VAL B 5 -1.99 17.74 8.43
C VAL B 5 -1.92 18.57 7.16
N ILE B 6 -1.34 17.98 6.12
CA ILE B 6 -1.34 18.58 4.80
C ILE B 6 -2.53 17.97 4.11
N ALA B 7 -3.56 18.81 3.90
CA ALA B 7 -4.87 18.37 3.43
C ALA B 7 -5.06 18.43 1.93
N GLY B 8 -4.41 19.37 1.26
CA GLY B 8 -4.70 19.60 -0.17
C GLY B 8 -3.56 20.32 -0.84
N MET B 9 -3.39 20.06 -2.12
CA MET B 9 -2.31 20.71 -2.85
C MET B 9 -2.62 20.89 -4.33
N SER B 10 -1.96 21.89 -4.89
CA SER B 10 -1.98 22.13 -6.32
C SER B 10 -0.79 22.93 -6.71
N GLY B 11 -0.52 23.01 -8.00
CA GLY B 11 0.57 23.85 -8.46
C GLY B 11 0.78 23.92 -9.94
N LYS B 12 1.54 24.91 -10.37
CA LYS B 12 2.06 24.96 -11.73
C LYS B 12 3.54 24.94 -11.62
N LEU B 13 4.19 24.02 -12.31
CA LEU B 13 5.63 23.89 -12.28
C LEU B 13 6.15 23.96 -13.70
N PRO B 14 7.46 23.95 -13.88
CA PRO B 14 8.01 23.94 -15.23
C PRO B 14 7.53 22.80 -16.08
N GLU B 15 7.17 23.17 -17.29
CA GLU B 15 6.49 22.32 -18.25
C GLU B 15 5.35 21.51 -17.65
N SER B 16 4.68 22.02 -16.64
CA SER B 16 3.74 21.21 -15.88
C SER B 16 2.56 22.09 -15.48
N GLU B 17 1.47 21.95 -16.21
CA GLU B 17 0.31 22.79 -16.03
C GLU B 17 -0.45 22.48 -14.73
N ASN B 18 -0.21 21.31 -14.17
CA ASN B 18 -0.79 20.93 -12.91
C ASN B 18 0.04 19.80 -12.27
N LEU B 19 -0.37 19.35 -11.09
CA LEU B 19 0.45 18.39 -10.38
C LEU B 19 0.48 17.01 -11.03
N GLN B 20 -0.49 16.72 -11.90
CA GLN B 20 -0.49 15.45 -12.63
C GLN B 20 0.59 15.45 -13.70
N GLU B 21 0.64 16.52 -14.49
CA GLU B 21 1.70 16.69 -15.48
C GLU B 21 3.07 16.72 -14.82
N PHE B 22 3.12 17.26 -13.60
CA PHE B 22 4.37 17.33 -12.85
C PHE B 22 4.80 15.93 -12.46
N TRP B 23 3.87 15.13 -11.94
CA TRP B 23 4.18 13.75 -11.56
C TRP B 23 4.66 12.94 -12.75
N ALA B 24 3.94 13.06 -13.86
CA ALA B 24 4.33 12.42 -15.12
C ALA B 24 5.77 12.72 -15.50
N ASN B 25 6.15 13.99 -15.45
CA ASN B 25 7.52 14.38 -15.75
C ASN B 25 8.56 13.83 -14.73
N LEU B 26 8.15 13.78 -13.46
CA LEU B 26 9.05 13.33 -12.40
C LEU B 26 9.34 11.84 -12.57
N ILE B 27 8.29 11.02 -12.55
CA ILE B 27 8.45 9.57 -12.55
C ILE B 27 8.95 9.12 -13.89
N GLY B 28 8.62 9.86 -14.94
CA GLY B 28 9.15 9.59 -16.27
C GLY B 28 10.53 10.10 -16.60
N GLY B 29 11.17 10.83 -15.70
CA GLY B 29 12.54 11.31 -15.93
C GLY B 29 12.68 12.36 -17.03
N VAL B 30 11.62 13.10 -17.27
CA VAL B 30 11.68 14.24 -18.15
C VAL B 30 12.35 15.39 -17.38
N ASP B 31 13.19 16.12 -18.13
CA ASP B 31 13.84 17.32 -17.65
C ASP B 31 12.99 18.51 -18.03
N MET B 32 12.51 19.24 -17.04
CA MET B 32 11.56 20.34 -17.23
C MET B 32 12.25 21.69 -17.45
N VAL B 33 13.58 21.65 -17.35
CA VAL B 33 14.36 22.83 -17.68
C VAL B 33 14.45 22.89 -19.18
N THR B 34 14.20 24.06 -19.77
CA THR B 34 14.16 24.27 -21.23
C THR B 34 15.02 25.42 -21.64
N ASP B 35 15.25 25.60 -22.94
CA ASP B 35 16.13 26.70 -23.44
C ASP B 35 15.53 27.61 -24.49
N ASP B 36 14.22 27.63 -24.60
CA ASP B 36 13.53 28.52 -25.52
C ASP B 36 13.53 29.98 -25.05
N ASP B 37 13.02 30.85 -25.92
CA ASP B 37 13.00 32.32 -25.74
C ASP B 37 11.78 32.89 -25.01
N ARG B 38 11.06 32.06 -24.26
CA ARG B 38 9.79 32.48 -23.63
C ARG B 38 9.81 33.78 -22.86
N ARG B 39 10.85 34.01 -22.07
CA ARG B 39 10.87 35.16 -21.18
C ARG B 39 11.77 36.27 -21.73
N TRP B 40 12.89 35.85 -22.32
CA TRP B 40 13.80 36.76 -22.97
C TRP B 40 14.68 35.98 -23.96
N LYS B 41 15.36 36.66 -24.88
CA LYS B 41 16.14 35.96 -25.93
C LYS B 41 17.19 35.15 -25.18
N ALA B 42 17.32 33.86 -25.47
CA ALA B 42 18.22 33.02 -24.67
C ALA B 42 19.65 33.43 -24.99
N GLY B 43 20.49 33.56 -23.98
CA GLY B 43 21.87 34.07 -24.16
C GLY B 43 22.06 35.52 -23.74
N LEU B 44 20.97 36.29 -23.73
CA LEU B 44 20.98 37.70 -23.40
C LEU B 44 21.88 38.02 -22.22
N TYR B 45 22.70 39.06 -22.38
CA TYR B 45 23.69 39.44 -21.38
C TYR B 45 24.62 38.30 -20.91
N GLY B 46 24.79 37.26 -21.72
CA GLY B 46 25.65 36.12 -21.38
C GLY B 46 25.02 35.15 -20.41
N LEU B 47 23.70 35.22 -20.26
CA LEU B 47 23.01 34.39 -19.29
C LEU B 47 22.93 32.97 -19.77
N PRO B 48 22.73 32.04 -18.85
CA PRO B 48 22.43 30.69 -19.27
C PRO B 48 21.20 30.65 -20.13
N LYS B 49 21.24 29.80 -21.16
CA LYS B 49 20.09 29.59 -22.04
C LYS B 49 19.00 28.79 -21.34
N ARG B 50 19.37 28.04 -20.33
CA ARG B 50 18.44 27.14 -19.65
C ARG B 50 17.80 27.71 -18.38
N SER B 51 16.49 27.50 -18.23
CA SER B 51 15.77 27.83 -17.00
C SER B 51 14.46 27.05 -16.97
N GLY B 52 13.92 26.86 -15.75
CA GLY B 52 12.64 26.17 -15.58
C GLY B 52 11.51 27.16 -15.79
N LYS B 53 10.66 26.98 -16.81
CA LYS B 53 9.61 28.00 -17.04
C LYS B 53 8.21 27.40 -17.13
N LEU B 54 7.23 28.15 -16.65
CA LEU B 54 5.84 27.75 -16.73
C LEU B 54 5.35 27.77 -18.18
N LYS B 55 4.42 26.91 -18.52
CA LYS B 55 3.91 26.89 -19.88
C LYS B 55 3.22 28.18 -20.23
N ASP B 56 2.38 28.70 -19.35
CA ASP B 56 1.63 29.93 -19.62
C ASP B 56 1.50 30.88 -18.40
N LEU B 57 1.60 32.19 -18.62
CA LEU B 57 1.30 33.24 -17.60
C LEU B 57 0.02 34.06 -17.91
N SER B 58 -0.46 33.92 -19.14
CA SER B 58 -1.55 34.75 -19.67
C SER B 58 -2.98 34.40 -19.26
N LYS B 59 -3.22 33.24 -18.63
CA LYS B 59 -4.59 32.82 -18.29
C LYS B 59 -4.98 33.11 -16.83
N PHE B 60 -6.28 33.32 -16.64
CA PHE B 60 -6.88 33.73 -15.36
C PHE B 60 -8.37 33.91 -15.50
N ASP B 61 -9.14 33.19 -14.69
CA ASP B 61 -10.59 33.25 -14.75
C ASP B 61 -11.10 34.43 -13.90
N ALA B 62 -10.86 35.62 -14.44
CA ALA B 62 -11.05 36.85 -13.70
C ALA B 62 -12.40 36.99 -13.01
N SER B 63 -13.48 36.69 -13.72
CA SER B 63 -14.80 36.98 -13.11
C SER B 63 -15.07 36.08 -11.91
N PHE B 64 -14.56 34.87 -11.92
CA PHE B 64 -14.70 34.01 -10.75
C PHE B 64 -14.13 34.64 -9.49
N PHE B 65 -13.04 35.37 -9.65
CA PHE B 65 -12.33 36.02 -8.56
C PHE B 65 -12.71 37.48 -8.37
N GLY B 66 -13.74 37.91 -9.09
CA GLY B 66 -14.29 39.23 -8.92
C GLY B 66 -13.40 40.32 -9.44
N VAL B 67 -12.58 40.01 -10.41
CA VAL B 67 -11.63 40.94 -10.94
C VAL B 67 -12.13 41.43 -12.27
N HIS B 68 -12.31 42.75 -12.43
CA HIS B 68 -12.77 43.28 -13.73
C HIS B 68 -11.59 43.29 -14.68
N PRO B 69 -11.86 43.35 -15.99
CA PRO B 69 -10.74 43.12 -16.92
C PRO B 69 -9.60 44.13 -16.86
N LYS B 70 -9.88 45.39 -16.51
CA LYS B 70 -8.83 46.40 -16.49
C LYS B 70 -7.82 46.11 -15.41
N GLN B 71 -8.28 45.47 -14.32
CA GLN B 71 -7.40 45.07 -13.22
C GLN B 71 -6.68 43.76 -13.48
N ALA B 72 -7.39 42.78 -14.02
CA ALA B 72 -6.77 41.53 -14.44
C ALA B 72 -5.51 41.76 -15.25
N HIS B 73 -5.59 42.67 -16.21
CA HIS B 73 -4.44 42.97 -17.05
C HIS B 73 -3.27 43.59 -16.32
N THR B 74 -3.51 44.15 -15.13
CA THR B 74 -2.44 44.76 -14.30
C THR B 74 -2.24 44.05 -12.95
N MET B 75 -2.44 42.73 -12.93
CA MET B 75 -2.09 41.90 -11.79
C MET B 75 -0.77 41.18 -12.07
N ASP B 76 0.05 40.99 -11.04
CA ASP B 76 1.24 40.13 -11.12
C ASP B 76 0.73 38.79 -11.60
N PRO B 77 1.32 38.23 -12.64
CA PRO B 77 0.83 36.91 -12.99
C PRO B 77 1.01 35.90 -11.87
N GLN B 78 2.02 36.09 -11.01
CA GLN B 78 2.13 35.31 -9.78
C GLN B 78 0.83 35.20 -9.04
N LEU B 79 0.14 36.30 -8.89
CA LEU B 79 -1.09 36.36 -8.09
C LEU B 79 -2.29 35.74 -8.80
N ARG B 80 -2.41 36.02 -10.10
CA ARG B 80 -3.48 35.46 -10.91
C ARG B 80 -3.39 33.95 -10.82
N LEU B 81 -2.18 33.42 -11.05
CA LEU B 81 -1.97 32.00 -10.96
C LEU B 81 -2.19 31.47 -9.55
N LEU B 82 -1.73 32.21 -8.56
CA LEU B 82 -1.87 31.76 -7.18
C LEU B 82 -3.35 31.69 -6.76
N LEU B 83 -4.18 32.59 -7.26
CA LEU B 83 -5.59 32.56 -6.92
C LEU B 83 -6.23 31.23 -7.35
N GLU B 84 -5.97 30.83 -8.60
CA GLU B 84 -6.48 29.56 -9.13
C GLU B 84 -5.87 28.40 -8.36
N VAL B 85 -4.57 28.41 -8.16
CA VAL B 85 -3.90 27.30 -7.50
C VAL B 85 -4.37 27.19 -6.04
N SER B 86 -4.58 28.31 -5.37
CA SER B 86 -5.12 28.28 -4.03
C SER B 86 -6.51 27.63 -4.00
N TYR B 87 -7.40 28.03 -4.92
CA TYR B 87 -8.72 27.37 -4.99
C TYR B 87 -8.54 25.88 -5.26
N GLU B 88 -7.73 25.56 -6.26
CA GLU B 88 -7.46 24.16 -6.62
C GLU B 88 -7.03 23.40 -5.39
N ALA B 89 -6.17 23.98 -4.57
CA ALA B 89 -5.60 23.25 -3.42
C ALA B 89 -6.62 22.99 -2.33
N ILE B 90 -7.51 23.94 -2.07
CA ILE B 90 -8.54 23.75 -1.05
C ILE B 90 -9.47 22.61 -1.48
N VAL B 91 -10.00 22.67 -2.70
CA VAL B 91 -10.95 21.63 -3.14
C VAL B 91 -10.24 20.30 -3.36
N ASP B 92 -8.94 20.33 -3.61
CA ASP B 92 -8.15 19.08 -3.69
C ASP B 92 -8.28 18.29 -2.42
N GLY B 93 -8.41 18.97 -1.30
CA GLY B 93 -8.47 18.27 -0.05
C GLY B 93 -9.84 17.80 0.37
N GLY B 94 -10.79 17.86 -0.57
CA GLY B 94 -12.16 17.51 -0.33
C GLY B 94 -12.96 18.52 0.45
N ILE B 95 -12.52 19.77 0.40
CA ILE B 95 -13.07 20.78 1.28
C ILE B 95 -13.71 21.90 0.52
N ASN B 96 -14.97 22.18 0.87
CA ASN B 96 -15.68 23.21 0.16
C ASN B 96 -15.19 24.51 0.75
N PRO B 97 -14.72 25.41 -0.11
CA PRO B 97 -14.17 26.62 0.44
C PRO B 97 -15.12 27.39 1.34
N ALA B 98 -16.43 27.24 1.12
CA ALA B 98 -17.40 27.98 1.95
C ALA B 98 -17.25 27.59 3.40
N SER B 99 -16.82 26.35 3.66
CA SER B 99 -16.68 25.90 5.01
C SER B 99 -15.61 26.66 5.79
N LEU B 100 -14.69 27.33 5.09
CA LEU B 100 -13.65 28.11 5.79
C LEU B 100 -13.85 29.63 5.79
N ARG B 101 -14.84 30.13 5.06
CA ARG B 101 -15.12 31.56 5.04
C ARG B 101 -15.49 32.03 6.42
N GLY B 102 -15.00 33.22 6.76
CA GLY B 102 -15.26 33.80 8.05
C GLY B 102 -14.42 33.25 9.17
N THR B 103 -13.68 32.16 8.93
CA THR B 103 -12.93 31.50 10.01
C THR B 103 -11.60 32.22 10.21
N ASN B 104 -10.86 31.87 11.26
CA ASN B 104 -9.53 32.46 11.47
C ASN B 104 -8.42 31.67 10.74
N THR B 105 -8.75 31.19 9.53
CA THR B 105 -7.79 30.54 8.67
C THR B 105 -6.78 31.57 8.23
N GLY B 106 -5.51 31.18 8.26
CA GLY B 106 -4.40 32.06 7.91
C GLY B 106 -3.90 31.80 6.50
N VAL B 107 -3.11 32.75 6.02
CA VAL B 107 -2.48 32.72 4.71
C VAL B 107 -1.04 33.16 4.86
N TRP B 108 -0.10 32.35 4.38
CA TRP B 108 1.30 32.70 4.41
C TRP B 108 1.86 32.39 3.04
N VAL B 109 2.48 33.37 2.40
CA VAL B 109 2.99 33.18 1.04
C VAL B 109 4.48 33.52 1.03
N GLY B 110 5.28 32.57 0.58
CA GLY B 110 6.71 32.79 0.39
C GLY B 110 6.91 33.40 -0.98
N VAL B 111 7.58 34.55 -1.03
CA VAL B 111 7.72 35.28 -2.28
C VAL B 111 8.84 36.28 -2.13
N SER B 112 9.69 36.32 -3.15
CA SER B 112 10.93 37.08 -3.16
C SER B 112 11.03 38.15 -4.24
N GLY B 113 10.05 38.25 -5.13
CA GLY B 113 10.20 39.08 -6.32
C GLY B 113 8.88 39.68 -6.72
N SER B 114 8.93 40.97 -7.07
CA SER B 114 7.76 41.72 -7.48
C SER B 114 8.06 42.41 -8.82
N GLU B 115 8.55 41.61 -9.76
CA GLU B 115 9.05 42.10 -11.04
C GLU B 115 7.90 42.73 -11.84
N ALA B 116 6.72 42.15 -11.82
CA ALA B 116 5.57 42.80 -12.45
C ALA B 116 5.25 44.20 -11.90
N SER B 117 5.29 44.38 -10.59
CA SER B 117 5.08 45.70 -10.00
C SER B 117 6.04 46.73 -10.56
N GLU B 118 7.28 46.32 -10.79
CA GLU B 118 8.30 47.20 -11.30
C GLU B 118 7.91 47.64 -12.71
N ALA B 119 7.57 46.66 -13.52
CA ALA B 119 7.15 46.88 -14.89
C ALA B 119 5.95 47.78 -14.99
N LEU B 120 4.93 47.50 -14.20
CA LEU B 120 3.68 48.23 -14.29
C LEU B 120 3.69 49.61 -13.64
N SER B 121 4.81 49.98 -13.02
CA SER B 121 4.93 51.31 -12.41
C SER B 121 6.06 52.13 -13.04
N ARG B 122 6.45 51.77 -14.25
CA ARG B 122 7.63 52.42 -14.86
C ARG B 122 7.33 53.78 -15.47
N ASP B 123 6.11 54.00 -15.92
CA ASP B 123 5.77 55.26 -16.56
C ASP B 123 4.74 56.05 -15.74
N PRO B 124 5.18 57.09 -15.02
CA PRO B 124 4.28 57.96 -14.28
C PRO B 124 3.10 58.49 -15.09
N GLU B 125 3.33 58.82 -16.35
CA GLU B 125 2.28 59.39 -17.19
C GLU B 125 1.11 58.40 -17.36
N THR B 126 1.41 57.13 -17.55
CA THR B 126 0.39 56.12 -17.88
C THR B 126 0.07 55.06 -16.83
N LEU B 127 0.79 55.02 -15.71
CA LEU B 127 0.59 53.93 -14.76
C LEU B 127 -0.74 54.01 -14.06
N LEU B 128 -1.20 52.88 -13.57
CA LEU B 128 -2.48 52.81 -12.88
C LEU B 128 -2.30 52.58 -11.40
N GLY B 129 -3.15 53.24 -10.62
CA GLY B 129 -3.15 53.00 -9.18
C GLY B 129 -3.40 51.55 -8.88
N TYR B 130 -4.37 50.95 -9.57
CA TYR B 130 -4.74 49.57 -9.25
C TYR B 130 -3.63 48.55 -9.49
N SER B 131 -2.61 48.90 -10.26
CA SER B 131 -1.45 48.03 -10.38
C SER B 131 -0.81 47.65 -9.03
N MET B 132 -0.75 48.60 -8.09
CA MET B 132 -0.28 48.32 -6.74
C MET B 132 -1.12 47.26 -6.07
N VAL B 133 -2.43 47.34 -6.21
CA VAL B 133 -3.31 46.36 -5.57
C VAL B 133 -3.19 44.96 -6.20
N GLY B 134 -2.61 44.88 -7.39
CA GLY B 134 -2.41 43.61 -8.04
C GLY B 134 -0.98 43.14 -8.06
N CYS B 135 -0.04 44.01 -7.67
CA CYS B 135 1.37 43.69 -7.78
C CYS B 135 2.24 43.79 -6.54
N GLN B 136 1.86 44.63 -5.56
CA GLN B 136 2.69 44.85 -4.36
C GLN B 136 2.79 43.56 -3.58
N ARG B 137 3.95 43.30 -3.00
CA ARG B 137 4.21 42.02 -2.35
C ARG B 137 3.19 41.60 -1.30
N ALA B 138 2.74 42.54 -0.47
CA ALA B 138 1.74 42.23 0.54
C ALA B 138 0.48 41.66 -0.06
N MET B 139 0.11 42.11 -1.26
CA MET B 139 -1.11 41.64 -1.88
C MET B 139 -1.06 40.17 -2.26
N MET B 140 0.14 39.60 -2.50
CA MET B 140 0.24 38.20 -2.86
C MET B 140 -0.44 37.32 -1.80
N ALA B 141 -0.45 37.80 -0.56
CA ALA B 141 -1.17 37.17 0.53
C ALA B 141 -2.53 37.79 0.76
N ASN B 142 -2.55 39.12 0.82
CA ASN B 142 -3.77 39.83 1.20
C ASN B 142 -4.96 39.62 0.22
N ARG B 143 -4.70 39.44 -1.08
CA ARG B 143 -5.79 39.22 -2.04
C ARG B 143 -6.38 37.84 -1.91
N LEU B 144 -5.56 36.89 -1.48
CA LEU B 144 -6.06 35.57 -1.20
C LEU B 144 -7.00 35.69 0.00
N SER B 145 -6.52 36.30 1.09
CA SER B 145 -7.31 36.44 2.31
C SER B 145 -8.65 37.13 1.96
N PHE B 146 -8.61 38.11 1.08
CA PHE B 146 -9.80 38.87 0.63
C PHE B 146 -10.79 38.03 -0.14
N PHE B 147 -10.30 37.23 -1.06
CA PHE B 147 -11.20 36.41 -1.88
C PHE B 147 -11.88 35.28 -1.12
N PHE B 148 -11.08 34.52 -0.37
CA PHE B 148 -11.54 33.37 0.39
C PHE B 148 -12.18 33.72 1.75
N ASP B 149 -12.19 35.00 2.13
CA ASP B 149 -12.67 35.44 3.43
C ASP B 149 -11.97 34.71 4.59
N PHE B 150 -10.65 34.67 4.54
CA PHE B 150 -9.85 34.08 5.59
C PHE B 150 -9.33 35.20 6.51
N LYS B 151 -9.87 35.24 7.73
CA LYS B 151 -9.64 36.35 8.66
C LYS B 151 -8.47 36.16 9.64
N GLY B 152 -7.80 35.01 9.61
CA GLY B 152 -6.53 34.87 10.35
C GLY B 152 -5.41 35.69 9.70
N PRO B 153 -4.14 35.48 10.12
CA PRO B 153 -3.00 36.19 9.57
C PRO B 153 -2.91 36.15 8.06
N SER B 154 -2.35 37.21 7.47
CA SER B 154 -2.17 37.30 6.01
C SER B 154 -0.84 37.94 5.77
N ILE B 155 0.16 37.11 5.54
CA ILE B 155 1.55 37.53 5.55
C ILE B 155 2.26 37.06 4.31
N ALA B 156 2.99 37.97 3.71
CA ALA B 156 3.90 37.64 2.63
C ALA B 156 5.28 37.69 3.24
N LEU B 157 6.02 36.59 3.20
CA LEU B 157 7.36 36.60 3.81
C LEU B 157 8.45 36.23 2.86
N ASP B 158 9.64 36.78 3.11
CA ASP B 158 10.82 36.59 2.26
C ASP B 158 12.03 36.23 3.10
N THR B 159 12.51 35.01 2.90
CA THR B 159 13.76 34.57 3.44
C THR B 159 14.61 33.96 2.32
N ALA B 160 14.39 34.49 1.12
CA ALA B 160 14.91 33.93 -0.12
C ALA B 160 14.50 32.45 -0.25
N CYS B 161 15.39 31.53 -0.61
CA CYS B 161 14.96 30.19 -1.00
C CYS B 161 14.08 29.44 -0.01
N SER B 162 14.23 29.74 1.27
CA SER B 162 13.45 29.06 2.31
C SER B 162 12.05 29.62 2.55
N SER B 163 11.60 30.60 1.76
CA SER B 163 10.41 31.37 2.10
C SER B 163 9.16 30.51 2.14
N SER B 164 8.96 29.63 1.16
CA SER B 164 7.71 28.89 1.10
C SER B 164 7.71 27.83 2.18
N LEU B 165 8.83 27.18 2.43
CA LEU B 165 8.82 26.21 3.53
C LEU B 165 8.75 26.88 4.90
N LEU B 166 9.33 28.07 5.03
CA LEU B 166 9.16 28.86 6.24
C LEU B 166 7.68 29.22 6.42
N ALA B 167 7.02 29.59 5.35
CA ALA B 167 5.58 29.80 5.39
C ALA B 167 4.86 28.54 5.88
N LEU B 168 5.21 27.37 5.34
CA LEU B 168 4.66 26.11 5.88
C LEU B 168 4.87 26.00 7.39
N GLN B 169 6.09 26.26 7.81
CA GLN B 169 6.49 26.18 9.20
C GLN B 169 5.72 27.18 10.07
N ASN B 170 5.61 28.44 9.65
CA ASN B 170 4.84 29.41 10.42
C ASN B 170 3.36 28.99 10.54
N ALA B 171 2.78 28.54 9.43
CA ALA B 171 1.38 28.10 9.40
C ALA B 171 1.21 26.91 10.34
N TYR B 172 2.13 25.97 10.23
CA TYR B 172 2.18 24.82 11.13
C TYR B 172 2.10 25.20 12.59
N GLN B 173 2.85 26.21 13.04
CA GLN B 173 2.81 26.59 14.46
C GLN B 173 1.50 27.28 14.82
N ALA B 174 0.94 28.03 13.89
CA ALA B 174 -0.33 28.69 14.11
C ALA B 174 -1.47 27.71 14.30
N ILE B 175 -1.40 26.58 13.60
CA ILE B 175 -2.43 25.57 13.71
C ILE B 175 -2.21 24.78 14.99
N ARG B 176 -0.96 24.38 15.24
CA ARG B 176 -0.61 23.60 16.44
C ARG B 176 -1.01 24.34 17.68
N SER B 177 -0.84 25.64 17.67
CA SER B 177 -1.08 26.44 18.86
C SER B 177 -2.54 26.68 19.13
N GLY B 178 -3.42 26.50 18.14
CA GLY B 178 -4.77 26.98 18.29
C GLY B 178 -5.11 28.30 17.61
N GLU B 179 -4.14 29.17 17.27
CA GLU B 179 -4.43 30.42 16.53
C GLU B 179 -5.40 30.19 15.38
N CYS B 180 -5.13 29.15 14.60
CA CYS B 180 -5.81 28.91 13.34
C CYS B 180 -6.27 27.48 13.17
N PRO B 181 -7.50 27.30 12.67
CA PRO B 181 -7.96 25.96 12.34
C PRO B 181 -7.34 25.42 11.08
N ALA B 182 -6.89 26.30 10.19
CA ALA B 182 -6.33 25.90 8.91
C ALA B 182 -5.50 27.01 8.33
N ALA B 183 -4.82 26.74 7.23
CA ALA B 183 -3.96 27.74 6.63
C ALA B 183 -3.68 27.43 5.19
N LEU B 184 -3.68 28.47 4.38
CA LEU B 184 -3.34 28.40 2.97
C LEU B 184 -1.91 28.85 2.87
N VAL B 185 -1.05 28.06 2.26
CA VAL B 185 0.37 28.33 2.23
C VAL B 185 0.77 28.35 0.78
N GLY B 186 1.36 29.44 0.34
CA GLY B 186 1.73 29.60 -1.07
C GLY B 186 3.22 29.82 -1.28
N GLY B 187 3.70 29.47 -2.47
CA GLY B 187 5.06 29.79 -2.88
C GLY B 187 5.04 30.20 -4.33
N ILE B 188 5.67 31.33 -4.67
CA ILE B 188 5.65 31.85 -6.04
C ILE B 188 6.97 32.44 -6.51
N ASN B 189 7.28 32.15 -7.77
CA ASN B 189 8.48 32.72 -8.41
C ASN B 189 8.31 32.78 -9.92
N LEU B 190 8.61 33.92 -10.52
CA LEU B 190 8.60 34.08 -11.96
C LEU B 190 9.91 34.67 -12.44
N LEU B 191 10.28 34.39 -13.69
CA LEU B 191 11.53 34.90 -14.24
C LEU B 191 11.18 35.90 -15.33
N LEU B 192 10.67 37.07 -14.97
CA LEU B 192 10.24 38.07 -15.95
C LEU B 192 11.34 39.03 -16.39
N LYS B 193 12.23 39.34 -15.44
CA LYS B 193 13.18 40.41 -15.57
C LYS B 193 14.58 39.80 -15.66
N PRO B 194 15.25 39.92 -16.82
CA PRO B 194 16.57 39.36 -16.98
C PRO B 194 17.62 39.90 -16.04
N ASN B 195 17.51 41.16 -15.63
CA ASN B 195 18.59 41.78 -14.84
C ASN B 195 18.82 40.97 -13.55
N THR B 196 17.73 40.40 -13.03
CA THR B 196 17.79 39.57 -11.86
C THR B 196 18.68 38.34 -12.07
N SER B 197 18.49 37.61 -13.17
CA SER B 197 19.37 36.49 -13.49
C SER B 197 20.84 36.96 -13.61
N VAL B 198 21.07 38.18 -14.10
CA VAL B 198 22.41 38.71 -14.22
C VAL B 198 23.03 38.92 -12.84
N GLN B 199 22.31 39.55 -11.92
CA GLN B 199 22.79 39.66 -10.54
C GLN B 199 23.20 38.29 -9.99
N PHE B 200 22.33 37.29 -10.13
CA PHE B 200 22.66 35.95 -9.65
C PHE B 200 23.89 35.38 -10.36
N MET B 201 23.96 35.56 -11.69
CA MET B 201 25.12 35.11 -12.47
C MET B 201 26.38 35.74 -11.91
N LYS B 202 26.34 37.05 -11.70
CA LYS B 202 27.52 37.78 -11.24
C LYS B 202 27.92 37.41 -9.84
N LEU B 203 26.98 37.00 -8.98
CA LEU B 203 27.33 36.39 -7.68
C LEU B 203 27.95 35.00 -7.73
N GLY B 204 28.03 34.40 -8.92
CA GLY B 204 28.53 33.05 -9.09
C GLY B 204 27.59 31.93 -8.72
N MET B 205 26.29 32.21 -8.61
CA MET B 205 25.35 31.22 -8.14
C MET B 205 24.74 30.38 -9.25
N LEU B 206 24.77 30.85 -10.50
CA LEU B 206 24.10 30.11 -11.57
C LEU B 206 25.08 29.29 -12.34
N SER B 207 24.74 28.03 -12.55
CA SER B 207 25.51 27.18 -13.41
C SER B 207 25.26 27.59 -14.85
N PRO B 208 26.33 27.65 -15.69
CA PRO B 208 26.18 27.97 -17.11
C PRO B 208 25.33 26.98 -17.87
N ASP B 209 25.59 25.69 -17.62
CA ASP B 209 24.72 24.60 -18.11
C ASP B 209 23.24 24.68 -17.70
N GLY B 210 22.88 25.59 -16.81
CA GLY B 210 21.49 25.79 -16.42
C GLY B 210 20.92 24.52 -15.86
N THR B 211 21.65 23.92 -14.92
CA THR B 211 21.29 22.62 -14.38
C THR B 211 21.69 22.49 -12.92
N CYS B 212 20.76 22.04 -12.09
CA CYS B 212 21.06 21.72 -10.70
C CYS B 212 21.53 20.29 -10.70
N ARG B 213 22.83 20.05 -10.66
CA ARG B 213 23.27 18.65 -10.68
C ARG B 213 23.39 18.16 -9.25
N SER B 214 22.25 18.07 -8.58
CA SER B 214 22.22 17.77 -7.17
C SER B 214 23.09 16.56 -6.84
N PHE B 215 24.09 16.83 -6.00
CA PHE B 215 25.00 15.85 -5.42
C PHE B 215 26.12 15.40 -6.33
N ASP B 216 26.13 15.80 -7.60
CA ASP B 216 27.14 15.35 -8.56
C ASP B 216 28.40 16.16 -8.35
N ASP B 217 29.53 15.52 -8.57
CA ASP B 217 30.84 16.15 -8.72
C ASP B 217 30.81 17.31 -9.72
N SER B 218 30.03 17.15 -10.78
CA SER B 218 29.94 18.06 -11.90
C SER B 218 29.25 19.40 -11.55
N GLY B 219 28.58 19.42 -10.40
CA GLY B 219 27.73 20.54 -10.02
C GLY B 219 28.47 21.83 -9.82
N SER B 220 27.95 22.88 -10.45
CA SER B 220 28.64 24.13 -10.61
C SER B 220 27.73 25.35 -10.49
N GLY B 221 26.69 25.27 -9.68
CA GLY B 221 25.67 26.32 -9.61
C GLY B 221 24.26 25.81 -9.82
N TYR B 222 23.27 26.70 -9.70
CA TYR B 222 21.86 26.33 -9.86
C TYR B 222 21.21 26.88 -11.11
N CYS B 223 20.05 26.28 -11.41
CA CYS B 223 19.21 26.67 -12.54
C CYS B 223 18.02 27.44 -12.00
N ARG B 224 17.74 28.61 -12.53
CA ARG B 224 16.59 29.38 -12.02
C ARG B 224 15.35 28.84 -12.63
N SER B 225 14.28 28.84 -11.86
CA SER B 225 13.03 28.27 -12.30
C SER B 225 11.85 28.96 -11.67
N GLU B 226 10.70 28.69 -12.26
CA GLU B 226 9.45 29.30 -11.87
C GLU B 226 8.60 28.27 -11.18
N ALA B 227 7.59 28.73 -10.46
CA ALA B 227 6.68 27.85 -9.76
C ALA B 227 5.59 28.66 -9.06
N VAL B 228 4.39 28.11 -9.08
CA VAL B 228 3.30 28.65 -8.31
C VAL B 228 2.70 27.45 -7.63
N VAL B 229 2.80 27.40 -6.31
CA VAL B 229 2.34 26.24 -5.57
C VAL B 229 1.57 26.67 -4.36
N ALA B 230 0.55 25.91 -4.06
CA ALA B 230 -0.19 26.16 -2.81
C ALA B 230 -0.59 24.85 -2.18
N VAL B 231 -0.78 24.93 -0.89
CA VAL B 231 -1.01 23.78 -0.06
C VAL B 231 -2.00 24.22 1.01
N LEU B 232 -2.94 23.35 1.36
CA LEU B 232 -3.88 23.65 2.45
C LEU B 232 -3.45 22.81 3.62
N LEU B 233 -3.19 23.45 4.76
CA LEU B 233 -3.03 22.74 6.03
C LEU B 233 -4.29 22.90 6.86
N THR B 234 -4.64 21.85 7.61
CA THR B 234 -5.74 21.93 8.59
C THR B 234 -5.33 21.17 9.83
N LYS B 235 -6.02 21.46 10.92
CA LYS B 235 -5.96 20.57 12.06
C LYS B 235 -6.67 19.25 11.69
N LYS B 236 -6.23 18.12 12.24
CA LYS B 236 -6.71 16.78 11.83
C LYS B 236 -8.23 16.69 11.78
N SER B 237 -8.90 17.21 12.79
CA SER B 237 -10.35 17.16 12.84
C SER B 237 -11.09 17.73 11.62
N LEU B 238 -10.50 18.66 10.87
CA LEU B 238 -11.18 19.23 9.68
C LEU B 238 -10.86 18.53 8.39
N ALA B 239 -9.88 17.62 8.40
CA ALA B 239 -9.38 17.04 7.16
C ALA B 239 -10.32 16.02 6.60
N ARG B 240 -10.32 15.93 5.26
CA ARG B 240 -10.90 14.80 4.58
C ARG B 240 -9.72 14.05 4.04
N ARG B 241 -9.07 14.61 3.02
CA ARG B 241 -7.85 14.02 2.48
C ARG B 241 -6.74 14.38 3.44
N VAL B 242 -5.77 13.48 3.58
CA VAL B 242 -4.56 13.73 4.37
C VAL B 242 -3.37 13.12 3.65
N TYR B 243 -2.51 13.97 3.07
CA TYR B 243 -1.32 13.49 2.43
C TYR B 243 -0.31 13.05 3.49
N ALA B 244 -0.14 13.86 4.52
CA ALA B 244 0.81 13.55 5.57
C ALA B 244 0.53 14.36 6.81
N THR B 245 1.08 13.93 7.92
CA THR B 245 0.98 14.67 9.14
C THR B 245 2.33 15.32 9.43
N ILE B 246 2.31 16.59 9.83
CA ILE B 246 3.54 17.30 10.12
C ILE B 246 3.87 16.97 11.57
N LEU B 247 4.92 16.17 11.77
CA LEU B 247 5.38 15.81 13.10
C LEU B 247 6.14 16.94 13.76
N ASN B 248 6.92 17.67 13.00
CA ASN B 248 7.70 18.76 13.58
C ASN B 248 8.26 19.66 12.48
N ALA B 249 8.58 20.88 12.85
CA ALA B 249 9.20 21.78 11.94
C ALA B 249 9.79 22.96 12.64
N GLY B 250 10.97 23.39 12.22
CA GLY B 250 11.54 24.60 12.76
C GLY B 250 12.41 25.34 11.80
N THR B 251 12.87 26.50 12.26
CA THR B 251 13.83 27.32 11.48
C THR B 251 14.89 27.80 12.43
N ASN B 252 16.11 27.90 11.96
CA ASN B 252 17.14 28.73 12.57
C ASN B 252 17.85 29.54 11.47
N THR B 253 18.94 30.19 11.82
CA THR B 253 19.68 31.02 10.89
C THR B 253 21.18 30.89 11.14
N ASP B 254 21.95 30.79 10.06
CA ASP B 254 23.38 30.49 10.13
C ASP B 254 24.12 31.43 11.06
N GLY B 255 23.66 32.67 11.11
CA GLY B 255 24.28 33.67 11.96
C GLY B 255 25.55 34.14 11.28
N SER B 256 26.57 34.32 12.09
CA SER B 256 27.85 34.84 11.68
C SER B 256 28.77 33.75 11.18
N LYS B 257 29.39 33.97 10.03
CA LYS B 257 30.27 33.00 9.37
C LYS B 257 31.44 33.74 8.73
N GLU B 258 32.67 33.31 9.04
CA GLU B 258 33.88 33.95 8.49
C GLU B 258 33.84 34.00 6.95
N GLN B 259 33.28 32.99 6.30
CA GLN B 259 33.41 32.86 4.86
C GLN B 259 32.50 33.83 4.08
N GLY B 260 31.53 34.48 4.74
CA GLY B 260 30.65 35.45 4.08
C GLY B 260 29.15 35.18 4.25
N VAL B 261 28.31 36.16 3.94
CA VAL B 261 26.88 35.96 4.23
C VAL B 261 26.19 34.87 3.40
N THR B 262 26.71 34.55 2.22
CA THR B 262 26.07 33.57 1.34
C THR B 262 26.79 32.19 1.34
N PHE B 263 27.61 31.95 2.34
CA PHE B 263 28.23 30.66 2.50
C PHE B 263 27.32 29.86 3.42
N PRO B 264 26.81 28.72 2.97
CA PRO B 264 25.96 27.95 3.85
C PRO B 264 26.72 27.28 5.02
N SER B 265 26.22 27.44 6.23
CA SER B 265 26.82 26.81 7.39
C SER B 265 26.23 25.47 7.61
N GLY B 266 26.88 24.44 7.05
CA GLY B 266 26.53 23.06 7.38
C GLY B 266 26.41 22.77 8.88
N GLU B 267 27.20 23.45 9.71
CA GLU B 267 27.13 23.18 11.14
C GLU B 267 25.84 23.66 11.72
N VAL B 268 25.38 24.83 11.28
CA VAL B 268 24.13 25.37 11.82
C VAL B 268 22.92 24.65 11.25
N GLN B 269 23.03 24.18 10.01
CA GLN B 269 21.97 23.37 9.42
C GLN B 269 21.81 22.11 10.24
N GLU B 270 22.95 21.47 10.53
CA GLU B 270 23.01 20.29 11.38
C GLU B 270 22.34 20.57 12.70
N GLN B 271 22.66 21.72 13.30
CA GLN B 271 22.05 22.13 14.58
C GLN B 271 20.55 22.16 14.52
N LEU B 272 20.01 22.70 13.43
CA LEU B 272 18.55 22.78 13.26
C LEU B 272 17.95 21.38 13.22
N ILE B 273 18.57 20.50 12.43
CA ILE B 273 18.08 19.15 12.29
C ILE B 273 18.08 18.46 13.66
N CYS B 274 19.19 18.59 14.39
CA CYS B 274 19.34 17.90 15.66
C CYS B 274 18.28 18.32 16.63
N SER B 275 17.87 19.59 16.56
CA SER B 275 16.92 20.13 17.51
C SER B 275 15.51 19.59 17.32
N LEU B 276 15.24 19.01 16.17
CA LEU B 276 13.89 18.64 15.77
C LEU B 276 13.60 17.15 15.86
N TYR B 277 14.65 16.33 15.93
CA TYR B 277 14.49 14.89 16.00
C TYR B 277 14.54 14.40 17.45
N GLN B 278 15.73 14.02 17.93
CA GLN B 278 15.83 13.32 19.21
C GLN B 278 15.17 14.10 20.37
N PRO B 279 15.32 15.44 20.43
CA PRO B 279 14.65 16.18 21.47
C PRO B 279 13.14 16.18 21.44
N ALA B 280 12.52 15.70 20.37
CA ALA B 280 11.05 15.69 20.27
C ALA B 280 10.51 14.28 20.25
N GLY B 281 11.35 13.30 20.51
CA GLY B 281 10.92 11.93 20.47
C GLY B 281 10.89 11.31 19.11
N LEU B 282 11.52 11.97 18.14
CA LEU B 282 11.50 11.48 16.75
C LEU B 282 12.90 11.00 16.46
N ALA B 283 13.03 9.74 16.08
CA ALA B 283 14.34 9.21 15.88
C ALA B 283 14.78 9.31 14.44
N PRO B 284 16.01 9.71 14.21
CA PRO B 284 16.54 9.61 12.84
C PRO B 284 16.41 8.22 12.24
N GLU B 285 16.46 7.17 13.06
CA GLU B 285 16.18 5.81 12.55
C GLU B 285 14.81 5.75 11.82
N SER B 286 13.83 6.54 12.24
CA SER B 286 12.50 6.49 11.65
C SER B 286 12.37 7.03 10.23
N LEU B 287 13.34 7.81 9.75
CA LEU B 287 13.24 8.36 8.41
C LEU B 287 13.45 7.29 7.36
N GLU B 288 12.62 7.31 6.31
CA GLU B 288 12.97 6.61 5.08
C GLU B 288 13.80 7.44 4.08
N TYR B 289 13.39 8.70 3.90
CA TYR B 289 13.89 9.57 2.82
C TYR B 289 14.01 10.98 3.35
N ILE B 290 15.00 11.69 2.84
CA ILE B 290 15.12 13.13 3.11
C ILE B 290 15.23 13.85 1.77
N GLU B 291 14.34 14.84 1.57
CA GLU B 291 14.38 15.72 0.38
C GLU B 291 15.32 16.81 0.76
N ALA B 292 16.49 16.82 0.13
CA ALA B 292 17.51 17.81 0.41
C ALA B 292 17.23 19.04 -0.41
N HIS B 293 17.79 20.14 0.06
CA HIS B 293 17.77 21.38 -0.67
C HIS B 293 18.38 21.15 -2.04
N GLY B 294 19.65 20.76 -2.07
CA GLY B 294 20.28 20.19 -3.26
C GLY B 294 20.31 21.09 -4.48
N THR B 295 20.78 22.30 -4.31
CA THR B 295 20.89 23.21 -5.44
C THR B 295 22.04 22.85 -6.39
N GLY B 296 22.99 22.03 -5.95
CA GLY B 296 24.05 21.51 -6.84
C GLY B 296 25.20 22.48 -7.06
N THR B 297 25.68 23.03 -5.94
CA THR B 297 26.75 24.02 -5.91
C THR B 297 28.01 23.42 -5.28
N LYS B 298 29.19 23.85 -5.76
CA LYS B 298 30.48 23.29 -5.29
C LYS B 298 30.58 23.29 -3.76
N VAL B 299 30.12 24.39 -3.17
CA VAL B 299 30.29 24.63 -1.75
C VAL B 299 29.13 24.06 -0.93
N GLY B 300 27.90 24.30 -1.37
CA GLY B 300 26.72 24.10 -0.55
C GLY B 300 26.23 22.66 -0.44
N ASP B 301 26.36 21.91 -1.53
CA ASP B 301 26.07 20.48 -1.52
C ASP B 301 26.82 19.69 -0.42
N PRO B 302 28.16 19.84 -0.34
CA PRO B 302 28.85 19.16 0.76
C PRO B 302 28.48 19.67 2.14
N GLN B 303 28.38 20.98 2.31
CA GLN B 303 27.94 21.53 3.59
C GLN B 303 26.65 20.87 4.07
N GLU B 304 25.69 20.81 3.15
CA GLU B 304 24.36 20.30 3.47
C GLU B 304 24.36 18.83 3.79
N LEU B 305 24.90 18.04 2.85
CA LEU B 305 24.88 16.57 2.97
C LEU B 305 25.75 16.06 4.08
N ASN B 306 26.87 16.72 4.32
CA ASN B 306 27.71 16.37 5.46
C ASN B 306 26.96 16.72 6.78
N GLY B 307 26.34 17.89 6.84
CA GLY B 307 25.36 18.19 7.90
C GLY B 307 24.29 17.12 8.13
N ILE B 308 23.72 16.58 7.04
CA ILE B 308 22.77 15.46 7.14
C ILE B 308 23.48 14.20 7.70
N THR B 309 24.69 13.93 7.18
CA THR B 309 25.48 12.82 7.67
C THR B 309 25.64 12.90 9.21
N ARG B 310 26.05 14.05 9.73
CA ARG B 310 26.28 14.19 11.16
C ARG B 310 25.02 14.25 12.03
N SER B 311 23.93 14.81 11.51
CA SER B 311 22.70 15.02 12.31
C SER B 311 21.78 13.81 12.31
N LEU B 312 21.78 13.05 11.22
CA LEU B 312 20.87 11.94 11.01
C LEU B 312 21.57 10.58 10.74
N CYS B 313 22.47 10.52 9.75
CA CYS B 313 23.12 9.23 9.39
C CYS B 313 23.82 8.58 10.57
N ALA B 314 24.51 9.41 11.35
CA ALA B 314 25.23 8.96 12.53
C ALA B 314 24.37 8.30 13.59
N PHE B 315 23.05 8.36 13.48
CA PHE B 315 22.18 7.68 14.41
C PHE B 315 21.32 6.63 13.71
N ARG B 316 21.84 6.01 12.65
CA ARG B 316 21.08 5.08 11.82
C ARG B 316 21.84 3.84 11.45
N GLN B 317 21.21 2.67 11.56
CA GLN B 317 21.73 1.44 10.96
C GLN B 317 21.68 1.51 9.44
N ALA B 318 20.52 1.87 8.90
CA ALA B 318 20.27 1.74 7.45
C ALA B 318 20.66 2.97 6.62
N PRO B 319 20.99 2.78 5.33
CA PRO B 319 21.19 3.91 4.44
C PRO B 319 19.98 4.83 4.43
N LEU B 320 20.21 6.13 4.29
CA LEU B 320 19.14 7.10 4.18
C LEU B 320 19.02 7.46 2.72
N LEU B 321 17.81 7.38 2.20
CA LEU B 321 17.57 7.75 0.82
C LEU B 321 17.54 9.26 0.76
N ILE B 322 18.11 9.81 -0.30
CA ILE B 322 18.16 11.26 -0.46
C ILE B 322 17.85 11.67 -1.90
N GLY B 323 17.11 12.76 -2.08
CA GLY B 323 16.85 13.32 -3.41
C GLY B 323 16.69 14.83 -3.38
N SER B 324 16.56 15.41 -4.56
CA SER B 324 16.27 16.81 -4.69
C SER B 324 15.52 17.05 -5.96
N THR B 325 14.31 17.55 -5.80
CA THR B 325 13.43 17.91 -6.89
C THR B 325 14.08 18.94 -7.82
N LYS B 326 15.10 19.65 -7.36
CA LYS B 326 15.76 20.61 -8.22
C LYS B 326 16.51 19.99 -9.40
N SER B 327 16.95 18.74 -9.26
CA SER B 327 17.56 18.04 -10.40
C SER B 327 16.58 17.92 -11.57
N ASN B 328 15.32 17.72 -11.21
CA ASN B 328 14.26 17.60 -12.18
C ASN B 328 13.78 18.87 -12.88
N MET B 329 13.63 19.97 -12.13
CA MET B 329 12.95 21.18 -12.64
C MET B 329 13.68 22.48 -12.34
N GLY B 330 14.88 22.37 -11.78
CA GLY B 330 15.61 23.55 -11.32
C GLY B 330 15.10 24.08 -9.98
N HIS B 331 15.61 25.26 -9.64
CA HIS B 331 15.41 25.84 -8.35
C HIS B 331 14.50 27.04 -8.48
N PRO B 332 13.28 26.98 -7.90
CA PRO B 332 12.39 28.13 -8.01
C PRO B 332 12.46 29.03 -6.79
N GLU B 333 13.66 29.13 -6.23
CA GLU B 333 13.98 30.14 -5.25
C GLU B 333 12.96 30.10 -4.09
N PRO B 334 12.20 31.16 -3.82
CA PRO B 334 11.39 30.99 -2.59
C PRO B 334 10.35 29.88 -2.63
N ALA B 335 9.94 29.46 -3.82
CA ALA B 335 8.93 28.41 -3.95
C ALA B 335 9.54 27.03 -3.89
N SER B 336 10.86 26.95 -3.73
CA SER B 336 11.59 25.67 -3.68
C SER B 336 10.99 24.64 -2.72
N GLY B 337 10.59 25.10 -1.52
CA GLY B 337 10.14 24.20 -0.50
C GLY B 337 8.83 23.52 -0.81
N LEU B 338 7.84 24.30 -1.22
CA LEU B 338 6.57 23.70 -1.61
C LEU B 338 6.69 22.98 -2.93
N ALA B 339 7.58 23.39 -3.81
CA ALA B 339 7.74 22.64 -5.04
C ALA B 339 8.21 21.24 -4.65
N ALA B 340 9.19 21.17 -3.76
CA ALA B 340 9.75 19.89 -3.31
C ALA B 340 8.73 19.09 -2.53
N LEU B 341 7.94 19.79 -1.71
CA LEU B 341 6.88 19.14 -0.98
C LEU B 341 5.95 18.35 -1.91
N THR B 342 5.53 18.95 -3.02
CA THR B 342 4.64 18.25 -3.96
C THR B 342 5.30 17.00 -4.56
N LYS B 343 6.61 17.06 -4.86
CA LYS B 343 7.33 15.88 -5.27
C LYS B 343 7.21 14.78 -4.20
N VAL B 344 7.44 15.11 -2.94
CA VAL B 344 7.40 14.14 -1.87
C VAL B 344 6.01 13.57 -1.74
N LEU B 345 5.01 14.41 -1.69
CA LEU B 345 3.65 13.92 -1.54
C LEU B 345 3.18 13.10 -2.76
N LEU B 346 3.48 13.55 -3.98
CA LEU B 346 3.12 12.74 -5.14
C LEU B 346 3.83 11.37 -5.09
N SER B 347 5.12 11.39 -4.78
CA SER B 347 5.88 10.15 -4.59
C SER B 347 5.21 9.21 -3.59
N LEU B 348 4.87 9.74 -2.41
CA LEU B 348 4.23 8.92 -1.39
C LEU B 348 2.93 8.35 -1.91
N GLU B 349 2.08 9.20 -2.50
CA GLU B 349 0.78 8.77 -2.98
C GLU B 349 0.87 7.67 -4.05
N HIS B 350 1.86 7.73 -4.93
CA HIS B 350 1.98 6.72 -5.96
C HIS B 350 2.79 5.50 -5.53
N GLY B 351 3.33 5.51 -4.33
CA GLY B 351 4.15 4.40 -3.85
C GLY B 351 5.56 4.31 -4.40
N VAL B 352 6.07 5.35 -5.05
CA VAL B 352 7.35 5.29 -5.71
C VAL B 352 8.06 6.66 -5.61
N TRP B 353 9.33 6.65 -5.16
CA TRP B 353 10.15 7.85 -5.11
C TRP B 353 10.55 8.23 -6.51
N ALA B 354 10.25 9.47 -6.89
CA ALA B 354 10.65 9.95 -8.19
C ALA B 354 12.13 10.26 -8.14
N PRO B 355 12.86 9.77 -9.11
CA PRO B 355 14.30 9.85 -9.08
C PRO B 355 14.89 11.19 -9.48
N ASN B 356 16.10 11.48 -9.02
CA ASN B 356 16.82 12.67 -9.44
C ASN B 356 17.29 12.49 -10.83
N LEU B 357 17.46 13.59 -11.53
CA LEU B 357 18.31 13.58 -12.70
C LEU B 357 19.72 14.01 -12.36
N HIS B 358 20.54 13.83 -13.39
CA HIS B 358 21.91 14.35 -13.44
C HIS B 358 22.92 13.84 -12.42
N PHE B 359 22.61 12.71 -11.78
CA PHE B 359 23.49 12.12 -10.79
C PHE B 359 24.29 10.99 -11.39
N HIS B 360 25.50 11.32 -11.86
CA HIS B 360 26.43 10.36 -12.41
C HIS B 360 27.59 10.00 -11.50
N ASN B 361 28.18 10.95 -10.78
CA ASN B 361 29.39 10.75 -10.01
C ASN B 361 29.34 11.47 -8.69
N PRO B 362 29.35 10.75 -7.56
CA PRO B 362 29.18 11.45 -6.31
C PRO B 362 30.22 12.50 -6.08
N ASN B 363 29.82 13.63 -5.50
CA ASN B 363 30.75 14.66 -5.09
C ASN B 363 31.70 14.02 -4.08
N PRO B 364 33.01 14.02 -4.39
CA PRO B 364 33.96 13.33 -3.50
C PRO B 364 34.19 13.99 -2.14
N GLU B 365 33.75 15.23 -1.93
CA GLU B 365 33.85 15.87 -0.60
C GLU B 365 32.75 15.40 0.38
N ILE B 366 31.95 14.41 -0.01
CA ILE B 366 30.78 13.98 0.75
C ILE B 366 30.94 12.47 1.03
N PRO B 367 31.68 12.14 2.10
CA PRO B 367 31.94 10.77 2.49
C PRO B 367 30.76 9.82 2.43
N ALA B 368 29.63 10.29 2.96
CA ALA B 368 28.44 9.43 3.05
C ALA B 368 27.87 8.96 1.70
N LEU B 369 28.17 9.64 0.60
CA LEU B 369 27.78 9.14 -0.72
C LEU B 369 28.68 8.02 -1.19
N LEU B 370 29.95 8.08 -0.81
CA LEU B 370 30.93 7.08 -1.20
C LEU B 370 30.82 5.80 -0.34
N ASP B 371 30.49 5.92 0.96
CA ASP B 371 30.32 4.75 1.82
C ASP B 371 28.89 4.20 1.95
N GLY B 372 27.94 4.74 1.19
CA GLY B 372 26.58 4.21 1.19
C GLY B 372 25.63 4.54 2.33
N ARG B 373 26.06 5.36 3.27
CA ARG B 373 25.16 5.88 4.34
C ARG B 373 24.05 6.81 3.83
N LEU B 374 24.36 7.58 2.78
CA LEU B 374 23.39 8.27 1.95
C LEU B 374 23.30 7.55 0.61
N GLN B 375 22.07 7.33 0.15
CA GLN B 375 21.81 6.67 -1.11
C GLN B 375 20.91 7.58 -1.97
N VAL B 376 21.52 8.14 -3.01
CA VAL B 376 20.77 9.02 -3.91
C VAL B 376 19.70 8.21 -4.63
N VAL B 377 18.49 8.74 -4.71
CA VAL B 377 17.43 8.08 -5.46
C VAL B 377 17.62 8.44 -6.90
N ASP B 378 18.33 7.60 -7.64
CA ASP B 378 18.67 7.86 -9.04
C ASP B 378 17.96 6.98 -10.05
N ARG B 379 17.18 6.03 -9.59
CA ARG B 379 16.17 5.32 -10.38
C ARG B 379 14.95 5.18 -9.48
N PRO B 380 13.76 4.92 -10.03
CA PRO B 380 12.58 4.85 -9.18
C PRO B 380 12.68 3.72 -8.17
N LEU B 381 12.58 4.04 -6.88
CA LEU B 381 12.59 3.08 -5.80
C LEU B 381 11.22 3.04 -5.17
N PRO B 382 10.80 1.86 -4.73
CA PRO B 382 9.48 1.78 -4.07
C PRO B 382 9.55 2.32 -2.68
N VAL B 383 8.43 2.82 -2.20
CA VAL B 383 8.31 3.44 -0.89
C VAL B 383 8.15 2.31 0.09
N ARG B 384 9.16 2.10 0.95
CA ARG B 384 9.22 1.01 1.91
C ARG B 384 8.49 1.35 3.22
N GLY B 385 8.36 2.62 3.58
CA GLY B 385 7.62 3.04 4.77
C GLY B 385 8.55 3.82 5.69
N GLY B 386 8.03 4.87 6.32
CA GLY B 386 8.85 5.71 7.21
C GLY B 386 8.54 7.18 7.13
N ASN B 387 8.99 7.94 8.12
CA ASN B 387 8.91 9.39 8.10
C ASN B 387 9.79 10.03 7.01
N VAL B 388 9.48 11.28 6.66
CA VAL B 388 10.19 12.00 5.61
C VAL B 388 10.67 13.36 6.10
N GLY B 389 11.93 13.67 5.80
CA GLY B 389 12.46 15.02 6.09
C GLY B 389 12.55 15.92 4.88
N ILE B 390 12.34 17.23 5.09
CA ILE B 390 12.56 18.21 4.03
C ILE B 390 13.42 19.36 4.50
N ASN B 391 14.50 19.65 3.76
CA ASN B 391 15.37 20.82 3.97
C ASN B 391 14.99 21.94 3.00
N SER B 392 14.99 23.18 3.44
CA SER B 392 14.98 24.33 2.53
C SER B 392 15.80 25.41 3.18
N PHE B 393 16.91 25.78 2.56
CA PHE B 393 17.89 26.69 3.13
C PHE B 393 18.07 27.84 2.18
N GLY B 394 17.82 29.04 2.66
CA GLY B 394 17.97 30.23 1.86
C GLY B 394 19.37 30.81 1.86
N PHE B 395 19.71 31.51 0.77
CA PHE B 395 21.06 31.99 0.59
C PHE B 395 21.50 33.06 1.57
N GLY B 396 20.59 33.67 2.33
CA GLY B 396 21.01 34.62 3.40
C GLY B 396 21.23 34.00 4.77
N GLY B 397 21.03 32.68 4.80
CA GLY B 397 21.20 31.88 5.99
C GLY B 397 19.95 31.38 6.67
N SER B 398 18.75 31.71 6.18
CA SER B 398 17.55 31.24 6.84
C SER B 398 17.25 29.80 6.48
N ASN B 399 17.38 28.88 7.45
CA ASN B 399 17.18 27.44 7.26
C ASN B 399 15.83 26.96 7.82
N VAL B 400 15.19 26.02 7.13
CA VAL B 400 13.95 25.41 7.61
C VAL B 400 14.03 23.91 7.40
N HIS B 401 13.50 23.15 8.34
CA HIS B 401 13.36 21.70 8.19
C HIS B 401 11.98 21.30 8.65
N VAL B 402 11.33 20.40 7.90
CA VAL B 402 10.04 19.84 8.34
C VAL B 402 10.08 18.33 8.24
N ILE B 403 9.44 17.68 9.20
CA ILE B 403 9.38 16.24 9.36
C ILE B 403 7.95 15.79 9.12
N LEU B 404 7.76 14.95 8.11
CA LEU B 404 6.44 14.42 7.76
C LEU B 404 6.24 12.94 8.12
N GLN B 405 5.02 12.62 8.52
CA GLN B 405 4.55 11.26 8.71
C GLN B 405 3.55 10.94 7.61
N PRO B 406 3.94 10.07 6.64
CA PRO B 406 3.01 9.84 5.55
C PRO B 406 1.77 9.15 6.03
N ASN B 407 0.64 9.45 5.41
CA ASN B 407 -0.64 8.77 5.64
C ASN B 407 -0.58 7.45 4.94
N THR B 408 -0.97 6.38 5.64
CA THR B 408 -0.97 5.03 5.06
C THR B 408 -2.28 4.26 5.18
N ARG B 409 -3.37 4.97 5.46
CA ARG B 409 -4.66 4.34 5.58
C ARG B 409 -5.03 3.70 4.24
N GLN B 410 -5.59 2.49 4.31
CA GLN B 410 -6.01 1.72 3.15
C GLN B 410 -7.51 1.77 2.96
N ALA B 411 -7.95 1.56 1.72
CA ALA B 411 -9.37 1.50 1.38
C ALA B 411 -10.10 0.46 2.20
N PRO B 412 -11.32 0.75 2.70
CA PRO B 412 -12.11 -0.34 3.29
C PRO B 412 -12.35 -1.51 2.33
N ALA B 413 -12.64 -2.70 2.87
CA ALA B 413 -12.96 -3.84 1.98
C ALA B 413 -14.33 -3.55 1.40
N PRO B 414 -14.62 -3.96 0.12
CA PRO B 414 -16.02 -3.77 -0.29
C PRO B 414 -16.99 -4.60 0.59
N THR B 415 -18.14 -4.03 0.89
CA THR B 415 -19.16 -4.74 1.71
C THR B 415 -20.31 -5.30 0.81
N ALA B 416 -21.43 -5.76 1.38
CA ALA B 416 -22.61 -6.21 0.58
C ALA B 416 -23.17 -5.10 -0.38
N HIS B 417 -23.18 -3.86 0.12
CA HIS B 417 -23.79 -2.69 -0.52
C HIS B 417 -22.81 -1.62 -1.08
N ALA B 418 -21.52 -1.96 -1.28
CA ALA B 418 -20.66 -1.18 -2.23
C ALA B 418 -20.98 -1.63 -3.67
N ALA B 419 -21.67 -2.77 -3.82
CA ALA B 419 -22.20 -3.28 -5.10
C ALA B 419 -23.23 -2.33 -5.74
N LEU B 420 -23.85 -1.44 -4.93
CA LEU B 420 -24.87 -0.51 -5.37
C LEU B 420 -24.39 0.57 -6.32
N PRO B 421 -25.32 1.18 -7.05
CA PRO B 421 -24.99 2.40 -7.74
C PRO B 421 -24.91 3.58 -6.78
N HIS B 422 -24.08 4.56 -7.15
CA HIS B 422 -23.88 5.80 -6.41
C HIS B 422 -24.16 6.97 -7.34
N LEU B 423 -24.34 8.15 -6.76
CA LEU B 423 -24.65 9.33 -7.54
C LEU B 423 -23.52 10.29 -7.30
N LEU B 424 -23.08 10.96 -8.39
CA LEU B 424 -22.00 11.96 -8.34
C LEU B 424 -22.41 13.27 -8.95
N HIS B 425 -22.25 14.34 -8.19
CA HIS B 425 -22.54 15.69 -8.66
C HIS B 425 -21.29 16.48 -8.99
N ALA B 426 -21.47 17.48 -9.83
CA ALA B 426 -20.38 18.38 -10.16
C ALA B 426 -20.88 19.77 -10.53
N SER B 427 -20.07 20.75 -10.17
CA SER B 427 -20.27 22.12 -10.55
C SER B 427 -19.02 22.56 -11.22
N GLY B 428 -19.13 23.59 -12.02
CA GLY B 428 -17.97 24.05 -12.77
C GLY B 428 -18.16 25.33 -13.54
N ARG B 429 -17.04 25.84 -14.03
CA ARG B 429 -17.01 27.12 -14.72
C ARG B 429 -17.41 26.99 -16.18
N THR B 430 -17.16 25.82 -16.74
CA THR B 430 -17.46 25.52 -18.11
C THR B 430 -18.01 24.11 -18.26
N LEU B 431 -18.51 23.83 -19.45
CA LEU B 431 -18.94 22.49 -19.79
C LEU B 431 -17.85 21.43 -19.54
N GLU B 432 -16.62 21.75 -19.95
CA GLU B 432 -15.45 20.83 -19.83
C GLU B 432 -15.15 20.58 -18.37
N ALA B 433 -15.29 21.61 -17.54
CA ALA B 433 -15.05 21.51 -16.11
C ALA B 433 -15.89 20.42 -15.49
N VAL B 434 -17.17 20.41 -15.85
CA VAL B 434 -18.12 19.45 -15.33
C VAL B 434 -17.88 18.09 -15.98
N GLN B 435 -17.74 18.08 -17.29
CA GLN B 435 -17.44 16.82 -17.99
C GLN B 435 -16.25 16.06 -17.40
N ASP B 436 -15.20 16.79 -17.04
CA ASP B 436 -13.96 16.17 -16.56
C ASP B 436 -14.15 15.55 -15.17
N LEU B 437 -14.80 16.28 -14.29
CA LEU B 437 -15.06 15.78 -12.94
C LEU B 437 -15.92 14.55 -12.96
N LEU B 438 -16.95 14.56 -13.80
CA LEU B 438 -17.82 13.41 -13.96
C LEU B 438 -17.08 12.21 -14.54
N GLU B 439 -16.28 12.45 -15.59
CA GLU B 439 -15.44 11.39 -16.16
C GLU B 439 -14.53 10.77 -15.09
N GLN B 440 -13.95 11.60 -14.25
CA GLN B 440 -13.10 11.10 -13.17
C GLN B 440 -13.86 10.22 -12.21
N GLY B 441 -15.08 10.61 -11.89
CA GLY B 441 -15.99 9.78 -11.11
C GLY B 441 -16.23 8.42 -11.73
N ARG B 442 -16.60 8.44 -13.00
CA ARG B 442 -16.81 7.22 -13.78
C ARG B 442 -15.56 6.33 -13.70
N GLN B 443 -14.39 6.89 -13.98
CA GLN B 443 -13.15 6.12 -13.90
C GLN B 443 -12.76 5.62 -12.50
N HIS B 444 -13.29 6.20 -11.44
CA HIS B 444 -13.00 5.75 -10.06
C HIS B 444 -14.27 5.55 -9.28
N SER B 445 -15.28 5.02 -9.99
CA SER B 445 -16.59 4.81 -9.41
C SER B 445 -16.59 3.92 -8.17
N GLN B 446 -15.53 3.16 -7.90
CA GLN B 446 -15.48 2.38 -6.68
C GLN B 446 -14.83 3.09 -5.49
N ASP B 447 -14.13 4.21 -5.71
CA ASP B 447 -13.43 4.93 -4.65
C ASP B 447 -14.45 5.78 -3.91
N LEU B 448 -14.91 5.28 -2.78
CA LEU B 448 -16.04 5.87 -2.11
C LEU B 448 -15.65 7.24 -1.55
N ALA B 449 -14.46 7.31 -0.98
CA ALA B 449 -13.91 8.57 -0.49
C ALA B 449 -13.77 9.61 -1.59
N PHE B 450 -13.22 9.23 -2.74
CA PHE B 450 -13.05 10.16 -3.85
C PHE B 450 -14.37 10.75 -4.28
N VAL B 451 -15.39 9.91 -4.36
CA VAL B 451 -16.73 10.37 -4.76
C VAL B 451 -17.33 11.23 -3.66
N SER B 452 -17.15 10.81 -2.42
CA SER B 452 -17.68 11.56 -1.30
C SER B 452 -17.14 12.99 -1.27
N MET B 453 -15.85 13.12 -1.57
CA MET B 453 -15.19 14.41 -1.59
C MET B 453 -15.69 15.23 -2.79
N LEU B 454 -15.76 14.62 -3.97
CA LEU B 454 -16.22 15.35 -5.15
C LEU B 454 -17.64 15.92 -4.96
N ASN B 455 -18.46 15.17 -4.23
CA ASN B 455 -19.83 15.59 -3.95
C ASN B 455 -19.84 16.77 -2.99
N ASP B 456 -19.02 16.73 -1.95
CA ASP B 456 -18.91 17.87 -1.01
C ASP B 456 -18.56 19.18 -1.71
N ILE B 457 -17.64 19.14 -2.67
CA ILE B 457 -17.22 20.35 -3.37
C ILE B 457 -18.16 20.80 -4.47
N ALA B 458 -19.16 19.98 -4.82
CA ALA B 458 -20.08 20.31 -5.94
C ALA B 458 -21.14 21.28 -5.58
N ALA B 459 -21.51 21.35 -4.30
CA ALA B 459 -22.59 22.29 -3.87
C ALA B 459 -22.03 23.73 -3.81
N THR B 460 -22.29 24.52 -4.83
CA THR B 460 -21.68 25.85 -4.94
C THR B 460 -22.76 26.85 -5.31
N PRO B 461 -22.54 28.15 -5.04
CA PRO B 461 -23.47 29.15 -5.60
C PRO B 461 -23.51 29.10 -7.12
N THR B 462 -24.70 29.27 -7.69
CA THR B 462 -24.88 29.05 -9.15
C THR B 462 -24.33 30.25 -9.95
N ALA B 463 -24.30 31.41 -9.32
CA ALA B 463 -23.65 32.60 -9.87
C ALA B 463 -22.17 32.37 -10.22
N ALA B 464 -21.47 31.66 -9.34
CA ALA B 464 -20.04 31.45 -9.43
C ALA B 464 -19.68 30.28 -10.36
N MET B 465 -20.41 29.17 -10.24
CA MET B 465 -20.19 27.98 -11.07
C MET B 465 -21.47 27.72 -11.87
N PRO B 466 -21.59 28.37 -13.04
CA PRO B 466 -22.83 28.30 -13.79
C PRO B 466 -23.11 27.01 -14.56
N PHE B 467 -22.24 26.00 -14.52
CA PHE B 467 -22.52 24.70 -15.15
C PHE B 467 -22.64 23.62 -14.11
N ARG B 468 -23.66 22.78 -14.24
CA ARG B 468 -23.79 21.60 -13.40
C ARG B 468 -24.00 20.33 -14.18
N GLY B 469 -23.82 19.23 -13.49
CA GLY B 469 -23.96 17.91 -14.08
C GLY B 469 -24.06 16.84 -13.04
N TYR B 470 -24.43 15.64 -13.47
CA TYR B 470 -24.43 14.45 -12.58
C TYR B 470 -24.15 13.27 -13.43
N THR B 471 -23.65 12.22 -12.80
CA THR B 471 -23.65 10.91 -13.43
C THR B 471 -23.94 9.89 -12.38
N VAL B 472 -24.47 8.77 -12.85
CA VAL B 472 -24.77 7.66 -11.97
C VAL B 472 -23.68 6.65 -12.14
N LEU B 473 -22.99 6.36 -11.05
CA LEU B 473 -21.89 5.43 -11.05
C LEU B 473 -22.45 4.08 -10.75
N GLY B 474 -21.78 3.03 -11.23
CA GLY B 474 -22.13 1.64 -10.90
C GLY B 474 -23.29 1.03 -11.67
N VAL B 475 -23.41 1.39 -12.94
CA VAL B 475 -24.52 0.99 -13.81
C VAL B 475 -24.04 0.89 -15.25
N GLU B 476 -24.77 0.13 -16.08
CA GLU B 476 -24.42 -0.09 -17.49
C GLU B 476 -23.56 0.97 -18.25
N GLY B 477 -24.13 2.11 -18.64
CA GLY B 477 -23.39 2.96 -19.55
C GLY B 477 -22.88 4.22 -18.92
N ARG B 478 -22.83 5.28 -19.74
CA ARG B 478 -22.68 6.66 -19.31
C ARG B 478 -24.09 7.25 -19.09
N VAL B 479 -24.55 7.25 -17.86
CA VAL B 479 -25.78 7.94 -17.48
C VAL B 479 -25.39 9.33 -16.96
N GLN B 480 -25.60 10.36 -17.77
CA GLN B 480 -25.04 11.70 -17.49
C GLN B 480 -25.79 12.83 -18.17
N GLU B 481 -26.10 13.89 -17.46
CA GLU B 481 -26.46 15.16 -18.08
C GLU B 481 -25.60 16.24 -17.50
N VAL B 482 -25.46 17.31 -18.26
CA VAL B 482 -24.67 18.47 -17.91
C VAL B 482 -25.37 19.62 -18.57
N GLN B 483 -25.60 20.72 -17.87
CA GLN B 483 -26.15 21.89 -18.54
C GLN B 483 -25.87 23.17 -17.78
N GLN B 484 -26.05 24.28 -18.48
CA GLN B 484 -25.93 25.60 -17.89
C GLN B 484 -27.15 25.87 -17.01
N VAL B 485 -26.97 26.65 -15.95
CA VAL B 485 -28.03 27.05 -15.03
C VAL B 485 -28.20 28.57 -15.12
N SER B 486 -29.43 29.06 -14.90
CA SER B 486 -29.70 30.49 -14.62
C SER B 486 -30.01 30.64 -13.13
N THR B 487 -29.61 31.79 -12.56
CA THR B 487 -29.73 32.05 -11.12
C THR B 487 -31.09 32.65 -10.79
N ASN B 488 -32.08 31.77 -10.82
CA ASN B 488 -33.38 32.04 -10.24
C ASN B 488 -33.26 31.15 -9.00
N LYS B 489 -33.68 31.57 -7.81
CA LYS B 489 -33.78 30.58 -6.72
C LYS B 489 -35.02 29.80 -7.11
N ARG B 490 -34.83 28.56 -7.54
CA ARG B 490 -35.93 27.74 -8.06
C ARG B 490 -36.62 27.03 -6.89
N PRO B 491 -37.91 27.31 -6.65
CA PRO B 491 -38.57 26.75 -5.47
C PRO B 491 -39.01 25.30 -5.66
N LEU B 492 -39.02 24.57 -4.54
CA LEU B 492 -39.13 23.12 -4.58
C LEU B 492 -40.49 22.68 -4.07
N TRP B 493 -41.20 21.92 -4.90
CA TRP B 493 -42.54 21.45 -4.57
C TRP B 493 -42.63 19.92 -4.56
N PHE B 494 -43.24 19.40 -3.50
CA PHE B 494 -43.50 17.96 -3.34
C PHE B 494 -44.97 17.63 -3.70
N ILE B 495 -45.16 16.61 -4.53
CA ILE B 495 -46.49 16.12 -4.87
C ILE B 495 -46.59 14.67 -4.39
N CYS B 496 -47.43 14.39 -3.39
CA CYS B 496 -47.62 12.99 -2.95
C CYS B 496 -48.84 12.37 -3.65
N SER B 497 -48.60 11.34 -4.43
CA SER B 497 -49.63 10.78 -5.30
C SER B 497 -50.43 9.70 -4.62
N GLY B 498 -51.57 9.36 -5.22
CA GLY B 498 -52.61 8.58 -4.57
C GLY B 498 -52.53 7.11 -4.80
N MET B 499 -53.70 6.49 -4.92
CA MET B 499 -53.82 5.10 -5.37
C MET B 499 -53.68 5.06 -6.89
N GLY B 500 -53.46 3.85 -7.42
CA GLY B 500 -53.12 3.67 -8.83
C GLY B 500 -51.63 3.52 -9.05
N THR B 501 -50.84 4.01 -8.08
CA THR B 501 -49.40 4.04 -8.17
C THR B 501 -48.76 2.79 -7.56
N GLN B 502 -49.54 1.87 -7.01
CA GLN B 502 -49.00 0.59 -6.55
C GLN B 502 -48.60 -0.28 -7.76
N TRP B 503 -47.72 -1.26 -7.52
CA TRP B 503 -47.34 -2.25 -8.55
C TRP B 503 -46.61 -3.48 -7.98
N ARG B 504 -46.50 -4.51 -8.81
CA ARG B 504 -46.04 -5.84 -8.40
C ARG B 504 -44.56 -5.82 -8.00
N GLY B 505 -44.29 -5.93 -6.70
CA GLY B 505 -42.92 -5.88 -6.18
C GLY B 505 -42.20 -4.53 -6.24
N MET B 506 -42.93 -3.42 -6.26
CA MET B 506 -42.37 -2.07 -6.07
C MET B 506 -41.53 -2.02 -4.79
N GLY B 507 -40.49 -1.20 -4.80
CA GLY B 507 -39.60 -1.13 -3.64
C GLY B 507 -38.82 -2.39 -3.28
N LEU B 508 -38.85 -3.45 -4.10
CA LEU B 508 -37.89 -4.56 -3.99
C LEU B 508 -36.47 -3.96 -4.23
N SER B 509 -36.41 -3.03 -5.20
CA SER B 509 -35.17 -2.41 -5.63
C SER B 509 -34.54 -1.49 -4.54
N LEU B 510 -35.35 -0.56 -4.00
CA LEU B 510 -34.87 0.40 -3.00
C LEU B 510 -34.60 -0.19 -1.62
N MET B 511 -35.01 -1.43 -1.36
CA MET B 511 -34.73 -2.05 -0.04
C MET B 511 -33.23 -2.37 0.17
N ARG B 512 -32.50 -2.53 -0.94
CA ARG B 512 -31.02 -2.64 -0.91
C ARG B 512 -30.39 -1.44 -0.20
N LEU B 513 -30.91 -0.24 -0.45
CA LEU B 513 -30.40 0.99 0.13
C LEU B 513 -30.68 1.08 1.63
N ASP B 514 -29.67 0.89 2.46
CA ASP B 514 -29.79 0.98 3.93
C ASP B 514 -30.67 2.13 4.43
N SER B 515 -30.60 3.31 3.82
CA SER B 515 -31.33 4.50 4.36
C SER B 515 -32.87 4.36 4.21
N PHE B 516 -33.29 3.83 3.06
CA PHE B 516 -34.69 3.53 2.73
C PHE B 516 -35.23 2.42 3.65
N ARG B 517 -34.52 1.30 3.68
CA ARG B 517 -34.87 0.14 4.51
C ARG B 517 -35.09 0.52 5.95
N GLU B 518 -34.35 1.50 6.47
CA GLU B 518 -34.56 1.97 7.85
C GLU B 518 -35.89 2.71 8.05
N SER B 519 -36.31 3.50 7.06
CA SER B 519 -37.64 4.17 7.11
C SER B 519 -38.81 3.20 6.92
N ILE B 520 -38.53 2.06 6.32
CA ILE B 520 -39.48 0.97 6.24
C ILE B 520 -39.51 0.28 7.60
N LEU B 521 -38.35 -0.10 8.13
CA LEU B 521 -38.26 -0.74 9.46
C LEU B 521 -38.85 0.09 10.60
N ARG B 522 -38.87 1.41 10.47
CA ARG B 522 -39.57 2.27 11.45
C ARG B 522 -41.11 2.24 11.23
N SER B 523 -41.54 2.18 9.97
CA SER B 523 -42.97 1.97 9.65
C SER B 523 -43.47 0.59 10.12
N ASP B 524 -42.59 -0.40 10.19
CA ASP B 524 -42.89 -1.73 10.78
C ASP B 524 -43.27 -1.69 12.27
N GLU B 525 -42.65 -0.81 13.04
CA GLU B 525 -42.95 -0.71 14.47
C GLU B 525 -44.33 -0.12 14.72
N ALA B 526 -44.77 0.80 13.85
CA ALA B 526 -46.15 1.31 13.89
C ALA B 526 -47.24 0.24 13.66
N VAL B 527 -46.97 -0.77 12.83
CA VAL B 527 -47.94 -1.82 12.50
C VAL B 527 -47.52 -3.27 12.89
N LYS B 528 -46.54 -3.44 13.79
CA LYS B 528 -46.26 -4.77 14.39
C LYS B 528 -47.39 -5.25 15.33
N PRO B 529 -47.97 -4.38 16.20
CA PRO B 529 -49.02 -4.92 17.07
C PRO B 529 -50.31 -5.32 16.31
N LEU B 530 -50.51 -4.78 15.09
CA LEU B 530 -51.64 -5.14 14.23
C LEU B 530 -51.29 -6.28 13.26
N GLY B 531 -50.22 -7.04 13.55
CA GLY B 531 -49.86 -8.29 12.86
C GLY B 531 -49.45 -8.18 11.40
N VAL B 532 -48.77 -7.08 11.04
CA VAL B 532 -48.35 -6.78 9.67
C VAL B 532 -46.94 -6.17 9.68
N LYS B 533 -46.12 -6.55 8.68
CA LYS B 533 -44.80 -5.96 8.52
C LYS B 533 -44.60 -5.54 7.06
N VAL B 534 -44.37 -4.23 6.87
CA VAL B 534 -44.29 -3.63 5.53
C VAL B 534 -43.05 -4.14 4.81
N SER B 535 -41.98 -4.34 5.58
CA SER B 535 -40.71 -4.90 5.07
C SER B 535 -40.90 -6.24 4.40
N ASP B 536 -41.74 -7.10 4.97
CA ASP B 536 -42.08 -8.39 4.37
C ASP B 536 -42.83 -8.18 3.06
N LEU B 537 -43.77 -7.25 3.06
CA LEU B 537 -44.61 -6.97 1.88
C LEU B 537 -43.81 -6.50 0.67
N LEU B 538 -42.86 -5.60 0.91
CA LEU B 538 -42.04 -5.02 -0.14
C LEU B 538 -41.07 -6.06 -0.70
N LEU B 539 -40.48 -6.84 0.19
CA LEU B 539 -39.56 -7.94 -0.17
C LEU B 539 -40.28 -9.23 -0.69
N SER B 540 -41.60 -9.31 -0.52
CA SER B 540 -42.38 -10.46 -1.02
C SER B 540 -42.25 -10.65 -2.54
N THR B 541 -42.18 -11.92 -2.97
CA THR B 541 -42.21 -12.30 -4.39
C THR B 541 -43.66 -12.62 -4.88
N ASP B 542 -44.61 -12.74 -3.95
CA ASP B 542 -45.98 -13.20 -4.24
C ASP B 542 -46.74 -12.18 -5.11
N GLU B 543 -46.94 -12.53 -6.39
CA GLU B 543 -47.76 -11.76 -7.36
C GLU B 543 -48.96 -10.95 -6.78
N ARG B 544 -49.70 -11.53 -5.83
CA ARG B 544 -50.98 -10.92 -5.39
C ARG B 544 -50.90 -10.05 -4.13
N THR B 545 -49.72 -9.94 -3.52
CA THR B 545 -49.54 -9.25 -2.23
C THR B 545 -50.31 -7.93 -2.08
N PHE B 546 -50.21 -7.05 -3.09
CA PHE B 546 -50.79 -5.70 -3.05
C PHE B 546 -52.23 -5.60 -3.58
N ASP B 547 -52.88 -6.75 -3.81
CA ASP B 547 -54.31 -6.78 -4.16
C ASP B 547 -55.13 -6.42 -2.93
N ASP B 548 -54.75 -7.01 -1.81
CA ASP B 548 -55.31 -6.70 -0.50
C ASP B 548 -55.20 -5.18 -0.24
N ILE B 549 -56.32 -4.51 0.05
CA ILE B 549 -56.35 -3.05 0.10
C ILE B 549 -55.64 -2.45 1.34
N VAL B 550 -55.36 -3.26 2.36
CA VAL B 550 -54.57 -2.77 3.50
C VAL B 550 -53.08 -2.90 3.20
N HIS B 551 -52.68 -3.99 2.55
CA HIS B 551 -51.31 -4.16 2.08
C HIS B 551 -50.91 -2.98 1.16
N ALA B 552 -51.84 -2.53 0.31
CA ALA B 552 -51.60 -1.45 -0.63
C ALA B 552 -51.55 -0.08 0.06
N PHE B 553 -52.53 0.25 0.87
CA PHE B 553 -52.57 1.56 1.53
C PHE B 553 -51.34 1.83 2.43
N VAL B 554 -50.95 0.81 3.20
CA VAL B 554 -49.82 0.93 4.12
C VAL B 554 -48.50 0.95 3.37
N SER B 555 -48.32 0.08 2.38
CA SER B 555 -47.06 0.04 1.62
C SER B 555 -46.88 1.30 0.78
N LEU B 556 -47.95 1.79 0.15
CA LEU B 556 -47.91 3.01 -0.64
C LEU B 556 -47.47 4.19 0.20
N THR B 557 -48.06 4.34 1.38
CA THR B 557 -47.73 5.48 2.21
C THR B 557 -46.38 5.31 2.95
N ALA B 558 -45.98 4.07 3.24
CA ALA B 558 -44.67 3.81 3.88
C ALA B 558 -43.47 4.08 2.96
N ILE B 559 -43.68 3.81 1.66
CA ILE B 559 -42.73 4.16 0.59
C ILE B 559 -42.65 5.67 0.39
N GLN B 560 -43.79 6.35 0.39
CA GLN B 560 -43.79 7.81 0.29
C GLN B 560 -43.00 8.42 1.46
N ILE B 561 -43.14 7.83 2.65
CA ILE B 561 -42.41 8.30 3.84
C ILE B 561 -40.90 8.08 3.69
N ALA B 562 -40.51 6.89 3.21
CA ALA B 562 -39.10 6.59 2.93
C ALA B 562 -38.52 7.53 1.89
N LEU B 563 -39.24 7.74 0.78
CA LEU B 563 -38.80 8.74 -0.20
C LEU B 563 -38.65 10.13 0.43
N ILE B 564 -39.58 10.51 1.30
CA ILE B 564 -39.45 11.81 1.96
C ILE B 564 -38.22 11.83 2.87
N ASP B 565 -38.02 10.75 3.62
CA ASP B 565 -36.82 10.60 4.48
C ASP B 565 -35.49 10.75 3.71
N LEU B 566 -35.35 10.06 2.58
CA LEU B 566 -34.17 10.22 1.69
C LEU B 566 -34.03 11.66 1.19
N LEU B 567 -35.09 12.20 0.59
CA LEU B 567 -35.07 13.57 0.11
C LEU B 567 -34.67 14.55 1.21
N THR B 568 -35.09 14.27 2.43
CA THR B 568 -34.72 15.11 3.55
C THR B 568 -33.24 14.95 3.85
N SER B 569 -32.77 13.70 4.00
CA SER B 569 -31.37 13.43 4.32
C SER B 569 -30.37 14.07 3.35
N VAL B 570 -30.74 14.26 2.08
CA VAL B 570 -29.85 14.93 1.13
C VAL B 570 -30.04 16.44 1.10
N GLY B 571 -30.83 16.99 2.03
CA GLY B 571 -30.91 18.44 2.23
C GLY B 571 -32.07 19.20 1.60
N LEU B 572 -33.02 18.48 1.00
CA LEU B 572 -34.19 19.10 0.37
C LEU B 572 -35.33 19.23 1.38
N LYS B 573 -35.71 20.47 1.70
CA LYS B 573 -36.95 20.78 2.46
C LYS B 573 -37.88 21.51 1.48
N PRO B 574 -39.15 21.08 1.38
CA PRO B 574 -40.06 21.62 0.37
C PRO B 574 -40.60 23.01 0.67
N ASP B 575 -40.72 23.84 -0.38
CA ASP B 575 -41.37 25.16 -0.29
C ASP B 575 -42.90 25.06 -0.32
N GLY B 576 -43.44 24.11 -1.08
CA GLY B 576 -44.86 23.75 -1.02
C GLY B 576 -45.11 22.26 -1.13
N ILE B 577 -46.26 21.83 -0.63
CA ILE B 577 -46.62 20.39 -0.56
C ILE B 577 -48.05 20.20 -1.04
N ILE B 578 -48.31 19.16 -1.83
CA ILE B 578 -49.66 18.90 -2.36
C ILE B 578 -49.92 17.41 -2.44
N GLY B 579 -51.07 16.99 -1.91
CA GLY B 579 -51.50 15.58 -1.98
C GLY B 579 -52.56 15.29 -3.02
N HIS B 580 -52.83 13.99 -3.20
CA HIS B 580 -53.91 13.48 -4.05
C HIS B 580 -54.36 12.21 -3.38
N SER B 581 -55.63 12.12 -2.96
CA SER B 581 -56.13 10.90 -2.31
C SER B 581 -55.34 10.61 -1.04
N LEU B 582 -54.96 9.34 -0.87
CA LEU B 582 -54.07 8.85 0.19
C LEU B 582 -52.77 9.66 0.40
N GLY B 583 -52.34 10.37 -0.64
CA GLY B 583 -51.18 11.24 -0.55
C GLY B 583 -51.24 12.33 0.49
N GLU B 584 -52.44 12.78 0.85
CA GLU B 584 -52.56 13.82 1.90
C GLU B 584 -52.09 13.31 3.27
N VAL B 585 -52.05 11.98 3.48
CA VAL B 585 -51.43 11.40 4.68
C VAL B 585 -49.92 11.64 4.66
N ALA B 586 -49.30 11.35 3.52
CA ALA B 586 -47.85 11.52 3.35
C ALA B 586 -47.48 13.01 3.41
N CYS B 587 -48.28 13.87 2.78
CA CYS B 587 -48.12 15.33 2.92
C CYS B 587 -48.03 15.78 4.37
N GLY B 588 -48.83 15.15 5.22
CA GLY B 588 -48.83 15.46 6.65
C GLY B 588 -47.50 15.20 7.30
N TYR B 589 -46.84 14.12 6.88
CA TYR B 589 -45.50 13.77 7.35
C TYR B 589 -44.49 14.81 6.86
N ALA B 590 -44.49 15.05 5.56
CA ALA B 590 -43.67 16.08 4.94
C ALA B 590 -43.87 17.46 5.54
N ASP B 591 -45.05 17.77 6.06
CA ASP B 591 -45.30 19.08 6.67
C ASP B 591 -44.96 19.18 8.17
N GLY B 592 -44.66 18.05 8.82
CA GLY B 592 -44.43 17.99 10.25
C GLY B 592 -45.68 17.91 11.13
N CYS B 593 -46.83 17.55 10.54
CA CYS B 593 -48.13 17.41 11.27
C CYS B 593 -48.31 16.02 11.84
N LEU B 594 -48.06 15.01 11.02
CA LEU B 594 -48.12 13.62 11.46
C LEU B 594 -46.73 13.13 11.72
N SER B 595 -46.57 12.41 12.83
CA SER B 595 -45.37 11.61 13.04
C SER B 595 -45.35 10.50 12.01
N GLN B 596 -44.26 9.74 11.97
CA GLN B 596 -44.19 8.57 11.11
C GLN B 596 -45.26 7.55 11.51
N ARG B 597 -45.35 7.27 12.81
CA ARG B 597 -46.32 6.30 13.38
C ARG B 597 -47.74 6.74 13.05
N GLU B 598 -48.06 8.00 13.34
CA GLU B 598 -49.37 8.56 13.04
C GLU B 598 -49.78 8.36 11.58
N ALA B 599 -48.89 8.69 10.65
CA ALA B 599 -49.21 8.60 9.20
C ALA B 599 -49.35 7.16 8.68
N VAL B 600 -48.59 6.23 9.23
CA VAL B 600 -48.66 4.84 8.79
C VAL B 600 -49.93 4.18 9.32
N LEU B 601 -50.35 4.54 10.53
CA LEU B 601 -51.62 4.04 11.09
C LEU B 601 -52.84 4.69 10.40
N ALA B 602 -52.75 5.98 10.07
CA ALA B 602 -53.80 6.64 9.27
C ALA B 602 -54.00 6.06 7.86
N ALA B 603 -53.02 5.30 7.37
CA ALA B 603 -53.16 4.52 6.16
C ALA B 603 -53.72 3.14 6.45
N TYR B 604 -53.27 2.52 7.55
CA TYR B 604 -53.75 1.18 7.89
C TYR B 604 -55.25 1.20 8.17
N TRP B 605 -55.69 2.09 9.05
CA TRP B 605 -57.09 2.13 9.46
C TRP B 605 -57.98 2.66 8.34
N ARG B 606 -57.47 3.60 7.53
CA ARG B 606 -58.17 4.01 6.30
C ARG B 606 -58.42 2.84 5.35
N GLY B 607 -57.49 1.89 5.29
CA GLY B 607 -57.62 0.71 4.45
C GLY B 607 -58.41 -0.40 5.11
N GLN B 608 -58.22 -0.58 6.42
CA GLN B 608 -58.91 -1.65 7.19
C GLN B 608 -60.40 -1.36 7.28
N CYS B 609 -60.75 -0.10 7.57
CA CYS B 609 -62.15 0.32 7.62
C CYS B 609 -62.94 0.16 6.31
N ILE B 610 -62.26 0.23 5.16
CA ILE B 610 -62.91 0.04 3.84
C ILE B 610 -63.00 -1.44 3.46
N LYS B 611 -61.95 -2.20 3.76
CA LYS B 611 -61.94 -3.66 3.54
C LYS B 611 -63.09 -4.35 4.31
N ASP B 612 -63.29 -3.93 5.58
CA ASP B 612 -64.28 -4.60 6.46
C ASP B 612 -65.77 -4.35 6.10
N ALA B 613 -66.09 -3.25 5.39
CA ALA B 613 -67.45 -2.95 4.94
C ALA B 613 -67.86 -3.60 3.58
N HIS B 614 -67.07 -4.57 3.12
CA HIS B 614 -67.32 -5.33 1.86
C HIS B 614 -68.33 -4.64 0.89
N LEU B 615 -68.04 -3.39 0.52
CA LEU B 615 -68.91 -2.53 -0.32
C LEU B 615 -69.23 -3.10 -1.72
N PRO B 616 -70.32 -2.59 -2.37
CA PRO B 616 -70.63 -3.00 -3.74
C PRO B 616 -69.53 -2.67 -4.74
N PRO B 617 -69.38 -3.49 -5.81
CA PRO B 617 -68.54 -3.11 -6.95
C PRO B 617 -68.75 -1.66 -7.43
N GLY B 618 -67.65 -0.89 -7.45
CA GLY B 618 -67.59 0.47 -7.96
C GLY B 618 -66.46 0.61 -8.96
N SER B 619 -66.40 1.76 -9.63
CA SER B 619 -65.40 2.02 -10.69
C SER B 619 -65.12 3.51 -10.82
N MET B 620 -63.95 3.84 -11.36
CA MET B 620 -63.60 5.21 -11.72
C MET B 620 -63.00 5.23 -13.11
N ALA B 621 -63.00 6.42 -13.71
CA ALA B 621 -62.41 6.63 -15.02
C ALA B 621 -62.06 8.10 -15.17
N ALA B 622 -60.87 8.39 -15.70
CA ALA B 622 -60.51 9.74 -16.09
C ALA B 622 -61.19 9.99 -17.41
N VAL B 623 -61.71 11.20 -17.59
CA VAL B 623 -62.45 11.55 -18.80
C VAL B 623 -62.08 12.95 -19.30
N GLY B 624 -62.16 13.13 -20.62
CA GLY B 624 -61.77 14.37 -21.28
C GLY B 624 -62.85 15.44 -21.29
N LEU B 625 -63.25 15.87 -20.09
CA LEU B 625 -64.33 16.86 -19.91
C LEU B 625 -63.93 17.77 -18.77
N SER B 626 -64.36 19.04 -18.81
CA SER B 626 -64.06 19.99 -17.74
C SER B 626 -64.91 19.72 -16.48
N TRP B 627 -64.60 20.44 -15.41
CA TRP B 627 -65.24 20.24 -14.09
C TRP B 627 -66.77 20.42 -14.10
N GLU B 628 -67.22 21.59 -14.55
CA GLU B 628 -68.67 21.93 -14.62
C GLU B 628 -69.40 21.08 -15.67
N GLU B 629 -68.68 20.63 -16.73
CA GLU B 629 -69.27 19.85 -17.78
C GLU B 629 -69.44 18.35 -17.43
N CYS B 630 -68.83 17.90 -16.33
CA CYS B 630 -69.06 16.54 -15.80
C CYS B 630 -70.36 16.43 -15.01
N LYS B 631 -70.65 17.43 -14.17
CA LYS B 631 -71.93 17.48 -13.45
C LYS B 631 -73.13 17.49 -14.41
N GLN B 632 -72.99 18.27 -15.50
CA GLN B 632 -73.95 18.27 -16.62
C GLN B 632 -74.26 16.86 -17.13
N ARG B 633 -73.24 16.16 -17.61
CA ARG B 633 -73.45 14.92 -18.38
C ARG B 633 -73.40 13.58 -17.60
N CYS B 634 -73.18 13.63 -16.29
CA CYS B 634 -72.98 12.42 -15.50
C CYS B 634 -74.30 11.69 -15.18
N PRO B 635 -74.40 10.38 -15.48
CA PRO B 635 -75.60 9.61 -15.09
C PRO B 635 -75.72 9.52 -13.57
N ALA B 636 -76.97 9.45 -13.09
CA ALA B 636 -77.26 9.36 -11.67
C ALA B 636 -76.47 8.24 -11.01
N GLY B 637 -75.86 8.56 -9.87
CA GLY B 637 -74.94 7.68 -9.16
C GLY B 637 -73.47 8.03 -9.36
N VAL B 638 -73.14 8.63 -10.50
CA VAL B 638 -71.76 8.97 -10.83
C VAL B 638 -71.52 10.45 -10.62
N VAL B 639 -70.40 10.78 -9.98
CA VAL B 639 -70.09 12.14 -9.56
C VAL B 639 -68.64 12.41 -10.02
N PRO B 640 -68.32 13.67 -10.39
CA PRO B 640 -66.91 14.02 -10.59
C PRO B 640 -66.13 13.97 -9.26
N ALA B 641 -65.06 13.17 -9.23
CA ALA B 641 -64.37 12.83 -7.99
C ALA B 641 -63.06 13.58 -7.79
N CYS B 642 -62.18 13.59 -8.80
CA CYS B 642 -60.90 14.30 -8.73
C CYS B 642 -60.74 15.30 -9.89
N HIS B 643 -60.49 16.57 -9.56
CA HIS B 643 -60.20 17.62 -10.54
C HIS B 643 -58.69 17.66 -10.83
N ASN B 644 -58.25 16.79 -11.73
CA ASN B 644 -56.84 16.63 -12.07
C ASN B 644 -56.29 17.81 -12.87
N SER B 645 -56.96 18.15 -13.96
CA SER B 645 -56.60 19.34 -14.74
C SER B 645 -57.85 20.01 -15.34
N GLU B 646 -57.65 21.06 -16.15
CA GLU B 646 -58.76 21.62 -16.92
C GLU B 646 -59.36 20.60 -17.90
N ASP B 647 -58.54 19.67 -18.45
CA ASP B 647 -59.02 18.60 -19.36
C ASP B 647 -59.33 17.25 -18.74
N THR B 648 -58.49 16.79 -17.81
CA THR B 648 -58.72 15.50 -17.12
C THR B 648 -59.58 15.67 -15.89
N VAL B 649 -60.62 14.84 -15.75
CA VAL B 649 -61.37 14.70 -14.50
C VAL B 649 -61.67 13.23 -14.29
N THR B 650 -61.44 12.75 -13.07
CA THR B 650 -61.76 11.37 -12.71
C THR B 650 -63.16 11.33 -12.11
N ILE B 651 -64.02 10.49 -12.69
CA ILE B 651 -65.40 10.28 -12.21
C ILE B 651 -65.46 9.02 -11.35
N SER B 652 -66.45 8.95 -10.45
CA SER B 652 -66.57 7.83 -9.50
C SER B 652 -68.03 7.44 -9.26
N GLY B 653 -68.31 6.14 -9.20
CA GLY B 653 -69.66 5.63 -8.97
C GLY B 653 -69.81 4.13 -9.07
N PRO B 654 -71.07 3.63 -9.11
CA PRO B 654 -71.30 2.17 -9.21
C PRO B 654 -70.88 1.60 -10.57
N GLN B 655 -70.31 0.40 -10.55
CA GLN B 655 -69.72 -0.27 -11.74
C GLN B 655 -70.65 -0.21 -12.96
N ALA B 656 -71.91 -0.57 -12.72
CA ALA B 656 -73.00 -0.46 -13.72
C ALA B 656 -72.92 0.85 -14.52
N ALA B 657 -73.23 1.96 -13.85
CA ALA B 657 -73.38 3.26 -14.51
C ALA B 657 -72.08 3.79 -15.16
N VAL B 658 -70.95 3.51 -14.54
CA VAL B 658 -69.67 4.09 -14.96
C VAL B 658 -69.10 3.37 -16.17
N ASN B 659 -69.17 2.02 -16.18
CA ASN B 659 -68.67 1.25 -17.32
C ASN B 659 -69.49 1.52 -18.60
N GLU B 660 -70.78 1.83 -18.44
CA GLU B 660 -71.65 2.19 -19.56
C GLU B 660 -71.41 3.60 -20.05
N PHE B 661 -71.35 4.55 -19.11
CA PHE B 661 -71.08 5.96 -19.46
C PHE B 661 -69.68 6.19 -20.05
N VAL B 662 -68.78 5.21 -19.90
CA VAL B 662 -67.46 5.27 -20.53
C VAL B 662 -67.50 4.70 -21.96
N GLU B 663 -68.21 3.59 -22.20
CA GLU B 663 -68.28 3.02 -23.56
C GLU B 663 -69.12 3.87 -24.51
N GLN B 664 -70.11 4.59 -23.96
CA GLN B 664 -70.89 5.54 -24.76
C GLN B 664 -70.12 6.85 -25.07
N LEU B 665 -69.11 7.14 -24.24
CA LEU B 665 -68.27 8.35 -24.37
C LEU B 665 -67.14 8.18 -25.41
N LYS B 666 -66.54 6.98 -25.45
CA LYS B 666 -65.59 6.61 -26.53
C LYS B 666 -66.25 6.53 -27.91
N GLN B 667 -67.54 6.17 -27.95
CA GLN B 667 -68.33 6.18 -29.19
C GLN B 667 -68.74 7.59 -29.66
N GLU B 668 -68.41 8.62 -28.88
CA GLU B 668 -68.37 10.03 -29.36
C GLU B 668 -66.94 10.60 -29.38
N GLY B 669 -65.95 9.72 -29.52
CA GLY B 669 -64.52 10.08 -29.60
C GLY B 669 -63.91 10.89 -28.45
N VAL B 670 -64.48 10.77 -27.24
CA VAL B 670 -64.03 11.52 -26.05
C VAL B 670 -63.04 10.67 -25.21
N PHE B 671 -62.04 11.32 -24.62
CA PHE B 671 -60.95 10.64 -23.89
C PHE B 671 -61.55 9.98 -22.64
N ALA B 672 -61.24 8.69 -22.40
CA ALA B 672 -61.81 7.93 -21.29
C ALA B 672 -60.84 7.15 -20.39
N THR B 677 -57.63 0.41 -8.92
CA THR B 677 -58.88 0.86 -8.30
C THR B 677 -59.27 -0.07 -7.07
N GLY B 678 -59.11 -1.38 -7.28
CA GLY B 678 -59.55 -2.40 -6.35
C GLY B 678 -61.05 -2.61 -6.38
N GLY B 679 -61.69 -2.24 -7.50
CA GLY B 679 -63.15 -2.23 -7.61
C GLY B 679 -63.84 -1.26 -6.66
N LEU B 680 -63.20 -0.13 -6.38
CA LEU B 680 -63.71 0.88 -5.44
C LEU B 680 -63.91 2.25 -6.11
N ALA B 681 -64.81 3.03 -5.51
CA ALA B 681 -65.26 4.30 -6.02
C ALA B 681 -64.95 5.38 -4.98
N PHE B 682 -63.72 5.89 -5.03
CA PHE B 682 -63.22 6.86 -4.05
C PHE B 682 -63.90 8.22 -4.27
N HIS B 683 -63.96 9.02 -3.21
CA HIS B 683 -64.45 10.42 -3.28
C HIS B 683 -65.86 10.57 -3.83
N SER B 684 -66.70 9.58 -3.53
CA SER B 684 -68.12 9.56 -3.81
C SER B 684 -68.84 9.39 -2.45
N TYR B 685 -70.16 9.46 -2.55
CA TYR B 685 -71.07 9.14 -1.46
C TYR B 685 -70.80 7.79 -0.77
N PHE B 686 -70.41 6.76 -1.55
CA PHE B 686 -70.12 5.39 -1.05
C PHE B 686 -69.35 5.27 0.27
N MET B 687 -68.46 6.26 0.52
CA MET B 687 -67.61 6.23 1.71
C MET B 687 -68.16 7.00 2.91
N GLU B 688 -69.26 7.71 2.76
CA GLU B 688 -69.96 8.24 3.94
C GLU B 688 -70.37 7.07 4.88
N GLY B 689 -70.55 5.86 4.33
CA GLY B 689 -70.65 4.62 5.11
C GLY B 689 -69.49 4.31 6.05
N ILE B 690 -68.28 4.62 5.59
CA ILE B 690 -67.06 4.45 6.37
C ILE B 690 -66.83 5.63 7.37
N ALA B 691 -67.24 6.85 6.98
CA ALA B 691 -66.99 8.08 7.79
C ALA B 691 -66.99 7.92 9.34
N PRO B 692 -68.09 7.42 9.94
CA PRO B 692 -68.10 7.28 11.41
C PRO B 692 -67.11 6.24 11.99
N THR B 693 -67.04 5.05 11.39
CA THR B 693 -66.15 3.97 11.87
C THR B 693 -64.66 4.37 11.80
N LEU B 694 -64.29 5.12 10.76
CA LEU B 694 -62.91 5.62 10.57
C LEU B 694 -62.63 6.71 11.63
N LEU B 695 -63.40 7.80 11.60
CA LEU B 695 -63.31 8.91 12.57
C LEU B 695 -62.99 8.41 13.99
N GLN B 696 -63.65 7.33 14.41
CA GLN B 696 -63.45 6.76 15.74
C GLN B 696 -62.07 6.09 15.87
N ALA B 697 -61.69 5.27 14.88
CA ALA B 697 -60.38 4.59 14.90
C ALA B 697 -59.20 5.57 14.83
N LEU B 698 -59.33 6.61 13.97
CA LEU B 698 -58.25 7.60 13.83
C LEU B 698 -58.22 8.71 14.90
N LYS B 699 -59.27 8.83 15.72
CA LYS B 699 -59.21 9.66 16.93
C LYS B 699 -58.28 9.05 17.99
N LYS B 700 -58.16 7.71 17.98
CA LYS B 700 -57.22 6.97 18.86
C LYS B 700 -55.76 7.03 18.40
N VAL B 701 -55.51 7.37 17.13
CA VAL B 701 -54.14 7.52 16.59
C VAL B 701 -53.65 8.98 16.57
N ILE B 702 -54.52 9.92 16.19
CA ILE B 702 -54.17 11.35 16.16
C ILE B 702 -54.75 12.03 17.40
N ARG B 703 -54.12 11.80 18.55
CA ARG B 703 -54.59 12.35 19.83
C ARG B 703 -54.47 13.88 19.90
N GLU B 704 -53.35 14.43 19.44
CA GLU B 704 -53.01 15.83 19.56
C GLU B 704 -52.80 16.49 18.19
N PRO B 705 -53.89 16.80 17.46
CA PRO B 705 -53.81 17.50 16.19
C PRO B 705 -52.88 18.73 16.13
N ARG B 706 -51.89 18.68 15.23
CA ARG B 706 -50.82 19.70 15.08
C ARG B 706 -51.18 20.58 13.87
N PRO B 707 -50.86 21.89 13.91
CA PRO B 707 -51.33 22.77 12.80
C PRO B 707 -50.71 22.43 11.44
N ARG B 708 -51.51 22.50 10.37
CA ARG B 708 -50.96 22.47 9.00
C ARG B 708 -50.29 23.83 8.78
N SER B 709 -49.26 23.86 7.95
CA SER B 709 -48.51 25.09 7.69
C SER B 709 -48.93 25.69 6.36
N ALA B 710 -48.55 26.95 6.15
CA ALA B 710 -48.83 27.70 4.90
C ALA B 710 -48.35 26.94 3.64
N ARG B 711 -47.23 26.22 3.79
CA ARG B 711 -46.65 25.52 2.68
C ARG B 711 -47.56 24.42 2.10
N TRP B 712 -48.21 23.62 2.95
CA TRP B 712 -49.14 22.56 2.50
C TRP B 712 -50.48 23.12 1.97
N LEU B 713 -50.72 22.93 0.67
CA LEU B 713 -51.99 23.31 0.04
C LEU B 713 -52.90 22.08 0.05
N SER B 714 -54.10 22.25 0.61
CA SER B 714 -55.05 21.14 0.75
C SER B 714 -55.75 20.86 -0.56
N THR B 715 -55.99 19.57 -0.84
CA THR B 715 -56.84 19.19 -1.94
C THR B 715 -58.18 18.59 -1.48
N SER B 716 -58.36 18.36 -0.17
CA SER B 716 -59.63 17.86 0.36
C SER B 716 -60.64 18.97 0.73
N ILE B 717 -60.21 20.24 0.69
CA ILE B 717 -60.99 21.37 1.18
C ILE B 717 -60.76 22.56 0.26
N PRO B 718 -61.82 23.16 -0.35
CA PRO B 718 -61.53 24.23 -1.32
C PRO B 718 -60.85 25.45 -0.71
N GLU B 719 -60.30 26.32 -1.56
CA GLU B 719 -59.67 27.55 -1.10
C GLU B 719 -60.61 28.31 -0.19
N ALA B 720 -61.81 28.60 -0.66
CA ALA B 720 -62.89 29.24 0.12
C ALA B 720 -62.89 28.95 1.65
N GLN B 721 -62.76 27.69 2.05
CA GLN B 721 -62.76 27.30 3.49
C GLN B 721 -61.37 26.97 4.09
N TRP B 722 -60.29 27.52 3.52
CA TRP B 722 -58.91 27.30 4.04
C TRP B 722 -58.76 27.69 5.53
N GLN B 723 -59.50 28.74 5.93
CA GLN B 723 -59.48 29.27 7.31
C GLN B 723 -60.17 28.37 8.38
N SER B 724 -61.03 27.43 7.95
CA SER B 724 -61.92 26.66 8.85
C SER B 724 -61.25 25.85 9.99
N SER B 725 -62.06 25.49 11.01
CA SER B 725 -61.66 24.59 12.14
C SER B 725 -61.10 23.22 11.70
N LEU B 726 -61.64 22.71 10.60
CA LEU B 726 -61.23 21.45 9.99
C LEU B 726 -59.84 21.54 9.38
N ALA B 727 -59.65 22.58 8.57
CA ALA B 727 -58.39 22.89 7.87
C ALA B 727 -57.22 23.38 8.76
N ARG B 728 -57.47 23.77 10.02
CA ARG B 728 -56.38 24.24 10.91
C ARG B 728 -55.31 23.14 11.07
N THR B 729 -55.78 21.94 11.38
CA THR B 729 -54.94 20.82 11.77
C THR B 729 -55.14 19.65 10.82
N SER B 730 -54.17 18.73 10.85
CA SER B 730 -54.25 17.40 10.24
C SER B 730 -54.82 16.44 11.27
N SER B 731 -56.13 16.57 11.46
CA SER B 731 -56.91 15.86 12.47
C SER B 731 -57.45 14.56 11.87
N ALA B 732 -58.05 13.72 12.73
CA ALA B 732 -58.82 12.56 12.26
C ALA B 732 -59.98 13.04 11.37
N GLU B 733 -60.55 14.17 11.78
CA GLU B 733 -61.60 14.86 11.03
C GLU B 733 -61.14 15.29 9.62
N TYR B 734 -59.93 15.86 9.51
CA TYR B 734 -59.35 16.22 8.20
C TYR B 734 -59.24 15.03 7.25
N ASN B 735 -58.84 13.89 7.81
CA ASN B 735 -58.59 12.66 7.05
C ASN B 735 -59.85 12.03 6.51
N VAL B 736 -60.84 11.87 7.38
CA VAL B 736 -62.13 11.34 6.96
C VAL B 736 -62.68 12.22 5.82
N ASN B 737 -62.71 13.54 6.04
CA ASN B 737 -63.17 14.50 5.03
C ASN B 737 -62.55 14.25 3.64
N ASN B 738 -61.24 13.97 3.60
CA ASN B 738 -60.50 13.70 2.34
C ASN B 738 -61.08 12.54 1.56
N LEU B 739 -61.46 11.49 2.29
CA LEU B 739 -61.99 10.26 1.71
C LEU B 739 -63.28 10.46 0.94
N VAL B 740 -64.18 11.28 1.50
CA VAL B 740 -65.52 11.48 0.94
C VAL B 740 -65.54 12.64 -0.05
N SER B 741 -64.81 13.73 0.28
CA SER B 741 -64.79 14.94 -0.55
C SER B 741 -64.05 14.72 -1.86
N PRO B 742 -64.28 15.60 -2.85
CA PRO B 742 -63.56 15.40 -4.08
C PRO B 742 -62.12 15.92 -3.93
N VAL B 743 -61.23 15.51 -4.85
CA VAL B 743 -59.82 15.90 -4.80
C VAL B 743 -59.63 17.11 -5.72
N LEU B 744 -59.36 18.26 -5.11
CA LEU B 744 -59.28 19.53 -5.81
C LEU B 744 -57.82 19.85 -6.13
N PHE B 745 -57.33 19.17 -7.16
CA PHE B 745 -55.91 19.09 -7.47
C PHE B 745 -55.47 20.26 -8.35
N GLN B 746 -56.10 20.41 -9.51
CA GLN B 746 -55.84 21.56 -10.41
C GLN B 746 -56.03 22.90 -9.70
N GLU B 747 -56.86 22.90 -8.65
CA GLU B 747 -57.08 24.09 -7.81
C GLU B 747 -55.76 24.56 -7.18
N ALA B 748 -54.99 23.61 -6.63
CA ALA B 748 -53.69 23.93 -6.02
C ALA B 748 -52.59 24.22 -7.05
N LEU B 749 -52.60 23.48 -8.16
CA LEU B 749 -51.61 23.66 -9.22
C LEU B 749 -51.56 25.07 -9.83
N TRP B 750 -52.62 25.86 -9.73
CA TRP B 750 -52.53 27.30 -10.07
C TRP B 750 -51.44 28.00 -9.23
N HIS B 751 -51.36 27.65 -7.94
CA HIS B 751 -50.48 28.33 -6.97
C HIS B 751 -48.97 28.14 -7.21
N ILE B 752 -48.56 27.11 -7.96
CA ILE B 752 -47.12 26.81 -8.17
C ILE B 752 -46.38 27.94 -8.90
N PRO B 753 -45.35 28.56 -8.27
CA PRO B 753 -44.72 29.75 -8.88
C PRO B 753 -43.95 29.44 -10.18
N GLU B 754 -43.38 30.48 -10.79
CA GLU B 754 -42.57 30.31 -12.01
C GLU B 754 -41.25 29.59 -11.69
N HIS B 755 -40.74 28.80 -12.66
CA HIS B 755 -39.43 28.12 -12.55
C HIS B 755 -39.29 27.11 -11.39
N ALA B 756 -40.39 26.56 -10.89
CA ALA B 756 -40.32 25.65 -9.75
C ALA B 756 -39.89 24.23 -10.17
N VAL B 757 -39.52 23.46 -9.16
CA VAL B 757 -39.08 22.09 -9.37
C VAL B 757 -40.06 21.18 -8.63
N VAL B 758 -40.68 20.29 -9.38
CA VAL B 758 -41.82 19.54 -8.90
C VAL B 758 -41.49 18.06 -8.83
N LEU B 759 -41.56 17.51 -7.63
CA LEU B 759 -41.14 16.12 -7.37
C LEU B 759 -42.31 15.20 -7.08
N GLU B 760 -42.56 14.25 -7.97
CA GLU B 760 -43.67 13.33 -7.78
C GLU B 760 -43.27 12.17 -6.87
N ILE B 761 -43.60 12.33 -5.59
CA ILE B 761 -43.29 11.37 -4.55
C ILE B 761 -44.30 10.23 -4.54
N ALA B 762 -43.97 9.17 -5.25
CA ALA B 762 -44.87 8.02 -5.38
C ALA B 762 -44.12 6.85 -5.93
N PRO B 763 -44.51 5.62 -5.55
CA PRO B 763 -43.82 4.43 -6.05
C PRO B 763 -43.97 4.21 -7.56
N HIS B 764 -44.83 4.96 -8.22
CA HIS B 764 -44.76 5.08 -9.66
C HIS B 764 -45.30 6.46 -10.02
N ALA B 765 -44.68 7.07 -11.04
CA ALA B 765 -44.89 8.50 -11.30
C ALA B 765 -46.07 8.67 -12.25
N LEU B 766 -47.26 8.42 -11.73
CA LEU B 766 -48.51 8.40 -12.52
C LEU B 766 -48.87 9.80 -13.02
N LEU B 767 -48.83 10.75 -12.11
CA LEU B 767 -49.26 12.10 -12.40
C LEU B 767 -48.26 12.97 -13.24
N GLN B 768 -47.19 12.37 -13.76
CA GLN B 768 -46.27 13.11 -14.63
C GLN B 768 -47.03 13.83 -15.73
N ALA B 769 -47.79 13.04 -16.49
CA ALA B 769 -48.65 13.52 -17.58
C ALA B 769 -49.47 14.76 -17.17
N VAL B 770 -50.16 14.63 -16.03
CA VAL B 770 -51.09 15.64 -15.52
C VAL B 770 -50.37 16.92 -15.08
N LEU B 771 -49.23 16.75 -14.40
CA LEU B 771 -48.48 17.87 -13.85
C LEU B 771 -47.92 18.76 -14.98
N LYS B 772 -47.46 18.15 -16.08
CA LYS B 772 -46.99 18.91 -17.25
C LYS B 772 -48.08 19.84 -17.75
N ARG B 773 -49.27 19.28 -17.96
CA ARG B 773 -50.43 20.06 -18.39
C ARG B 773 -50.90 21.08 -17.32
N GLY B 774 -50.96 20.65 -16.06
CA GLY B 774 -51.45 21.49 -14.97
C GLY B 774 -50.57 22.66 -14.52
N VAL B 775 -49.26 22.57 -14.72
CA VAL B 775 -48.28 23.51 -14.15
C VAL B 775 -47.63 24.34 -15.24
N LYS B 776 -47.15 25.54 -14.87
CA LYS B 776 -46.52 26.49 -15.82
C LYS B 776 -45.39 25.92 -16.71
N SER B 777 -45.20 26.51 -17.89
CA SER B 777 -44.23 26.05 -18.91
C SER B 777 -42.80 25.92 -18.39
N SER B 778 -42.36 26.98 -17.71
CA SER B 778 -41.02 27.04 -17.10
C SER B 778 -40.70 25.81 -16.24
N CYS B 779 -41.53 25.59 -15.23
CA CYS B 779 -41.37 24.51 -14.22
C CYS B 779 -40.87 23.17 -14.79
N THR B 780 -39.92 22.54 -14.09
CA THR B 780 -39.46 21.19 -14.44
C THR B 780 -40.06 20.16 -13.46
N ILE B 781 -40.50 19.04 -14.02
CA ILE B 781 -41.28 18.02 -13.32
C ILE B 781 -40.45 16.75 -13.30
N ILE B 782 -40.22 16.21 -12.12
CA ILE B 782 -39.25 15.14 -11.97
C ILE B 782 -39.92 13.97 -11.24
N PRO B 783 -39.92 12.79 -11.86
CA PRO B 783 -40.40 11.57 -11.20
C PRO B 783 -39.38 11.03 -10.22
N LEU B 784 -39.76 10.09 -9.38
CA LEU B 784 -38.80 9.43 -8.51
C LEU B 784 -38.77 7.93 -8.64
N MET B 785 -39.89 7.29 -8.95
CA MET B 785 -39.88 5.86 -9.28
C MET B 785 -40.72 5.63 -10.53
N LYS B 786 -40.45 4.52 -11.22
CA LYS B 786 -41.19 4.14 -12.39
C LYS B 786 -41.45 2.64 -12.29
N ARG B 787 -42.63 2.24 -12.77
CA ARG B 787 -43.18 0.92 -12.58
C ARG B 787 -42.50 -0.01 -13.59
N ASP B 788 -42.08 -1.16 -13.09
CA ASP B 788 -41.30 -2.17 -13.87
C ASP B 788 -40.05 -1.60 -14.57
N HIS B 789 -39.35 -0.66 -13.93
CA HIS B 789 -38.03 -0.19 -14.41
C HIS B 789 -37.09 -1.27 -13.96
N LYS B 790 -36.04 -1.56 -14.75
CA LYS B 790 -35.15 -2.70 -14.45
C LYS B 790 -34.58 -2.52 -13.02
N ASP B 791 -34.35 -1.26 -12.63
CA ASP B 791 -33.67 -0.89 -11.40
C ASP B 791 -34.18 0.52 -11.02
N ASN B 792 -34.92 0.61 -9.93
CA ASN B 792 -35.48 1.90 -9.49
C ASN B 792 -34.49 2.73 -8.69
N LEU B 793 -33.49 2.07 -8.11
CA LEU B 793 -32.46 2.81 -7.39
C LEU B 793 -31.71 3.69 -8.38
N GLU B 794 -31.23 3.08 -9.47
CA GLU B 794 -30.70 3.86 -10.60
C GLU B 794 -31.66 4.99 -10.97
N PHE B 795 -32.94 4.68 -11.15
CA PHE B 795 -33.91 5.70 -11.56
C PHE B 795 -33.98 6.88 -10.56
N PHE B 796 -34.05 6.53 -9.28
CA PHE B 796 -34.16 7.52 -8.20
C PHE B 796 -32.95 8.44 -8.21
N LEU B 797 -31.77 7.81 -8.20
CA LEU B 797 -30.50 8.52 -8.30
C LEU B 797 -30.51 9.39 -9.54
N THR B 798 -30.84 8.82 -10.70
CA THR B 798 -30.80 9.68 -11.87
C THR B 798 -31.70 10.92 -11.76
N ASN B 799 -32.82 10.79 -11.09
CA ASN B 799 -33.73 11.93 -10.94
C ASN B 799 -33.28 12.94 -9.85
N LEU B 800 -32.66 12.45 -8.76
CA LEU B 800 -31.98 13.38 -7.84
C LEU B 800 -30.92 14.20 -8.58
N GLY B 801 -30.14 13.53 -9.43
CA GLY B 801 -29.26 14.21 -10.32
C GLY B 801 -29.92 15.36 -11.08
N LYS B 802 -31.09 15.09 -11.65
CA LYS B 802 -31.82 16.14 -12.37
C LYS B 802 -32.23 17.33 -11.47
N VAL B 803 -32.42 17.08 -10.18
CA VAL B 803 -32.70 18.16 -9.23
C VAL B 803 -31.44 19.05 -9.10
N HIS B 804 -30.29 18.42 -8.86
CA HIS B 804 -29.01 19.12 -8.79
C HIS B 804 -28.77 19.95 -10.06
N LEU B 805 -29.12 19.38 -11.21
CA LEU B 805 -29.05 20.10 -12.48
C LEU B 805 -29.80 21.44 -12.52
N THR B 806 -30.82 21.60 -11.67
CA THR B 806 -31.63 22.80 -11.68
C THR B 806 -30.97 23.97 -10.97
N GLY B 807 -30.00 23.69 -10.09
CA GLY B 807 -29.39 24.73 -9.24
C GLY B 807 -29.71 24.57 -7.76
N ILE B 808 -30.66 23.69 -7.43
CA ILE B 808 -30.94 23.37 -6.04
C ILE B 808 -29.83 22.43 -5.56
N ASN B 809 -29.28 22.65 -4.37
CA ASN B 809 -28.17 21.81 -3.95
C ASN B 809 -28.65 20.51 -3.33
N VAL B 810 -28.00 19.42 -3.72
CA VAL B 810 -28.32 18.08 -3.29
C VAL B 810 -27.03 17.39 -2.93
N ASN B 811 -26.95 16.76 -1.77
CA ASN B 811 -25.74 16.05 -1.38
C ASN B 811 -26.04 14.57 -1.22
N PRO B 812 -25.78 13.78 -2.29
CA PRO B 812 -26.00 12.36 -2.28
C PRO B 812 -25.32 11.57 -1.20
N ASN B 813 -24.31 12.11 -0.53
CA ASN B 813 -23.52 11.26 0.38
C ASN B 813 -24.33 10.66 1.52
N ALA B 814 -25.36 11.39 1.96
CA ALA B 814 -26.24 10.90 3.03
C ALA B 814 -27.12 9.70 2.67
N LEU B 815 -27.27 9.39 1.38
CA LEU B 815 -28.02 8.23 0.95
C LEU B 815 -27.31 6.94 1.34
N PHE B 816 -25.98 6.98 1.44
CA PHE B 816 -25.15 5.77 1.67
C PHE B 816 -24.41 5.90 2.98
N PRO B 817 -23.86 4.80 3.49
CA PRO B 817 -23.19 4.95 4.80
C PRO B 817 -22.02 5.91 4.71
N PRO B 818 -21.81 6.71 5.76
CA PRO B 818 -20.84 7.79 5.71
C PRO B 818 -19.40 7.24 5.59
N VAL B 819 -18.55 7.92 4.81
CA VAL B 819 -17.19 7.49 4.60
C VAL B 819 -16.36 7.91 5.79
N GLU B 820 -15.46 7.03 6.24
CA GLU B 820 -14.60 7.31 7.40
C GLU B 820 -13.34 8.01 6.91
N PHE B 821 -13.13 9.24 7.36
CA PHE B 821 -11.93 10.00 6.99
C PHE B 821 -10.90 9.90 8.12
N PRO B 822 -9.61 10.11 7.86
CA PRO B 822 -9.06 10.55 6.61
C PRO B 822 -9.21 9.60 5.45
N ALA B 823 -9.38 10.13 4.26
CA ALA B 823 -9.37 9.31 3.05
C ALA B 823 -8.14 8.44 2.97
N PRO B 824 -8.29 7.26 2.39
CA PRO B 824 -7.12 6.40 2.23
C PRO B 824 -6.07 7.02 1.31
N ARG B 825 -4.81 6.65 1.56
CA ARG B 825 -3.73 6.96 0.66
C ARG B 825 -4.05 6.46 -0.71
N GLY B 826 -3.69 7.26 -1.71
CA GLY B 826 -3.90 6.91 -3.08
C GLY B 826 -5.21 7.39 -3.64
N THR B 827 -6.08 7.93 -2.80
CA THR B 827 -7.27 8.58 -3.31
C THR B 827 -6.87 9.54 -4.41
N PRO B 828 -7.47 9.45 -5.59
CA PRO B 828 -7.00 10.23 -6.72
C PRO B 828 -6.96 11.71 -6.43
N LEU B 829 -6.03 12.40 -7.08
CA LEU B 829 -5.94 13.86 -6.97
C LEU B 829 -7.19 14.50 -7.57
N ILE B 830 -7.62 15.58 -6.95
CA ILE B 830 -8.70 16.40 -7.46
C ILE B 830 -8.17 17.65 -8.18
N SER B 831 -7.08 18.26 -7.70
CA SER B 831 -6.59 19.54 -8.25
C SER B 831 -6.47 19.59 -9.77
N PRO B 832 -5.97 18.51 -10.40
CA PRO B 832 -5.77 18.61 -11.84
C PRO B 832 -7.07 18.62 -12.66
N HIS B 833 -8.20 18.23 -12.06
CA HIS B 833 -9.47 18.21 -12.76
C HIS B 833 -10.36 19.42 -12.45
N ILE B 834 -9.78 20.46 -11.87
CA ILE B 834 -10.52 21.70 -11.65
C ILE B 834 -10.16 22.58 -12.83
N LYS B 835 -11.11 22.82 -13.72
CA LYS B 835 -10.86 23.55 -14.96
C LYS B 835 -11.59 24.86 -14.94
N TRP B 836 -10.96 25.84 -15.59
CA TRP B 836 -11.38 27.22 -15.49
C TRP B 836 -11.87 27.75 -16.83
N ASP B 837 -12.45 28.95 -16.84
CA ASP B 837 -12.81 29.63 -18.06
C ASP B 837 -11.64 30.47 -18.49
N HIS B 838 -10.82 29.89 -19.36
CA HIS B 838 -9.66 30.58 -19.89
C HIS B 838 -9.87 31.12 -21.31
N SER B 839 -11.10 31.55 -21.62
CA SER B 839 -11.38 32.16 -22.94
C SER B 839 -10.54 33.43 -23.11
N GLN B 840 -10.56 34.28 -22.07
CA GLN B 840 -9.47 35.11 -21.54
C GLN B 840 -8.74 35.92 -22.48
N THR B 841 -7.48 36.02 -22.83
CA THR B 841 -6.17 35.94 -22.31
C THR B 841 -5.62 37.39 -21.91
N TRP B 842 -4.68 37.47 -20.97
CA TRP B 842 -4.32 38.69 -20.27
C TRP B 842 -2.87 39.12 -20.51
N ASP B 843 -2.57 40.35 -20.11
CA ASP B 843 -1.26 40.93 -20.35
C ASP B 843 -0.28 40.27 -19.42
N VAL B 844 0.96 40.18 -19.87
CA VAL B 844 2.07 39.67 -19.09
C VAL B 844 3.24 40.55 -19.40
N PRO B 845 3.92 41.06 -18.36
CA PRO B 845 5.11 41.89 -18.62
C PRO B 845 6.11 41.16 -19.44
N VAL B 846 6.91 41.92 -20.17
CA VAL B 846 7.97 41.33 -21.03
C VAL B 846 9.33 41.96 -20.78
N ALA B 847 10.39 41.34 -21.29
CA ALA B 847 11.76 41.79 -20.93
C ALA B 847 12.01 43.26 -21.21
N GLU B 848 11.43 43.76 -22.29
CA GLU B 848 11.62 45.15 -22.70
C GLU B 848 10.95 46.13 -21.73
N ASP B 849 9.99 45.68 -20.91
CA ASP B 849 9.43 46.52 -19.84
C ASP B 849 10.41 46.86 -18.71
N PHE B 850 11.60 46.25 -18.69
CA PHE B 850 12.56 46.57 -17.65
C PHE B 850 13.80 47.27 -18.21
N PRO B 851 14.58 47.95 -17.36
CA PRO B 851 15.79 48.66 -17.76
C PRO B 851 16.88 47.86 -18.48
N ASN B 852 17.78 48.50 -19.25
CA ASN B 852 18.98 47.83 -19.91
C ASN B 852 20.27 48.65 -20.12
N SER C 1 -17.09 -25.30 -4.58
CA SER C 1 -17.36 -26.00 -3.30
C SER C 1 -16.52 -25.65 -2.10
N GLU C 2 -15.24 -25.32 -2.23
CA GLU C 2 -14.39 -24.84 -1.12
C GLU C 2 -13.55 -23.65 -1.67
N GLU C 3 -13.46 -22.53 -0.95
CA GLU C 3 -12.74 -21.35 -1.47
C GLU C 3 -11.23 -21.58 -1.44
N VAL C 4 -10.53 -21.23 -2.52
CA VAL C 4 -9.10 -21.49 -2.61
C VAL C 4 -8.39 -20.15 -2.66
N VAL C 5 -7.38 -19.96 -1.83
CA VAL C 5 -6.61 -18.71 -1.81
C VAL C 5 -5.13 -18.92 -2.10
N ILE C 6 -4.48 -17.86 -2.56
CA ILE C 6 -3.03 -17.85 -2.69
C ILE C 6 -2.51 -17.28 -1.38
N ALA C 7 -1.90 -18.15 -0.58
CA ALA C 7 -1.52 -17.85 0.80
C ALA C 7 -0.11 -17.34 0.97
N GLY C 8 0.82 -17.78 0.13
CA GLY C 8 2.23 -17.46 0.31
C GLY C 8 2.99 -17.58 -0.98
N MET C 9 4.06 -16.79 -1.10
CA MET C 9 4.88 -16.85 -2.29
C MET C 9 6.32 -16.50 -2.06
N SER C 10 7.17 -17.03 -2.93
CA SER C 10 8.57 -16.67 -2.97
C SER C 10 9.11 -16.95 -4.36
N GLY C 11 10.29 -16.46 -4.66
CA GLY C 11 10.91 -16.79 -5.90
C GLY C 11 12.29 -16.22 -6.12
N LYS C 12 12.99 -16.77 -7.11
CA LYS C 12 14.19 -16.17 -7.63
C LYS C 12 13.91 -15.86 -9.08
N LEU C 13 14.18 -14.65 -9.46
CA LEU C 13 13.97 -14.22 -10.85
C LEU C 13 15.26 -13.64 -11.38
N PRO C 14 15.28 -13.31 -12.67
CA PRO C 14 16.45 -12.63 -13.21
C PRO C 14 16.84 -11.38 -12.47
N GLU C 15 18.14 -11.31 -12.24
CA GLU C 15 18.77 -10.32 -11.38
C GLU C 15 18.02 -10.06 -10.08
N SER C 16 17.35 -11.06 -9.53
CA SER C 16 16.44 -10.84 -8.41
C SER C 16 16.52 -12.02 -7.47
N GLU C 17 17.26 -11.83 -6.38
CA GLU C 17 17.51 -12.88 -5.44
C GLU C 17 16.29 -13.27 -4.62
N ASN C 18 15.30 -12.39 -4.58
CA ASN C 18 14.04 -12.68 -3.91
C ASN C 18 12.95 -11.77 -4.42
N LEU C 19 11.73 -11.90 -3.91
CA LEU C 19 10.63 -11.14 -4.48
C LEU C 19 10.69 -9.67 -4.22
N GLN C 20 11.47 -9.26 -3.22
CA GLN C 20 11.65 -7.82 -2.94
C GLN C 20 12.54 -7.18 -3.98
N GLU C 21 13.67 -7.82 -4.29
CA GLU C 21 14.53 -7.36 -5.36
C GLU C 21 13.80 -7.37 -6.71
N PHE C 22 12.89 -8.33 -6.88
CA PHE C 22 12.10 -8.43 -8.09
C PHE C 22 11.17 -7.25 -8.20
N TRP C 23 10.48 -6.94 -7.11
CA TRP C 23 9.57 -5.80 -7.10
C TRP C 23 10.31 -4.49 -7.38
N ALA C 24 11.44 -4.30 -6.72
CA ALA C 24 12.30 -3.15 -6.96
C ALA C 24 12.64 -2.98 -8.42
N ASN C 25 13.05 -4.05 -9.09
CA ASN C 25 13.35 -4.00 -10.52
C ASN C 25 12.10 -3.70 -11.39
N LEU C 26 10.96 -4.23 -10.97
CA LEU C 26 9.73 -4.04 -11.75
C LEU C 26 9.29 -2.56 -11.69
N ILE C 27 9.08 -2.07 -10.49
CA ILE C 27 8.54 -0.74 -10.30
C ILE C 27 9.54 0.30 -10.68
N GLY C 28 10.81 -0.03 -10.52
CA GLY C 28 11.90 0.82 -10.98
C GLY C 28 12.27 0.79 -12.45
N GLY C 29 11.63 -0.06 -13.23
CA GLY C 29 11.90 -0.13 -14.67
C GLY C 29 13.29 -0.62 -15.06
N VAL C 30 13.91 -1.41 -14.21
CA VAL C 30 15.13 -2.09 -14.54
C VAL C 30 14.77 -3.28 -15.44
N ASP C 31 15.64 -3.47 -16.43
CA ASP C 31 15.57 -4.59 -17.35
C ASP C 31 16.46 -5.67 -16.81
N MET C 32 15.86 -6.82 -16.51
CA MET C 32 16.55 -7.92 -15.83
C MET C 32 17.21 -8.90 -16.83
N VAL C 33 16.97 -8.63 -18.11
CA VAL C 33 17.63 -9.38 -19.16
C VAL C 33 19.03 -8.81 -19.28
N THR C 34 20.05 -9.67 -19.32
CA THR C 34 21.47 -9.28 -19.35
C THR C 34 22.19 -9.96 -20.46
N ASP C 35 23.43 -9.57 -20.74
CA ASP C 35 24.22 -10.15 -21.86
C ASP C 35 25.60 -10.68 -21.51
N ASP C 36 25.82 -10.96 -20.23
CA ASP C 36 27.09 -11.52 -19.79
C ASP C 36 27.22 -13.00 -20.13
N ASP C 37 28.41 -13.54 -19.84
CA ASP C 37 28.83 -14.92 -20.18
C ASP C 37 28.50 -15.97 -19.12
N ARG C 38 27.59 -15.68 -18.20
CA ARG C 38 27.30 -16.56 -17.07
C ARG C 38 27.06 -18.04 -17.41
N ARG C 39 26.30 -18.29 -18.47
CA ARG C 39 25.89 -19.65 -18.77
C ARG C 39 26.72 -20.24 -19.92
N TRP C 40 26.99 -19.39 -20.90
CA TRP C 40 27.85 -19.75 -22.02
C TRP C 40 28.39 -18.47 -22.69
N LYS C 41 29.41 -18.59 -23.53
CA LYS C 41 30.02 -17.39 -24.14
C LYS C 41 28.94 -16.73 -24.95
N ALA C 42 28.70 -15.43 -24.77
CA ALA C 42 27.58 -14.79 -25.45
C ALA C 42 27.90 -14.73 -26.95
N GLY C 43 26.93 -15.07 -27.80
CA GLY C 43 27.13 -15.17 -29.22
C GLY C 43 27.27 -16.60 -29.75
N LEU C 44 27.68 -17.52 -28.88
CA LEU C 44 27.89 -18.93 -29.22
C LEU C 44 26.84 -19.48 -30.14
N TYR C 45 27.27 -20.17 -31.18
CA TYR C 45 26.39 -20.70 -32.22
C TYR C 45 25.43 -19.67 -32.84
N GLY C 46 25.78 -18.40 -32.78
CA GLY C 46 24.93 -17.32 -33.34
C GLY C 46 23.74 -16.96 -32.47
N LEU C 47 23.77 -17.37 -31.21
CA LEU C 47 22.64 -17.19 -30.32
C LEU C 47 22.53 -15.77 -29.90
N PRO C 48 21.35 -15.36 -29.46
CA PRO C 48 21.24 -14.04 -28.86
C PRO C 48 22.16 -13.92 -27.66
N LYS C 49 22.77 -12.75 -27.52
CA LYS C 49 23.63 -12.45 -26.38
C LYS C 49 22.82 -12.26 -25.11
N ARG C 50 21.55 -11.90 -25.27
CA ARG C 50 20.69 -11.57 -24.14
C ARG C 50 19.81 -12.72 -23.65
N SER C 51 19.73 -12.88 -22.32
CA SER C 51 18.79 -13.80 -21.68
C SER C 51 18.60 -13.40 -20.24
N GLY C 52 17.46 -13.79 -19.66
CA GLY C 52 17.16 -13.50 -18.24
C GLY C 52 17.84 -14.53 -17.37
N LYS C 53 18.80 -14.15 -16.53
CA LYS C 53 19.49 -15.18 -15.73
C LYS C 53 19.51 -14.92 -14.24
N LEU C 54 19.45 -15.97 -13.45
CA LEU C 54 19.50 -15.88 -12.00
C LEU C 54 20.89 -15.44 -11.56
N LYS C 55 20.97 -14.70 -10.45
CA LYS C 55 22.26 -14.23 -9.99
C LYS C 55 23.14 -15.40 -9.62
N ASP C 56 22.61 -16.38 -8.90
CA ASP C 56 23.40 -17.51 -8.47
C ASP C 56 22.66 -18.89 -8.55
N LEU C 57 23.38 -19.93 -8.98
CA LEU C 57 22.91 -21.33 -8.91
C LEU C 57 23.65 -22.20 -7.87
N SER C 58 24.78 -21.69 -7.38
CA SER C 58 25.68 -22.42 -6.51
C SER C 58 25.32 -22.57 -5.04
N LYS C 59 24.31 -21.84 -4.54
CA LYS C 59 23.97 -21.89 -3.11
C LYS C 59 22.80 -22.81 -2.77
N PHE C 60 22.84 -23.36 -1.55
CA PHE C 60 21.87 -24.36 -1.07
C PHE C 60 22.22 -24.77 0.33
N ASP C 61 21.27 -24.60 1.25
CA ASP C 61 21.50 -24.95 2.65
C ASP C 61 21.23 -26.45 2.88
N ALA C 62 22.15 -27.25 2.37
CA ALA C 62 21.98 -28.68 2.28
C ALA C 62 21.56 -29.36 3.57
N SER C 63 22.20 -29.03 4.68
CA SER C 63 21.91 -29.79 5.92
C SER C 63 20.49 -29.52 6.40
N PHE C 64 19.97 -28.33 6.18
CA PHE C 64 18.58 -28.07 6.54
C PHE C 64 17.61 -29.02 5.87
N PHE C 65 17.94 -29.39 4.63
CA PHE C 65 17.10 -30.27 3.81
C PHE C 65 17.53 -31.73 3.86
N GLY C 66 18.48 -32.02 4.74
CA GLY C 66 18.90 -33.38 4.99
C GLY C 66 19.69 -33.97 3.86
N VAL C 67 20.37 -33.13 3.12
CA VAL C 67 21.13 -33.57 1.96
C VAL C 67 22.59 -33.57 2.31
N HIS C 68 23.26 -34.73 2.19
CA HIS C 68 24.70 -34.77 2.47
C HIS C 68 25.45 -34.13 1.30
N PRO C 69 26.70 -33.72 1.52
CA PRO C 69 27.36 -32.96 0.47
C PRO C 69 27.57 -33.63 -0.87
N LYS C 70 27.77 -34.94 -0.88
CA LYS C 70 28.04 -35.63 -2.15
C LYS C 70 26.80 -35.57 -3.05
N GLN C 71 25.62 -35.53 -2.43
CA GLN C 71 24.36 -35.43 -3.17
C GLN C 71 24.00 -34.01 -3.57
N ALA C 72 24.20 -33.08 -2.65
CA ALA C 72 24.03 -31.67 -2.96
C ALA C 72 24.73 -31.29 -4.26
N HIS C 73 25.96 -31.74 -4.41
CA HIS C 73 26.74 -31.43 -5.61
C HIS C 73 26.18 -32.03 -6.88
N THR C 74 25.34 -33.06 -6.77
CA THR C 74 24.70 -33.71 -7.92
C THR C 74 23.16 -33.57 -7.95
N MET C 75 22.66 -32.45 -7.44
CA MET C 75 21.26 -32.08 -7.59
C MET C 75 21.09 -31.05 -8.70
N ASP C 76 19.99 -31.13 -9.44
CA ASP C 76 19.60 -30.08 -10.39
C ASP C 76 19.57 -28.79 -9.59
N PRO C 77 20.24 -27.75 -10.07
CA PRO C 77 20.11 -26.54 -9.27
C PRO C 77 18.67 -26.06 -9.21
N GLN C 78 17.86 -26.35 -10.22
CA GLN C 78 16.42 -26.12 -10.13
C GLN C 78 15.83 -26.58 -8.80
N LEU C 79 16.19 -27.78 -8.38
CA LEU C 79 15.62 -28.41 -7.21
C LEU C 79 16.15 -27.82 -5.91
N ARG C 80 17.46 -27.59 -5.87
CA ARG C 80 18.10 -26.99 -4.71
C ARG C 80 17.43 -25.65 -4.44
N LEU C 81 17.30 -24.84 -5.49
CA LEU C 81 16.64 -23.56 -5.36
C LEU C 81 15.17 -23.71 -5.02
N LEU C 82 14.50 -24.66 -5.63
CA LEU C 82 13.09 -24.85 -5.37
C LEU C 82 12.82 -25.26 -3.92
N LEU C 83 13.71 -26.04 -3.33
CA LEU C 83 13.52 -26.44 -1.94
C LEU C 83 13.47 -25.22 -1.02
N GLU C 84 14.43 -24.31 -1.18
CA GLU C 84 14.50 -23.08 -0.40
C GLU C 84 13.27 -22.21 -0.70
N VAL C 85 12.96 -22.04 -1.98
CA VAL C 85 11.85 -21.17 -2.35
C VAL C 85 10.52 -21.75 -1.86
N SER C 86 10.37 -23.06 -1.91
CA SER C 86 9.18 -23.70 -1.38
C SER C 86 9.06 -23.44 0.13
N TYR C 87 10.13 -23.61 0.90
CA TYR C 87 10.09 -23.27 2.33
C TYR C 87 9.74 -21.78 2.50
N GLU C 88 10.44 -20.92 1.78
CA GLU C 88 10.19 -19.48 1.84
C GLU C 88 8.71 -19.21 1.61
N ALA C 89 8.10 -19.89 0.65
CA ALA C 89 6.71 -19.59 0.29
C ALA C 89 5.72 -20.01 1.35
N ILE C 90 5.95 -21.15 1.99
CA ILE C 90 5.06 -21.60 3.05
C ILE C 90 5.10 -20.60 4.23
N VAL C 91 6.30 -20.26 4.72
CA VAL C 91 6.38 -19.37 5.87
C VAL C 91 5.98 -17.95 5.49
N ASP C 92 6.09 -17.60 4.21
CA ASP C 92 5.60 -16.29 3.76
C ASP C 92 4.14 -16.13 4.08
N GLY C 93 3.39 -17.22 4.06
CA GLY C 93 1.99 -17.12 4.28
C GLY C 93 1.55 -17.14 5.73
N GLY C 94 2.53 -17.02 6.63
CA GLY C 94 2.29 -17.10 8.04
C GLY C 94 2.06 -18.49 8.57
N ILE C 95 2.56 -19.49 7.85
CA ILE C 95 2.20 -20.87 8.17
C ILE C 95 3.41 -21.68 8.51
N ASN C 96 3.35 -22.35 9.64
CA ASN C 96 4.48 -23.14 10.08
C ASN C 96 4.39 -24.41 9.28
N PRO C 97 5.47 -24.77 8.58
CA PRO C 97 5.39 -25.96 7.77
C PRO C 97 4.99 -27.21 8.55
N ALA C 98 5.28 -27.27 9.84
CA ALA C 98 4.93 -28.43 10.63
C ALA C 98 3.43 -28.66 10.64
N SER C 99 2.67 -27.57 10.53
CA SER C 99 1.24 -27.69 10.53
C SER C 99 0.71 -28.46 9.33
N LEU C 100 1.49 -28.58 8.26
CA LEU C 100 1.04 -29.33 7.07
C LEU C 100 1.66 -30.75 6.91
N ARG C 101 2.63 -31.10 7.75
CA ARG C 101 3.24 -32.41 7.69
C ARG C 101 2.21 -33.48 7.96
N GLY C 102 2.31 -34.57 7.22
CA GLY C 102 1.38 -35.66 7.35
C GLY C 102 0.05 -35.43 6.66
N THR C 103 -0.23 -34.23 6.19
CA THR C 103 -1.56 -33.90 5.64
C THR C 103 -1.60 -34.32 4.17
N ASN C 104 -2.77 -34.28 3.55
CA ASN C 104 -2.88 -34.59 2.13
C ASN C 104 -2.64 -33.37 1.23
N THR C 105 -1.69 -32.53 1.64
CA THR C 105 -1.23 -31.41 0.86
C THR C 105 -0.56 -31.95 -0.37
N GLY C 106 -0.87 -31.34 -1.51
CA GLY C 106 -0.33 -31.74 -2.82
C GLY C 106 0.81 -30.85 -3.26
N VAL C 107 1.54 -31.34 -4.26
CA VAL C 107 2.65 -30.66 -4.89
C VAL C 107 2.54 -30.81 -6.39
N TRP C 108 2.54 -29.71 -7.12
CA TRP C 108 2.50 -29.73 -8.56
C TRP C 108 3.60 -28.77 -9.03
N VAL C 109 4.49 -29.23 -9.88
CA VAL C 109 5.59 -28.41 -10.36
C VAL C 109 5.58 -28.39 -11.87
N GLY C 110 5.54 -27.20 -12.44
CA GLY C 110 5.65 -27.03 -13.88
C GLY C 110 7.12 -26.98 -14.25
N VAL C 111 7.54 -27.84 -15.16
CA VAL C 111 8.95 -27.96 -15.49
C VAL C 111 9.11 -28.67 -16.80
N SER C 112 9.98 -28.11 -17.64
CA SER C 112 10.13 -28.54 -19.03
C SER C 112 11.53 -29.04 -19.38
N GLY C 113 12.48 -28.97 -18.46
CA GLY C 113 13.87 -29.20 -18.79
C GLY C 113 14.63 -29.86 -17.66
N SER C 114 15.45 -30.84 -18.02
CA SER C 114 16.24 -31.59 -17.05
C SER C 114 17.69 -31.61 -17.54
N GLU C 115 18.19 -30.42 -17.84
CA GLU C 115 19.52 -30.25 -18.44
C GLU C 115 20.60 -30.73 -17.48
N ALA C 116 20.46 -30.47 -16.18
CA ALA C 116 21.41 -31.03 -15.22
C ALA C 116 21.50 -32.58 -15.24
N SER C 117 20.35 -33.24 -15.31
CA SER C 117 20.35 -34.70 -15.40
C SER C 117 21.17 -35.21 -16.60
N GLU C 118 21.08 -34.47 -17.70
CA GLU C 118 21.78 -34.84 -18.91
C GLU C 118 23.28 -34.75 -18.68
N ALA C 119 23.68 -33.63 -18.12
CA ALA C 119 25.07 -33.37 -17.79
C ALA C 119 25.64 -34.39 -16.85
N LEU C 120 24.93 -34.67 -15.77
CA LEU C 120 25.43 -35.56 -14.74
C LEU C 120 25.35 -37.04 -15.07
N SER C 121 24.80 -37.38 -16.23
CA SER C 121 24.74 -38.78 -16.67
C SER C 121 25.51 -39.02 -17.96
N ARG C 122 26.45 -38.13 -18.29
CA ARG C 122 27.14 -38.23 -19.57
C ARG C 122 28.25 -39.26 -19.62
N ASP C 123 28.89 -39.53 -18.49
CA ASP C 123 30.01 -40.46 -18.46
C ASP C 123 29.67 -41.70 -17.62
N PRO C 124 29.37 -42.82 -18.28
CA PRO C 124 29.10 -44.08 -17.58
C PRO C 124 30.17 -44.47 -16.57
N GLU C 125 31.44 -44.23 -16.91
CA GLU C 125 32.53 -44.62 -16.02
C GLU C 125 32.44 -43.93 -14.66
N THR C 126 32.09 -42.64 -14.65
CA THR C 126 32.11 -41.84 -13.42
C THR C 126 30.77 -41.39 -12.83
N LEU C 127 29.66 -41.63 -13.52
CA LEU C 127 28.39 -41.08 -13.06
C LEU C 127 27.91 -41.74 -11.78
N LEU C 128 27.08 -41.03 -11.04
CA LEU C 128 26.56 -41.52 -9.79
C LEU C 128 25.09 -41.85 -9.90
N GLY C 129 24.70 -42.93 -9.24
CA GLY C 129 23.29 -43.28 -9.14
C GLY C 129 22.51 -42.15 -8.53
N TYR C 130 23.03 -41.54 -7.46
CA TYR C 130 22.24 -40.52 -6.76
C TYR C 130 21.94 -39.28 -7.60
N SER C 131 22.67 -39.07 -8.70
CA SER C 131 22.34 -38.00 -9.61
C SER C 131 20.86 -38.06 -10.12
N MET C 132 20.38 -39.27 -10.40
CA MET C 132 18.98 -39.47 -10.79
C MET C 132 18.04 -38.95 -9.70
N VAL C 133 18.33 -39.25 -8.45
CA VAL C 133 17.46 -38.84 -7.37
C VAL C 133 17.48 -37.31 -7.14
N GLY C 134 18.48 -36.63 -7.69
CA GLY C 134 18.55 -35.20 -7.60
C GLY C 134 18.22 -34.47 -8.89
N CYS C 135 18.11 -35.20 -10.00
CA CYS C 135 17.94 -34.59 -11.31
C CYS C 135 16.75 -35.00 -12.15
N GLN C 136 16.21 -36.20 -11.96
CA GLN C 136 15.12 -36.73 -12.81
C GLN C 136 13.89 -35.86 -12.61
N ARG C 137 13.15 -35.62 -13.67
CA ARG C 137 12.03 -34.69 -13.62
C ARG C 137 11.00 -34.95 -12.51
N ALA C 138 10.67 -36.23 -12.28
CA ALA C 138 9.74 -36.57 -11.21
C ALA C 138 10.19 -36.07 -9.86
N MET C 139 11.51 -36.05 -9.62
CA MET C 139 12.04 -35.65 -8.34
C MET C 139 11.81 -34.15 -8.06
N MET C 140 11.65 -33.32 -9.10
CA MET C 140 11.44 -31.90 -8.86
C MET C 140 10.20 -31.69 -7.96
N ALA C 141 9.25 -32.62 -8.07
CA ALA C 141 8.07 -32.66 -7.22
C ALA C 141 8.25 -33.60 -6.05
N ASN C 142 8.73 -34.80 -6.32
CA ASN C 142 8.80 -35.84 -5.29
C ASN C 142 9.73 -35.50 -4.11
N ARG C 143 10.82 -34.75 -4.34
CA ARG C 143 11.72 -34.37 -3.23
C ARG C 143 11.12 -33.33 -2.35
N LEU C 144 10.25 -32.49 -2.92
CA LEU C 144 9.52 -31.56 -2.13
C LEU C 144 8.58 -32.36 -1.22
N SER C 145 7.79 -33.25 -1.82
CA SER C 145 6.82 -34.04 -1.07
C SER C 145 7.54 -34.80 0.06
N PHE C 146 8.74 -35.30 -0.22
CA PHE C 146 9.59 -36.01 0.77
C PHE C 146 10.06 -35.16 1.91
N PHE C 147 10.52 -33.96 1.62
CA PHE C 147 11.05 -33.09 2.66
C PHE C 147 9.97 -32.55 3.59
N PHE C 148 8.91 -32.02 3.00
CA PHE C 148 7.82 -31.39 3.74
C PHE C 148 6.78 -32.38 4.29
N ASP C 149 6.94 -33.68 4.00
CA ASP C 149 5.95 -34.70 4.39
C ASP C 149 4.55 -34.36 3.89
N PHE C 150 4.44 -34.03 2.61
CA PHE C 150 3.16 -33.77 1.97
C PHE C 150 2.69 -35.04 1.24
N LYS C 151 1.66 -35.67 1.76
CA LYS C 151 1.18 -36.97 1.30
C LYS C 151 0.10 -36.94 0.22
N GLY C 152 -0.37 -35.77 -0.18
CA GLY C 152 -1.25 -35.66 -1.37
C GLY C 152 -0.45 -35.91 -2.66
N PRO C 153 -1.04 -35.62 -3.83
CA PRO C 153 -0.38 -35.81 -5.12
C PRO C 153 0.98 -35.15 -5.21
N SER C 154 1.87 -35.76 -6.02
CA SER C 154 3.21 -35.20 -6.23
C SER C 154 3.55 -35.38 -7.69
N ILE C 155 3.33 -34.34 -8.46
CA ILE C 155 3.33 -34.40 -9.91
C ILE C 155 4.21 -33.34 -10.51
N ALA C 156 5.05 -33.76 -11.45
CA ALA C 156 5.81 -32.84 -12.27
C ALA C 156 5.12 -32.84 -13.60
N LEU C 157 4.65 -31.68 -14.06
CA LEU C 157 3.94 -31.67 -15.35
C LEU C 157 4.55 -30.71 -16.35
N ASP C 158 4.38 -31.03 -17.63
CA ASP C 158 4.98 -30.29 -18.74
C ASP C 158 3.94 -30.06 -19.81
N THR C 159 3.60 -28.79 -19.99
CA THR C 159 2.80 -28.34 -21.12
C THR C 159 3.51 -27.18 -21.82
N ALA C 160 4.84 -27.22 -21.74
CA ALA C 160 5.69 -26.12 -22.14
C ALA C 160 5.29 -24.83 -21.39
N CYS C 161 5.19 -23.69 -22.04
CA CYS C 161 5.08 -22.42 -21.32
C CYS C 161 3.96 -22.32 -20.28
N SER C 162 2.89 -23.07 -20.48
CA SER C 162 1.76 -23.03 -19.54
C SER C 162 1.90 -23.93 -18.30
N SER C 163 3.05 -24.58 -18.12
CA SER C 163 3.16 -25.65 -17.13
C SER C 163 2.93 -25.18 -15.71
N SER C 164 3.52 -24.05 -15.33
CA SER C 164 3.40 -23.62 -13.93
C SER C 164 2.01 -23.13 -13.65
N LEU C 165 1.39 -22.42 -14.59
CA LEU C 165 0.02 -21.99 -14.34
C LEU C 165 -0.96 -23.14 -14.42
N LEU C 166 -0.68 -24.13 -15.26
CA LEU C 166 -1.47 -25.35 -15.27
C LEU C 166 -1.35 -26.08 -13.93
N ALA C 167 -0.14 -26.13 -13.39
CA ALA C 167 0.05 -26.65 -12.04
C ALA C 167 -0.81 -25.87 -11.03
N LEU C 168 -0.80 -24.54 -11.10
CA LEU C 168 -1.72 -23.75 -10.26
C LEU C 168 -3.17 -24.20 -10.41
N GLN C 169 -3.59 -24.34 -11.66
CA GLN C 169 -4.95 -24.73 -12.00
C GLN C 169 -5.27 -26.14 -11.49
N ASN C 170 -4.39 -27.11 -11.69
CA ASN C 170 -4.63 -28.46 -11.14
C ASN C 170 -4.74 -28.45 -9.61
N ALA C 171 -3.84 -27.71 -8.96
CA ALA C 171 -3.84 -27.60 -7.49
C ALA C 171 -5.14 -26.96 -7.03
N TYR C 172 -5.50 -25.88 -7.70
CA TYR C 172 -6.77 -25.21 -7.49
C TYR C 172 -7.96 -26.15 -7.48
N GLN C 173 -8.05 -27.06 -8.44
CA GLN C 173 -9.20 -27.99 -8.47
C GLN C 173 -9.14 -29.01 -7.35
N ALA C 174 -7.93 -29.42 -7.00
CA ALA C 174 -7.75 -30.37 -5.91
C ALA C 174 -8.19 -29.80 -4.57
N ILE C 175 -8.00 -28.51 -4.39
CA ILE C 175 -8.37 -27.86 -3.15
C ILE C 175 -9.87 -27.63 -3.17
N ARG C 176 -10.40 -27.10 -4.28
CA ARG C 176 -11.83 -26.82 -4.44
C ARG C 176 -12.64 -28.07 -4.21
N SER C 177 -12.14 -29.19 -4.67
CA SER C 177 -12.89 -30.43 -4.61
C SER C 177 -12.89 -31.06 -3.24
N GLY C 178 -11.96 -30.68 -2.36
CA GLY C 178 -11.76 -31.46 -1.15
C GLY C 178 -10.58 -32.41 -1.13
N GLU C 179 -10.04 -32.84 -2.28
CA GLU C 179 -8.82 -33.75 -2.31
C GLU C 179 -7.78 -33.28 -1.32
N CYS C 180 -7.49 -31.98 -1.34
CA CYS C 180 -6.36 -31.42 -0.64
C CYS C 180 -6.74 -30.18 0.15
N PRO C 181 -6.22 -30.07 1.38
CA PRO C 181 -6.40 -28.83 2.12
C PRO C 181 -5.53 -27.69 1.61
N ALA C 182 -4.41 -28.03 0.96
CA ALA C 182 -3.43 -27.06 0.52
C ALA C 182 -2.56 -27.66 -0.54
N ALA C 183 -1.74 -26.83 -1.16
CA ALA C 183 -0.88 -27.30 -2.24
C ALA C 183 0.27 -26.38 -2.46
N LEU C 184 1.42 -26.99 -2.72
CA LEU C 184 2.65 -26.28 -3.05
C LEU C 184 2.77 -26.34 -4.55
N VAL C 185 2.94 -25.19 -5.19
CA VAL C 185 2.91 -25.13 -6.64
C VAL C 185 4.19 -24.47 -7.04
N GLY C 186 4.97 -25.15 -7.88
CA GLY C 186 6.28 -24.65 -8.31
C GLY C 186 6.39 -24.44 -9.81
N GLY C 187 7.29 -23.56 -10.20
CA GLY C 187 7.65 -23.39 -11.61
C GLY C 187 9.15 -23.18 -11.70
N ILE C 188 9.82 -23.93 -12.58
CA ILE C 188 11.26 -23.84 -12.71
C ILE C 188 11.78 -23.89 -14.14
N ASN C 189 12.80 -23.06 -14.39
CA ASN C 189 13.51 -23.05 -15.68
C ASN C 189 14.91 -22.55 -15.55
N LEU C 190 15.89 -23.27 -16.10
CA LEU C 190 17.28 -22.84 -16.13
C LEU C 190 17.83 -22.89 -17.55
N LEU C 191 18.80 -22.06 -17.88
CA LEU C 191 19.38 -22.03 -19.20
C LEU C 191 20.80 -22.53 -19.13
N LEU C 192 21.00 -23.83 -18.91
CA LEU C 192 22.33 -24.41 -18.75
C LEU C 192 22.97 -24.85 -20.05
N LYS C 193 22.13 -25.35 -20.96
CA LYS C 193 22.57 -26.04 -22.14
C LYS C 193 22.27 -25.19 -23.37
N PRO C 194 23.30 -24.69 -24.07
CA PRO C 194 23.08 -23.86 -25.23
C PRO C 194 22.32 -24.50 -26.35
N ASN C 195 22.46 -25.81 -26.52
CA ASN C 195 21.86 -26.47 -27.71
C ASN C 195 20.33 -26.23 -27.71
N THR C 196 19.76 -26.14 -26.53
CA THR C 196 18.35 -25.84 -26.37
C THR C 196 17.98 -24.48 -26.97
N SER C 197 18.73 -23.42 -26.63
CA SER C 197 18.48 -22.10 -27.23
C SER C 197 18.65 -22.19 -28.77
N VAL C 198 19.53 -23.05 -29.27
CA VAL C 198 19.71 -23.21 -30.72
C VAL C 198 18.46 -23.80 -31.34
N GLN C 199 17.93 -24.89 -30.77
CA GLN C 199 16.66 -25.43 -31.24
C GLN C 199 15.59 -24.34 -31.32
N PHE C 200 15.43 -23.56 -30.25
CA PHE C 200 14.45 -22.49 -30.25
C PHE C 200 14.74 -21.44 -31.32
N MET C 201 16.02 -21.07 -31.45
CA MET C 201 16.43 -20.11 -32.48
C MET C 201 16.05 -20.63 -33.85
N LYS C 202 16.37 -21.89 -34.11
CA LYS C 202 16.11 -22.48 -35.42
C LYS C 202 14.63 -22.61 -35.71
N LEU C 203 13.79 -22.80 -34.69
CA LEU C 203 12.33 -22.70 -34.90
C LEU C 203 11.78 -21.30 -35.17
N GLY C 204 12.62 -20.28 -35.10
CA GLY C 204 12.19 -18.90 -35.27
C GLY C 204 11.49 -18.26 -34.09
N MET C 205 11.66 -18.80 -32.90
CA MET C 205 10.95 -18.31 -31.73
C MET C 205 11.70 -17.24 -30.96
N LEU C 206 13.03 -17.15 -31.12
CA LEU C 206 13.80 -16.21 -30.31
C LEU C 206 14.10 -14.96 -31.05
N SER C 207 13.84 -13.82 -30.44
CA SER C 207 14.22 -12.56 -30.98
C SER C 207 15.74 -12.41 -30.84
N PRO C 208 16.40 -11.90 -31.91
CA PRO C 208 17.85 -11.67 -31.85
C PRO C 208 18.27 -10.67 -30.80
N ASP C 209 17.53 -9.56 -30.75
CA ASP C 209 17.64 -8.56 -29.64
C ASP C 209 17.46 -9.11 -28.23
N GLY C 210 17.03 -10.35 -28.08
CA GLY C 210 16.89 -10.97 -26.78
C GLY C 210 15.94 -10.18 -25.91
N THR C 211 14.79 -9.86 -26.46
CA THR C 211 13.83 -8.99 -25.81
C THR C 211 12.40 -9.35 -26.15
N CYS C 212 11.57 -9.47 -25.12
CA CYS C 212 10.13 -9.66 -25.32
C CYS C 212 9.55 -8.28 -25.42
N ARG C 213 9.30 -7.79 -26.62
CA ARG C 213 8.72 -6.46 -26.74
C ARG C 213 7.20 -6.60 -26.73
N SER C 214 6.67 -7.02 -25.58
CA SER C 214 5.27 -7.32 -25.47
C SER C 214 4.42 -6.19 -26.02
N PHE C 215 3.63 -6.55 -27.04
CA PHE C 215 2.62 -5.71 -27.68
C PHE C 215 3.16 -4.69 -28.68
N ASP C 216 4.49 -4.57 -28.81
CA ASP C 216 5.08 -3.58 -29.70
C ASP C 216 5.07 -4.10 -31.11
N ASP C 217 4.91 -3.20 -32.05
CA ASP C 217 5.15 -3.43 -33.47
C ASP C 217 6.52 -4.06 -33.73
N SER C 218 7.51 -3.67 -32.96
CA SER C 218 8.90 -4.05 -33.11
C SER C 218 9.16 -5.53 -32.74
N GLY C 219 8.19 -6.15 -32.09
CA GLY C 219 8.36 -7.48 -31.53
C GLY C 219 8.59 -8.56 -32.53
N SER C 220 9.63 -9.34 -32.29
CA SER C 220 10.18 -10.26 -33.27
C SER C 220 10.63 -11.60 -32.67
N GLY C 221 9.95 -12.07 -31.63
CA GLY C 221 10.40 -13.26 -30.90
C GLY C 221 10.55 -13.02 -29.40
N TYR C 222 10.88 -14.07 -28.65
CA TYR C 222 11.03 -13.98 -27.20
C TYR C 222 12.47 -14.12 -26.71
N CYS C 223 12.65 -13.71 -25.45
CA CYS C 223 13.91 -13.77 -24.73
C CYS C 223 13.81 -14.92 -23.75
N ARG C 224 14.77 -15.83 -23.74
CA ARG C 224 14.72 -16.95 -22.81
C ARG C 224 15.19 -16.49 -21.48
N SER C 225 14.59 -17.01 -20.43
CA SER C 225 14.91 -16.59 -19.08
C SER C 225 14.72 -17.70 -18.09
N GLU C 226 15.27 -17.46 -16.92
CA GLU C 226 15.27 -18.42 -15.83
C GLU C 226 14.32 -17.96 -14.76
N ALA C 227 13.93 -18.88 -13.90
CA ALA C 227 13.03 -18.57 -12.80
C ALA C 227 12.81 -19.79 -11.92
N VAL C 228 12.74 -19.56 -10.63
CA VAL C 228 12.37 -20.57 -9.68
C VAL C 228 11.34 -19.90 -8.81
N VAL C 229 10.10 -20.36 -8.88
CA VAL C 229 9.02 -19.71 -8.16
C VAL C 229 8.16 -20.73 -7.50
N ALA C 230 7.70 -20.40 -6.31
CA ALA C 230 6.73 -21.26 -5.64
C ALA C 230 5.69 -20.43 -4.94
N VAL C 231 4.55 -21.07 -4.75
CA VAL C 231 3.38 -20.45 -4.23
C VAL C 231 2.68 -21.49 -3.36
N LEU C 232 2.14 -21.07 -2.23
CA LEU C 232 1.35 -21.96 -1.40
C LEU C 232 -0.09 -21.59 -1.61
N LEU C 233 -0.92 -22.57 -1.99
CA LEU C 233 -2.37 -22.42 -1.98
C LEU C 233 -2.93 -23.15 -0.76
N THR C 234 -3.96 -22.56 -0.17
CA THR C 234 -4.74 -23.27 0.88
C THR C 234 -6.21 -22.99 0.65
N LYS C 235 -7.03 -23.82 1.25
CA LYS C 235 -8.43 -23.46 1.44
C LYS C 235 -8.51 -22.27 2.41
N LYS C 236 -9.50 -21.39 2.23
CA LYS C 236 -9.56 -20.09 2.98
C LYS C 236 -9.43 -20.27 4.48
N SER C 237 -10.13 -21.26 5.01
CA SER C 237 -10.09 -21.56 6.42
C SER C 237 -8.68 -21.77 7.04
N LEU C 238 -7.67 -22.19 6.27
CA LEU C 238 -6.32 -22.38 6.81
C LEU C 238 -5.41 -21.18 6.66
N ALA C 239 -5.84 -20.19 5.91
CA ALA C 239 -4.95 -19.10 5.55
C ALA C 239 -4.75 -18.14 6.70
N ARG C 240 -3.58 -17.54 6.73
CA ARG C 240 -3.33 -16.37 7.56
C ARG C 240 -3.24 -15.23 6.59
N ARG C 241 -2.16 -15.17 5.82
CA ARG C 241 -2.03 -14.18 4.77
C ARG C 241 -2.87 -14.67 3.60
N VAL C 242 -3.44 -13.74 2.86
CA VAL C 242 -4.16 -14.03 1.62
C VAL C 242 -3.86 -12.96 0.59
N TYR C 243 -3.11 -13.30 -0.43
CA TYR C 243 -2.84 -12.35 -1.52
C TYR C 243 -4.07 -12.17 -2.37
N ALA C 244 -4.72 -13.26 -2.73
CA ALA C 244 -5.91 -13.19 -3.57
C ALA C 244 -6.69 -14.48 -3.48
N THR C 245 -7.94 -14.41 -3.89
CA THR C 245 -8.78 -15.59 -3.94
C THR C 245 -8.94 -15.99 -5.40
N ILE C 246 -8.83 -17.29 -5.68
CA ILE C 246 -8.93 -17.79 -7.03
C ILE C 246 -10.40 -17.99 -7.28
N LEU C 247 -11.00 -17.14 -8.11
CA LEU C 247 -12.41 -17.25 -8.46
C LEU C 247 -12.65 -18.35 -9.46
N ASN C 248 -11.75 -18.53 -10.40
CA ASN C 248 -11.94 -19.58 -11.40
C ASN C 248 -10.63 -19.82 -12.14
N ALA C 249 -10.54 -21.00 -12.73
CA ALA C 249 -9.40 -21.30 -13.57
C ALA C 249 -9.68 -22.51 -14.43
N GLY C 250 -9.26 -22.46 -15.68
CA GLY C 250 -9.33 -23.64 -16.51
C GLY C 250 -8.25 -23.70 -17.54
N THR C 251 -8.25 -24.82 -18.27
CA THR C 251 -7.33 -25.03 -19.39
C THR C 251 -8.14 -25.63 -20.51
N ASN C 252 -7.79 -25.27 -21.74
CA ASN C 252 -8.16 -26.03 -22.93
C ASN C 252 -6.91 -26.18 -23.82
N THR C 253 -7.10 -26.68 -25.03
CA THR C 253 -5.99 -26.88 -25.95
C THR C 253 -6.44 -26.54 -27.38
N ASP C 254 -5.55 -25.85 -28.12
CA ASP C 254 -5.88 -25.32 -29.44
C ASP C 254 -6.46 -26.38 -30.36
N GLY C 255 -5.97 -27.60 -30.21
CA GLY C 255 -6.41 -28.70 -31.04
C GLY C 255 -5.75 -28.57 -32.39
N SER C 256 -6.52 -28.84 -33.42
CA SER C 256 -6.07 -28.88 -34.78
C SER C 256 -6.12 -27.54 -35.45
N LYS C 257 -5.04 -27.15 -36.11
CA LYS C 257 -4.89 -25.82 -36.75
C LYS C 257 -4.15 -25.95 -38.08
N GLU C 258 -4.73 -25.45 -39.16
CA GLU C 258 -4.11 -25.51 -40.49
C GLU C 258 -2.66 -24.96 -40.47
N GLN C 259 -2.40 -23.93 -39.68
CA GLN C 259 -1.13 -23.21 -39.80
C GLN C 259 0.05 -23.96 -39.15
N GLY C 260 -0.21 -25.01 -38.36
CA GLY C 260 0.86 -25.79 -37.72
C GLY C 260 0.72 -25.94 -36.21
N VAL C 261 1.46 -26.87 -35.61
CA VAL C 261 1.25 -27.11 -34.18
C VAL C 261 1.68 -25.98 -33.26
N THR C 262 2.59 -25.12 -33.69
CA THR C 262 3.09 -24.02 -32.85
C THR C 262 2.49 -22.65 -33.21
N PHE C 263 1.40 -22.63 -33.95
CA PHE C 263 0.71 -21.40 -34.25
C PHE C 263 -0.36 -21.26 -33.18
N PRO C 264 -0.33 -20.18 -32.43
CA PRO C 264 -1.35 -20.01 -31.41
C PRO C 264 -2.75 -19.70 -31.96
N SER C 265 -3.75 -20.43 -31.50
CA SER C 265 -5.11 -20.21 -31.95
C SER C 265 -5.77 -19.22 -31.04
N GLY C 266 -5.72 -17.95 -31.42
CA GLY C 266 -6.52 -16.93 -30.75
C GLY C 266 -8.00 -17.28 -30.57
N GLU C 267 -8.58 -18.05 -31.51
CA GLU C 267 -9.98 -18.40 -31.36
C GLU C 267 -10.20 -19.33 -30.22
N VAL C 268 -9.31 -20.29 -30.05
CA VAL C 268 -9.47 -21.26 -28.96
C VAL C 268 -9.10 -20.65 -27.60
N GLN C 269 -8.16 -19.72 -27.61
CA GLN C 269 -7.82 -18.97 -26.40
C GLN C 269 -9.05 -18.21 -25.94
N GLU C 270 -9.67 -17.52 -26.90
CA GLU C 270 -10.91 -16.78 -26.68
C GLU C 270 -11.96 -17.72 -26.07
N GLN C 271 -12.10 -18.91 -26.65
CA GLN C 271 -13.04 -19.90 -26.15
C GLN C 271 -12.83 -20.24 -24.68
N LEU C 272 -11.57 -20.39 -24.29
CA LEU C 272 -11.22 -20.71 -22.91
C LEU C 272 -11.67 -19.58 -22.00
N ILE C 273 -11.35 -18.35 -22.40
CA ILE C 273 -11.71 -17.20 -21.59
C ILE C 273 -13.21 -17.13 -21.42
N CYS C 274 -13.94 -17.30 -22.52
CA CYS C 274 -15.39 -17.17 -22.50
C CYS C 274 -16.00 -18.16 -21.54
N SER C 275 -15.41 -19.34 -21.44
CA SER C 275 -15.97 -20.40 -20.62
C SER C 275 -15.86 -20.16 -19.14
N LEU C 276 -14.98 -19.22 -18.76
CA LEU C 276 -14.62 -19.02 -17.36
C LEU C 276 -15.25 -17.78 -16.72
N TYR C 277 -15.74 -16.86 -17.55
CA TYR C 277 -16.34 -15.63 -17.06
C TYR C 277 -17.86 -15.76 -16.96
N GLN C 278 -18.56 -15.37 -18.02
CA GLN C 278 -20.02 -15.24 -17.95
C GLN C 278 -20.72 -16.53 -17.47
N PRO C 279 -20.27 -17.72 -17.92
CA PRO C 279 -20.88 -18.95 -17.42
C PRO C 279 -20.68 -19.23 -15.95
N ALA C 280 -19.83 -18.50 -15.24
CA ALA C 280 -19.59 -18.76 -13.82
C ALA C 280 -20.08 -17.60 -12.96
N GLY C 281 -20.76 -16.64 -13.57
CA GLY C 281 -21.19 -15.48 -12.84
C GLY C 281 -20.13 -14.42 -12.64
N LEU C 282 -19.03 -14.51 -13.40
CA LEU C 282 -18.00 -13.50 -13.35
C LEU C 282 -18.10 -12.66 -14.60
N ALA C 283 -18.25 -11.35 -14.44
CA ALA C 283 -18.43 -10.51 -15.59
C ALA C 283 -17.10 -9.94 -16.04
N PRO C 284 -16.86 -9.96 -17.36
CA PRO C 284 -15.70 -9.22 -17.85
C PRO C 284 -15.65 -7.77 -17.40
N GLU C 285 -16.81 -7.14 -17.19
CA GLU C 285 -16.83 -5.78 -16.63
C GLU C 285 -16.05 -5.73 -15.29
N SER C 286 -16.04 -6.80 -14.51
CA SER C 286 -15.38 -6.79 -13.21
C SER C 286 -13.86 -6.75 -13.22
N LEU C 287 -13.22 -7.06 -14.34
CA LEU C 287 -11.76 -7.02 -14.39
C LEU C 287 -11.23 -5.62 -14.34
N GLU C 288 -10.18 -5.38 -13.55
CA GLU C 288 -9.36 -4.20 -13.71
C GLU C 288 -8.18 -4.38 -14.69
N TYR C 289 -7.50 -5.51 -14.61
CA TYR C 289 -6.23 -5.75 -15.32
C TYR C 289 -6.20 -7.20 -15.77
N ILE C 290 -5.56 -7.43 -16.91
CA ILE C 290 -5.26 -8.79 -17.36
C ILE C 290 -3.76 -8.88 -17.65
N GLU C 291 -3.09 -9.86 -17.03
CA GLU C 291 -1.68 -10.15 -17.29
C GLU C 291 -1.70 -11.10 -18.47
N ALA C 292 -1.26 -10.60 -19.62
CA ALA C 292 -1.23 -11.39 -20.84
C ALA C 292 0.02 -12.22 -20.88
N HIS C 293 -0.04 -13.26 -21.67
CA HIS C 293 1.11 -14.08 -21.95
C HIS C 293 2.21 -13.20 -22.50
N GLY C 294 1.95 -12.57 -23.64
CA GLY C 294 2.77 -11.48 -24.13
C GLY C 294 4.24 -11.76 -24.38
N THR C 295 4.51 -12.81 -25.11
CA THR C 295 5.88 -13.14 -25.45
C THR C 295 6.50 -12.21 -26.48
N GLY C 296 5.68 -11.45 -27.22
CA GLY C 296 6.19 -10.42 -28.13
C GLY C 296 6.64 -10.94 -29.48
N THR C 297 5.78 -11.77 -30.07
CA THR C 297 6.01 -12.44 -31.34
C THR C 297 5.07 -11.89 -32.42
N LYS C 298 5.55 -11.82 -33.67
CA LYS C 298 4.76 -11.22 -34.77
C LYS C 298 3.35 -11.82 -34.85
N VAL C 299 3.28 -13.14 -34.67
CA VAL C 299 2.05 -13.88 -34.86
C VAL C 299 1.19 -13.94 -33.60
N GLY C 300 1.83 -14.26 -32.48
CA GLY C 300 1.12 -14.65 -31.26
C GLY C 300 0.52 -13.53 -30.45
N ASP C 301 1.23 -12.40 -30.41
CA ASP C 301 0.69 -11.19 -29.77
C ASP C 301 -0.69 -10.75 -30.30
N PRO C 302 -0.85 -10.62 -31.63
CA PRO C 302 -2.18 -10.30 -32.13
C PRO C 302 -3.23 -11.39 -31.89
N GLN C 303 -2.87 -12.64 -32.11
CA GLN C 303 -3.80 -13.74 -31.81
C GLN C 303 -4.35 -13.63 -30.40
N GLU C 304 -3.44 -13.42 -29.44
CA GLU C 304 -3.78 -13.39 -28.03
C GLU C 304 -4.66 -12.19 -27.69
N LEU C 305 -4.15 -11.00 -28.02
CA LEU C 305 -4.81 -9.74 -27.64
C LEU C 305 -6.12 -9.55 -28.36
N ASN C 306 -6.19 -9.99 -29.61
CA ASN C 306 -7.46 -9.95 -30.34
C ASN C 306 -8.45 -10.94 -29.69
N GLY C 307 -8.00 -12.15 -29.35
CA GLY C 307 -8.77 -13.04 -28.47
C GLY C 307 -9.28 -12.41 -27.19
N ILE C 308 -8.44 -11.61 -26.51
CA ILE C 308 -8.87 -10.84 -25.33
C ILE C 308 -9.93 -9.79 -25.72
N THR C 309 -9.68 -9.08 -26.83
CA THR C 309 -10.64 -8.13 -27.35
C THR C 309 -12.03 -8.78 -27.51
N ARG C 310 -12.10 -9.92 -28.18
CA ARG C 310 -13.39 -10.58 -28.42
C ARG C 310 -14.03 -11.25 -27.20
N SER C 311 -13.23 -11.76 -26.27
CA SER C 311 -13.75 -12.54 -25.11
C SER C 311 -14.13 -11.65 -23.93
N LEU C 312 -13.42 -10.54 -23.76
CA LEU C 312 -13.56 -9.67 -22.62
C LEU C 312 -13.90 -8.20 -22.99
N CYS C 313 -13.11 -7.54 -23.86
CA CYS C 313 -13.36 -6.13 -24.20
C CYS C 313 -14.77 -5.90 -24.73
N ALA C 314 -15.22 -6.83 -25.57
CA ALA C 314 -16.57 -6.76 -26.16
C ALA C 314 -17.70 -6.78 -25.16
N PHE C 315 -17.43 -7.04 -23.89
CA PHE C 315 -18.45 -6.98 -22.87
C PHE C 315 -18.13 -5.95 -21.80
N ARG C 316 -17.46 -4.86 -22.19
CA ARG C 316 -16.97 -3.85 -21.25
C ARG C 316 -17.20 -2.45 -21.73
N GLN C 317 -17.68 -1.55 -20.86
CA GLN C 317 -17.66 -0.12 -21.18
C GLN C 317 -16.22 0.43 -21.08
N ALA C 318 -15.50 0.08 -20.02
CA ALA C 318 -14.19 0.71 -19.73
C ALA C 318 -12.98 0.03 -20.37
N PRO C 319 -11.90 0.81 -20.63
CA PRO C 319 -10.65 0.21 -21.05
C PRO C 319 -10.18 -0.86 -20.09
N LEU C 320 -9.55 -1.91 -20.62
CA LEU C 320 -8.96 -2.96 -19.81
C LEU C 320 -7.47 -2.72 -19.79
N LEU C 321 -6.90 -2.69 -18.60
CA LEU C 321 -5.46 -2.55 -18.46
C LEU C 321 -4.83 -3.88 -18.80
N ILE C 322 -3.71 -3.84 -19.50
CA ILE C 322 -3.01 -5.05 -19.89
C ILE C 322 -1.49 -4.90 -19.71
N GLY C 323 -0.83 -5.97 -19.25
CA GLY C 323 0.61 -6.00 -19.17
C GLY C 323 1.18 -7.39 -19.37
N SER C 324 2.51 -7.46 -19.39
CA SER C 324 3.21 -8.73 -19.46
C SER C 324 4.53 -8.56 -18.81
N THR C 325 4.70 -9.34 -17.74
CA THR C 325 5.93 -9.39 -16.98
C THR C 325 7.12 -9.80 -17.86
N LYS C 326 6.86 -10.42 -19.00
CA LYS C 326 7.96 -10.79 -19.88
C LYS C 326 8.73 -9.62 -20.47
N SER C 327 8.10 -8.45 -20.60
CA SER C 327 8.81 -7.26 -21.05
C SER C 327 9.94 -6.89 -20.08
N ASN C 328 9.66 -7.13 -18.80
CA ASN C 328 10.60 -6.85 -17.74
C ASN C 328 11.77 -7.83 -17.58
N MET C 329 11.51 -9.14 -17.70
CA MET C 329 12.52 -10.17 -17.33
C MET C 329 12.67 -11.28 -18.34
N GLY C 330 12.00 -11.16 -19.47
CA GLY C 330 11.95 -12.24 -20.46
C GLY C 330 10.98 -13.34 -20.09
N HIS C 331 11.06 -14.41 -20.86
CA HIS C 331 10.11 -15.50 -20.79
C HIS C 331 10.78 -16.72 -20.19
N PRO C 332 10.37 -17.15 -19.00
CA PRO C 332 10.99 -18.32 -18.39
C PRO C 332 10.21 -19.59 -18.66
N GLU C 333 9.61 -19.66 -19.85
CA GLU C 333 9.06 -20.87 -20.40
C GLU C 333 8.08 -21.51 -19.39
N PRO C 334 8.32 -22.74 -18.88
CA PRO C 334 7.21 -23.24 -18.06
C PRO C 334 6.92 -22.44 -16.79
N ALA C 335 7.88 -21.70 -16.30
CA ALA C 335 7.70 -20.93 -15.08
C ALA C 335 7.06 -19.58 -15.34
N SER C 336 6.74 -19.30 -16.60
CA SER C 336 6.14 -18.01 -17.01
C SER C 336 4.92 -17.59 -16.16
N GLY C 337 4.06 -18.55 -15.87
CA GLY C 337 2.80 -18.27 -15.20
C GLY C 337 2.96 -17.82 -13.78
N LEU C 338 3.75 -18.56 -13.01
CA LEU C 338 4.02 -18.15 -11.65
C LEU C 338 4.94 -16.94 -11.59
N ALA C 339 5.81 -16.77 -12.57
CA ALA C 339 6.63 -15.59 -12.55
C ALA C 339 5.71 -14.39 -12.68
N ALA C 340 4.77 -14.46 -13.61
CA ALA C 340 3.80 -13.38 -13.84
C ALA C 340 2.89 -13.20 -12.65
N LEU C 341 2.49 -14.30 -12.04
CA LEU C 341 1.67 -14.25 -10.84
C LEU C 341 2.32 -13.39 -9.76
N THR C 342 3.62 -13.56 -9.52
CA THR C 342 4.29 -12.76 -8.49
C THR C 342 4.30 -11.27 -8.85
N LYS C 343 4.45 -10.92 -10.13
CA LYS C 343 4.29 -9.54 -10.56
C LYS C 343 2.90 -9.03 -10.16
N VAL C 344 1.85 -9.79 -10.47
CA VAL C 344 0.49 -9.36 -10.18
C VAL C 344 0.30 -9.19 -8.68
N LEU C 345 0.70 -10.18 -7.91
CA LEU C 345 0.49 -10.09 -6.48
C LEU C 345 1.35 -8.99 -5.84
N LEU C 346 2.61 -8.84 -6.24
CA LEU C 346 3.41 -7.72 -5.71
C LEU C 346 2.78 -6.39 -6.08
N SER C 347 2.36 -6.24 -7.33
CA SER C 347 1.64 -5.05 -7.75
C SER C 347 0.43 -4.75 -6.88
N LEU C 348 -0.42 -5.75 -6.67
CA LEU C 348 -1.61 -5.56 -5.83
C LEU C 348 -1.20 -5.14 -4.41
N GLU C 349 -0.25 -5.85 -3.83
CA GLU C 349 0.17 -5.56 -2.47
C GLU C 349 0.76 -4.16 -2.29
N HIS C 350 1.48 -3.67 -3.26
CA HIS C 350 2.06 -2.34 -3.17
C HIS C 350 1.12 -1.24 -3.67
N GLY C 351 -0.04 -1.60 -4.17
CA GLY C 351 -1.00 -0.62 -4.67
C GLY C 351 -0.70 -0.02 -6.01
N VAL C 352 0.24 -0.57 -6.76
CA VAL C 352 0.68 0.01 -8.02
C VAL C 352 1.02 -1.07 -9.04
N TRP C 353 0.46 -0.98 -10.24
CA TRP C 353 0.79 -1.86 -11.37
C TRP C 353 2.17 -1.55 -11.86
N ALA C 354 3.03 -2.56 -11.88
CA ALA C 354 4.36 -2.36 -12.38
C ALA C 354 4.30 -2.33 -13.90
N PRO C 355 4.91 -1.33 -14.49
CA PRO C 355 4.74 -1.11 -15.91
C PRO C 355 5.59 -2.01 -16.79
N ASN C 356 5.15 -2.18 -18.04
CA ASN C 356 5.92 -2.97 -19.03
C ASN C 356 7.08 -2.16 -19.46
N LEU C 357 8.12 -2.85 -19.90
CA LEU C 357 9.11 -2.21 -20.72
C LEU C 357 8.83 -2.43 -22.19
N HIS C 358 9.65 -1.72 -22.97
CA HIS C 358 9.75 -1.83 -24.40
C HIS C 358 8.49 -1.58 -25.27
N PHE C 359 7.52 -0.88 -24.69
CA PHE C 359 6.28 -0.58 -25.40
C PHE C 359 6.31 0.83 -25.89
N HIS C 360 6.72 1.00 -27.15
CA HIS C 360 6.77 2.27 -27.83
C HIS C 360 5.67 2.48 -28.87
N ASN C 361 5.32 1.47 -29.64
CA ASN C 361 4.41 1.59 -30.78
C ASN C 361 3.47 0.42 -30.87
N PRO C 362 2.16 0.63 -30.74
CA PRO C 362 1.29 -0.55 -30.70
C PRO C 362 1.39 -1.36 -31.97
N ASN C 363 1.33 -2.67 -31.84
CA ASN C 363 1.25 -3.55 -32.98
C ASN C 363 -0.03 -3.16 -33.73
N PRO C 364 0.10 -2.76 -35.01
CA PRO C 364 -1.08 -2.30 -35.74
C PRO C 364 -2.11 -3.38 -36.11
N GLU C 365 -1.78 -4.67 -35.98
CA GLU C 365 -2.74 -5.74 -36.21
C GLU C 365 -3.70 -5.97 -35.01
N ILE C 366 -3.64 -5.09 -34.01
CA ILE C 366 -4.38 -5.26 -32.76
C ILE C 366 -5.27 -4.01 -32.56
N PRO C 367 -6.45 -3.98 -33.17
CA PRO C 367 -7.35 -2.83 -33.12
C PRO C 367 -7.55 -2.20 -31.74
N ALA C 368 -7.76 -3.06 -30.75
CA ALA C 368 -8.03 -2.59 -29.39
C ALA C 368 -6.89 -1.78 -28.74
N LEU C 369 -5.65 -1.89 -29.21
CA LEU C 369 -4.58 -1.02 -28.74
C LEU C 369 -4.66 0.36 -29.35
N LEU C 370 -5.13 0.45 -30.59
CA LEU C 370 -5.25 1.70 -31.30
C LEU C 370 -6.50 2.49 -30.87
N ASP C 371 -7.61 1.81 -30.58
CA ASP C 371 -8.83 2.50 -30.10
C ASP C 371 -8.99 2.62 -28.57
N GLY C 372 -7.99 2.22 -27.79
CA GLY C 372 -8.00 2.40 -26.33
C GLY C 372 -8.83 1.46 -25.47
N ARG C 373 -9.46 0.44 -26.08
CA ARG C 373 -10.15 -0.62 -25.33
C ARG C 373 -9.24 -1.52 -24.50
N LEU C 374 -8.02 -1.74 -25.00
CA LEU C 374 -6.88 -2.24 -24.22
C LEU C 374 -5.91 -1.10 -23.98
N GLN C 375 -5.46 -0.98 -22.75
CA GLN C 375 -4.53 0.04 -22.35
C GLN C 375 -3.30 -0.61 -21.72
N VAL C 376 -2.19 -0.59 -22.45
CA VAL C 376 -0.95 -1.16 -21.95
C VAL C 376 -0.50 -0.35 -20.72
N VAL C 377 -0.10 -1.02 -19.66
CA VAL C 377 0.41 -0.36 -18.50
C VAL C 377 1.85 -0.05 -18.78
N ASP C 378 2.11 1.17 -19.27
CA ASP C 378 3.45 1.61 -19.63
C ASP C 378 4.01 2.69 -18.74
N ARG C 379 3.24 3.14 -17.76
CA ARG C 379 3.76 3.91 -16.62
C ARG C 379 3.12 3.38 -15.36
N PRO C 380 3.73 3.59 -14.19
CA PRO C 380 3.10 3.03 -12.98
C PRO C 380 1.74 3.63 -12.72
N LEU C 381 0.70 2.82 -12.66
CA LEU C 381 -0.68 3.27 -12.41
C LEU C 381 -1.11 2.68 -11.10
N PRO C 382 -1.86 3.45 -10.30
CA PRO C 382 -2.38 2.94 -9.07
C PRO C 382 -3.50 1.94 -9.30
N VAL C 383 -3.62 1.03 -8.34
CA VAL C 383 -4.56 -0.06 -8.41
C VAL C 383 -5.89 0.48 -7.96
N ARG C 384 -6.86 0.55 -8.87
CA ARG C 384 -8.17 1.15 -8.61
C ARG C 384 -9.16 0.17 -7.98
N GLY C 385 -9.00 -1.14 -8.21
CA GLY C 385 -9.92 -2.13 -7.64
C GLY C 385 -10.56 -2.92 -8.74
N GLY C 386 -10.74 -4.22 -8.51
CA GLY C 386 -11.29 -5.14 -9.51
C GLY C 386 -10.59 -6.49 -9.55
N ASN C 387 -11.24 -7.46 -10.18
CA ASN C 387 -10.63 -8.77 -10.44
C ASN C 387 -9.47 -8.69 -11.44
N VAL C 388 -8.65 -9.74 -11.43
CA VAL C 388 -7.47 -9.82 -12.30
C VAL C 388 -7.43 -11.12 -13.07
N GLY C 389 -7.17 -11.02 -14.37
CA GLY C 389 -6.97 -12.22 -15.20
C GLY C 389 -5.51 -12.53 -15.49
N ILE C 390 -5.17 -13.82 -15.56
CA ILE C 390 -3.83 -14.22 -16.05
C ILE C 390 -3.95 -15.26 -17.17
N ASN C 391 -3.27 -15.00 -18.30
CA ASN C 391 -3.12 -15.95 -19.41
C ASN C 391 -1.76 -16.63 -19.33
N SER C 392 -1.68 -17.92 -19.61
CA SER C 392 -0.40 -18.58 -19.89
C SER C 392 -0.67 -19.64 -20.93
N PHE C 393 -0.07 -19.48 -22.10
CA PHE C 393 -0.35 -20.30 -23.28
C PHE C 393 0.95 -20.92 -23.74
N GLY C 394 0.99 -22.23 -23.78
CA GLY C 394 2.17 -22.95 -24.22
C GLY C 394 2.25 -23.14 -25.71
N PHE C 395 3.49 -23.27 -26.22
CA PHE C 395 3.71 -23.37 -27.64
C PHE C 395 3.17 -24.65 -28.28
N GLY C 396 2.79 -25.67 -27.52
CA GLY C 396 2.14 -26.87 -28.11
C GLY C 396 0.60 -26.80 -28.21
N GLY C 397 0.10 -25.67 -27.70
CA GLY C 397 -1.32 -25.38 -27.69
C GLY C 397 -2.00 -25.46 -26.35
N SER C 398 -1.32 -25.82 -25.27
CA SER C 398 -1.98 -25.93 -23.99
C SER C 398 -2.17 -24.55 -23.36
N ASN C 399 -3.41 -24.09 -23.27
CA ASN C 399 -3.77 -22.77 -22.72
C ASN C 399 -4.34 -22.85 -21.30
N VAL C 400 -4.00 -21.88 -20.47
CA VAL C 400 -4.56 -21.77 -19.11
C VAL C 400 -4.95 -20.35 -18.83
N HIS C 401 -6.04 -20.16 -18.11
CA HIS C 401 -6.42 -18.83 -17.63
C HIS C 401 -6.86 -18.95 -16.20
N VAL C 402 -6.45 -18.00 -15.37
CA VAL C 402 -6.93 -17.95 -13.97
C VAL C 402 -7.43 -16.54 -13.66
N ILE C 403 -8.51 -16.49 -12.88
CA ILE C 403 -9.20 -15.26 -12.49
C ILE C 403 -9.00 -15.09 -10.98
N LEU C 404 -8.38 -13.97 -10.61
CA LEU C 404 -8.14 -13.66 -9.20
C LEU C 404 -9.03 -12.51 -8.67
N GLN C 405 -9.39 -12.65 -7.40
CA GLN C 405 -10.03 -11.60 -6.64
C GLN C 405 -9.05 -11.10 -5.60
N PRO C 406 -8.55 -9.86 -5.78
CA PRO C 406 -7.53 -9.42 -4.81
C PRO C 406 -8.12 -9.27 -3.45
N ASN C 407 -7.31 -9.52 -2.42
CA ASN C 407 -7.69 -9.35 -1.01
C ASN C 407 -7.66 -7.88 -0.72
N THR C 408 -8.71 -7.39 -0.07
CA THR C 408 -8.85 -5.97 0.27
C THR C 408 -9.16 -5.67 1.73
N ARG C 409 -8.91 -6.63 2.61
CA ARG C 409 -9.08 -6.42 4.04
C ARG C 409 -8.12 -5.34 4.50
N GLN C 410 -8.62 -4.43 5.34
CA GLN C 410 -7.81 -3.34 5.93
C GLN C 410 -7.60 -3.68 7.40
N ALA C 411 -6.54 -3.16 8.03
CA ALA C 411 -6.32 -3.44 9.47
C ALA C 411 -7.46 -2.81 10.29
N PRO C 412 -7.98 -3.51 11.33
CA PRO C 412 -8.91 -2.79 12.23
C PRO C 412 -8.27 -1.57 12.91
N ALA C 413 -9.09 -0.64 13.39
CA ALA C 413 -8.60 0.57 14.06
C ALA C 413 -7.95 0.16 15.39
N PRO C 414 -6.83 0.82 15.80
CA PRO C 414 -6.25 0.34 17.06
C PRO C 414 -7.19 0.55 18.27
N THR C 415 -7.21 -0.38 19.19
CA THR C 415 -8.14 -0.29 20.36
C THR C 415 -7.39 0.14 21.67
N ALA C 416 -8.05 0.10 22.83
CA ALA C 416 -7.46 0.56 24.11
C ALA C 416 -6.15 -0.17 24.50
N HIS C 417 -6.10 -1.50 24.26
CA HIS C 417 -4.95 -2.35 24.68
C HIS C 417 -4.02 -2.87 23.51
N ALA C 418 -4.06 -2.24 22.34
CA ALA C 418 -2.98 -2.29 21.34
C ALA C 418 -1.81 -1.36 21.81
N ALA C 419 -2.09 -0.47 22.79
CA ALA C 419 -1.09 0.34 23.51
C ALA C 419 -0.02 -0.49 24.22
N LEU C 420 -0.32 -1.76 24.53
CA LEU C 420 0.57 -2.65 25.28
C LEU C 420 1.84 -3.03 24.53
N PRO C 421 2.88 -3.47 25.27
CA PRO C 421 4.00 -4.11 24.63
C PRO C 421 3.64 -5.53 24.17
N HIS C 422 4.30 -5.98 23.11
CA HIS C 422 4.11 -7.32 22.56
C HIS C 422 5.46 -8.03 22.51
N LEU C 423 5.42 -9.34 22.35
CA LEU C 423 6.62 -10.16 22.33
C LEU C 423 6.71 -10.79 20.96
N LEU C 424 7.92 -10.80 20.39
CA LEU C 424 8.21 -11.36 19.05
C LEU C 424 9.33 -12.37 19.09
N HIS C 425 9.06 -13.58 18.61
CA HIS C 425 10.07 -14.64 18.53
C HIS C 425 10.57 -14.87 17.11
N ALA C 426 11.75 -15.45 17.02
CA ALA C 426 12.31 -15.84 15.73
C ALA C 426 13.26 -17.02 15.83
N SER C 427 13.26 -17.83 14.79
CA SER C 427 14.19 -18.94 14.66
C SER C 427 14.88 -18.76 13.35
N GLY C 428 16.03 -19.38 13.22
CA GLY C 428 16.79 -19.22 11.99
C GLY C 428 18.02 -20.06 11.87
N ARG C 429 18.57 -20.05 10.68
CA ARG C 429 19.72 -20.88 10.34
C ARG C 429 21.04 -20.28 10.76
N THR C 430 21.05 -18.96 10.81
CA THR C 430 22.18 -18.18 11.19
C THR C 430 21.78 -17.02 12.09
N LEU C 431 22.79 -16.38 12.66
CA LEU C 431 22.61 -15.17 13.43
C LEU C 431 21.84 -14.10 12.64
N GLU C 432 22.22 -13.91 11.36
CA GLU C 432 21.64 -12.89 10.48
C GLU C 432 20.16 -13.19 10.25
N ALA C 433 19.85 -14.48 10.11
CA ALA C 433 18.48 -14.92 9.87
C ALA C 433 17.56 -14.43 10.95
N VAL C 434 17.99 -14.58 12.20
CA VAL C 434 17.21 -14.17 13.34
C VAL C 434 17.23 -12.66 13.48
N GLN C 435 18.40 -12.06 13.37
CA GLN C 435 18.49 -10.60 13.43
C GLN C 435 17.54 -9.90 12.46
N ASP C 436 17.41 -10.44 11.25
CA ASP C 436 16.62 -9.78 10.19
C ASP C 436 15.12 -9.87 10.51
N LEU C 437 14.67 -11.03 10.94
CA LEU C 437 13.26 -11.21 11.28
C LEU C 437 12.86 -10.35 12.44
N LEU C 438 13.72 -10.27 13.45
CA LEU C 438 13.47 -9.41 14.60
C LEU C 438 13.44 -7.92 14.17
N GLU C 439 14.42 -7.49 13.37
CA GLU C 439 14.45 -6.14 12.86
C GLU C 439 13.15 -5.80 12.10
N GLN C 440 12.66 -6.74 11.30
CA GLN C 440 11.43 -6.52 10.57
C GLN C 440 10.26 -6.32 11.52
N GLY C 441 10.22 -7.11 12.59
CA GLY C 441 9.22 -6.94 13.64
C GLY C 441 9.27 -5.56 14.25
N ARG C 442 10.46 -5.15 14.66
CA ARG C 442 10.67 -3.82 15.23
C ARG C 442 10.17 -2.75 14.26
N GLN C 443 10.58 -2.82 12.99
CA GLN C 443 10.10 -1.85 12.01
C GLN C 443 8.58 -1.87 11.72
N HIS C 444 7.88 -2.96 12.04
CA HIS C 444 6.43 -3.02 11.83
C HIS C 444 5.72 -3.47 13.09
N SER C 445 6.24 -3.02 14.22
CA SER C 445 5.75 -3.48 15.51
C SER C 445 4.30 -3.24 15.77
N GLN C 446 3.65 -2.32 15.04
CA GLN C 446 2.22 -2.12 15.20
C GLN C 446 1.34 -2.93 14.28
N ASP C 447 1.91 -3.61 13.28
CA ASP C 447 1.13 -4.54 12.42
C ASP C 447 0.92 -5.83 13.20
N LEU C 448 -0.25 -5.96 13.78
CA LEU C 448 -0.50 -7.05 14.71
C LEU C 448 -0.49 -8.39 14.01
N ALA C 449 -1.10 -8.42 12.83
CA ALA C 449 -1.07 -9.61 11.99
C ALA C 449 0.34 -10.02 11.57
N PHE C 450 1.16 -9.08 11.16
CA PHE C 450 2.54 -9.37 10.78
C PHE C 450 3.30 -10.02 11.90
N VAL C 451 3.13 -9.49 13.11
CA VAL C 451 3.79 -10.03 14.30
C VAL C 451 3.21 -11.41 14.64
N SER C 452 1.89 -11.52 14.56
CA SER C 452 1.23 -12.77 14.87
C SER C 452 1.74 -13.90 13.95
N MET C 453 1.95 -13.59 12.69
CA MET C 453 2.45 -14.54 11.71
C MET C 453 3.90 -14.89 12.00
N LEU C 454 4.73 -13.88 12.25
CA LEU C 454 6.14 -14.15 12.54
C LEU C 454 6.33 -15.07 13.73
N ASN C 455 5.42 -14.94 14.71
CA ASN C 455 5.45 -15.75 15.92
C ASN C 455 5.08 -17.18 15.59
N ASP C 456 4.03 -17.38 14.80
CA ASP C 456 3.60 -18.72 14.38
C ASP C 456 4.76 -19.50 13.70
N ILE C 457 5.53 -18.84 12.84
CA ILE C 457 6.59 -19.54 12.12
C ILE C 457 7.88 -19.70 12.91
N ALA C 458 7.98 -19.11 14.09
CA ALA C 458 9.23 -19.18 14.87
C ALA C 458 9.40 -20.50 15.59
N ALA C 459 8.29 -21.16 15.91
CA ALA C 459 8.34 -22.46 16.57
C ALA C 459 8.82 -23.59 15.64
N THR C 460 10.10 -23.94 15.70
CA THR C 460 10.70 -24.91 14.79
C THR C 460 11.52 -25.89 15.60
N PRO C 461 11.79 -27.09 15.08
CA PRO C 461 12.78 -27.95 15.77
C PRO C 461 14.16 -27.30 15.87
N THR C 462 14.82 -27.50 17.00
CA THR C 462 16.07 -26.76 17.32
C THR C 462 17.26 -27.34 16.51
N ALA C 463 17.17 -28.62 16.15
CA ALA C 463 18.16 -29.26 15.28
C ALA C 463 18.28 -28.56 13.94
N ALA C 464 17.12 -28.16 13.39
CA ALA C 464 17.02 -27.58 12.07
C ALA C 464 17.32 -26.09 12.04
N MET C 465 16.81 -25.34 13.02
CA MET C 465 17.05 -23.90 13.14
C MET C 465 17.77 -23.63 14.46
N PRO C 466 19.12 -23.74 14.44
CA PRO C 466 19.86 -23.68 15.69
C PRO C 466 20.09 -22.28 16.27
N PHE C 467 19.56 -21.22 15.68
CA PHE C 467 19.64 -19.87 16.27
C PHE C 467 18.26 -19.39 16.66
N ARG C 468 18.12 -18.85 17.86
CA ARG C 468 16.88 -18.20 18.27
C ARG C 468 17.10 -16.82 18.82
N GLY C 469 16.00 -16.09 18.92
CA GLY C 469 16.04 -14.73 19.43
C GLY C 469 14.65 -14.24 19.77
N TYR C 470 14.58 -13.12 20.47
CA TYR C 470 13.30 -12.46 20.78
C TYR C 470 13.55 -10.98 20.87
N THR C 471 12.50 -10.20 20.71
CA THR C 471 12.53 -8.82 21.16
C THR C 471 11.20 -8.48 21.74
N VAL C 472 11.21 -7.48 22.62
CA VAL C 472 9.97 -6.97 23.17
C VAL C 472 9.68 -5.68 22.46
N LEU C 473 8.52 -5.65 21.80
CA LEU C 473 8.10 -4.48 21.05
C LEU C 473 7.32 -3.62 21.99
N GLY C 474 7.30 -2.32 21.72
CA GLY C 474 6.44 -1.36 22.43
C GLY C 474 6.97 -0.87 23.78
N VAL C 475 8.28 -0.69 23.86
CA VAL C 475 8.98 -0.31 25.08
C VAL C 475 10.21 0.56 24.76
N GLU C 476 10.64 1.36 25.72
CA GLU C 476 11.78 2.25 25.54
C GLU C 476 13.05 1.38 25.51
N GLY C 477 13.71 1.47 24.39
CA GLY C 477 15.01 0.81 24.20
C GLY C 477 14.92 -0.48 23.42
N ARG C 478 16.08 -1.06 23.21
CA ARG C 478 16.25 -2.29 22.46
C ARG C 478 16.31 -3.43 23.47
N VAL C 479 15.18 -4.10 23.67
CA VAL C 479 15.16 -5.36 24.41
C VAL C 479 15.25 -6.50 23.39
N GLN C 480 16.44 -7.10 23.26
CA GLN C 480 16.66 -8.17 22.30
C GLN C 480 17.82 -9.08 22.69
N GLU C 481 17.61 -10.38 22.69
CA GLU C 481 18.74 -11.31 22.71
C GLU C 481 18.59 -12.26 21.56
N VAL C 482 19.71 -12.83 21.16
CA VAL C 482 19.80 -13.80 20.09
C VAL C 482 20.92 -14.71 20.46
N GLN C 483 20.75 -16.01 20.37
CA GLN C 483 21.90 -16.89 20.60
C GLN C 483 21.70 -18.25 19.96
N GLN C 484 22.83 -18.96 19.84
CA GLN C 484 22.82 -20.34 19.38
C GLN C 484 22.25 -21.24 20.47
N VAL C 485 21.60 -22.34 20.07
CA VAL C 485 21.02 -23.34 20.97
C VAL C 485 21.74 -24.67 20.74
N SER C 486 21.85 -25.49 21.80
CA SER C 486 22.22 -26.92 21.67
C SER C 486 20.97 -27.76 21.87
N THR C 487 20.86 -28.87 21.13
CA THR C 487 19.70 -29.79 21.17
C THR C 487 19.85 -30.81 22.28
N ASN C 488 19.69 -30.34 23.49
CA ASN C 488 19.62 -31.21 24.66
C ASN C 488 18.20 -31.33 25.09
N LYS C 489 17.25 -31.47 24.15
CA LYS C 489 15.81 -31.19 24.36
C LYS C 489 15.53 -30.91 25.85
N ARG C 490 15.48 -29.62 26.15
CA ARG C 490 15.70 -29.09 27.51
C ARG C 490 14.39 -29.16 28.29
N PRO C 491 14.39 -29.92 29.41
CA PRO C 491 13.12 -30.14 30.13
C PRO C 491 12.73 -28.97 31.02
N LEU C 492 11.42 -28.79 31.17
CA LEU C 492 10.86 -27.55 31.74
C LEU C 492 10.32 -27.83 33.14
N TRP C 493 10.82 -27.08 34.11
CA TRP C 493 10.41 -27.23 35.50
C TRP C 493 9.77 -25.95 36.04
N PHE C 494 8.64 -26.12 36.72
CA PHE C 494 7.95 -25.04 37.43
C PHE C 494 8.25 -25.07 38.94
N ILE C 495 8.60 -23.93 39.51
CA ILE C 495 8.83 -23.80 40.94
C ILE C 495 7.82 -22.79 41.47
N CYS C 496 6.86 -23.22 42.29
CA CYS C 496 5.92 -22.27 42.90
C CYS C 496 6.42 -21.83 44.29
N SER C 497 6.71 -20.54 44.45
CA SER C 497 7.37 -20.05 45.64
C SER C 497 6.39 -19.67 46.73
N GLY C 498 6.94 -19.50 47.93
CA GLY C 498 6.16 -19.41 49.15
C GLY C 498 5.79 -17.99 49.52
N MET C 499 5.77 -17.75 50.84
CA MET C 499 5.62 -16.42 51.39
C MET C 499 6.96 -15.68 51.31
N GLY C 500 6.91 -14.36 51.51
CA GLY C 500 8.08 -13.51 51.30
C GLY C 500 8.04 -12.83 49.94
N THR C 501 7.29 -13.42 49.01
CA THR C 501 7.22 -12.95 47.63
C THR C 501 6.12 -11.93 47.40
N GLN C 502 5.32 -11.62 48.42
CA GLN C 502 4.35 -10.52 48.31
C GLN C 502 5.05 -9.15 48.25
N TRP C 503 4.36 -8.15 47.72
CA TRP C 503 4.83 -6.75 47.71
C TRP C 503 3.75 -5.72 47.36
N ARG C 504 4.06 -4.45 47.62
CA ARG C 504 3.10 -3.35 47.56
C ARG C 504 2.59 -3.10 46.14
N GLY C 505 1.34 -3.48 45.87
CA GLY C 505 0.77 -3.33 44.52
C GLY C 505 1.33 -4.22 43.40
N MET C 506 1.88 -5.38 43.76
CA MET C 506 2.22 -6.44 42.80
C MET C 506 1.00 -6.77 41.90
N GLY C 507 1.27 -7.15 40.67
CA GLY C 507 0.21 -7.41 39.71
C GLY C 507 -0.69 -6.25 39.31
N LEU C 508 -0.37 -5.02 39.72
CA LEU C 508 -1.04 -3.82 39.15
C LEU C 508 -0.69 -3.77 37.65
N SER C 509 0.56 -4.15 37.33
CA SER C 509 1.10 -4.11 35.98
C SER C 509 0.44 -5.15 35.03
N LEU C 510 0.42 -6.42 35.45
CA LEU C 510 -0.17 -7.48 34.63
C LEU C 510 -1.69 -7.47 34.52
N MET C 511 -2.39 -6.64 35.29
CA MET C 511 -3.87 -6.55 35.15
C MET C 511 -4.33 -5.89 33.84
N ARG C 512 -3.45 -5.10 33.22
CA ARG C 512 -3.63 -4.59 31.85
C ARG C 512 -3.88 -5.72 30.84
N LEU C 513 -3.14 -6.81 31.01
CA LEU C 513 -3.23 -7.97 30.12
C LEU C 513 -4.52 -8.74 30.32
N ASP C 514 -5.44 -8.62 29.37
CA ASP C 514 -6.77 -9.27 29.44
C ASP C 514 -6.76 -10.72 29.96
N SER C 515 -5.77 -11.51 29.55
CA SER C 515 -5.71 -12.95 29.87
C SER C 515 -5.48 -13.22 31.37
N PHE C 516 -4.57 -12.43 31.97
CA PHE C 516 -4.23 -12.45 33.38
C PHE C 516 -5.42 -12.00 34.23
N ARG C 517 -5.96 -10.81 33.89
CA ARG C 517 -7.11 -10.21 34.58
C ARG C 517 -8.27 -11.20 34.66
N GLU C 518 -8.46 -12.03 33.65
CA GLU C 518 -9.53 -13.02 33.68
C GLU C 518 -9.30 -14.15 34.67
N SER C 519 -8.05 -14.59 34.85
CA SER C 519 -7.70 -15.60 35.88
C SER C 519 -7.77 -15.04 37.31
N ILE C 520 -7.67 -13.72 37.44
CA ILE C 520 -7.90 -13.06 38.69
C ILE C 520 -9.42 -13.01 38.91
N LEU C 521 -10.17 -12.51 37.91
CA LEU C 521 -11.63 -12.44 38.01
C LEU C 521 -12.33 -13.79 38.25
N ARG C 522 -11.70 -14.90 37.84
CA ARG C 522 -12.21 -16.24 38.18
C ARG C 522 -11.86 -16.62 39.63
N SER C 523 -10.68 -16.21 40.11
CA SER C 523 -10.34 -16.37 41.54
C SER C 523 -11.24 -15.52 42.46
N ASP C 524 -11.77 -14.41 41.95
CA ASP C 524 -12.79 -13.59 42.65
C ASP C 524 -14.09 -14.33 42.95
N GLU C 525 -14.54 -15.18 42.03
CA GLU C 525 -15.79 -15.92 42.21
C GLU C 525 -15.66 -16.99 43.28
N ALA C 526 -14.48 -17.58 43.44
CA ALA C 526 -14.21 -18.50 44.55
C ALA C 526 -14.32 -17.85 45.94
N VAL C 527 -13.94 -16.57 46.08
CA VAL C 527 -13.99 -15.88 47.39
C VAL C 527 -14.93 -14.64 47.44
N LYS C 528 -15.90 -14.52 46.53
CA LYS C 528 -16.98 -13.51 46.69
C LYS C 528 -17.94 -13.81 47.86
N PRO C 529 -18.36 -15.11 48.06
CA PRO C 529 -19.28 -15.32 49.20
C PRO C 529 -18.62 -15.11 50.58
N LEU C 530 -17.28 -15.16 50.65
CA LEU C 530 -16.52 -14.90 51.88
C LEU C 530 -16.10 -13.41 51.99
N GLY C 531 -16.75 -12.53 51.21
CA GLY C 531 -16.61 -11.07 51.32
C GLY C 531 -15.26 -10.46 50.96
N VAL C 532 -14.58 -11.06 49.98
CA VAL C 532 -13.24 -10.63 49.53
C VAL C 532 -13.16 -10.72 47.99
N LYS C 533 -12.49 -9.75 47.38
CA LYS C 533 -12.23 -9.78 45.94
C LYS C 533 -10.75 -9.46 45.67
N VAL C 534 -10.07 -10.42 45.04
CA VAL C 534 -8.61 -10.37 44.85
C VAL C 534 -8.26 -9.22 43.92
N SER C 535 -9.11 -8.99 42.92
CA SER C 535 -8.97 -7.88 41.97
C SER C 535 -8.88 -6.51 42.69
N ASP C 536 -9.69 -6.32 43.71
CA ASP C 536 -9.64 -5.11 44.54
C ASP C 536 -8.31 -5.02 45.28
N LEU C 537 -7.86 -6.15 45.83
CA LEU C 537 -6.62 -6.20 46.62
C LEU C 537 -5.38 -5.83 45.81
N LEU C 538 -5.30 -6.36 44.59
CA LEU C 538 -4.16 -6.14 43.70
C LEU C 538 -4.14 -4.68 43.23
N LEU C 539 -5.32 -4.17 42.88
CA LEU C 539 -5.50 -2.77 42.45
C LEU C 539 -5.50 -1.74 43.61
N SER C 540 -5.59 -2.20 44.88
CA SER C 540 -5.54 -1.32 46.03
C SER C 540 -4.26 -0.48 46.10
N THR C 541 -4.41 0.79 46.50
CA THR C 541 -3.28 1.72 46.73
C THR C 541 -2.83 1.73 48.20
N ASP C 542 -3.59 1.09 49.09
CA ASP C 542 -3.30 1.08 50.55
C ASP C 542 -1.99 0.32 50.85
N GLU C 543 -0.92 1.06 51.20
CA GLU C 543 0.37 0.51 51.64
C GLU C 543 0.35 -0.84 52.41
N ARG C 544 -0.62 -1.00 53.31
CA ARG C 544 -0.62 -2.13 54.28
C ARG C 544 -1.48 -3.34 53.86
N THR C 545 -2.13 -3.28 52.69
CA THR C 545 -3.13 -4.29 52.28
C THR C 545 -2.72 -5.75 52.53
N PHE C 546 -1.48 -6.10 52.15
CA PHE C 546 -0.95 -7.47 52.22
C PHE C 546 -0.28 -7.83 53.55
N ASP C 547 -0.41 -6.97 54.58
CA ASP C 547 0.03 -7.30 55.95
C ASP C 547 -0.88 -8.37 56.53
N ASP C 548 -2.18 -8.16 56.33
CA ASP C 548 -3.22 -9.11 56.67
C ASP C 548 -2.92 -10.47 56.04
N ILE C 549 -2.83 -11.53 56.84
CA ILE C 549 -2.34 -12.82 56.36
C ILE C 549 -3.31 -13.56 55.41
N VAL C 550 -4.58 -13.17 55.38
CA VAL C 550 -5.53 -13.76 54.42
C VAL C 550 -5.43 -13.02 53.08
N HIS C 551 -5.29 -11.69 53.13
CA HIS C 551 -5.05 -10.90 51.92
C HIS C 551 -3.80 -11.42 51.18
N ALA C 552 -2.76 -11.79 51.93
CA ALA C 552 -1.51 -12.26 51.35
C ALA C 552 -1.62 -13.66 50.80
N PHE C 553 -2.15 -14.60 51.58
CA PHE C 553 -2.24 -16.01 51.12
C PHE C 553 -3.07 -16.18 49.84
N VAL C 554 -4.20 -15.48 49.78
CA VAL C 554 -5.11 -15.57 48.63
C VAL C 554 -4.53 -14.84 47.42
N SER C 555 -3.99 -13.65 47.60
CA SER C 555 -3.44 -12.88 46.48
C SER C 555 -2.19 -13.57 45.89
N LEU C 556 -1.33 -14.09 46.77
CA LEU C 556 -0.13 -14.79 46.35
C LEU C 556 -0.47 -15.99 45.49
N THR C 557 -1.43 -16.79 45.94
CA THR C 557 -1.76 -17.99 45.21
C THR C 557 -2.64 -17.70 43.96
N ALA C 558 -3.43 -16.64 43.99
CA ALA C 558 -4.25 -16.24 42.81
C ALA C 558 -3.41 -15.72 41.62
N ILE C 559 -2.31 -15.04 41.97
CA ILE C 559 -1.29 -14.60 41.01
C ILE C 559 -0.51 -15.79 40.45
N GLN C 560 -0.12 -16.72 41.30
CA GLN C 560 0.54 -17.94 40.82
C GLN C 560 -0.36 -18.68 39.82
N ILE C 561 -1.67 -18.70 40.08
CA ILE C 561 -2.63 -19.34 39.17
C ILE C 561 -2.72 -18.61 37.84
N ALA C 562 -2.79 -17.28 37.89
CA ALA C 562 -2.79 -16.45 36.67
C ALA C 562 -1.50 -16.66 35.86
N LEU C 563 -0.34 -16.63 36.52
CA LEU C 563 0.89 -16.95 35.83
C LEU C 563 0.86 -18.34 35.22
N ILE C 564 0.30 -19.32 35.92
CA ILE C 564 0.21 -20.67 35.35
C ILE C 564 -0.73 -20.66 34.14
N ASP C 565 -1.87 -19.97 34.27
CA ASP C 565 -2.81 -19.83 33.13
C ASP C 565 -2.16 -19.24 31.87
N LEU C 566 -1.42 -18.13 32.01
CA LEU C 566 -0.65 -17.56 30.89
C LEU C 566 0.37 -18.55 30.32
N LEU C 567 1.23 -19.09 31.18
CA LEU C 567 2.22 -20.07 30.75
C LEU C 567 1.58 -21.23 30.01
N THR C 568 0.39 -21.63 30.45
CA THR C 568 -0.33 -22.70 29.76
C THR C 568 -0.79 -22.21 28.40
N SER C 569 -1.48 -21.07 28.35
CA SER C 569 -2.01 -20.52 27.09
C SER C 569 -0.95 -20.36 25.98
N VAL C 570 0.31 -20.10 26.36
CA VAL C 570 1.38 -20.02 25.35
C VAL C 570 2.04 -21.34 25.04
N GLY C 571 1.48 -22.44 25.55
CA GLY C 571 1.89 -23.80 25.16
C GLY C 571 2.92 -24.52 26.02
N LEU C 572 3.25 -23.96 27.19
CA LEU C 572 4.18 -24.58 28.11
C LEU C 572 3.42 -25.50 29.08
N LYS C 573 3.70 -26.81 28.99
CA LYS C 573 3.28 -27.81 29.99
C LYS C 573 4.57 -28.28 30.67
N PRO C 574 4.59 -28.29 32.02
CA PRO C 574 5.81 -28.60 32.76
C PRO C 574 6.15 -30.09 32.79
N ASP C 575 7.44 -30.40 32.71
CA ASP C 575 7.94 -31.78 32.90
C ASP C 575 8.05 -32.18 34.38
N GLY C 576 8.38 -31.22 35.24
CA GLY C 576 8.28 -31.38 36.68
C GLY C 576 7.78 -30.12 37.40
N ILE C 577 7.22 -30.32 38.60
CA ILE C 577 6.62 -29.24 39.39
C ILE C 577 7.10 -29.34 40.85
N ILE C 578 7.42 -28.21 41.47
CA ILE C 578 7.91 -28.21 42.86
C ILE C 578 7.40 -26.99 43.60
N GLY C 579 6.84 -27.21 44.79
CA GLY C 579 6.40 -26.12 45.66
C GLY C 579 7.33 -25.81 46.82
N HIS C 580 7.04 -24.70 47.50
CA HIS C 580 7.70 -24.29 48.73
C HIS C 580 6.61 -23.63 49.56
N SER C 581 6.30 -24.15 50.74
CA SER C 581 5.26 -23.57 51.59
C SER C 581 3.92 -23.57 50.87
N LEU C 582 3.21 -22.44 50.94
CA LEU C 582 1.98 -22.17 50.22
C LEU C 582 1.99 -22.49 48.70
N GLY C 583 3.19 -22.53 48.11
CA GLY C 583 3.37 -22.92 46.74
C GLY C 583 2.82 -24.30 46.36
N GLU C 584 2.77 -25.23 47.31
CA GLU C 584 2.23 -26.56 47.02
C GLU C 584 0.75 -26.53 46.65
N VAL C 585 0.02 -25.47 47.05
CA VAL C 585 -1.36 -25.26 46.60
C VAL C 585 -1.37 -24.96 45.09
N ALA C 586 -0.51 -24.04 44.67
CA ALA C 586 -0.41 -23.65 43.26
C ALA C 586 0.10 -24.81 42.41
N CYS C 587 1.08 -25.56 42.91
CA CYS C 587 1.53 -26.80 42.28
C CYS C 587 0.38 -27.76 41.96
N GLY C 588 -0.60 -27.81 42.86
CA GLY C 588 -1.77 -28.66 42.69
C GLY C 588 -2.58 -28.27 41.46
N TYR C 589 -2.69 -26.97 41.23
CA TYR C 589 -3.37 -26.42 40.05
C TYR C 589 -2.59 -26.77 38.78
N ALA C 590 -1.29 -26.45 38.79
CA ALA C 590 -0.39 -26.81 37.71
C ALA C 590 -0.36 -28.31 37.40
N ASP C 591 -0.61 -29.17 38.38
CA ASP C 591 -0.62 -30.61 38.14
C ASP C 591 -1.98 -31.19 37.69
N GLY C 592 -3.04 -30.38 37.75
CA GLY C 592 -4.40 -30.85 37.46
C GLY C 592 -5.12 -31.55 38.60
N CYS C 593 -4.65 -31.37 39.85
CA CYS C 593 -5.27 -31.97 41.06
C CYS C 593 -6.34 -31.07 41.65
N LEU C 594 -6.02 -29.79 41.80
CA LEU C 594 -6.96 -28.80 42.30
C LEU C 594 -7.52 -28.03 41.15
N SER C 595 -8.83 -27.80 41.18
CA SER C 595 -9.45 -26.81 40.32
C SER C 595 -8.94 -25.44 40.76
N GLN C 596 -9.30 -24.41 39.99
CA GLN C 596 -8.97 -23.04 40.36
C GLN C 596 -9.64 -22.68 41.69
N ARG C 597 -10.95 -22.99 41.79
CA ARG C 597 -11.76 -22.68 43.00
C ARG C 597 -11.17 -23.41 44.21
N GLU C 598 -10.92 -24.70 44.06
CA GLU C 598 -10.32 -25.51 45.12
C GLU C 598 -9.00 -24.89 45.66
N ALA C 599 -8.10 -24.51 44.76
CA ALA C 599 -6.80 -23.97 45.17
C ALA C 599 -6.86 -22.58 45.81
N VAL C 600 -7.78 -21.73 45.38
CA VAL C 600 -7.91 -20.39 45.94
C VAL C 600 -8.54 -20.45 47.33
N LEU C 601 -9.48 -21.38 47.53
CA LEU C 601 -10.07 -21.58 48.86
C LEU C 601 -9.10 -22.27 49.83
N ALA C 602 -8.30 -23.22 49.34
CA ALA C 602 -7.22 -23.82 50.14
C ALA C 602 -6.14 -22.83 50.61
N ALA C 603 -6.07 -21.67 49.98
CA ALA C 603 -5.23 -20.57 50.44
C ALA C 603 -5.99 -19.69 51.41
N TYR C 604 -7.27 -19.44 51.13
CA TYR C 604 -8.08 -18.58 52.00
C TYR C 604 -8.20 -19.20 53.41
N TRP C 605 -8.63 -20.45 53.46
CA TRP C 605 -8.86 -21.13 54.73
C TRP C 605 -7.56 -21.44 55.45
N ARG C 606 -6.50 -21.76 54.73
CA ARG C 606 -5.15 -21.85 55.31
C ARG C 606 -4.72 -20.54 56.02
N GLY C 607 -5.11 -19.40 55.47
CA GLY C 607 -4.80 -18.09 56.03
C GLY C 607 -5.78 -17.69 57.14
N GLN C 608 -7.07 -17.99 56.92
CA GLN C 608 -8.12 -17.61 57.87
C GLN C 608 -7.99 -18.42 59.16
N CYS C 609 -7.76 -19.72 59.03
CA CYS C 609 -7.54 -20.59 60.20
C CYS C 609 -6.32 -20.26 61.05
N ILE C 610 -5.29 -19.61 60.50
CA ILE C 610 -4.11 -19.17 61.29
C ILE C 610 -4.36 -17.81 61.96
N LYS C 611 -5.01 -16.90 61.23
CA LYS C 611 -5.42 -15.61 61.80
C LYS C 611 -6.31 -15.77 63.06
N ASP C 612 -7.26 -16.69 62.98
CA ASP C 612 -8.23 -16.99 64.06
C ASP C 612 -7.67 -17.51 65.40
N ALA C 613 -6.57 -18.26 65.33
CA ALA C 613 -5.92 -18.87 66.52
C ALA C 613 -4.90 -17.95 67.24
N HIS C 614 -4.92 -16.64 66.91
CA HIS C 614 -4.04 -15.62 67.52
C HIS C 614 -2.82 -16.21 68.32
N LEU C 615 -2.01 -17.04 67.66
CA LEU C 615 -0.86 -17.78 68.26
C LEU C 615 0.20 -16.91 68.94
N PRO C 616 1.02 -17.50 69.84
CA PRO C 616 2.13 -16.75 70.47
C PRO C 616 3.15 -16.22 69.47
N PRO C 617 3.78 -15.06 69.78
CA PRO C 617 4.91 -14.59 68.99
C PRO C 617 5.97 -15.68 68.67
N GLY C 618 6.21 -15.87 67.36
CA GLY C 618 7.21 -16.80 66.85
C GLY C 618 8.14 -16.07 65.88
N SER C 619 9.21 -16.73 65.47
CA SER C 619 10.19 -16.15 64.54
C SER C 619 10.87 -17.24 63.71
N MET C 620 11.36 -16.85 62.54
CA MET C 620 12.20 -17.72 61.72
C MET C 620 13.43 -16.95 61.26
N ALA C 621 14.46 -17.71 60.91
CA ALA C 621 15.69 -17.15 60.38
C ALA C 621 16.36 -18.19 59.50
N ALA C 622 16.86 -17.75 58.35
CA ALA C 622 17.72 -18.58 57.52
C ALA C 622 19.08 -18.54 58.17
N VAL C 623 19.77 -19.68 58.19
CA VAL C 623 21.07 -19.78 58.84
C VAL C 623 22.04 -20.60 58.01
N GLY C 624 23.33 -20.26 58.14
CA GLY C 624 24.39 -20.87 57.34
C GLY C 624 24.91 -22.20 57.87
N LEU C 625 24.03 -23.19 57.97
CA LEU C 625 24.33 -24.50 58.54
C LEU C 625 23.62 -25.55 57.71
N SER C 626 24.19 -26.74 57.60
CA SER C 626 23.56 -27.84 56.85
C SER C 626 22.37 -28.45 57.61
N TRP C 627 21.64 -29.36 56.96
CA TRP C 627 20.43 -29.98 57.52
C TRP C 627 20.64 -30.72 58.84
N GLU C 628 21.56 -31.68 58.84
CA GLU C 628 21.91 -32.49 60.04
C GLU C 628 22.61 -31.65 61.11
N GLU C 629 23.30 -30.61 60.71
CA GLU C 629 24.05 -29.72 61.65
C GLU C 629 23.11 -28.71 62.37
N CYS C 630 21.87 -28.55 61.90
CA CYS C 630 20.87 -27.73 62.60
C CYS C 630 20.21 -28.47 63.75
N LYS C 631 19.88 -29.74 63.56
CA LYS C 631 19.36 -30.60 64.64
C LYS C 631 20.34 -30.71 65.80
N GLN C 632 21.63 -30.84 65.48
CA GLN C 632 22.74 -30.76 66.46
C GLN C 632 22.64 -29.52 67.34
N ARG C 633 22.71 -28.34 66.72
CA ARG C 633 22.92 -27.08 67.46
C ARG C 633 21.66 -26.28 67.88
N CYS C 634 20.47 -26.78 67.56
CA CYS C 634 19.24 -26.00 67.78
C CYS C 634 18.77 -26.02 69.25
N PRO C 635 18.55 -24.84 69.88
CA PRO C 635 18.00 -24.83 71.25
C PRO C 635 16.57 -25.39 71.29
N ALA C 636 16.21 -26.03 72.40
CA ALA C 636 14.91 -26.68 72.56
C ALA C 636 13.78 -25.71 72.25
N GLY C 637 12.82 -26.18 71.45
CA GLY C 637 11.73 -25.36 70.92
C GLY C 637 11.93 -24.90 69.49
N VAL C 638 13.18 -24.83 69.05
CA VAL C 638 13.49 -24.42 67.66
C VAL C 638 13.86 -25.67 66.86
N VAL C 639 13.31 -25.74 65.65
CA VAL C 639 13.43 -26.91 64.79
C VAL C 639 13.87 -26.37 63.41
N PRO C 640 14.69 -27.15 62.66
CA PRO C 640 14.90 -26.81 61.26
C PRO C 640 13.60 -26.99 60.44
N ALA C 641 13.17 -25.92 59.76
CA ALA C 641 11.83 -25.84 59.18
C ALA C 641 11.82 -26.03 57.67
N CYS C 642 12.69 -25.30 56.94
CA CYS C 642 12.78 -25.43 55.47
C CYS C 642 14.23 -25.75 55.07
N HIS C 643 14.40 -26.85 54.33
CA HIS C 643 15.71 -27.20 53.72
C HIS C 643 15.83 -26.55 52.34
N ASN C 644 16.28 -25.30 52.33
CA ASN C 644 16.40 -24.52 51.10
C ASN C 644 17.56 -25.00 50.23
N SER C 645 18.74 -25.08 50.81
CA SER C 645 19.89 -25.61 50.08
C SER C 645 20.85 -26.37 51.01
N GLU C 646 21.98 -26.82 50.48
CA GLU C 646 23.04 -27.39 51.30
C GLU C 646 23.58 -26.39 52.33
N ASP C 647 23.60 -25.07 52.00
CA ASP C 647 24.04 -24.00 52.94
C ASP C 647 22.95 -23.29 53.71
N THR C 648 21.83 -22.94 53.05
CA THR C 648 20.74 -22.22 53.73
C THR C 648 19.75 -23.24 54.34
N VAL C 649 19.40 -23.00 55.61
CA VAL C 649 18.29 -23.68 56.26
C VAL C 649 17.53 -22.66 57.09
N THR C 650 16.20 -22.64 56.95
CA THR C 650 15.35 -21.75 57.74
C THR C 650 14.89 -22.50 58.99
N ILE C 651 15.17 -21.91 60.16
CA ILE C 651 14.77 -22.47 61.46
C ILE C 651 13.50 -21.78 61.95
N SER C 652 12.73 -22.46 62.80
CA SER C 652 11.42 -21.94 63.25
C SER C 652 11.17 -22.27 64.72
N GLY C 653 10.63 -21.32 65.47
CA GLY C 653 10.35 -21.52 66.89
C GLY C 653 9.83 -20.29 67.61
N PRO C 654 9.75 -20.35 68.97
CA PRO C 654 9.28 -19.21 69.75
C PRO C 654 10.28 -18.03 69.73
N GLN C 655 9.73 -16.81 69.65
CA GLN C 655 10.53 -15.57 69.50
C GLN C 655 11.74 -15.51 70.44
N ALA C 656 11.48 -15.80 71.72
CA ALA C 656 12.53 -15.92 72.75
C ALA C 656 13.76 -16.67 72.24
N ALA C 657 13.61 -17.99 72.03
CA ALA C 657 14.74 -18.88 71.73
C ALA C 657 15.45 -18.55 70.41
N VAL C 658 14.68 -18.11 69.40
CA VAL C 658 15.21 -17.94 68.06
C VAL C 658 15.98 -16.62 67.92
N ASN C 659 15.45 -15.54 68.51
CA ASN C 659 16.15 -14.23 68.50
C ASN C 659 17.51 -14.31 69.24
N GLU C 660 17.59 -15.15 70.28
CA GLU C 660 18.83 -15.34 71.03
C GLU C 660 19.81 -16.23 70.28
N PHE C 661 19.31 -17.36 69.76
CA PHE C 661 20.16 -18.28 68.98
C PHE C 661 20.66 -17.68 67.65
N VAL C 662 20.07 -16.57 67.22
CA VAL C 662 20.57 -15.82 66.05
C VAL C 662 21.65 -14.80 66.45
N GLU C 663 21.49 -14.09 67.56
CA GLU C 663 22.53 -13.11 68.00
C GLU C 663 23.81 -13.80 68.49
N GLN C 664 23.67 -15.01 69.04
CA GLN C 664 24.84 -15.83 69.42
C GLN C 664 25.55 -16.47 68.22
N LEU C 665 24.82 -16.62 67.11
CA LEU C 665 25.33 -17.23 65.86
C LEU C 665 26.13 -16.20 65.00
N LYS C 666 25.66 -14.93 64.97
CA LYS C 666 26.43 -13.83 64.37
C LYS C 666 27.72 -13.50 65.13
N GLN C 667 27.72 -13.73 66.45
CA GLN C 667 28.93 -13.57 67.28
C GLN C 667 29.94 -14.74 67.13
N GLU C 668 29.59 -15.77 66.32
CA GLU C 668 30.57 -16.73 65.78
C GLU C 668 30.71 -16.60 64.24
N GLY C 669 30.41 -15.40 63.71
CA GLY C 669 30.51 -15.08 62.27
C GLY C 669 29.73 -15.95 61.28
N VAL C 670 28.62 -16.55 61.72
CA VAL C 670 27.81 -17.48 60.88
C VAL C 670 26.61 -16.70 60.26
N PHE C 671 26.24 -17.08 59.03
CA PHE C 671 25.18 -16.39 58.27
C PHE C 671 23.83 -16.59 59.00
N ALA C 672 23.09 -15.49 59.21
CA ALA C 672 21.82 -15.53 59.94
C ALA C 672 21.05 -14.22 59.77
N THR C 677 7.78 -12.73 57.79
CA THR C 677 7.41 -13.80 58.72
C THR C 677 5.93 -13.57 59.28
N GLY C 678 5.65 -12.30 59.59
CA GLY C 678 4.38 -11.94 60.23
C GLY C 678 4.35 -12.29 61.72
N GLY C 679 5.53 -12.41 62.33
CA GLY C 679 5.68 -12.89 63.70
C GLY C 679 5.19 -14.31 63.91
N LEU C 680 5.33 -15.17 62.89
CA LEU C 680 4.84 -16.56 62.92
C LEU C 680 5.97 -17.55 62.66
N ALA C 681 5.75 -18.78 63.12
CA ALA C 681 6.76 -19.84 63.10
C ALA C 681 6.20 -21.01 62.30
N PHE C 682 6.33 -20.94 60.98
CA PHE C 682 5.79 -21.94 60.07
C PHE C 682 6.57 -23.24 60.17
N HIS C 683 5.91 -24.35 59.84
CA HIS C 683 6.56 -25.67 59.77
C HIS C 683 7.24 -26.12 61.05
N SER C 684 6.63 -25.73 62.16
CA SER C 684 6.98 -26.18 63.50
C SER C 684 5.72 -26.83 64.10
N TYR C 685 5.93 -27.38 65.28
CA TYR C 685 4.85 -27.87 66.15
C TYR C 685 3.69 -26.86 66.36
N PHE C 686 4.01 -25.56 66.47
CA PHE C 686 3.02 -24.46 66.66
C PHE C 686 1.70 -24.55 65.88
N MET C 687 1.76 -25.14 64.68
CA MET C 687 0.60 -25.25 63.80
C MET C 687 -0.20 -26.54 63.94
N GLU C 688 0.29 -27.51 64.71
CA GLU C 688 -0.56 -28.65 65.05
C GLU C 688 -1.82 -28.16 65.80
N GLY C 689 -1.76 -26.99 66.44
CA GLY C 689 -2.95 -26.26 66.96
C GLY C 689 -4.02 -25.93 65.92
N ILE C 690 -3.57 -25.59 64.71
CA ILE C 690 -4.48 -25.30 63.60
C ILE C 690 -4.95 -26.60 62.88
N ALA C 691 -4.10 -27.63 62.83
CA ALA C 691 -4.40 -28.91 62.11
C ALA C 691 -5.86 -29.37 62.08
N PRO C 692 -6.53 -29.56 63.23
CA PRO C 692 -7.94 -30.00 63.20
C PRO C 692 -8.95 -29.00 62.59
N THR C 693 -8.86 -27.72 62.96
CA THR C 693 -9.79 -26.69 62.46
C THR C 693 -9.66 -26.48 60.93
N LEU C 694 -8.44 -26.60 60.40
CA LEU C 694 -8.18 -26.52 58.96
C LEU C 694 -8.73 -27.75 58.24
N LEU C 695 -8.24 -28.95 58.61
CA LEU C 695 -8.71 -30.26 58.08
C LEU C 695 -10.22 -30.26 57.87
N GLN C 696 -10.98 -29.72 58.82
CA GLN C 696 -12.45 -29.67 58.71
C GLN C 696 -12.91 -28.69 57.62
N ALA C 697 -12.35 -27.48 57.61
CA ALA C 697 -12.69 -26.47 56.59
C ALA C 697 -12.30 -26.90 55.16
N LEU C 698 -11.13 -27.51 55.01
CA LEU C 698 -10.62 -28.01 53.71
C LEU C 698 -11.26 -29.33 53.22
N LYS C 699 -11.88 -30.08 54.10
CA LYS C 699 -12.68 -31.25 53.69
C LYS C 699 -13.96 -30.80 52.94
N LYS C 700 -14.46 -29.60 53.26
CA LYS C 700 -15.61 -28.99 52.58
C LYS C 700 -15.28 -28.39 51.20
N VAL C 701 -13.99 -28.11 50.95
CA VAL C 701 -13.53 -27.57 49.65
C VAL C 701 -12.99 -28.65 48.70
N ILE C 702 -12.21 -29.60 49.22
CA ILE C 702 -11.65 -30.69 48.43
C ILE C 702 -12.48 -31.96 48.66
N ARG C 703 -13.65 -31.99 48.03
CA ARG C 703 -14.61 -33.10 48.20
C ARG C 703 -14.08 -34.43 47.62
N GLU C 704 -13.50 -34.37 46.41
CA GLU C 704 -13.07 -35.56 45.67
C GLU C 704 -11.57 -35.46 45.34
N PRO C 705 -10.71 -35.78 46.33
CA PRO C 705 -9.26 -35.84 46.10
C PRO C 705 -8.80 -36.58 44.81
N ARG C 706 -8.08 -35.86 43.95
CA ARG C 706 -7.62 -36.31 42.62
C ARG C 706 -6.14 -36.70 42.74
N PRO C 707 -5.68 -37.74 42.01
CA PRO C 707 -4.26 -38.19 42.21
C PRO C 707 -3.21 -37.15 41.82
N ARG C 708 -2.14 -37.04 42.62
CA ARG C 708 -0.95 -36.29 42.20
C ARG C 708 -0.26 -37.15 41.15
N SER C 709 0.45 -36.51 40.22
CA SER C 709 1.12 -37.21 39.14
C SER C 709 2.61 -37.32 39.44
N ALA C 710 3.29 -38.20 38.70
CA ALA C 710 4.75 -38.41 38.81
C ALA C 710 5.55 -37.10 38.64
N ARG C 711 5.03 -36.21 37.82
CA ARG C 711 5.66 -34.93 37.53
C ARG C 711 5.87 -34.07 38.79
N TRP C 712 4.83 -33.94 39.61
CA TRP C 712 4.90 -33.14 40.88
C TRP C 712 5.71 -33.84 41.98
N LEU C 713 6.84 -33.24 42.34
CA LEU C 713 7.67 -33.71 43.46
C LEU C 713 7.24 -32.97 44.73
N SER C 714 6.90 -33.74 45.76
CA SER C 714 6.41 -33.17 47.02
C SER C 714 7.57 -32.60 47.83
N THR C 715 7.30 -31.49 48.51
CA THR C 715 8.22 -30.98 49.52
C THR C 715 7.66 -31.10 50.95
N SER C 716 6.39 -31.51 51.10
CA SER C 716 5.79 -31.74 52.42
C SER C 716 6.00 -33.14 53.02
N ILE C 717 6.53 -34.05 52.20
CA ILE C 717 6.60 -35.49 52.51
C ILE C 717 7.92 -36.01 51.93
N PRO C 718 8.80 -36.64 52.74
CA PRO C 718 10.11 -37.02 52.16
C PRO C 718 9.98 -38.07 51.06
N GLU C 719 11.06 -38.24 50.29
CA GLU C 719 11.06 -39.13 49.13
C GLU C 719 10.58 -40.52 49.57
N ALA C 720 11.27 -41.08 50.56
CA ALA C 720 10.95 -42.39 51.16
C ALA C 720 9.44 -42.74 51.22
N GLN C 721 8.57 -41.80 51.66
CA GLN C 721 7.10 -42.07 51.74
C GLN C 721 6.25 -41.48 50.58
N TRP C 722 6.85 -41.26 49.40
CA TRP C 722 6.07 -40.79 48.22
C TRP C 722 4.95 -41.77 47.81
N GLN C 723 5.12 -43.05 48.10
CA GLN C 723 4.09 -44.10 47.84
C GLN C 723 2.85 -44.04 48.75
N SER C 724 2.93 -43.37 49.91
CA SER C 724 1.89 -43.42 50.96
C SER C 724 0.45 -42.97 50.58
N SER C 725 -0.54 -43.37 51.41
CA SER C 725 -1.96 -42.95 51.29
C SER C 725 -2.18 -41.43 51.27
N LEU C 726 -1.34 -40.71 52.03
CA LEU C 726 -1.37 -39.25 52.12
C LEU C 726 -0.91 -38.61 50.82
N ALA C 727 0.24 -39.08 50.33
CA ALA C 727 0.87 -38.62 49.08
C ALA C 727 0.15 -39.02 47.76
N ARG C 728 -0.81 -39.95 47.78
CA ARG C 728 -1.53 -40.35 46.54
C ARG C 728 -2.22 -39.13 45.93
N THR C 729 -2.95 -38.40 46.76
CA THR C 729 -3.82 -37.31 46.33
C THR C 729 -3.39 -35.99 46.96
N SER C 730 -3.87 -34.90 46.35
CA SER C 730 -3.83 -33.54 46.90
C SER C 730 -5.11 -33.32 47.70
N SER C 731 -5.14 -33.95 48.87
CA SER C 731 -6.27 -33.99 49.77
C SER C 731 -6.21 -32.82 50.75
N ALA C 732 -7.26 -32.63 51.53
CA ALA C 732 -7.24 -31.70 52.68
C ALA C 732 -6.14 -32.12 53.65
N GLU C 733 -6.00 -33.44 53.80
CA GLU C 733 -4.97 -34.09 54.59
C GLU C 733 -3.54 -33.76 54.10
N TYR C 734 -3.32 -33.78 52.78
CA TYR C 734 -2.01 -33.39 52.19
C TYR C 734 -1.62 -31.96 52.54
N ASN C 735 -2.62 -31.07 52.51
CA ASN C 735 -2.42 -29.63 52.74
C ASN C 735 -2.09 -29.29 54.17
N VAL C 736 -2.88 -29.82 55.09
CA VAL C 736 -2.59 -29.66 56.52
C VAL C 736 -1.16 -30.14 56.81
N ASN C 737 -0.84 -31.35 56.37
CA ASN C 737 0.50 -31.94 56.55
C ASN C 737 1.63 -30.96 56.15
N ASN C 738 1.45 -30.25 55.02
CA ASN C 738 2.44 -29.27 54.50
C ASN C 738 2.74 -28.17 55.51
N LEU C 739 1.69 -27.71 56.16
CA LEU C 739 1.76 -26.61 57.15
C LEU C 739 2.63 -26.93 58.34
N VAL C 740 2.50 -28.15 58.84
CA VAL C 740 3.19 -28.58 60.07
C VAL C 740 4.55 -29.20 59.78
N SER C 741 4.64 -29.97 58.69
CA SER C 741 5.88 -30.67 58.30
C SER C 741 6.92 -29.69 57.77
N PRO C 742 8.20 -30.11 57.74
CA PRO C 742 9.18 -29.19 57.20
C PRO C 742 9.10 -29.15 55.67
N VAL C 743 9.70 -28.12 55.07
CA VAL C 743 9.72 -27.97 53.61
C VAL C 743 11.04 -28.57 53.11
N LEU C 744 10.92 -29.71 52.40
CA LEU C 744 12.06 -30.48 51.95
C LEU C 744 12.36 -30.11 50.50
N PHE C 745 12.99 -28.94 50.36
CA PHE C 745 13.09 -28.26 49.06
C PHE C 745 14.34 -28.72 48.31
N GLN C 746 15.52 -28.56 48.91
CA GLN C 746 16.78 -29.07 48.33
C GLN C 746 16.69 -30.57 48.06
N GLU C 747 15.84 -31.29 48.78
CA GLU C 747 15.58 -32.72 48.51
C GLU C 747 15.09 -32.94 47.08
N ALA C 748 14.13 -32.13 46.64
CA ALA C 748 13.57 -32.23 45.28
C ALA C 748 14.53 -31.67 44.21
N LEU C 749 15.22 -30.59 44.53
CA LEU C 749 16.15 -29.95 43.59
C LEU C 749 17.31 -30.85 43.13
N TRP C 750 17.64 -31.88 43.89
CA TRP C 750 18.59 -32.92 43.42
C TRP C 750 18.03 -33.60 42.15
N HIS C 751 16.71 -33.86 42.11
CA HIS C 751 16.07 -34.59 41.01
C HIS C 751 16.07 -33.88 39.64
N ILE C 752 16.27 -32.56 39.60
CA ILE C 752 16.15 -31.77 38.35
C ILE C 752 17.26 -32.17 37.36
N PRO C 753 16.89 -32.67 36.14
CA PRO C 753 17.92 -33.23 35.24
C PRO C 753 18.90 -32.20 34.70
N GLU C 754 19.86 -32.65 33.89
CA GLU C 754 20.85 -31.75 33.29
C GLU C 754 20.18 -30.84 32.23
N HIS C 755 20.69 -29.60 32.09
CA HIS C 755 20.24 -28.65 31.04
C HIS C 755 18.76 -28.24 31.12
N ALA C 756 18.14 -28.32 32.29
CA ALA C 756 16.72 -28.00 32.41
C ALA C 756 16.47 -26.49 32.50
N VAL C 757 15.21 -26.12 32.33
CA VAL C 757 14.80 -24.73 32.37
C VAL C 757 13.84 -24.57 33.52
N VAL C 758 14.19 -23.69 34.45
CA VAL C 758 13.52 -23.58 35.72
C VAL C 758 12.81 -22.22 35.82
N LEU C 759 11.50 -22.28 35.99
CA LEU C 759 10.67 -21.08 36.02
C LEU C 759 10.14 -20.79 37.41
N GLU C 760 10.57 -19.67 37.99
CA GLU C 760 10.11 -19.29 39.31
C GLU C 760 8.76 -18.57 39.23
N ILE C 761 7.70 -19.35 39.45
CA ILE C 761 6.33 -18.87 39.39
C ILE C 761 5.96 -18.20 40.71
N ALA C 762 6.15 -16.88 40.77
CA ALA C 762 5.87 -16.11 41.97
C ALA C 762 5.82 -14.64 41.63
N PRO C 763 5.01 -13.86 42.36
CA PRO C 763 4.93 -12.42 42.12
C PRO C 763 6.22 -11.65 42.41
N HIS C 764 7.21 -12.30 43.01
CA HIS C 764 8.56 -11.79 42.95
C HIS C 764 9.49 -12.99 43.04
N ALA C 765 10.59 -12.92 42.29
CA ALA C 765 11.46 -14.05 42.13
C ALA C 765 12.49 -14.14 43.26
N LEU C 766 12.00 -14.51 44.43
CA LEU C 766 12.82 -14.53 45.65
C LEU C 766 13.86 -15.66 45.60
N LEU C 767 13.41 -16.84 45.22
CA LEU C 767 14.25 -18.02 45.23
C LEU C 767 15.27 -18.13 44.06
N GLN C 768 15.42 -17.07 43.25
CA GLN C 768 16.45 -17.08 42.18
C GLN C 768 17.80 -17.52 42.77
N ALA C 769 18.24 -16.75 43.77
CA ALA C 769 19.44 -16.99 44.53
C ALA C 769 19.61 -18.47 44.92
N VAL C 770 18.57 -19.01 45.54
CA VAL C 770 18.57 -20.38 46.09
C VAL C 770 18.63 -21.45 44.99
N LEU C 771 17.88 -21.22 43.91
CA LEU C 771 17.81 -22.19 42.81
C LEU C 771 19.16 -22.34 42.10
N LYS C 772 19.89 -21.23 41.93
CA LYS C 772 21.25 -21.26 41.34
C LYS C 772 22.14 -22.20 42.15
N ARG C 773 22.16 -21.97 43.47
CA ARG C 773 22.94 -22.84 44.38
C ARG C 773 22.40 -24.27 44.45
N GLY C 774 21.07 -24.44 44.53
CA GLY C 774 20.45 -25.75 44.67
C GLY C 774 20.47 -26.68 43.45
N VAL C 775 20.56 -26.12 42.24
CA VAL C 775 20.36 -26.87 41.00
C VAL C 775 21.66 -26.93 40.19
N LYS C 776 21.78 -27.95 39.33
CA LYS C 776 22.97 -28.19 38.50
C LYS C 776 23.46 -26.97 37.68
N SER C 777 24.77 -26.93 37.40
CA SER C 777 25.44 -25.78 36.73
C SER C 777 24.83 -25.43 35.37
N SER C 778 24.63 -26.47 34.55
CA SER C 778 24.02 -26.34 33.23
C SER C 778 22.71 -25.55 33.24
N CYS C 779 21.74 -26.05 34.02
CA CYS C 779 20.37 -25.48 34.10
C CYS C 779 20.29 -23.95 34.07
N THR C 780 19.33 -23.41 33.30
CA THR C 780 19.07 -21.96 33.31
C THR C 780 17.79 -21.66 34.12
N ILE C 781 17.88 -20.58 34.90
CA ILE C 781 16.86 -20.24 35.90
C ILE C 781 16.25 -18.91 35.48
N ILE C 782 14.93 -18.89 35.36
CA ILE C 782 14.28 -17.73 34.77
C ILE C 782 13.19 -17.22 35.70
N PRO C 783 13.27 -15.95 36.11
CA PRO C 783 12.21 -15.32 36.89
C PRO C 783 11.03 -14.95 36.04
N LEU C 784 9.89 -14.62 36.65
CA LEU C 784 8.76 -14.12 35.88
C LEU C 784 8.28 -12.76 36.33
N MET C 785 8.38 -12.45 37.62
CA MET C 785 8.11 -11.09 38.08
C MET C 785 9.24 -10.64 39.00
N LYS C 786 9.38 -9.33 39.12
CA LYS C 786 10.40 -8.74 40.00
C LYS C 786 9.70 -7.59 40.72
N ARG C 787 10.09 -7.42 41.99
CA ARG C 787 9.42 -6.54 42.92
C ARG C 787 9.90 -5.12 42.64
N ASP C 788 8.94 -4.20 42.57
CA ASP C 788 9.20 -2.78 42.19
C ASP C 788 9.98 -2.60 40.87
N HIS C 789 9.73 -3.45 39.87
CA HIS C 789 10.25 -3.26 38.50
C HIS C 789 9.33 -2.21 37.92
N LYS C 790 9.85 -1.31 37.09
CA LYS C 790 9.03 -0.19 36.57
C LYS C 790 7.76 -0.73 35.90
N ASP C 791 7.90 -1.89 35.25
CA ASP C 791 6.87 -2.50 34.43
C ASP C 791 7.11 -4.01 34.42
N ASN C 792 6.21 -4.76 35.04
CA ASN C 792 6.39 -6.22 35.14
C ASN C 792 5.88 -6.95 33.90
N LEU C 793 5.01 -6.30 33.11
CA LEU C 793 4.56 -6.89 31.85
C LEU C 793 5.75 -7.02 30.92
N GLU C 794 6.47 -5.91 30.72
CA GLU C 794 7.75 -5.97 30.03
C GLU C 794 8.63 -7.09 30.59
N PHE C 795 8.78 -7.13 31.91
CA PHE C 795 9.64 -8.15 32.54
C PHE C 795 9.21 -9.58 32.19
N PHE C 796 7.90 -9.83 32.30
CA PHE C 796 7.32 -11.15 32.04
C PHE C 796 7.57 -11.56 30.61
N LEU C 797 7.21 -10.67 29.68
CA LEU C 797 7.49 -10.84 28.27
C LEU C 797 8.97 -11.10 28.06
N THR C 798 9.82 -10.25 28.61
CA THR C 798 11.25 -10.46 28.38
C THR C 798 11.72 -11.86 28.82
N ASN C 799 11.16 -12.37 29.91
CA ASN C 799 11.57 -13.67 30.40
C ASN C 799 10.93 -14.84 29.62
N LEU C 800 9.69 -14.68 29.13
CA LEU C 800 9.17 -15.65 28.14
C LEU C 800 10.08 -15.74 26.93
N GLY C 801 10.51 -14.58 26.44
CA GLY C 801 11.55 -14.53 25.43
C GLY C 801 12.75 -15.41 25.76
N LYS C 802 13.25 -15.29 26.97
CA LYS C 802 14.40 -16.11 27.40
C LYS C 802 14.10 -17.61 27.43
N VAL C 803 12.83 -17.98 27.63
CA VAL C 803 12.42 -19.40 27.53
C VAL C 803 12.56 -19.86 26.10
N HIS C 804 12.00 -19.08 25.17
CA HIS C 804 12.12 -19.36 23.73
C HIS C 804 13.59 -19.50 23.33
N LEU C 805 14.43 -18.63 23.85
CA LEU C 805 15.88 -18.71 23.63
C LEU C 805 16.51 -20.06 23.98
N THR C 806 15.89 -20.82 24.87
CA THR C 806 16.44 -22.10 25.30
C THR C 806 16.20 -23.22 24.31
N GLY C 807 15.21 -23.06 23.43
CA GLY C 807 14.76 -24.15 22.55
C GLY C 807 13.38 -24.69 22.84
N ILE C 808 12.82 -24.32 23.97
CA ILE C 808 11.44 -24.65 24.29
C ILE C 808 10.52 -23.73 23.51
N ASN C 809 9.49 -24.26 22.89
CA ASN C 809 8.65 -23.42 22.04
C ASN C 809 7.61 -22.68 22.82
N VAL C 810 7.46 -21.40 22.51
CA VAL C 810 6.56 -20.49 23.20
C VAL C 810 5.87 -19.69 22.12
N ASN C 811 4.54 -19.57 22.20
CA ASN C 811 3.80 -18.79 21.23
C ASN C 811 3.09 -17.66 21.95
N PRO C 812 3.72 -16.46 21.96
CA PRO C 812 3.16 -15.29 22.61
C PRO C 812 1.78 -14.87 22.18
N ASN C 813 1.29 -15.34 21.05
CA ASN C 813 0.04 -14.76 20.50
C ASN C 813 -1.15 -14.94 21.42
N ALA C 814 -1.18 -16.03 22.18
CA ALA C 814 -2.28 -16.28 23.12
C ALA C 814 -2.34 -15.35 24.34
N LEU C 815 -1.27 -14.61 24.62
CA LEU C 815 -1.29 -13.61 25.68
C LEU C 815 -2.23 -12.45 25.36
N PHE C 816 -2.42 -12.17 24.06
CA PHE C 816 -3.18 -11.00 23.60
C PHE C 816 -4.38 -11.44 22.81
N PRO C 817 -5.34 -10.54 22.58
CA PRO C 817 -6.54 -11.03 21.85
C PRO C 817 -6.17 -11.51 20.46
N PRO C 818 -6.84 -12.56 20.00
CA PRO C 818 -6.44 -13.20 18.75
C PRO C 818 -6.65 -12.28 17.54
N VAL C 819 -5.74 -12.32 16.58
CA VAL C 819 -5.84 -11.48 15.40
C VAL C 819 -6.83 -12.13 14.45
N GLU C 820 -7.67 -11.30 13.80
CA GLU C 820 -8.66 -11.82 12.86
C GLU C 820 -8.03 -11.91 11.48
N PHE C 821 -7.96 -13.14 10.96
CA PHE C 821 -7.43 -13.39 9.63
C PHE C 821 -8.59 -13.53 8.65
N PRO C 822 -8.39 -13.34 7.36
CA PRO C 822 -7.11 -13.11 6.72
C PRO C 822 -6.43 -11.80 7.10
N ALA C 823 -5.11 -11.82 7.16
CA ALA C 823 -4.34 -10.58 7.35
C ALA C 823 -4.73 -9.51 6.36
N PRO C 824 -4.63 -8.25 6.79
CA PRO C 824 -4.91 -7.19 5.85
C PRO C 824 -3.94 -7.12 4.68
N ARG C 825 -4.45 -6.63 3.54
CA ARG C 825 -3.64 -6.33 2.39
C ARG C 825 -2.50 -5.41 2.80
N GLY C 826 -1.33 -5.66 2.25
CA GLY C 826 -0.17 -4.85 2.54
C GLY C 826 0.66 -5.31 3.71
N THR C 827 0.18 -6.32 4.44
CA THR C 827 1.00 -6.92 5.46
C THR C 827 2.37 -7.25 4.83
N PRO C 828 3.46 -6.81 5.45
CA PRO C 828 4.76 -6.94 4.80
C PRO C 828 5.10 -8.35 4.37
N LEU C 829 5.85 -8.48 3.28
CA LEU C 829 6.29 -9.81 2.83
C LEU C 829 7.22 -10.42 3.85
N ILE C 830 7.13 -11.74 4.03
CA ILE C 830 8.02 -12.49 4.88
C ILE C 830 9.11 -13.21 4.09
N SER C 831 8.81 -13.73 2.89
CA SER C 831 9.77 -14.54 2.10
C SER C 831 11.16 -13.92 1.95
N PRO C 832 11.25 -12.61 1.71
CA PRO C 832 12.59 -12.06 1.50
C PRO C 832 13.45 -11.97 2.75
N HIS C 833 12.87 -12.11 3.94
CA HIS C 833 13.64 -12.09 5.19
C HIS C 833 13.94 -13.49 5.75
N ILE C 834 13.77 -14.53 4.94
CA ILE C 834 14.15 -15.86 5.37
C ILE C 834 15.55 -16.09 4.82
N LYS C 835 16.54 -16.15 5.68
CA LYS C 835 17.93 -16.25 5.27
C LYS C 835 18.50 -17.60 5.62
N TRP C 836 19.42 -18.06 4.78
CA TRP C 836 19.91 -19.43 4.84
C TRP C 836 21.39 -19.45 5.19
N ASP C 837 21.92 -20.63 5.46
CA ASP C 837 23.34 -20.81 5.66
C ASP C 837 23.95 -21.16 4.31
N HIS C 838 24.43 -20.12 3.63
CA HIS C 838 25.06 -20.29 2.32
C HIS C 838 26.61 -20.28 2.39
N SER C 839 27.18 -20.77 3.49
CA SER C 839 28.65 -20.85 3.59
C SER C 839 29.20 -21.77 2.53
N GLN C 840 28.60 -22.94 2.35
CA GLN C 840 29.13 -23.85 1.31
C GLN C 840 28.64 -23.40 -0.07
N THR C 841 29.53 -23.60 -1.07
CA THR C 841 29.14 -23.44 -2.44
C THR C 841 29.18 -24.80 -3.23
N TRP C 842 28.24 -25.02 -4.15
CA TRP C 842 28.02 -26.31 -4.77
C TRP C 842 28.23 -26.29 -6.27
N ASP C 843 28.30 -27.50 -6.85
CA ASP C 843 28.60 -27.63 -8.25
C ASP C 843 27.40 -27.21 -9.06
N VAL C 844 27.68 -26.69 -10.24
CA VAL C 844 26.66 -26.30 -11.20
C VAL C 844 27.15 -26.74 -12.55
N PRO C 845 26.33 -27.46 -13.32
CA PRO C 845 26.75 -27.86 -14.68
C PRO C 845 27.14 -26.67 -15.48
N VAL C 846 28.02 -26.88 -16.45
CA VAL C 846 28.49 -25.81 -17.35
C VAL C 846 28.35 -26.18 -18.81
N ALA C 847 28.49 -25.21 -19.71
CA ALA C 847 28.18 -25.46 -21.13
C ALA C 847 28.98 -26.62 -21.73
N GLU C 848 30.22 -26.78 -21.28
CA GLU C 848 31.09 -27.82 -21.78
C GLU C 848 30.64 -29.22 -21.37
N ASP C 849 29.81 -29.33 -20.33
CA ASP C 849 29.20 -30.62 -19.95
C ASP C 849 28.19 -31.16 -20.98
N PHE C 850 27.83 -30.39 -22.00
CA PHE C 850 26.91 -30.88 -23.00
C PHE C 850 27.56 -31.03 -24.36
N PRO C 851 26.95 -31.83 -25.25
CA PRO C 851 27.45 -32.05 -26.63
C PRO C 851 27.68 -30.81 -27.50
N ASN C 852 28.53 -30.90 -28.54
CA ASN C 852 28.70 -29.82 -29.61
C ASN C 852 29.06 -30.28 -31.05
N SER D 1 -20.03 -37.80 -9.90
CA SER D 1 -21.20 -38.60 -10.36
C SER D 1 -21.48 -38.44 -11.90
N GLU D 2 -20.51 -38.90 -12.69
CA GLU D 2 -20.74 -39.42 -14.05
C GLU D 2 -19.92 -40.72 -14.19
N GLU D 3 -20.50 -41.81 -14.69
CA GLU D 3 -19.79 -43.11 -14.75
C GLU D 3 -18.70 -43.07 -15.83
N VAL D 4 -17.51 -43.58 -15.51
CA VAL D 4 -16.39 -43.52 -16.43
C VAL D 4 -16.03 -44.94 -16.80
N VAL D 5 -15.89 -45.20 -18.10
CA VAL D 5 -15.54 -46.55 -18.57
C VAL D 5 -14.26 -46.57 -19.38
N ILE D 6 -13.62 -47.74 -19.45
CA ILE D 6 -12.48 -47.94 -20.32
C ILE D 6 -13.06 -48.51 -21.59
N ALA D 7 -13.05 -47.69 -22.65
CA ALA D 7 -13.74 -47.96 -23.89
C ALA D 7 -12.92 -48.64 -24.93
N GLY D 8 -11.63 -48.37 -24.98
CA GLY D 8 -10.78 -48.88 -26.05
C GLY D 8 -9.33 -48.94 -25.65
N MET D 9 -8.59 -49.85 -26.25
CA MET D 9 -7.17 -49.97 -25.95
C MET D 9 -6.35 -50.51 -27.08
N SER D 10 -5.08 -50.15 -27.04
CA SER D 10 -4.09 -50.70 -27.95
C SER D 10 -2.72 -50.56 -27.33
N GLY D 11 -1.74 -51.23 -27.89
CA GLY D 11 -0.39 -51.07 -27.41
C GLY D 11 0.68 -51.86 -28.13
N LYS D 12 1.92 -51.46 -27.92
CA LYS D 12 3.06 -52.25 -28.34
C LYS D 12 3.83 -52.56 -27.09
N LEU D 13 4.08 -53.83 -26.87
CA LEU D 13 4.81 -54.28 -25.70
C LEU D 13 6.01 -55.11 -26.15
N PRO D 14 6.85 -55.55 -25.22
CA PRO D 14 7.95 -56.39 -25.58
C PRO D 14 7.55 -57.63 -26.32
N GLU D 15 8.31 -57.89 -27.37
CA GLU D 15 8.04 -58.89 -28.38
C GLU D 15 6.60 -58.94 -28.82
N SER D 16 5.89 -57.82 -28.82
CA SER D 16 4.44 -57.85 -29.01
C SER D 16 4.02 -56.62 -29.81
N GLU D 17 3.79 -56.84 -31.09
CA GLU D 17 3.50 -55.76 -32.00
C GLU D 17 2.11 -55.18 -31.81
N ASN D 18 1.24 -55.92 -31.13
CA ASN D 18 -0.09 -55.43 -30.77
C ASN D 18 -0.65 -56.22 -29.63
N LEU D 19 -1.86 -55.88 -29.18
CA LEU D 19 -2.35 -56.51 -27.95
C LEU D 19 -2.71 -57.96 -28.12
N GLN D 20 -2.87 -58.42 -29.37
CA GLN D 20 -3.14 -59.84 -29.61
C GLN D 20 -1.88 -60.67 -29.40
N GLU D 21 -0.77 -60.22 -29.97
CA GLU D 21 0.53 -60.85 -29.74
C GLU D 21 0.89 -60.82 -28.26
N PHE D 22 0.49 -59.74 -27.57
CA PHE D 22 0.75 -59.59 -26.16
C PHE D 22 -0.04 -60.64 -25.37
N TRP D 23 -1.31 -60.80 -25.70
CA TRP D 23 -2.14 -61.81 -25.02
C TRP D 23 -1.59 -63.23 -25.25
N ALA D 24 -1.23 -63.52 -26.49
CA ALA D 24 -0.61 -64.79 -26.83
C ALA D 24 0.61 -65.08 -25.95
N ASN D 25 1.50 -64.10 -25.81
CA ASN D 25 2.67 -64.27 -24.95
C ASN D 25 2.31 -64.44 -23.45
N LEU D 26 1.26 -63.74 -23.02
CA LEU D 26 0.86 -63.80 -21.61
C LEU D 26 0.32 -65.18 -21.27
N ILE D 27 -0.72 -65.58 -21.98
CA ILE D 27 -1.44 -66.82 -21.66
C ILE D 27 -0.57 -68.01 -22.00
N GLY D 28 0.30 -67.86 -22.99
CA GLY D 28 1.25 -68.87 -23.34
C GLY D 28 2.52 -68.96 -22.51
N GLY D 29 2.71 -68.05 -21.56
CA GLY D 29 3.88 -68.10 -20.68
C GLY D 29 5.22 -67.86 -21.35
N VAL D 30 5.19 -67.14 -22.45
CA VAL D 30 6.39 -66.67 -23.09
C VAL D 30 6.92 -65.49 -22.25
N ASP D 31 8.24 -65.49 -22.15
CA ASP D 31 8.99 -64.43 -21.49
C ASP D 31 9.41 -63.46 -22.57
N MET D 32 8.95 -62.22 -22.44
CA MET D 32 9.15 -61.20 -23.46
C MET D 32 10.44 -60.39 -23.24
N VAL D 33 11.09 -60.70 -22.12
CA VAL D 33 12.41 -60.14 -21.87
C VAL D 33 13.40 -60.90 -22.69
N THR D 34 14.28 -60.20 -23.40
CA THR D 34 15.26 -60.79 -24.35
C THR D 34 16.63 -60.27 -24.06
N ASP D 35 17.66 -60.86 -24.67
CA ASP D 35 19.07 -60.45 -24.43
C ASP D 35 19.88 -60.11 -25.66
N ASP D 36 19.21 -59.79 -26.76
CA ASP D 36 19.91 -59.42 -27.99
C ASP D 36 20.44 -57.98 -27.92
N ASP D 37 21.20 -57.61 -28.96
CA ASP D 37 21.91 -56.32 -29.09
C ASP D 37 21.10 -55.16 -29.70
N ARG D 38 19.78 -55.28 -29.73
CA ARG D 38 18.93 -54.29 -30.39
C ARG D 38 19.21 -52.82 -30.09
N ARG D 39 19.41 -52.51 -28.81
CA ARG D 39 19.54 -51.11 -28.41
C ARG D 39 21.01 -50.74 -28.16
N TRP D 40 21.74 -51.68 -27.55
CA TRP D 40 23.16 -51.53 -27.35
C TRP D 40 23.83 -52.89 -27.13
N LYS D 41 25.17 -52.97 -27.20
CA LYS D 41 25.85 -54.28 -27.09
C LYS D 41 25.51 -54.83 -25.72
N ALA D 42 25.03 -56.06 -25.63
CA ALA D 42 24.55 -56.57 -24.33
C ALA D 42 25.75 -56.77 -23.43
N GLY D 43 25.66 -56.33 -22.17
CA GLY D 43 26.80 -56.35 -21.26
C GLY D 43 27.49 -55.01 -21.05
N LEU D 44 27.32 -54.11 -22.03
CA LEU D 44 27.95 -52.80 -22.02
C LEU D 44 27.90 -52.13 -20.69
N TYR D 45 29.05 -51.59 -20.27
CA TYR D 45 29.21 -50.97 -18.95
C TYR D 45 28.75 -51.86 -17.77
N GLY D 46 28.77 -53.17 -17.96
CA GLY D 46 28.39 -54.11 -16.89
C GLY D 46 26.90 -54.25 -16.70
N LEU D 47 26.12 -53.81 -17.67
CA LEU D 47 24.68 -53.78 -17.54
C LEU D 47 24.12 -55.16 -17.67
N PRO D 48 22.89 -55.36 -17.19
CA PRO D 48 22.21 -56.57 -17.50
C PRO D 48 22.08 -56.77 -19.00
N LYS D 49 22.24 -58.01 -19.44
CA LYS D 49 22.04 -58.38 -20.83
C LYS D 49 20.55 -58.36 -21.21
N ARG D 50 19.70 -58.53 -20.20
CA ARG D 50 18.27 -58.68 -20.41
C ARG D 50 17.47 -57.38 -20.25
N SER D 51 16.53 -57.14 -21.17
CA SER D 51 15.57 -56.06 -21.06
C SER D 51 14.38 -56.35 -21.95
N GLY D 52 13.23 -55.75 -21.63
CA GLY D 52 12.02 -55.91 -22.43
C GLY D 52 12.07 -54.94 -23.60
N LYS D 53 12.12 -55.41 -24.85
CA LYS D 53 12.22 -54.45 -25.96
C LYS D 53 11.17 -54.62 -27.03
N LEU D 54 10.76 -53.51 -27.63
CA LEU D 54 9.81 -53.53 -28.73
C LEU D 54 10.46 -54.15 -29.97
N LYS D 55 9.65 -54.79 -30.80
CA LYS D 55 10.21 -55.41 -32.00
C LYS D 55 10.79 -54.38 -32.92
N ASP D 56 10.08 -53.28 -33.15
CA ASP D 56 10.52 -52.24 -34.07
C ASP D 56 10.21 -50.81 -33.56
N LEU D 57 11.14 -49.87 -33.80
CA LEU D 57 10.90 -48.42 -33.58
C LEU D 57 10.83 -47.60 -34.88
N SER D 58 11.24 -48.24 -36.00
CA SER D 58 11.41 -47.58 -37.29
C SER D 58 10.16 -47.29 -38.12
N LYS D 59 8.99 -47.83 -37.75
CA LYS D 59 7.78 -47.64 -38.56
C LYS D 59 6.86 -46.52 -38.08
N PHE D 60 6.11 -45.94 -39.03
CA PHE D 60 5.24 -44.77 -38.80
C PHE D 60 4.60 -44.33 -40.07
N ASP D 61 3.26 -44.31 -40.10
CA ASP D 61 2.53 -43.92 -41.30
C ASP D 61 2.39 -42.38 -41.35
N ALA D 62 3.51 -41.75 -41.63
CA ALA D 62 3.66 -40.32 -41.48
C ALA D 62 2.59 -39.50 -42.16
N SER D 63 2.25 -39.83 -43.41
CA SER D 63 1.31 -38.94 -44.13
C SER D 63 -0.06 -38.98 -43.51
N PHE D 64 -0.48 -40.11 -42.95
CA PHE D 64 -1.76 -40.15 -42.28
C PHE D 64 -1.85 -39.14 -41.15
N PHE D 65 -0.74 -38.91 -40.47
CA PHE D 65 -0.65 -37.99 -39.34
C PHE D 65 -0.15 -36.61 -39.71
N GLY D 66 -0.02 -36.37 -41.00
CA GLY D 66 0.32 -35.06 -41.50
C GLY D 66 1.74 -34.67 -41.23
N VAL D 67 2.62 -35.64 -41.11
CA VAL D 67 4.00 -35.40 -40.79
C VAL D 67 4.83 -35.56 -42.06
N HIS D 68 5.55 -34.52 -42.45
CA HIS D 68 6.40 -34.63 -43.66
C HIS D 68 7.65 -35.44 -43.32
N PRO D 69 8.33 -35.99 -44.32
CA PRO D 69 9.41 -36.92 -43.96
C PRO D 69 10.57 -36.36 -43.17
N LYS D 70 10.91 -35.08 -43.36
CA LYS D 70 12.05 -34.51 -42.67
C LYS D 70 11.77 -34.45 -41.16
N GLN D 71 10.50 -34.31 -40.79
CA GLN D 71 10.10 -34.29 -39.39
C GLN D 71 9.92 -35.67 -38.80
N ALA D 72 9.31 -36.58 -39.55
CA ALA D 72 9.19 -37.97 -39.14
C ALA D 72 10.53 -38.51 -38.66
N HIS D 73 11.58 -38.24 -39.42
CA HIS D 73 12.92 -38.72 -39.06
C HIS D 73 13.47 -38.11 -37.79
N THR D 74 12.93 -36.97 -37.35
CA THR D 74 13.34 -36.30 -36.10
C THR D 74 12.22 -36.23 -35.03
N MET D 75 11.37 -37.24 -34.99
CA MET D 75 10.39 -37.39 -33.92
C MET D 75 10.88 -38.45 -32.96
N ASP D 76 10.56 -38.29 -31.68
CA ASP D 76 10.78 -39.35 -30.69
C ASP D 76 10.04 -40.56 -31.21
N PRO D 77 10.69 -41.71 -31.27
CA PRO D 77 9.88 -42.83 -31.72
C PRO D 77 8.72 -43.13 -30.77
N GLN D 78 8.87 -42.78 -29.48
CA GLN D 78 7.74 -42.82 -28.56
C GLN D 78 6.50 -42.21 -29.14
N LEU D 79 6.64 -41.05 -29.75
CA LEU D 79 5.51 -40.28 -30.26
C LEU D 79 4.93 -40.86 -31.55
N ARG D 80 5.81 -41.27 -32.44
CA ARG D 80 5.40 -41.90 -33.71
C ARG D 80 4.56 -43.11 -33.37
N LEU D 81 5.06 -43.96 -32.49
CA LEU D 81 4.33 -45.13 -32.06
C LEU D 81 3.04 -44.75 -31.31
N LEU D 82 3.11 -43.74 -30.46
CA LEU D 82 1.93 -43.34 -29.71
C LEU D 82 0.81 -42.82 -30.61
N LEU D 83 1.17 -42.14 -31.70
CA LEU D 83 0.14 -41.63 -32.61
C LEU D 83 -0.69 -42.80 -33.18
N GLU D 84 -0.02 -43.84 -33.66
CA GLU D 84 -0.68 -45.02 -34.20
C GLU D 84 -1.48 -45.71 -33.09
N VAL D 85 -0.85 -45.92 -31.94
CA VAL D 85 -1.52 -46.64 -30.87
C VAL D 85 -2.73 -45.85 -30.36
N SER D 86 -2.62 -44.53 -30.29
CA SER D 86 -3.75 -43.72 -29.91
C SER D 86 -4.91 -43.88 -30.90
N TYR D 87 -4.64 -43.81 -32.20
CA TYR D 87 -5.70 -44.05 -33.20
C TYR D 87 -6.27 -45.46 -33.00
N GLU D 88 -5.39 -46.46 -32.90
CA GLU D 88 -5.82 -47.84 -32.71
C GLU D 88 -6.76 -47.93 -31.53
N ALA D 89 -6.43 -47.23 -30.44
CA ALA D 89 -7.23 -47.36 -29.22
C ALA D 89 -8.62 -46.75 -29.33
N ILE D 90 -8.73 -45.62 -30.01
CA ILE D 90 -10.03 -44.97 -30.20
C ILE D 90 -10.94 -45.90 -31.01
N VAL D 91 -10.47 -46.36 -32.17
CA VAL D 91 -11.32 -47.19 -33.03
C VAL D 91 -11.56 -48.56 -32.42
N ASP D 92 -10.65 -49.00 -31.54
CA ASP D 92 -10.87 -50.25 -30.80
C ASP D 92 -12.16 -50.20 -30.03
N GLY D 93 -12.52 -49.04 -29.56
CA GLY D 93 -13.71 -48.93 -28.76
C GLY D 93 -15.01 -48.76 -29.50
N GLY D 94 -14.93 -48.94 -30.82
CA GLY D 94 -16.07 -48.76 -31.68
C GLY D 94 -16.40 -47.30 -31.95
N ILE D 95 -15.41 -46.43 -31.82
CA ILE D 95 -15.68 -45.00 -31.87
C ILE D 95 -14.94 -44.33 -33.00
N ASN D 96 -15.66 -43.60 -33.82
CA ASN D 96 -15.06 -42.95 -34.95
C ASN D 96 -14.39 -41.72 -34.39
N PRO D 97 -13.09 -41.55 -34.65
CA PRO D 97 -12.43 -40.40 -34.11
C PRO D 97 -13.09 -39.06 -34.44
N ALA D 98 -13.77 -38.99 -35.58
CA ALA D 98 -14.42 -37.74 -35.99
C ALA D 98 -15.47 -37.33 -34.96
N SER D 99 -16.07 -38.30 -34.30
CA SER D 99 -17.09 -37.98 -33.33
C SER D 99 -16.53 -37.22 -32.14
N LEU D 100 -15.23 -37.26 -31.90
CA LEU D 100 -14.63 -36.55 -30.78
C LEU D 100 -13.86 -35.25 -31.16
N ARG D 101 -13.70 -34.98 -32.46
CA ARG D 101 -13.01 -33.78 -32.89
C ARG D 101 -13.77 -32.56 -32.43
N GLY D 102 -13.04 -31.54 -32.02
CA GLY D 102 -13.64 -30.32 -31.54
C GLY D 102 -14.16 -30.40 -30.12
N THR D 103 -14.22 -31.60 -29.52
CA THR D 103 -14.82 -31.76 -28.20
C THR D 103 -13.82 -31.43 -27.13
N ASN D 104 -14.26 -31.35 -25.87
CA ASN D 104 -13.30 -31.11 -24.76
C ASN D 104 -12.70 -32.41 -24.22
N THR D 105 -12.43 -33.35 -25.12
CA THR D 105 -11.73 -34.58 -24.81
C THR D 105 -10.32 -34.21 -24.41
N GLY D 106 -9.85 -34.85 -23.33
CA GLY D 106 -8.53 -34.60 -22.77
C GLY D 106 -7.53 -35.66 -23.17
N VAL D 107 -6.26 -35.33 -22.97
CA VAL D 107 -5.13 -36.21 -23.25
C VAL D 107 -4.17 -36.13 -22.08
N TRP D 108 -3.82 -37.27 -21.51
CA TRP D 108 -2.85 -37.32 -20.43
C TRP D 108 -1.87 -38.42 -20.76
N VAL D 109 -0.59 -38.12 -20.78
CA VAL D 109 0.43 -39.10 -21.15
C VAL D 109 1.46 -39.20 -20.05
N GLY D 110 1.65 -40.40 -19.52
CA GLY D 110 2.68 -40.66 -18.55
C GLY D 110 3.98 -40.96 -19.28
N VAL D 111 5.03 -40.24 -18.94
CA VAL D 111 6.28 -40.34 -19.67
C VAL D 111 7.39 -39.73 -18.85
N SER D 112 8.51 -40.44 -18.79
CA SER D 112 9.62 -40.12 -17.92
C SER D 112 10.93 -39.83 -18.64
N GLY D 113 10.98 -39.95 -19.96
CA GLY D 113 12.23 -39.92 -20.68
C GLY D 113 12.09 -39.25 -22.01
N SER D 114 13.11 -38.42 -22.31
CA SER D 114 13.17 -37.70 -23.58
C SER D 114 14.55 -37.96 -24.19
N GLU D 115 14.94 -39.23 -24.24
CA GLU D 115 16.24 -39.64 -24.71
C GLU D 115 16.41 -39.27 -26.20
N ALA D 116 15.36 -39.43 -27.02
CA ALA D 116 15.46 -38.97 -28.39
C ALA D 116 15.75 -37.47 -28.53
N SER D 117 15.09 -36.63 -27.73
CA SER D 117 15.36 -35.20 -27.75
C SER D 117 16.84 -34.90 -27.51
N GLU D 118 17.45 -35.66 -26.63
CA GLU D 118 18.85 -35.46 -26.29
C GLU D 118 19.72 -35.75 -27.50
N ALA D 119 19.44 -36.90 -28.11
CA ALA D 119 20.14 -37.35 -29.28
C ALA D 119 20.01 -36.37 -30.43
N LEU D 120 18.80 -35.92 -30.69
CA LEU D 120 18.55 -35.09 -31.84
C LEU D 120 18.94 -33.62 -31.67
N SER D 121 19.42 -33.26 -30.48
CA SER D 121 19.86 -31.89 -30.24
C SER D 121 21.34 -31.83 -29.87
N ARG D 122 22.10 -32.87 -30.22
CA ARG D 122 23.50 -32.94 -29.83
C ARG D 122 24.41 -32.09 -30.67
N ASP D 123 24.09 -31.85 -31.94
CA ASP D 123 24.94 -31.04 -32.78
C ASP D 123 24.28 -29.73 -33.19
N PRO D 124 24.67 -28.62 -32.55
CA PRO D 124 24.17 -27.29 -32.92
C PRO D 124 24.28 -26.97 -34.39
N GLU D 125 25.38 -27.39 -35.03
CA GLU D 125 25.60 -27.08 -36.44
C GLU D 125 24.49 -27.64 -37.32
N THR D 126 24.06 -28.89 -37.05
CA THR D 126 23.11 -29.59 -37.91
C THR D 126 21.69 -29.83 -37.38
N LEU D 127 21.42 -29.51 -36.12
CA LEU D 127 20.14 -29.90 -35.54
C LEU D 127 18.99 -29.13 -36.13
N LEU D 128 17.79 -29.67 -35.99
CA LEU D 128 16.60 -28.99 -36.47
C LEU D 128 15.76 -28.39 -35.38
N GLY D 129 15.19 -27.23 -35.64
CA GLY D 129 14.22 -26.67 -34.73
C GLY D 129 13.08 -27.64 -34.50
N TYR D 130 12.59 -28.23 -35.57
CA TYR D 130 11.44 -29.14 -35.45
C TYR D 130 11.69 -30.36 -34.61
N SER D 131 12.94 -30.72 -34.33
CA SER D 131 13.23 -31.80 -33.38
C SER D 131 12.56 -31.58 -32.00
N MET D 132 12.56 -30.34 -31.52
CA MET D 132 11.85 -30.00 -30.29
C MET D 132 10.37 -30.31 -30.39
N VAL D 133 9.76 -29.97 -31.51
CA VAL D 133 8.34 -30.20 -31.70
C VAL D 133 7.98 -31.70 -31.83
N GLY D 134 8.98 -32.53 -32.08
CA GLY D 134 8.81 -33.97 -32.16
C GLY D 134 9.32 -34.73 -30.98
N CYS D 135 10.10 -34.06 -30.12
CA CYS D 135 10.80 -34.74 -29.03
C CYS D 135 10.59 -34.23 -27.62
N GLN D 136 10.24 -32.95 -27.44
CA GLN D 136 10.10 -32.34 -26.10
C GLN D 136 8.94 -32.98 -25.42
N ARG D 137 9.10 -33.21 -24.12
CA ARG D 137 8.15 -34.03 -23.37
C ARG D 137 6.69 -33.56 -23.49
N ALA D 138 6.44 -32.25 -23.45
CA ALA D 138 5.09 -31.74 -23.61
C ALA D 138 4.43 -32.20 -24.90
N MET D 139 5.20 -32.35 -25.95
CA MET D 139 4.66 -32.73 -27.24
C MET D 139 4.11 -34.15 -27.25
N MET D 140 4.59 -35.03 -26.37
CA MET D 140 4.07 -36.39 -26.32
C MET D 140 2.55 -36.37 -26.12
N ALA D 141 2.05 -35.35 -25.45
CA ALA D 141 0.63 -35.10 -25.29
C ALA D 141 0.10 -34.12 -26.32
N ASN D 142 0.80 -33.02 -26.49
CA ASN D 142 0.32 -31.92 -27.33
C ASN D 142 0.14 -32.32 -28.82
N ARG D 143 0.96 -33.21 -29.36
CA ARG D 143 0.82 -33.64 -30.78
C ARG D 143 -0.36 -34.54 -30.97
N LEU D 144 -0.71 -35.28 -29.93
CA LEU D 144 -1.91 -36.07 -29.97
C LEU D 144 -3.09 -35.10 -30.03
N SER D 145 -3.13 -34.15 -29.09
CA SER D 145 -4.23 -33.19 -29.01
C SER D 145 -4.37 -32.47 -30.37
N PHE D 146 -3.25 -32.16 -31.01
CA PHE D 146 -3.20 -31.50 -32.34
C PHE D 146 -3.77 -32.33 -33.45
N PHE D 147 -3.43 -33.60 -33.48
CA PHE D 147 -3.88 -34.45 -34.57
C PHE D 147 -5.36 -34.80 -34.50
N PHE D 148 -5.80 -35.22 -33.32
CA PHE D 148 -7.17 -35.65 -33.09
C PHE D 148 -8.15 -34.50 -32.82
N ASP D 149 -7.65 -33.26 -32.79
CA ASP D 149 -8.48 -32.08 -32.45
C ASP D 149 -9.20 -32.24 -31.12
N PHE D 150 -8.46 -32.63 -30.09
CA PHE D 150 -8.98 -32.77 -28.75
C PHE D 150 -8.63 -31.51 -27.94
N LYS D 151 -9.65 -30.69 -27.66
CA LYS D 151 -9.48 -29.36 -27.08
C LYS D 151 -9.53 -29.30 -25.55
N GLY D 152 -9.78 -30.43 -24.87
CA GLY D 152 -9.60 -30.48 -23.42
C GLY D 152 -8.13 -30.43 -23.04
N PRO D 153 -7.80 -30.71 -21.75
CA PRO D 153 -6.44 -30.66 -21.25
C PRO D 153 -5.48 -31.53 -22.09
N SER D 154 -4.22 -31.11 -22.13
CA SER D 154 -3.18 -31.84 -22.85
C SER D 154 -1.93 -31.77 -22.01
N ILE D 155 -1.71 -32.83 -21.24
CA ILE D 155 -0.70 -32.82 -20.19
C ILE D 155 0.18 -34.05 -20.30
N ALA D 156 1.48 -33.81 -20.23
CA ALA D 156 2.45 -34.85 -20.10
C ALA D 156 2.88 -34.83 -18.66
N LEU D 157 2.73 -35.96 -17.96
CA LEU D 157 3.13 -35.97 -16.54
C LEU D 157 4.11 -37.03 -16.19
N ASP D 158 4.92 -36.76 -15.18
CA ASP D 158 5.98 -37.65 -14.71
C ASP D 158 5.94 -37.80 -13.21
N THR D 159 5.64 -39.02 -12.78
CA THR D 159 5.75 -39.41 -11.40
C THR D 159 6.57 -40.69 -11.29
N ALA D 160 7.49 -40.84 -12.26
CA ALA D 160 8.22 -42.07 -12.49
C ALA D 160 7.23 -43.25 -12.69
N CYS D 161 7.44 -44.41 -12.06
CA CYS D 161 6.69 -45.60 -12.46
C CYS D 161 5.17 -45.47 -12.46
N SER D 162 4.65 -44.59 -11.62
CA SER D 162 3.19 -44.41 -11.55
C SER D 162 2.57 -43.48 -12.61
N SER D 163 3.35 -42.99 -13.55
CA SER D 163 2.92 -41.88 -14.41
C SER D 163 1.71 -42.26 -15.26
N SER D 164 1.71 -43.43 -15.88
CA SER D 164 0.63 -43.76 -16.80
C SER D 164 -0.62 -44.05 -16.01
N LEU D 165 -0.52 -44.72 -14.88
CA LEU D 165 -1.75 -44.94 -14.11
C LEU D 165 -2.25 -43.66 -13.45
N LEU D 166 -1.34 -42.77 -13.07
CA LEU D 166 -1.72 -41.45 -12.60
C LEU D 166 -2.47 -40.69 -13.70
N ALA D 167 -1.95 -40.78 -14.94
CA ALA D 167 -2.67 -40.24 -16.07
C ALA D 167 -4.08 -40.83 -16.17
N LEU D 168 -4.21 -42.15 -16.06
CA LEU D 168 -5.56 -42.77 -16.01
C LEU D 168 -6.43 -42.11 -14.92
N GLN D 169 -5.86 -41.99 -13.74
CA GLN D 169 -6.55 -41.43 -12.60
C GLN D 169 -6.93 -39.96 -12.81
N ASN D 170 -6.04 -39.13 -13.32
CA ASN D 170 -6.40 -37.73 -13.62
C ASN D 170 -7.51 -37.65 -14.67
N ALA D 171 -7.42 -38.46 -15.71
CA ALA D 171 -8.44 -38.50 -16.78
C ALA D 171 -9.77 -38.92 -16.20
N TYR D 172 -9.73 -39.97 -15.39
CA TYR D 172 -10.88 -40.45 -14.67
C TYR D 172 -11.61 -39.35 -13.91
N GLN D 173 -10.88 -38.49 -13.19
CA GLN D 173 -11.56 -37.41 -12.42
C GLN D 173 -12.14 -36.35 -13.34
N ALA D 174 -11.46 -36.09 -14.46
CA ALA D 174 -11.93 -35.11 -15.42
C ALA D 174 -13.25 -35.53 -16.06
N ILE D 175 -13.42 -36.83 -16.25
CA ILE D 175 -14.61 -37.33 -16.87
C ILE D 175 -15.73 -37.36 -15.83
N ARG D 176 -15.41 -37.88 -14.63
CA ARG D 176 -16.38 -37.99 -13.54
C ARG D 176 -16.94 -36.61 -13.21
N SER D 177 -16.10 -35.60 -13.25
CA SER D 177 -16.52 -34.28 -12.87
C SER D 177 -17.35 -33.57 -13.88
N GLY D 178 -17.35 -34.00 -15.13
CA GLY D 178 -17.92 -33.19 -16.19
C GLY D 178 -16.95 -32.42 -17.06
N GLU D 179 -15.71 -32.13 -16.61
CA GLU D 179 -14.71 -31.41 -17.47
C GLU D 179 -14.68 -31.95 -18.89
N CYS D 180 -14.63 -33.27 -18.99
CA CYS D 180 -14.38 -33.96 -20.25
C CYS D 180 -15.37 -35.08 -20.51
N PRO D 181 -15.86 -35.17 -21.74
CA PRO D 181 -16.67 -36.33 -22.11
C PRO D 181 -15.85 -37.60 -22.29
N ALA D 182 -14.57 -37.45 -22.60
CA ALA D 182 -13.70 -38.57 -22.88
C ALA D 182 -12.25 -38.18 -22.71
N ALA D 183 -11.34 -39.14 -22.78
CA ALA D 183 -9.94 -38.88 -22.60
C ALA D 183 -9.08 -39.96 -23.19
N LEU D 184 -7.99 -39.54 -23.82
CA LEU D 184 -6.98 -40.42 -24.38
C LEU D 184 -5.87 -40.46 -23.36
N VAL D 185 -5.45 -41.64 -22.96
CA VAL D 185 -4.49 -41.78 -21.89
C VAL D 185 -3.38 -42.62 -22.42
N GLY D 186 -2.16 -42.11 -22.35
CA GLY D 186 -0.99 -42.80 -22.91
C GLY D 186 0.07 -43.12 -21.86
N GLY D 187 0.86 -44.15 -22.13
CA GLY D 187 2.06 -44.42 -21.37
C GLY D 187 3.16 -44.85 -22.31
N ILE D 188 4.35 -44.26 -22.16
CA ILE D 188 5.47 -44.55 -23.05
C ILE D 188 6.82 -44.69 -22.37
N ASN D 189 7.62 -45.64 -22.85
CA ASN D 189 9.01 -45.81 -22.38
C ASN D 189 9.87 -46.51 -23.41
N LEU D 190 11.05 -45.96 -23.69
CA LEU D 190 12.01 -46.59 -24.60
C LEU D 190 13.39 -46.66 -23.97
N LEU D 191 14.19 -47.64 -24.34
CA LEU D 191 15.51 -47.83 -23.76
C LEU D 191 16.56 -47.52 -24.82
N LEU D 192 16.73 -46.25 -25.16
CA LEU D 192 17.64 -45.86 -26.23
C LEU D 192 19.06 -45.58 -25.74
N LYS D 193 19.16 -45.04 -24.53
CA LYS D 193 20.39 -44.49 -23.99
C LYS D 193 20.87 -45.37 -22.85
N PRO D 194 22.02 -46.07 -23.04
CA PRO D 194 22.53 -46.94 -21.99
C PRO D 194 22.85 -46.26 -20.68
N ASN D 195 23.27 -45.01 -20.72
CA ASN D 195 23.76 -44.36 -19.49
C ASN D 195 22.63 -44.37 -18.42
N THR D 196 21.39 -44.28 -18.90
CA THR D 196 20.23 -44.35 -18.04
C THR D 196 20.16 -45.68 -17.27
N SER D 197 20.29 -46.81 -17.97
CA SER D 197 20.33 -48.10 -17.30
C SER D 197 21.50 -48.16 -16.29
N VAL D 198 22.61 -47.48 -16.58
CA VAL D 198 23.75 -47.46 -15.64
C VAL D 198 23.37 -46.72 -14.37
N GLN D 199 22.79 -45.54 -14.48
CA GLN D 199 22.29 -44.83 -13.30
C GLN D 199 21.39 -45.74 -12.45
N PHE D 200 20.42 -46.40 -13.08
CA PHE D 200 19.54 -47.31 -12.34
C PHE D 200 20.33 -48.45 -11.70
N MET D 201 21.26 -49.04 -12.46
CA MET D 201 22.11 -50.11 -11.93
C MET D 201 22.85 -49.63 -10.70
N LYS D 202 23.45 -48.45 -10.80
CA LYS D 202 24.25 -47.92 -9.70
C LYS D 202 23.41 -47.58 -8.50
N LEU D 203 22.15 -47.21 -8.68
CA LEU D 203 21.22 -47.08 -7.53
C LEU D 203 20.79 -48.38 -6.88
N GLY D 204 21.18 -49.51 -7.44
CA GLY D 204 20.79 -50.82 -6.93
C GLY D 204 19.40 -51.29 -7.30
N MET D 205 18.79 -50.70 -8.32
CA MET D 205 17.41 -51.01 -8.65
C MET D 205 17.28 -52.15 -9.67
N LEU D 206 18.34 -52.43 -10.45
CA LEU D 206 18.21 -53.43 -11.51
C LEU D 206 18.75 -54.75 -11.09
N SER D 207 17.98 -55.79 -11.31
CA SER D 207 18.45 -57.14 -11.10
C SER D 207 19.43 -57.49 -12.21
N PRO D 208 20.57 -58.14 -11.88
CA PRO D 208 21.56 -58.52 -12.91
C PRO D 208 20.99 -59.53 -13.91
N ASP D 209 20.34 -60.56 -13.39
CA ASP D 209 19.31 -61.37 -14.00
C ASP D 209 18.42 -60.85 -15.09
N GLY D 210 18.17 -59.54 -14.99
CA GLY D 210 17.26 -58.83 -15.89
C GLY D 210 15.89 -59.45 -15.81
N THR D 211 15.39 -59.63 -14.59
CA THR D 211 14.14 -60.32 -14.38
C THR D 211 13.39 -59.79 -13.17
N CYS D 212 12.10 -59.50 -13.36
CA CYS D 212 11.25 -59.13 -12.24
C CYS D 212 10.71 -60.40 -11.68
N ARG D 213 11.27 -60.88 -10.59
CA ARG D 213 10.74 -62.14 -10.04
C ARG D 213 9.67 -61.79 -9.02
N SER D 214 8.57 -61.26 -9.52
CA SER D 214 7.52 -60.75 -8.67
C SER D 214 7.14 -61.76 -7.61
N PHE D 215 7.31 -61.34 -6.36
CA PHE D 215 6.92 -62.05 -5.14
C PHE D 215 7.85 -63.19 -4.72
N ASP D 216 8.86 -63.51 -5.52
CA ASP D 216 9.75 -64.63 -5.23
C ASP D 216 10.78 -64.19 -4.24
N ASP D 217 11.18 -65.13 -3.40
CA ASP D 217 12.37 -65.04 -2.53
C ASP D 217 13.62 -64.60 -3.32
N SER D 218 13.73 -65.06 -4.55
CA SER D 218 14.88 -64.89 -5.42
C SER D 218 15.02 -63.43 -5.94
N GLY D 219 13.97 -62.64 -5.75
CA GLY D 219 13.89 -61.32 -6.37
C GLY D 219 14.92 -60.35 -5.86
N SER D 220 15.60 -59.71 -6.80
CA SER D 220 16.79 -58.94 -6.49
C SER D 220 16.91 -57.66 -7.34
N GLY D 221 15.77 -57.04 -7.67
CA GLY D 221 15.75 -55.88 -8.59
C GLY D 221 14.81 -56.06 -9.76
N TYR D 222 14.68 -55.02 -10.60
CA TYR D 222 13.78 -55.05 -11.75
C TYR D 222 14.49 -55.10 -13.10
N CYS D 223 13.68 -55.46 -14.11
CA CYS D 223 14.13 -55.55 -15.49
C CYS D 223 13.56 -54.35 -16.23
N ARG D 224 14.40 -53.58 -16.93
CA ARG D 224 13.86 -52.42 -17.63
C ARG D 224 13.24 -52.86 -18.91
N SER D 225 12.16 -52.20 -19.30
CA SER D 225 11.41 -52.59 -20.46
C SER D 225 10.76 -51.41 -21.13
N GLU D 226 10.33 -51.65 -22.35
CA GLU D 226 9.73 -50.65 -23.20
C GLU D 226 8.25 -50.90 -23.30
N ALA D 227 7.52 -49.89 -23.72
CA ALA D 227 6.07 -50.02 -23.90
C ALA D 227 5.49 -48.73 -24.44
N VAL D 228 4.51 -48.87 -25.33
CA VAL D 228 3.76 -47.75 -25.82
C VAL D 228 2.33 -48.23 -25.72
N VAL D 229 1.54 -47.61 -24.86
CA VAL D 229 0.18 -48.06 -24.64
C VAL D 229 -0.73 -46.88 -24.60
N ALA D 230 -1.92 -47.07 -25.12
CA ALA D 230 -2.95 -46.06 -24.99
C ALA D 230 -4.29 -46.70 -24.74
N VAL D 231 -5.16 -45.90 -24.14
CA VAL D 231 -6.43 -46.33 -23.69
C VAL D 231 -7.39 -45.17 -23.90
N LEU D 232 -8.62 -45.45 -24.31
CA LEU D 232 -9.63 -44.41 -24.44
C LEU D 232 -10.58 -44.58 -23.30
N LEU D 233 -10.79 -43.53 -22.50
CA LEU D 233 -11.86 -43.48 -21.52
C LEU D 233 -12.99 -42.61 -22.08
N THR D 234 -14.22 -42.98 -21.76
CA THR D 234 -15.39 -42.12 -22.03
C THR D 234 -16.34 -42.22 -20.87
N LYS D 235 -17.24 -41.25 -20.80
CA LYS D 235 -18.41 -41.41 -19.95
C LYS D 235 -19.28 -42.50 -20.52
N LYS D 236 -20.01 -43.26 -19.67
CA LYS D 236 -20.77 -44.47 -20.10
C LYS D 236 -21.66 -44.20 -21.29
N SER D 237 -22.36 -43.08 -21.27
CA SER D 237 -23.28 -42.75 -22.35
C SER D 237 -22.66 -42.72 -23.75
N LEU D 238 -21.36 -42.48 -23.91
CA LEU D 238 -20.75 -42.44 -25.25
C LEU D 238 -20.15 -43.75 -25.68
N ALA D 239 -20.06 -44.73 -24.78
CA ALA D 239 -19.33 -45.94 -25.06
C ALA D 239 -20.10 -46.85 -25.99
N ARG D 240 -19.35 -47.63 -26.75
CA ARG D 240 -19.89 -48.78 -27.45
C ARG D 240 -19.33 -49.97 -26.71
N ARG D 241 -18.03 -50.21 -26.91
CA ARG D 241 -17.35 -51.29 -26.20
C ARG D 241 -17.07 -50.76 -24.81
N VAL D 242 -17.11 -51.65 -23.83
CA VAL D 242 -16.75 -51.33 -22.45
C VAL D 242 -15.98 -52.50 -21.86
N TYR D 243 -14.69 -52.32 -21.64
CA TYR D 243 -13.90 -53.36 -21.01
C TYR D 243 -14.23 -53.41 -19.52
N ALA D 244 -14.29 -52.25 -18.88
CA ALA D 244 -14.58 -52.20 -17.46
C ALA D 244 -15.03 -50.81 -17.06
N THR D 245 -15.65 -50.74 -15.90
CA THR D 245 -16.07 -49.47 -15.34
C THR D 245 -15.14 -49.12 -14.19
N ILE D 246 -14.69 -47.87 -14.14
CA ILE D 246 -13.76 -47.45 -13.11
C ILE D 246 -14.63 -47.06 -11.94
N LEU D 247 -14.61 -47.87 -10.88
CA LEU D 247 -15.36 -47.59 -9.67
C LEU D 247 -14.71 -46.52 -8.84
N ASN D 248 -13.40 -46.51 -8.77
CA ASN D 248 -12.71 -45.51 -7.97
C ASN D 248 -11.23 -45.49 -8.33
N ALA D 249 -10.58 -44.38 -8.02
CA ALA D 249 -9.17 -44.28 -8.20
C ALA D 249 -8.61 -43.09 -7.48
N GLY D 250 -7.46 -43.26 -6.85
CA GLY D 250 -6.79 -42.13 -6.26
C GLY D 250 -5.30 -42.26 -6.27
N THR D 251 -4.66 -41.20 -5.79
CA THR D 251 -3.21 -41.16 -5.59
C THR D 251 -2.95 -40.53 -4.25
N ASN D 252 -1.91 -40.99 -3.57
CA ASN D 252 -1.27 -40.26 -2.51
C ASN D 252 0.26 -40.33 -2.71
N THR D 253 1.02 -39.87 -1.73
CA THR D 253 2.47 -39.88 -1.81
C THR D 253 3.08 -40.22 -0.46
N ASP D 254 4.12 -41.05 -0.47
CA ASP D 254 4.71 -41.60 0.74
C ASP D 254 5.08 -40.53 1.75
N GLY D 255 5.48 -39.38 1.25
CA GLY D 255 5.86 -38.27 2.10
C GLY D 255 7.26 -38.55 2.65
N SER D 256 7.41 -38.24 3.93
CA SER D 256 8.67 -38.35 4.63
C SER D 256 8.89 -39.72 5.21
N LYS D 257 10.07 -40.28 4.98
CA LYS D 257 10.43 -41.64 5.41
C LYS D 257 11.90 -41.67 5.83
N GLU D 258 12.17 -42.15 7.07
CA GLU D 258 13.55 -42.20 7.58
C GLU D 258 14.48 -42.95 6.65
N GLN D 259 14.00 -43.98 5.97
CA GLN D 259 14.89 -44.86 5.23
C GLN D 259 15.40 -44.26 3.91
N GLY D 260 14.80 -43.15 3.44
CA GLY D 260 15.24 -42.48 2.19
C GLY D 260 14.16 -42.23 1.18
N VAL D 261 14.39 -41.37 0.20
CA VAL D 261 13.30 -41.03 -0.73
C VAL D 261 12.84 -42.17 -1.63
N THR D 262 13.68 -43.17 -1.88
CA THR D 262 13.30 -44.28 -2.77
C THR D 262 12.93 -45.57 -2.02
N PHE D 263 12.67 -45.47 -0.73
CA PHE D 263 12.19 -46.61 0.03
C PHE D 263 10.66 -46.56 -0.02
N PRO D 264 10.03 -47.59 -0.54
CA PRO D 264 8.57 -47.55 -0.59
C PRO D 264 7.91 -47.71 0.79
N SER D 265 6.97 -46.83 1.10
CA SER D 265 6.25 -46.90 2.35
C SER D 265 5.03 -47.74 2.18
N GLY D 266 5.15 -49.01 2.49
CA GLY D 266 3.99 -49.89 2.63
C GLY D 266 2.85 -49.31 3.48
N GLU D 267 3.17 -48.52 4.50
CA GLU D 267 2.10 -47.98 5.33
C GLU D 267 1.30 -46.96 4.60
N VAL D 268 1.95 -46.12 3.81
CA VAL D 268 1.22 -45.09 3.06
C VAL D 268 0.50 -45.69 1.86
N GLN D 269 1.05 -46.74 1.28
CA GLN D 269 0.36 -47.46 0.20
C GLN D 269 -0.92 -48.02 0.75
N GLU D 270 -0.83 -48.67 1.91
CA GLU D 270 -1.97 -49.20 2.65
C GLU D 270 -3.01 -48.12 2.86
N GLN D 271 -2.55 -46.94 3.30
CA GLN D 271 -3.44 -45.79 3.51
C GLN D 271 -4.22 -45.43 2.28
N LEU D 272 -3.56 -45.43 1.13
CA LEU D 272 -4.21 -45.09 -0.15
C LEU D 272 -5.29 -46.10 -0.44
N ILE D 273 -4.97 -47.38 -0.30
CA ILE D 273 -5.93 -48.42 -0.58
C ILE D 273 -7.15 -48.27 0.32
N CYS D 274 -6.90 -48.07 1.62
CA CYS D 274 -7.98 -47.98 2.59
C CYS D 274 -8.92 -46.87 2.26
N SER D 275 -8.40 -45.78 1.73
CA SER D 275 -9.21 -44.60 1.45
C SER D 275 -10.18 -44.78 0.31
N LEU D 276 -9.94 -45.79 -0.52
CA LEU D 276 -10.67 -45.97 -1.77
C LEU D 276 -11.73 -47.07 -1.74
N TYR D 277 -11.63 -47.96 -0.76
CA TYR D 277 -12.58 -49.06 -0.64
C TYR D 277 -13.72 -48.71 0.32
N GLN D 278 -13.57 -49.08 1.59
CA GLN D 278 -14.68 -49.00 2.54
C GLN D 278 -15.32 -47.60 2.60
N PRO D 279 -14.51 -46.52 2.58
CA PRO D 279 -15.11 -45.19 2.58
C PRO D 279 -15.94 -44.83 1.36
N ALA D 280 -15.88 -45.62 0.29
CA ALA D 280 -16.64 -45.30 -0.92
C ALA D 280 -17.72 -46.33 -1.19
N GLY D 281 -17.97 -47.21 -0.23
CA GLY D 281 -18.97 -48.23 -0.40
C GLY D 281 -18.50 -49.45 -1.16
N LEU D 282 -17.18 -49.58 -1.34
CA LEU D 282 -16.62 -50.69 -2.09
C LEU D 282 -15.93 -51.60 -1.09
N ALA D 283 -16.33 -52.86 -1.06
CA ALA D 283 -15.79 -53.74 -0.05
C ALA D 283 -14.62 -54.52 -0.58
N PRO D 284 -13.55 -54.61 0.20
CA PRO D 284 -12.48 -55.53 -0.19
C PRO D 284 -12.96 -56.95 -0.46
N GLU D 285 -14.03 -57.40 0.23
CA GLU D 285 -14.62 -58.70 -0.10
C GLU D 285 -14.99 -58.81 -1.60
N SER D 286 -15.36 -57.70 -2.24
CA SER D 286 -15.77 -57.74 -3.64
C SER D 286 -14.66 -58.00 -4.66
N LEU D 287 -13.40 -57.85 -4.30
CA LEU D 287 -12.32 -58.09 -5.25
C LEU D 287 -12.16 -59.56 -5.56
N GLU D 288 -11.97 -59.88 -6.83
CA GLU D 288 -11.43 -61.19 -7.21
C GLU D 288 -9.88 -61.22 -7.28
N TYR D 289 -9.30 -60.20 -7.89
CA TYR D 289 -7.87 -60.16 -8.24
C TYR D 289 -7.32 -58.77 -8.01
N ILE D 290 -6.06 -58.69 -7.63
CA ILE D 290 -5.36 -57.42 -7.57
C ILE D 290 -4.05 -57.54 -8.39
N GLU D 291 -3.87 -56.65 -9.34
CA GLU D 291 -2.63 -56.56 -10.14
C GLU D 291 -1.72 -55.68 -9.34
N ALA D 292 -0.68 -56.30 -8.77
CA ALA D 292 0.27 -55.58 -7.93
C ALA D 292 1.31 -54.96 -8.79
N HIS D 293 1.97 -53.97 -8.22
CA HIS D 293 3.10 -53.33 -8.85
C HIS D 293 4.13 -54.39 -9.15
N GLY D 294 4.63 -55.04 -8.10
CA GLY D 294 5.42 -56.26 -8.23
C GLY D 294 6.68 -56.17 -9.06
N THR D 295 7.52 -55.19 -8.76
CA THR D 295 8.77 -55.08 -9.47
C THR D 295 9.79 -56.16 -9.08
N GLY D 296 9.61 -56.82 -7.94
CA GLY D 296 10.47 -57.94 -7.55
C GLY D 296 11.78 -57.53 -6.90
N THR D 297 11.67 -56.63 -5.94
CA THR D 297 12.81 -56.07 -5.21
C THR D 297 12.78 -56.53 -3.75
N LYS D 298 13.98 -56.74 -3.16
CA LYS D 298 14.09 -57.25 -1.78
C LYS D 298 13.21 -56.44 -0.80
N VAL D 299 13.20 -55.14 -0.97
CA VAL D 299 12.54 -54.23 -0.05
C VAL D 299 11.07 -54.01 -0.38
N GLY D 300 10.78 -53.74 -1.64
CA GLY D 300 9.50 -53.21 -2.07
C GLY D 300 8.38 -54.21 -2.20
N ASP D 301 8.70 -55.43 -2.63
CA ASP D 301 7.74 -56.54 -2.65
C ASP D 301 7.05 -56.79 -1.29
N PRO D 302 7.83 -56.96 -0.21
CA PRO D 302 7.17 -57.11 1.09
C PRO D 302 6.39 -55.88 1.55
N GLN D 303 6.96 -54.69 1.38
CA GLN D 303 6.23 -53.47 1.71
C GLN D 303 4.86 -53.45 1.08
N GLU D 304 4.85 -53.74 -0.22
CA GLU D 304 3.63 -53.66 -1.02
C GLU D 304 2.60 -54.70 -0.61
N LEU D 305 3.03 -55.97 -0.62
CA LEU D 305 2.13 -57.09 -0.37
C LEU D 305 1.64 -57.12 1.05
N ASN D 306 2.49 -56.74 2.00
CA ASN D 306 2.07 -56.65 3.38
C ASN D 306 1.05 -55.49 3.52
N GLY D 307 1.32 -54.34 2.89
CA GLY D 307 0.29 -53.31 2.72
C GLY D 307 -1.06 -53.78 2.14
N ILE D 308 -1.01 -54.66 1.14
CA ILE D 308 -2.22 -55.29 0.59
C ILE D 308 -2.87 -56.18 1.66
N THR D 309 -2.05 -56.99 2.34
CA THR D 309 -2.53 -57.83 3.42
C THR D 309 -3.33 -57.00 4.44
N ARG D 310 -2.78 -55.89 4.92
CA ARG D 310 -3.44 -55.07 5.93
C ARG D 310 -4.64 -54.25 5.43
N SER D 311 -4.62 -53.81 4.19
CA SER D 311 -5.68 -52.91 3.64
C SER D 311 -6.88 -53.67 3.08
N LEU D 312 -6.62 -54.86 2.54
CA LEU D 312 -7.63 -55.65 1.85
C LEU D 312 -7.83 -57.06 2.44
N CYS D 313 -6.78 -57.86 2.59
CA CYS D 313 -6.91 -59.26 3.07
C CYS D 313 -7.60 -59.33 4.43
N ALA D 314 -7.22 -58.41 5.31
CA ALA D 314 -7.80 -58.31 6.65
C ALA D 314 -9.30 -58.09 6.68
N PHE D 315 -9.93 -57.79 5.57
CA PHE D 315 -11.36 -57.65 5.52
C PHE D 315 -12.01 -58.65 4.56
N ARG D 316 -11.40 -59.84 4.45
CA ARG D 316 -11.84 -60.85 3.47
C ARG D 316 -11.88 -62.24 4.02
N GLN D 317 -12.97 -62.99 3.77
CA GLN D 317 -12.95 -64.43 4.06
C GLN D 317 -12.09 -65.18 3.06
N ALA D 318 -12.23 -64.88 1.77
CA ALA D 318 -11.56 -65.67 0.71
C ALA D 318 -10.14 -65.20 0.34
N PRO D 319 -9.29 -66.11 -0.15
CA PRO D 319 -7.99 -65.71 -0.67
C PRO D 319 -8.14 -64.69 -1.77
N LEU D 320 -7.18 -63.76 -1.85
CA LEU D 320 -7.15 -62.76 -2.91
C LEU D 320 -6.12 -63.21 -3.91
N LEU D 321 -6.53 -63.26 -5.18
CA LEU D 321 -5.62 -63.59 -6.25
C LEU D 321 -4.76 -62.39 -6.52
N ILE D 322 -3.47 -62.63 -6.75
CA ILE D 322 -2.54 -61.54 -7.01
C ILE D 322 -1.59 -61.88 -8.15
N GLY D 323 -1.27 -60.91 -9.00
CA GLY D 323 -0.27 -61.10 -10.06
C GLY D 323 0.47 -59.81 -10.40
N SER D 324 1.45 -59.92 -11.27
CA SER D 324 2.15 -58.77 -11.79
C SER D 324 2.64 -59.06 -13.16
N THR D 325 2.14 -58.26 -14.10
CA THR D 325 2.52 -58.34 -15.50
C THR D 325 4.03 -58.14 -15.67
N LYS D 326 4.71 -57.56 -14.69
CA LYS D 326 6.14 -57.40 -14.81
C LYS D 326 6.94 -58.71 -14.84
N SER D 327 6.40 -59.76 -14.23
CA SER D 327 7.05 -61.08 -14.33
C SER D 327 7.15 -61.54 -15.79
N ASN D 328 6.11 -61.20 -16.54
CA ASN D 328 6.03 -61.54 -17.94
C ASN D 328 6.89 -60.73 -18.92
N MET D 329 6.97 -59.41 -18.73
CA MET D 329 7.59 -58.51 -19.72
C MET D 329 8.55 -57.50 -19.18
N GLY D 330 8.82 -57.59 -17.88
CA GLY D 330 9.60 -56.56 -17.19
C GLY D 330 8.82 -55.31 -16.87
N HIS D 331 9.55 -54.31 -16.42
CA HIS D 331 8.98 -53.10 -15.88
C HIS D 331 9.21 -51.96 -16.85
N PRO D 332 8.15 -51.41 -17.46
CA PRO D 332 8.37 -50.31 -18.40
C PRO D 332 8.17 -48.94 -17.74
N GLU D 333 8.58 -48.87 -16.48
CA GLU D 333 8.71 -47.62 -15.78
C GLU D 333 7.40 -46.79 -15.88
N PRO D 334 7.40 -45.60 -16.46
CA PRO D 334 6.12 -44.89 -16.34
C PRO D 334 4.93 -45.56 -17.04
N ALA D 335 5.19 -46.41 -18.02
CA ALA D 335 4.11 -47.08 -18.75
C ALA D 335 3.64 -48.34 -18.04
N SER D 336 4.23 -48.66 -16.89
CA SER D 336 3.90 -49.85 -16.11
C SER D 336 2.39 -50.05 -15.87
N GLY D 337 1.70 -48.96 -15.54
CA GLY D 337 0.32 -49.02 -15.16
C GLY D 337 -0.60 -49.41 -16.29
N LEU D 338 -0.48 -48.76 -17.43
CA LEU D 338 -1.28 -49.13 -18.58
C LEU D 338 -0.82 -50.44 -19.17
N ALA D 339 0.45 -50.78 -19.05
CA ALA D 339 0.86 -52.07 -19.55
C ALA D 339 0.10 -53.14 -18.77
N ALA D 340 0.07 -52.98 -17.44
CA ALA D 340 -0.60 -53.92 -16.56
C ALA D 340 -2.10 -53.91 -16.79
N LEU D 341 -2.65 -52.72 -17.03
CA LEU D 341 -4.06 -52.60 -17.35
C LEU D 341 -4.45 -53.50 -18.53
N THR D 342 -3.66 -53.49 -19.60
CA THR D 342 -3.97 -54.33 -20.75
C THR D 342 -3.93 -55.82 -20.41
N LYS D 343 -3.00 -56.25 -19.56
CA LYS D 343 -3.01 -57.61 -19.04
C LYS D 343 -4.35 -57.92 -18.37
N VAL D 344 -4.80 -57.03 -17.49
CA VAL D 344 -6.05 -57.25 -16.76
C VAL D 344 -7.21 -57.33 -17.71
N LEU D 345 -7.32 -56.38 -18.60
CA LEU D 345 -8.44 -56.34 -19.52
C LEU D 345 -8.40 -57.52 -20.51
N LEU D 346 -7.24 -57.87 -21.04
CA LEU D 346 -7.16 -59.05 -21.91
C LEU D 346 -7.57 -60.31 -21.15
N SER D 347 -7.04 -60.47 -19.94
CA SER D 347 -7.44 -61.58 -19.08
C SER D 347 -8.96 -61.65 -18.89
N LEU D 348 -9.57 -60.53 -18.52
CA LEU D 348 -11.01 -60.48 -18.32
C LEU D 348 -11.75 -60.89 -19.60
N GLU D 349 -11.37 -60.29 -20.73
CA GLU D 349 -12.04 -60.55 -21.98
C GLU D 349 -11.94 -62.01 -22.43
N HIS D 350 -10.82 -62.67 -22.18
CA HIS D 350 -10.68 -64.05 -22.57
C HIS D 350 -11.18 -65.04 -21.51
N GLY D 351 -11.62 -64.54 -20.37
CA GLY D 351 -12.12 -65.40 -19.29
C GLY D 351 -11.08 -66.12 -18.47
N VAL D 352 -9.80 -65.76 -18.60
CA VAL D 352 -8.75 -66.50 -17.91
C VAL D 352 -7.62 -65.54 -17.48
N TRP D 353 -7.20 -65.64 -16.22
CA TRP D 353 -6.10 -64.82 -15.69
C TRP D 353 -4.80 -65.36 -16.25
N ALA D 354 -4.03 -64.49 -16.88
CA ALA D 354 -2.74 -64.88 -17.36
C ALA D 354 -1.78 -64.97 -16.20
N PRO D 355 -1.06 -66.05 -16.09
CA PRO D 355 -0.23 -66.31 -14.93
C PRO D 355 1.09 -65.56 -14.92
N ASN D 356 1.65 -65.38 -13.72
CA ASN D 356 2.99 -64.77 -13.59
C ASN D 356 4.01 -65.78 -14.02
N LEU D 357 5.14 -65.27 -14.46
CA LEU D 357 6.33 -66.10 -14.48
C LEU D 357 7.16 -65.92 -13.21
N HIS D 358 8.18 -66.75 -13.15
CA HIS D 358 9.24 -66.73 -12.19
C HIS D 358 8.90 -66.85 -10.69
N PHE D 359 7.69 -67.35 -10.37
CA PHE D 359 7.24 -67.52 -9.01
C PHE D 359 7.41 -68.94 -8.57
N HIS D 360 8.54 -69.22 -7.92
CA HIS D 360 8.90 -70.55 -7.45
C HIS D 360 8.81 -70.68 -5.92
N ASN D 361 9.20 -69.66 -5.15
CA ASN D 361 9.28 -69.73 -3.71
C ASN D 361 8.83 -68.43 -3.08
N PRO D 362 7.78 -68.45 -2.28
CA PRO D 362 7.30 -67.17 -1.75
C PRO D 362 8.35 -66.45 -0.96
N ASN D 363 8.40 -65.14 -1.06
CA ASN D 363 9.27 -64.33 -0.23
C ASN D 363 8.82 -64.57 1.21
N PRO D 364 9.73 -65.07 2.06
CA PRO D 364 9.34 -65.40 3.44
C PRO D 364 8.99 -64.21 4.35
N GLU D 365 9.30 -62.98 3.96
CA GLU D 365 8.90 -61.79 4.73
C GLU D 365 7.43 -61.38 4.50
N ILE D 366 6.66 -62.21 3.77
CA ILE D 366 5.31 -61.86 3.34
C ILE D 366 4.35 -62.96 3.86
N PRO D 367 3.93 -62.86 5.12
CA PRO D 367 3.09 -63.89 5.76
C PRO D 367 1.93 -64.39 4.92
N ALA D 368 1.23 -63.46 4.28
CA ALA D 368 0.04 -63.79 3.50
C ALA D 368 0.29 -64.75 2.31
N LEU D 369 1.52 -64.86 1.82
CA LEU D 369 1.83 -65.85 0.79
C LEU D 369 1.97 -67.24 1.39
N LEU D 370 2.49 -67.31 2.62
CA LEU D 370 2.65 -68.59 3.30
C LEU D 370 1.34 -69.14 3.88
N ASP D 371 0.46 -68.27 4.38
CA ASP D 371 -0.84 -68.72 4.92
C ASP D 371 -2.03 -68.73 3.92
N GLY D 372 -1.77 -68.45 2.65
CA GLY D 372 -2.81 -68.54 1.61
C GLY D 372 -3.85 -67.43 1.49
N ARG D 373 -3.73 -66.36 2.28
CA ARG D 373 -4.57 -65.16 2.14
C ARG D 373 -4.36 -64.39 0.83
N LEU D 374 -3.10 -64.38 0.36
CA LEU D 374 -2.75 -64.01 -1.01
C LEU D 374 -2.38 -65.27 -1.77
N GLN D 375 -2.92 -65.38 -2.98
CA GLN D 375 -2.67 -66.52 -3.84
C GLN D 375 -2.14 -65.99 -5.18
N VAL D 376 -0.85 -66.20 -5.41
CA VAL D 376 -0.23 -65.77 -6.64
C VAL D 376 -0.84 -66.57 -7.80
N VAL D 377 -1.18 -65.90 -8.89
CA VAL D 377 -1.70 -66.56 -10.06
C VAL D 377 -0.49 -67.07 -10.82
N ASP D 378 -0.14 -68.33 -10.55
CA ASP D 378 1.02 -68.98 -11.14
C ASP D 378 0.69 -70.07 -12.11
N ARG D 379 -0.60 -70.36 -12.29
CA ARG D 379 -1.10 -71.19 -13.37
C ARG D 379 -2.37 -70.50 -13.88
N PRO D 380 -2.77 -70.78 -15.13
CA PRO D 380 -3.97 -70.09 -15.63
C PRO D 380 -5.20 -70.46 -14.84
N LEU D 381 -5.88 -69.49 -14.25
CA LEU D 381 -7.12 -69.70 -13.48
C LEU D 381 -8.24 -69.05 -14.21
N PRO D 382 -9.41 -69.67 -14.24
CA PRO D 382 -10.57 -69.02 -14.89
C PRO D 382 -11.10 -67.89 -14.06
N VAL D 383 -11.70 -66.91 -14.71
CA VAL D 383 -12.18 -65.70 -14.09
C VAL D 383 -13.53 -66.04 -13.49
N ARG D 384 -13.61 -66.00 -12.17
CA ARG D 384 -14.81 -66.41 -11.43
C ARG D 384 -15.80 -65.26 -11.27
N GLY D 385 -15.35 -64.01 -11.28
CA GLY D 385 -16.24 -62.85 -11.18
C GLY D 385 -15.84 -62.02 -9.99
N GLY D 386 -15.92 -60.70 -10.12
CA GLY D 386 -15.52 -59.77 -9.06
C GLY D 386 -14.80 -58.53 -9.56
N ASN D 387 -14.72 -57.51 -8.72
CA ASN D 387 -13.92 -56.32 -8.99
C ASN D 387 -12.42 -56.60 -9.04
N VAL D 388 -11.68 -55.67 -9.66
CA VAL D 388 -10.22 -55.80 -9.82
C VAL D 388 -9.50 -54.57 -9.34
N GLY D 389 -8.44 -54.76 -8.57
CA GLY D 389 -7.57 -53.66 -8.15
C GLY D 389 -6.28 -53.58 -8.95
N ILE D 390 -5.80 -52.36 -9.21
CA ILE D 390 -4.45 -52.17 -9.79
C ILE D 390 -3.62 -51.18 -8.95
N ASN D 391 -2.42 -51.60 -8.58
CA ASN D 391 -1.41 -50.75 -7.93
C ASN D 391 -0.38 -50.26 -8.95
N SER D 392 0.04 -49.00 -8.87
CA SER D 392 1.23 -48.55 -9.57
C SER D 392 1.89 -47.52 -8.68
N PHE D 393 3.11 -47.82 -8.22
CA PHE D 393 3.81 -47.02 -7.22
C PHE D 393 5.15 -46.63 -7.79
N GLY D 394 5.39 -45.33 -7.86
CA GLY D 394 6.63 -44.82 -8.38
C GLY D 394 7.75 -44.76 -7.34
N PHE D 395 9.00 -44.86 -7.80
CA PHE D 395 10.14 -44.81 -6.92
C PHE D 395 10.35 -43.49 -6.20
N GLY D 396 9.67 -42.40 -6.57
CA GLY D 396 9.77 -41.13 -5.78
C GLY D 396 8.74 -40.97 -4.68
N GLY D 397 7.88 -41.97 -4.63
CA GLY D 397 6.81 -42.08 -3.63
C GLY D 397 5.43 -41.84 -4.15
N SER D 398 5.23 -41.54 -5.44
CA SER D 398 3.89 -41.27 -5.93
C SER D 398 3.15 -42.58 -6.17
N ASN D 399 2.12 -42.85 -5.36
CA ASN D 399 1.32 -44.09 -5.44
C ASN D 399 -0.06 -43.85 -6.11
N VAL D 400 -0.51 -44.81 -6.89
CA VAL D 400 -1.84 -44.76 -7.51
C VAL D 400 -2.51 -46.10 -7.37
N HIS D 401 -3.81 -46.10 -7.15
CA HIS D 401 -4.60 -47.34 -7.15
C HIS D 401 -5.88 -47.08 -7.89
N VAL D 402 -6.29 -48.05 -8.72
CA VAL D 402 -7.58 -47.96 -9.41
C VAL D 402 -8.35 -49.26 -9.22
N ILE D 403 -9.67 -49.11 -9.06
CA ILE D 403 -10.60 -50.19 -8.80
C ILE D 403 -11.52 -50.32 -10.02
N LEU D 404 -11.49 -51.49 -10.66
CA LEU D 404 -12.30 -51.76 -11.83
C LEU D 404 -13.46 -52.73 -11.57
N GLN D 405 -14.56 -52.49 -12.26
CA GLN D 405 -15.68 -53.40 -12.32
C GLN D 405 -15.76 -53.98 -13.74
N PRO D 406 -15.42 -55.26 -13.89
CA PRO D 406 -15.43 -55.80 -15.23
C PRO D 406 -16.81 -55.81 -15.83
N ASN D 407 -16.88 -55.60 -17.13
CA ASN D 407 -18.12 -55.73 -17.91
C ASN D 407 -18.39 -57.18 -18.10
N THR D 408 -19.62 -57.60 -17.85
CA THR D 408 -20.02 -59.01 -18.02
C THR D 408 -21.32 -59.19 -18.81
N ARG D 409 -21.75 -58.17 -19.55
CA ARG D 409 -22.93 -58.26 -20.37
C ARG D 409 -22.73 -59.37 -21.41
N GLN D 410 -23.80 -60.17 -21.58
CA GLN D 410 -23.85 -61.22 -22.59
C GLN D 410 -24.77 -60.72 -23.72
N ALA D 411 -24.57 -61.24 -24.92
CA ALA D 411 -25.40 -60.82 -26.06
C ALA D 411 -26.87 -61.26 -25.80
N PRO D 412 -27.86 -60.40 -26.15
CA PRO D 412 -29.24 -60.90 -26.15
C PRO D 412 -29.47 -62.11 -27.05
N ALA D 413 -30.54 -62.86 -26.78
CA ALA D 413 -30.82 -64.10 -27.49
C ALA D 413 -31.18 -63.77 -28.95
N PRO D 414 -30.75 -64.61 -29.93
CA PRO D 414 -31.03 -64.20 -31.31
C PRO D 414 -32.54 -64.14 -31.61
N THR D 415 -32.93 -63.17 -32.41
CA THR D 415 -34.39 -62.96 -32.69
C THR D 415 -34.85 -63.55 -34.07
N ALA D 416 -36.11 -63.32 -34.44
CA ALA D 416 -36.65 -63.82 -35.74
C ALA D 416 -35.87 -63.30 -37.00
N HIS D 417 -35.45 -62.04 -36.93
CA HIS D 417 -34.84 -61.28 -38.06
C HIS D 417 -33.31 -60.96 -37.87
N ALA D 418 -32.61 -61.69 -36.98
CA ALA D 418 -31.14 -61.85 -37.05
C ALA D 418 -30.79 -62.85 -38.18
N ALA D 419 -31.78 -63.62 -38.67
CA ALA D 419 -31.73 -64.47 -39.87
C ALA D 419 -31.35 -63.70 -41.14
N LEU D 420 -31.58 -62.39 -41.18
CA LEU D 420 -31.38 -61.54 -42.37
C LEU D 420 -29.92 -61.36 -42.73
N PRO D 421 -29.64 -60.99 -43.99
CA PRO D 421 -28.30 -60.55 -44.31
C PRO D 421 -28.04 -59.14 -43.79
N HIS D 422 -26.77 -58.85 -43.49
CA HIS D 422 -26.32 -57.56 -43.01
C HIS D 422 -25.22 -57.05 -43.95
N LEU D 423 -24.90 -55.77 -43.84
CA LEU D 423 -23.92 -55.14 -44.69
C LEU D 423 -22.82 -54.64 -43.78
N LEU D 424 -21.56 -54.82 -44.21
CA LEU D 424 -20.36 -54.40 -43.46
C LEU D 424 -19.42 -53.56 -44.30
N HIS D 425 -19.08 -52.37 -43.81
CA HIS D 425 -18.16 -51.47 -44.49
C HIS D 425 -16.80 -51.41 -43.82
N ALA D 426 -15.80 -50.99 -44.59
CA ALA D 426 -14.47 -50.76 -44.06
C ALA D 426 -13.69 -49.70 -44.84
N SER D 427 -12.84 -48.99 -44.12
CA SER D 427 -11.93 -48.05 -44.68
C SER D 427 -10.56 -48.40 -44.23
N GLY D 428 -9.54 -47.94 -44.95
CA GLY D 428 -8.19 -48.28 -44.58
C GLY D 428 -7.10 -47.63 -45.38
N ARG D 429 -5.88 -47.79 -44.92
CA ARG D 429 -4.72 -47.13 -45.51
C ARG D 429 -4.19 -47.85 -46.72
N THR D 430 -4.39 -49.16 -46.73
CA THR D 430 -3.96 -50.04 -47.77
C THR D 430 -5.04 -51.07 -48.07
N LEU D 431 -4.84 -51.78 -49.16
CA LEU D 431 -5.70 -52.89 -49.52
C LEU D 431 -5.83 -53.92 -48.38
N GLU D 432 -4.71 -54.24 -47.74
CA GLU D 432 -4.65 -55.25 -46.65
C GLU D 432 -5.46 -54.78 -45.47
N ALA D 433 -5.39 -53.46 -45.20
CA ALA D 433 -6.12 -52.87 -44.09
C ALA D 433 -7.61 -53.15 -44.20
N VAL D 434 -8.14 -52.98 -45.40
CA VAL D 434 -9.54 -53.19 -45.65
C VAL D 434 -9.85 -54.67 -45.70
N GLN D 435 -9.03 -55.43 -46.42
CA GLN D 435 -9.22 -56.88 -46.46
C GLN D 435 -9.32 -57.52 -45.08
N ASP D 436 -8.48 -57.05 -44.14
CA ASP D 436 -8.40 -57.67 -42.81
C ASP D 436 -9.66 -57.36 -41.99
N LEU D 437 -10.11 -56.12 -42.03
CA LEU D 437 -11.30 -55.72 -41.30
C LEU D 437 -12.52 -56.44 -41.81
N LEU D 438 -12.64 -56.55 -43.14
CA LEU D 438 -13.73 -57.28 -43.74
C LEU D 438 -13.68 -58.77 -43.36
N GLU D 439 -12.51 -59.40 -43.47
CA GLU D 439 -12.34 -60.78 -43.07
C GLU D 439 -12.78 -61.00 -41.61
N GLN D 440 -12.41 -60.07 -40.72
CA GLN D 440 -12.81 -60.18 -39.33
C GLN D 440 -14.31 -60.16 -39.18
N GLY D 441 -14.96 -59.27 -39.93
CA GLY D 441 -16.42 -59.20 -39.96
C GLY D 441 -17.05 -60.51 -40.42
N ARG D 442 -16.56 -61.03 -41.53
CA ARG D 442 -17.04 -62.30 -42.05
C ARG D 442 -16.85 -63.40 -41.01
N GLN D 443 -15.69 -63.50 -40.40
CA GLN D 443 -15.48 -64.51 -39.34
C GLN D 443 -16.32 -64.32 -38.07
N HIS D 444 -16.85 -63.13 -37.83
CA HIS D 444 -17.72 -62.90 -36.66
C HIS D 444 -19.04 -62.28 -37.07
N SER D 445 -19.53 -62.67 -38.24
CA SER D 445 -20.71 -62.03 -38.81
C SER D 445 -21.96 -62.15 -37.92
N GLN D 446 -21.97 -63.02 -36.94
CA GLN D 446 -23.09 -63.14 -36.03
C GLN D 446 -22.98 -62.25 -34.78
N ASP D 447 -21.79 -61.68 -34.49
CA ASP D 447 -21.64 -60.69 -33.43
C ASP D 447 -22.16 -59.36 -33.92
N LEU D 448 -23.39 -59.04 -33.55
CA LEU D 448 -24.06 -57.90 -34.12
C LEU D 448 -23.40 -56.60 -33.68
N ALA D 449 -23.03 -56.57 -32.42
CA ALA D 449 -22.27 -55.45 -31.86
C ALA D 449 -20.92 -55.24 -32.55
N PHE D 450 -20.16 -56.31 -32.76
CA PHE D 450 -18.88 -56.21 -33.43
C PHE D 450 -19.01 -55.62 -34.82
N VAL D 451 -20.05 -56.04 -35.55
CA VAL D 451 -20.31 -55.51 -36.88
C VAL D 451 -20.76 -54.05 -36.80
N SER D 452 -21.63 -53.77 -35.83
CA SER D 452 -22.15 -52.42 -35.66
C SER D 452 -21.00 -51.43 -35.41
N MET D 453 -20.02 -51.86 -34.63
CA MET D 453 -18.85 -51.05 -34.30
C MET D 453 -17.97 -50.88 -35.54
N LEU D 454 -17.69 -51.96 -36.25
CA LEU D 454 -16.85 -51.89 -37.44
C LEU D 454 -17.41 -50.91 -38.47
N ASN D 455 -18.75 -50.86 -38.54
CA ASN D 455 -19.44 -49.98 -39.47
C ASN D 455 -19.27 -48.53 -39.04
N ASP D 456 -19.45 -48.25 -37.74
CA ASP D 456 -19.26 -46.91 -37.21
C ASP D 456 -17.88 -46.33 -37.55
N ILE D 457 -16.82 -47.13 -37.43
CA ILE D 457 -15.47 -46.64 -37.68
C ILE D 457 -15.08 -46.59 -39.15
N ALA D 458 -15.93 -47.09 -40.04
CA ALA D 458 -15.58 -47.13 -41.47
C ALA D 458 -15.74 -45.79 -42.17
N ALA D 459 -16.65 -44.97 -41.67
CA ALA D 459 -16.88 -43.63 -42.26
C ALA D 459 -15.74 -42.66 -41.96
N THR D 460 -14.82 -42.48 -42.90
CA THR D 460 -13.61 -41.67 -42.68
C THR D 460 -13.42 -40.75 -43.86
N PRO D 461 -12.67 -39.64 -43.69
CA PRO D 461 -12.31 -38.85 -44.87
C PRO D 461 -11.52 -39.66 -45.89
N THR D 462 -11.80 -39.44 -47.18
CA THR D 462 -11.28 -40.33 -48.25
C THR D 462 -9.79 -39.99 -48.52
N ALA D 463 -9.39 -38.75 -48.24
CA ALA D 463 -7.99 -38.33 -48.35
C ALA D 463 -7.09 -39.15 -47.45
N ALA D 464 -7.59 -39.42 -46.24
CA ALA D 464 -6.84 -40.06 -45.17
C ALA D 464 -6.81 -41.58 -45.29
N MET D 465 -7.97 -42.18 -45.61
CA MET D 465 -8.09 -43.62 -45.80
C MET D 465 -8.55 -43.87 -47.24
N PRO D 466 -7.59 -43.95 -48.18
CA PRO D 466 -7.93 -44.01 -49.58
C PRO D 466 -8.42 -45.37 -50.09
N PHE D 467 -8.52 -46.40 -49.25
CA PHE D 467 -9.05 -47.69 -49.69
C PHE D 467 -10.36 -47.96 -48.97
N ARG D 468 -11.38 -48.39 -49.73
CA ARG D 468 -12.62 -48.83 -49.12
C ARG D 468 -13.06 -50.20 -49.63
N GLY D 469 -14.00 -50.78 -48.89
CA GLY D 469 -14.52 -52.08 -49.22
C GLY D 469 -15.85 -52.33 -48.53
N TYR D 470 -16.56 -53.37 -48.94
CA TYR D 470 -17.76 -53.83 -48.23
C TYR D 470 -17.86 -55.32 -48.43
N THR D 471 -18.60 -55.98 -47.57
CA THR D 471 -19.11 -57.31 -47.87
C THR D 471 -20.50 -57.43 -47.34
N VAL D 472 -21.26 -58.35 -47.93
CA VAL D 472 -22.58 -58.65 -47.46
C VAL D 472 -22.48 -59.93 -46.66
N LEU D 473 -22.86 -59.84 -45.40
CA LEU D 473 -22.84 -60.98 -44.50
C LEU D 473 -24.18 -61.67 -44.62
N GLY D 474 -24.21 -62.96 -44.35
CA GLY D 474 -25.43 -63.75 -44.26
C GLY D 474 -26.01 -64.22 -45.59
N VAL D 475 -25.17 -64.54 -46.56
CA VAL D 475 -25.62 -64.88 -47.91
C VAL D 475 -24.73 -65.94 -48.57
N GLU D 476 -25.29 -66.64 -49.56
CA GLU D 476 -24.56 -67.63 -50.36
C GLU D 476 -23.02 -67.55 -50.47
N GLY D 477 -22.46 -66.61 -51.23
CA GLY D 477 -21.04 -66.68 -51.54
C GLY D 477 -20.23 -65.67 -50.78
N ARG D 478 -19.06 -65.33 -51.31
CA ARG D 478 -18.28 -64.19 -50.84
C ARG D 478 -18.62 -62.99 -51.71
N VAL D 479 -19.52 -62.15 -51.20
CA VAL D 479 -19.88 -60.90 -51.85
C VAL D 479 -19.01 -59.79 -51.23
N GLN D 480 -18.01 -59.34 -51.96
CA GLN D 480 -17.01 -58.40 -51.49
C GLN D 480 -16.36 -57.61 -52.61
N GLU D 481 -16.33 -56.30 -52.51
CA GLU D 481 -15.42 -55.52 -53.34
C GLU D 481 -14.58 -54.65 -52.45
N VAL D 482 -13.42 -54.27 -52.97
CA VAL D 482 -12.46 -53.42 -52.29
C VAL D 482 -11.78 -52.65 -53.38
N GLN D 483 -11.66 -51.35 -53.23
CA GLN D 483 -10.93 -50.59 -54.24
C GLN D 483 -10.44 -49.26 -53.71
N GLN D 484 -9.47 -48.69 -54.43
CA GLN D 484 -8.98 -47.37 -54.17
C GLN D 484 -10.03 -46.31 -54.55
N VAL D 485 -10.05 -45.19 -53.85
CA VAL D 485 -10.93 -44.06 -54.10
C VAL D 485 -10.09 -42.85 -54.52
N SER D 486 -10.65 -41.97 -55.38
CA SER D 486 -10.09 -40.61 -55.62
C SER D 486 -10.97 -39.58 -54.90
N THR D 487 -10.32 -38.52 -54.39
CA THR D 487 -10.99 -37.47 -53.59
C THR D 487 -11.55 -36.40 -54.50
N ASN D 488 -12.66 -36.75 -55.15
CA ASN D 488 -13.53 -35.77 -55.76
C ASN D 488 -14.68 -35.81 -54.75
N LYS D 489 -15.28 -34.69 -54.37
CA LYS D 489 -16.54 -34.78 -53.63
C LYS D 489 -17.52 -35.22 -54.70
N ARG D 490 -17.96 -36.47 -54.62
CA ARG D 490 -18.85 -37.03 -55.66
C ARG D 490 -20.30 -36.73 -55.28
N PRO D 491 -21.02 -35.95 -56.12
CA PRO D 491 -22.38 -35.58 -55.76
C PRO D 491 -23.41 -36.67 -56.01
N LEU D 492 -24.48 -36.65 -55.22
CA LEU D 492 -25.42 -37.76 -55.15
C LEU D 492 -26.74 -37.41 -55.80
N TRP D 493 -27.15 -38.21 -56.79
CA TRP D 493 -28.40 -37.97 -57.51
C TRP D 493 -29.38 -39.14 -57.39
N PHE D 494 -30.62 -38.80 -57.09
CA PHE D 494 -31.74 -39.76 -57.02
C PHE D 494 -32.60 -39.72 -58.30
N ILE D 495 -32.89 -40.87 -58.88
CA ILE D 495 -33.78 -41.00 -60.02
C ILE D 495 -34.97 -41.85 -59.60
N CYS D 496 -36.16 -41.28 -59.52
CA CYS D 496 -37.38 -42.09 -59.22
C CYS D 496 -38.08 -42.53 -60.51
N SER D 497 -38.13 -43.84 -60.75
CA SER D 497 -38.58 -44.37 -62.04
C SER D 497 -40.07 -44.64 -62.05
N GLY D 498 -40.60 -44.86 -63.24
CA GLY D 498 -42.04 -44.74 -63.47
C GLY D 498 -42.80 -46.02 -63.42
N MET D 499 -43.78 -46.18 -64.31
CA MET D 499 -44.40 -47.48 -64.57
C MET D 499 -43.46 -48.27 -65.50
N GLY D 500 -43.71 -49.57 -65.60
CA GLY D 500 -42.77 -50.50 -66.25
C GLY D 500 -41.90 -51.22 -65.23
N THR D 501 -41.75 -50.62 -64.05
CA THR D 501 -40.89 -51.13 -63.01
C THR D 501 -41.63 -52.03 -62.04
N GLN D 502 -42.94 -52.20 -62.20
CA GLN D 502 -43.67 -53.17 -61.36
C GLN D 502 -43.30 -54.61 -61.76
N TRP D 503 -43.53 -55.55 -60.84
CA TRP D 503 -43.34 -56.99 -61.14
C TRP D 503 -43.99 -57.91 -60.10
N ARG D 504 -44.09 -59.19 -60.46
CA ARG D 504 -44.87 -60.17 -59.71
C ARG D 504 -44.25 -60.46 -58.35
N GLY D 505 -44.89 -59.99 -57.30
CA GLY D 505 -44.35 -60.15 -55.93
C GLY D 505 -43.10 -59.36 -55.55
N MET D 506 -42.84 -58.24 -56.24
CA MET D 506 -41.81 -57.25 -55.82
C MET D 506 -42.02 -56.84 -54.36
N GLY D 507 -40.93 -56.56 -53.66
CA GLY D 507 -41.07 -56.22 -52.24
C GLY D 507 -41.62 -57.31 -51.30
N LEU D 508 -41.79 -58.54 -51.76
CA LEU D 508 -41.96 -59.69 -50.85
C LEU D 508 -40.68 -59.83 -50.03
N SER D 509 -39.54 -59.61 -50.69
CA SER D 509 -38.21 -59.72 -50.12
C SER D 509 -37.93 -58.63 -49.05
N LEU D 510 -38.14 -57.35 -49.41
CA LEU D 510 -37.85 -56.26 -48.49
C LEU D 510 -38.83 -56.11 -47.33
N MET D 511 -39.96 -56.82 -47.33
CA MET D 511 -40.90 -56.75 -46.18
C MET D 511 -40.37 -57.40 -44.91
N ARG D 512 -39.42 -58.35 -45.07
CA ARG D 512 -38.66 -58.94 -43.95
C ARG D 512 -37.96 -57.86 -43.14
N LEU D 513 -37.39 -56.86 -43.82
CA LEU D 513 -36.68 -55.77 -43.16
C LEU D 513 -37.62 -54.83 -42.40
N ASP D 514 -37.63 -54.93 -41.07
CA ASP D 514 -38.46 -54.06 -40.22
C ASP D 514 -38.51 -52.58 -40.63
N SER D 515 -37.40 -52.00 -41.10
CA SER D 515 -37.38 -50.54 -41.42
C SER D 515 -38.26 -50.19 -42.63
N PHE D 516 -38.18 -51.03 -43.65
CA PHE D 516 -38.97 -50.95 -44.88
C PHE D 516 -40.47 -51.16 -44.58
N ARG D 517 -40.78 -52.27 -43.92
CA ARG D 517 -42.13 -52.62 -43.48
C ARG D 517 -42.81 -51.50 -42.75
N GLU D 518 -42.08 -50.73 -41.97
CA GLU D 518 -42.67 -49.56 -41.25
C GLU D 518 -43.05 -48.41 -42.17
N SER D 519 -42.26 -48.16 -43.23
CA SER D 519 -42.63 -47.15 -44.25
C SER D 519 -43.81 -47.59 -45.15
N ILE D 520 -44.02 -48.90 -45.20
CA ILE D 520 -45.20 -49.45 -45.84
C ILE D 520 -46.37 -49.28 -44.89
N LEU D 521 -46.23 -49.72 -43.64
CA LEU D 521 -47.28 -49.55 -42.62
C LEU D 521 -47.74 -48.11 -42.41
N ARG D 522 -46.86 -47.12 -42.66
CA ARG D 522 -47.27 -45.71 -42.63
C ARG D 522 -48.04 -45.32 -43.92
N SER D 523 -47.65 -45.88 -45.06
CA SER D 523 -48.43 -45.74 -46.32
C SER D 523 -49.82 -46.39 -46.22
N ASP D 524 -49.95 -47.43 -45.39
CA ASP D 524 -51.27 -48.06 -45.06
C ASP D 524 -52.26 -47.11 -44.40
N GLU D 525 -51.79 -46.22 -43.53
CA GLU D 525 -52.68 -45.29 -42.84
C GLU D 525 -53.27 -44.25 -43.80
N ALA D 526 -52.49 -43.84 -44.82
CA ALA D 526 -53.02 -42.97 -45.88
C ALA D 526 -54.18 -43.60 -46.70
N VAL D 527 -54.16 -44.91 -46.92
CA VAL D 527 -55.20 -45.59 -47.73
C VAL D 527 -56.01 -46.67 -46.98
N LYS D 528 -56.05 -46.66 -45.64
CA LYS D 528 -57.00 -47.51 -44.89
C LYS D 528 -58.47 -47.05 -45.05
N PRO D 529 -58.76 -45.71 -45.01
CA PRO D 529 -60.18 -45.36 -45.18
C PRO D 529 -60.74 -45.64 -46.60
N LEU D 530 -59.87 -45.79 -47.59
CA LEU D 530 -60.25 -46.15 -48.97
C LEU D 530 -60.21 -47.68 -49.21
N GLY D 531 -60.20 -48.47 -48.11
CA GLY D 531 -60.35 -49.94 -48.14
C GLY D 531 -59.23 -50.73 -48.81
N VAL D 532 -57.99 -50.24 -48.68
CA VAL D 532 -56.79 -50.84 -49.32
C VAL D 532 -55.61 -50.79 -48.33
N LYS D 533 -54.83 -51.88 -48.32
CA LYS D 533 -53.65 -51.95 -47.50
C LYS D 533 -52.46 -52.44 -48.33
N VAL D 534 -51.43 -51.58 -48.42
CA VAL D 534 -50.28 -51.82 -49.29
C VAL D 534 -49.49 -53.01 -48.76
N SER D 535 -49.44 -53.13 -47.43
CA SER D 535 -48.77 -54.25 -46.75
C SER D 535 -49.31 -55.59 -47.17
N ASP D 536 -50.64 -55.69 -47.34
CA ASP D 536 -51.26 -56.92 -47.86
C ASP D 536 -50.81 -57.19 -49.28
N LEU D 537 -50.80 -56.14 -50.11
CA LEU D 537 -50.46 -56.26 -51.53
C LEU D 537 -49.04 -56.79 -51.76
N LEU D 538 -48.09 -56.23 -51.00
CA LEU D 538 -46.69 -56.60 -51.14
C LEU D 538 -46.43 -58.00 -50.65
N LEU D 539 -47.06 -58.36 -49.53
CA LEU D 539 -46.96 -59.70 -48.94
C LEU D 539 -47.83 -60.76 -49.66
N SER D 540 -48.78 -60.34 -50.51
CA SER D 540 -49.63 -61.27 -51.28
C SER D 540 -48.81 -62.22 -52.16
N THR D 541 -49.24 -63.49 -52.21
CA THR D 541 -48.66 -64.51 -53.11
C THR D 541 -49.44 -64.63 -54.44
N ASP D 542 -50.59 -63.95 -54.55
CA ASP D 542 -51.43 -63.97 -55.75
C ASP D 542 -50.72 -63.34 -56.97
N GLU D 543 -50.27 -64.17 -57.91
CA GLU D 543 -49.67 -63.74 -59.21
C GLU D 543 -50.23 -62.43 -59.82
N ARG D 544 -51.55 -62.22 -59.75
CA ARG D 544 -52.23 -61.14 -60.47
C ARG D 544 -52.44 -59.83 -59.69
N THR D 545 -52.03 -59.80 -58.43
CA THR D 545 -52.27 -58.65 -57.53
C THR D 545 -52.04 -57.27 -58.15
N PHE D 546 -50.90 -57.11 -58.83
CA PHE D 546 -50.47 -55.83 -59.42
C PHE D 546 -50.94 -55.58 -60.86
N ASP D 547 -51.88 -56.41 -61.35
CA ASP D 547 -52.53 -56.18 -62.66
C ASP D 547 -53.47 -55.00 -62.53
N ASP D 548 -54.22 -55.00 -61.43
CA ASP D 548 -55.07 -53.87 -61.04
C ASP D 548 -54.25 -52.59 -60.98
N ILE D 549 -54.66 -51.56 -61.72
CA ILE D 549 -53.83 -50.35 -61.89
C ILE D 549 -53.73 -49.48 -60.63
N VAL D 550 -54.62 -49.66 -59.65
CA VAL D 550 -54.51 -48.93 -58.38
C VAL D 550 -53.56 -49.68 -57.44
N HIS D 551 -53.63 -51.00 -57.43
CA HIS D 551 -52.68 -51.82 -56.68
C HIS D 551 -51.24 -51.49 -57.12
N ALA D 552 -51.03 -51.29 -58.42
CA ALA D 552 -49.71 -51.00 -58.98
C ALA D 552 -49.24 -49.59 -58.67
N PHE D 553 -50.06 -48.59 -58.92
CA PHE D 553 -49.66 -47.19 -58.69
C PHE D 553 -49.29 -46.90 -57.22
N VAL D 554 -50.09 -47.42 -56.29
CA VAL D 554 -49.88 -47.20 -54.87
C VAL D 554 -48.67 -48.01 -54.37
N SER D 555 -48.56 -49.27 -54.76
CA SER D 555 -47.43 -50.10 -54.31
C SER D 555 -46.10 -49.61 -54.90
N LEU D 556 -46.08 -49.20 -56.16
CA LEU D 556 -44.89 -48.66 -56.82
C LEU D 556 -44.39 -47.44 -56.08
N THR D 557 -45.30 -46.51 -55.77
CA THR D 557 -44.87 -45.29 -55.12
C THR D 557 -44.59 -45.48 -53.61
N ALA D 558 -45.27 -46.42 -52.97
CA ALA D 558 -45.03 -46.74 -51.53
C ALA D 558 -43.66 -47.40 -51.28
N ILE D 559 -43.22 -48.21 -52.24
CA ILE D 559 -41.89 -48.82 -52.27
C ILE D 559 -40.82 -47.75 -52.52
N GLN D 560 -41.06 -46.85 -53.47
CA GLN D 560 -40.12 -45.76 -53.68
C GLN D 560 -39.97 -44.91 -52.41
N ILE D 561 -41.04 -44.70 -51.66
CA ILE D 561 -41.00 -43.95 -50.39
C ILE D 561 -40.19 -44.72 -49.35
N ALA D 562 -40.41 -46.01 -49.22
CA ALA D 562 -39.63 -46.86 -48.32
C ALA D 562 -38.15 -46.85 -48.70
N LEU D 563 -37.82 -47.02 -49.96
CA LEU D 563 -36.43 -46.88 -50.39
C LEU D 563 -35.88 -45.49 -50.06
N ILE D 564 -36.67 -44.42 -50.21
CA ILE D 564 -36.18 -43.10 -49.82
C ILE D 564 -35.95 -43.06 -48.28
N ASP D 565 -36.90 -43.60 -47.52
CA ASP D 565 -36.76 -43.66 -46.07
C ASP D 565 -35.47 -44.40 -45.61
N LEU D 566 -35.18 -45.58 -46.17
CA LEU D 566 -33.95 -46.31 -45.91
C LEU D 566 -32.70 -45.50 -46.31
N LEU D 567 -32.66 -45.02 -47.54
CA LEU D 567 -31.54 -44.21 -48.00
C LEU D 567 -31.29 -43.02 -47.10
N THR D 568 -32.38 -42.44 -46.57
CA THR D 568 -32.24 -41.35 -45.64
C THR D 568 -31.64 -41.83 -44.34
N SER D 569 -32.22 -42.89 -43.76
CA SER D 569 -31.76 -43.42 -42.47
C SER D 569 -30.27 -43.79 -42.44
N VAL D 570 -29.68 -44.17 -43.58
CA VAL D 570 -28.25 -44.45 -43.63
C VAL D 570 -27.40 -43.22 -43.95
N GLY D 571 -28.02 -42.04 -43.98
CA GLY D 571 -27.30 -40.77 -44.09
C GLY D 571 -27.12 -40.12 -45.45
N LEU D 572 -27.78 -40.66 -46.47
CA LEU D 572 -27.71 -40.12 -47.84
C LEU D 572 -28.82 -39.07 -48.04
N LYS D 573 -28.42 -37.82 -48.27
CA LYS D 573 -29.33 -36.75 -48.74
C LYS D 573 -28.93 -36.39 -50.16
N PRO D 574 -29.90 -36.31 -51.07
CA PRO D 574 -29.58 -36.10 -52.49
C PRO D 574 -29.20 -34.66 -52.84
N ASP D 575 -28.22 -34.50 -53.73
CA ASP D 575 -27.87 -33.20 -54.33
C ASP D 575 -28.80 -32.79 -55.46
N GLY D 576 -29.28 -33.77 -56.23
CA GLY D 576 -30.36 -33.54 -57.21
C GLY D 576 -31.33 -34.71 -57.28
N ILE D 577 -32.54 -34.42 -57.76
CA ILE D 577 -33.66 -35.38 -57.80
C ILE D 577 -34.33 -35.31 -59.18
N ILE D 578 -34.67 -36.47 -59.75
CA ILE D 578 -35.31 -36.53 -61.08
C ILE D 578 -36.32 -37.63 -61.14
N GLY D 579 -37.53 -37.29 -61.59
CA GLY D 579 -38.62 -38.27 -61.79
C GLY D 579 -38.81 -38.71 -63.23
N HIS D 580 -39.65 -39.73 -63.36
CA HIS D 580 -40.10 -40.23 -64.67
C HIS D 580 -41.52 -40.73 -64.42
O K5L D 581 -44.10 -39.48 -62.89
C K5L D 581 -44.34 -40.51 -63.47
CA K5L D 581 -43.87 -40.78 -64.90
N K5L D 581 -42.52 -40.20 -65.07
CB K5L D 581 -44.89 -40.55 -65.96
OAI K5L D 581 -44.96 -42.21 -66.69
CAK K5L D 581 -46.04 -43.32 -65.80
OAC K5L D 581 -45.56 -44.20 -65.21
CAG K5L D 581 -47.52 -43.12 -65.89
CAJ K5L D 581 -48.13 -42.21 -64.85
OAE K5L D 581 -48.23 -41.00 -65.11
OAB K5L D 581 -48.56 -42.68 -63.75
N LEU D 582 -44.98 -41.53 -62.92
CA LEU D 582 -45.38 -41.66 -61.51
C LEU D 582 -44.25 -41.34 -60.49
N GLY D 583 -43.00 -41.47 -60.92
CA GLY D 583 -41.84 -41.11 -60.11
C GLY D 583 -41.79 -39.68 -59.62
N GLU D 584 -42.42 -38.75 -60.34
CA GLU D 584 -42.44 -37.35 -59.89
C GLU D 584 -43.22 -37.19 -58.58
N VAL D 585 -44.12 -38.13 -58.25
CA VAL D 585 -44.78 -38.15 -56.94
C VAL D 585 -43.75 -38.46 -55.85
N ALA D 586 -42.94 -39.50 -56.08
CA ALA D 586 -41.91 -39.91 -55.13
C ALA D 586 -40.82 -38.85 -54.99
N CYS D 587 -40.42 -38.24 -56.11
CA CYS D 587 -39.53 -37.06 -56.08
C CYS D 587 -39.99 -35.98 -55.13
N GLY D 588 -41.31 -35.77 -55.08
CA GLY D 588 -41.91 -34.78 -54.20
C GLY D 588 -41.65 -35.07 -52.76
N TYR D 589 -41.71 -36.36 -52.39
CA TYR D 589 -41.40 -36.83 -51.04
C TYR D 589 -39.93 -36.61 -50.72
N ALA D 590 -39.07 -37.11 -51.60
CA ALA D 590 -37.62 -36.88 -51.50
C ALA D 590 -37.23 -35.41 -51.42
N ASP D 591 -38.01 -34.51 -52.03
CA ASP D 591 -37.69 -33.08 -51.97
C ASP D 591 -38.27 -32.33 -50.77
N GLY D 592 -39.14 -32.97 -49.98
CA GLY D 592 -39.85 -32.32 -48.88
C GLY D 592 -41.10 -31.53 -49.24
N CYS D 593 -41.66 -31.74 -50.45
CA CYS D 593 -42.90 -31.07 -50.94
C CYS D 593 -44.15 -31.80 -50.53
N LEU D 594 -44.16 -33.11 -50.75
CA LEU D 594 -45.27 -33.95 -50.36
C LEU D 594 -44.93 -34.66 -49.09
N SER D 595 -45.90 -34.70 -48.17
CA SER D 595 -45.82 -35.60 -47.03
C SER D 595 -45.91 -37.03 -47.56
N GLN D 596 -45.73 -38.00 -46.67
CA GLN D 596 -45.92 -39.40 -47.04
C GLN D 596 -47.37 -39.63 -47.47
N ARG D 597 -48.31 -39.15 -46.67
CA ARG D 597 -49.75 -39.30 -46.92
C ARG D 597 -50.12 -38.66 -48.26
N GLU D 598 -49.70 -37.42 -48.46
CA GLU D 598 -49.95 -36.71 -49.71
C GLU D 598 -49.47 -37.49 -50.93
N ALA D 599 -48.25 -38.01 -50.89
CA ALA D 599 -47.69 -38.73 -52.06
C ALA D 599 -48.34 -40.09 -52.34
N VAL D 600 -48.78 -40.79 -51.30
CA VAL D 600 -49.42 -42.09 -51.47
C VAL D 600 -50.84 -41.91 -52.01
N LEU D 601 -51.53 -40.86 -51.59
CA LEU D 601 -52.86 -40.54 -52.12
C LEU D 601 -52.80 -40.00 -53.56
N ALA D 602 -51.79 -39.18 -53.86
CA ALA D 602 -51.55 -38.74 -55.25
C ALA D 602 -51.23 -39.88 -56.25
N ALA D 603 -50.86 -41.04 -55.73
CA ALA D 603 -50.74 -42.26 -56.53
C ALA D 603 -52.03 -43.02 -56.57
N TYR D 604 -52.76 -43.07 -55.45
CA TYR D 604 -54.04 -43.80 -55.40
C TYR D 604 -55.03 -43.18 -56.34
N TRP D 605 -55.26 -41.87 -56.22
CA TRP D 605 -56.26 -41.18 -57.03
C TRP D 605 -55.84 -41.07 -58.48
N ARG D 606 -54.54 -40.91 -58.75
CA ARG D 606 -54.01 -41.04 -60.12
C ARG D 606 -54.35 -42.38 -60.78
N GLY D 607 -54.34 -43.44 -59.98
CA GLY D 607 -54.66 -44.79 -60.45
C GLY D 607 -56.13 -45.07 -60.45
N GLN D 608 -56.85 -44.58 -59.45
CA GLN D 608 -58.32 -44.78 -59.32
C GLN D 608 -59.03 -44.04 -60.45
N CYS D 609 -58.62 -42.80 -60.73
CA CYS D 609 -59.16 -42.02 -61.83
C CYS D 609 -59.01 -42.64 -63.24
N ILE D 610 -57.97 -43.43 -63.46
CA ILE D 610 -57.76 -44.14 -64.75
C ILE D 610 -58.51 -45.48 -64.78
N LYS D 611 -58.53 -46.20 -63.66
CA LYS D 611 -59.34 -47.42 -63.52
C LYS D 611 -60.82 -47.18 -63.79
N ASP D 612 -61.36 -46.07 -63.27
CA ASP D 612 -62.78 -45.66 -63.42
C ASP D 612 -63.28 -45.37 -64.83
N ALA D 613 -62.39 -44.88 -65.70
CA ALA D 613 -62.72 -44.59 -67.11
C ALA D 613 -62.56 -45.80 -68.08
N HIS D 614 -62.53 -47.00 -67.53
CA HIS D 614 -62.36 -48.29 -68.25
C HIS D 614 -61.87 -48.13 -69.69
N LEU D 615 -60.71 -47.48 -69.86
CA LEU D 615 -60.10 -47.12 -71.17
C LEU D 615 -59.88 -48.27 -72.14
N PRO D 616 -59.82 -47.96 -73.47
CA PRO D 616 -59.51 -49.02 -74.47
C PRO D 616 -58.13 -49.63 -74.25
N PRO D 617 -57.93 -50.91 -74.64
CA PRO D 617 -56.58 -51.47 -74.75
C PRO D 617 -55.57 -50.53 -75.45
N GLY D 618 -54.48 -50.24 -74.75
CA GLY D 618 -53.39 -49.37 -75.23
C GLY D 618 -52.06 -50.04 -74.97
N SER D 619 -50.99 -49.49 -75.54
CA SER D 619 -49.64 -50.07 -75.43
C SER D 619 -48.57 -48.99 -75.53
N MET D 620 -47.42 -49.27 -74.94
CA MET D 620 -46.23 -48.44 -75.12
C MET D 620 -45.03 -49.32 -75.41
N ALA D 621 -44.06 -48.72 -76.08
CA ALA D 621 -42.82 -49.40 -76.42
C ALA D 621 -41.71 -48.40 -76.55
N ALA D 622 -40.54 -48.72 -75.99
CA ALA D 622 -39.33 -47.94 -76.22
C ALA D 622 -38.84 -48.32 -77.60
N VAL D 623 -38.35 -47.35 -78.35
CA VAL D 623 -37.90 -47.58 -79.72
C VAL D 623 -36.63 -46.81 -80.03
N GLY D 624 -35.81 -47.38 -80.92
CA GLY D 624 -34.49 -46.84 -81.28
C GLY D 624 -34.50 -45.73 -82.31
N LEU D 625 -35.18 -44.63 -82.00
CA LEU D 625 -35.37 -43.50 -82.90
C LEU D 625 -35.26 -42.22 -82.07
N SER D 626 -34.77 -41.13 -82.66
CA SER D 626 -34.68 -39.85 -81.95
C SER D 626 -36.05 -39.18 -81.78
N TRP D 627 -36.10 -38.08 -81.03
CA TRP D 627 -37.36 -37.39 -80.69
C TRP D 627 -38.15 -36.91 -81.93
N GLU D 628 -37.49 -36.09 -82.77
CA GLU D 628 -38.11 -35.54 -83.99
C GLU D 628 -38.39 -36.61 -85.04
N GLU D 629 -37.59 -37.68 -85.03
CA GLU D 629 -37.74 -38.79 -85.99
C GLU D 629 -38.90 -39.75 -85.64
N CYS D 630 -39.43 -39.66 -84.42
CA CYS D 630 -40.64 -40.43 -84.04
C CYS D 630 -41.92 -39.79 -84.54
N LYS D 631 -42.02 -38.45 -84.45
CA LYS D 631 -43.17 -37.73 -85.04
C LYS D 631 -43.28 -37.95 -86.55
N GLN D 632 -42.14 -37.95 -87.23
CA GLN D 632 -42.03 -38.34 -88.65
C GLN D 632 -42.70 -39.68 -88.93
N ARG D 633 -42.22 -40.75 -88.30
CA ARG D 633 -42.59 -42.12 -88.69
C ARG D 633 -43.78 -42.77 -87.94
N CYS D 634 -44.39 -42.06 -86.99
CA CYS D 634 -45.42 -42.67 -86.12
C CYS D 634 -46.78 -42.76 -86.82
N PRO D 635 -47.40 -43.97 -86.84
CA PRO D 635 -48.76 -44.09 -87.38
C PRO D 635 -49.78 -43.31 -86.56
N ALA D 636 -50.80 -42.78 -87.24
CA ALA D 636 -51.75 -41.84 -86.60
C ALA D 636 -52.39 -42.49 -85.39
N GLY D 637 -52.43 -41.74 -84.28
CA GLY D 637 -52.90 -42.25 -83.00
C GLY D 637 -51.77 -42.58 -82.03
N VAL D 638 -50.57 -42.85 -82.56
CA VAL D 638 -49.39 -43.08 -81.74
C VAL D 638 -48.53 -41.82 -81.74
N VAL D 639 -48.05 -41.47 -80.54
CA VAL D 639 -47.33 -40.23 -80.30
C VAL D 639 -46.08 -40.61 -79.49
N PRO D 640 -44.95 -39.89 -79.69
CA PRO D 640 -43.85 -40.03 -78.75
C PRO D 640 -44.21 -39.51 -77.34
N ALA D 641 -44.07 -40.37 -76.32
CA ALA D 641 -44.57 -40.11 -74.98
C ALA D 641 -43.45 -39.68 -73.98
N CYS D 642 -42.37 -40.45 -73.93
CA CYS D 642 -41.23 -40.17 -73.03
C CYS D 642 -39.90 -40.06 -73.76
N HIS D 643 -39.19 -38.94 -73.58
CA HIS D 643 -37.86 -38.73 -74.14
C HIS D 643 -36.77 -39.26 -73.19
N ASN D 644 -36.51 -40.56 -73.28
CA ASN D 644 -35.59 -41.24 -72.35
C ASN D 644 -34.13 -40.89 -72.63
N SER D 645 -33.69 -41.03 -73.86
CA SER D 645 -32.37 -40.55 -74.28
C SER D 645 -32.39 -40.01 -75.73
N GLU D 646 -31.21 -39.67 -76.25
CA GLU D 646 -31.08 -39.35 -77.69
C GLU D 646 -31.45 -40.58 -78.56
N ASP D 647 -31.19 -41.82 -78.10
CA ASP D 647 -31.56 -43.07 -78.83
C ASP D 647 -32.87 -43.71 -78.43
N THR D 648 -33.17 -43.78 -77.13
CA THR D 648 -34.43 -44.39 -76.64
C THR D 648 -35.56 -43.36 -76.59
N VAL D 649 -36.72 -43.70 -77.14
CA VAL D 649 -37.95 -42.92 -76.95
C VAL D 649 -39.11 -43.89 -76.77
N THR D 650 -39.95 -43.67 -75.77
CA THR D 650 -41.12 -44.49 -75.53
C THR D 650 -42.32 -43.86 -76.24
N ILE D 651 -42.96 -44.66 -77.11
CA ILE D 651 -44.14 -44.26 -77.86
C ILE D 651 -45.40 -44.78 -77.17
N SER D 652 -46.54 -44.14 -77.41
CA SER D 652 -47.80 -44.47 -76.72
C SER D 652 -48.99 -44.33 -77.65
N GLY D 653 -49.92 -45.29 -77.58
CA GLY D 653 -51.12 -45.25 -78.42
C GLY D 653 -51.97 -46.50 -78.31
N PRO D 654 -52.95 -46.64 -79.23
CA PRO D 654 -53.83 -47.83 -79.21
C PRO D 654 -53.11 -49.13 -79.56
N GLN D 655 -53.46 -50.21 -78.87
CA GLN D 655 -52.77 -51.53 -78.96
C GLN D 655 -52.55 -51.96 -80.41
N ALA D 656 -53.63 -51.87 -81.21
CA ALA D 656 -53.60 -52.11 -82.65
C ALA D 656 -52.35 -51.48 -83.31
N ALA D 657 -52.32 -50.14 -83.37
CA ALA D 657 -51.28 -49.41 -84.11
C ALA D 657 -49.86 -49.62 -83.58
N VAL D 658 -49.73 -49.75 -82.28
CA VAL D 658 -48.40 -49.80 -81.63
C VAL D 658 -47.76 -51.18 -81.76
N ASN D 659 -48.55 -52.25 -81.58
CA ASN D 659 -48.04 -53.62 -81.75
C ASN D 659 -47.58 -53.90 -83.20
N GLU D 660 -48.26 -53.26 -84.17
CA GLU D 660 -47.90 -53.38 -85.58
C GLU D 660 -46.68 -52.55 -85.92
N PHE D 661 -46.66 -51.29 -85.49
CA PHE D 661 -45.53 -50.40 -85.73
C PHE D 661 -44.24 -50.83 -85.02
N VAL D 662 -44.34 -51.75 -84.06
CA VAL D 662 -43.16 -52.34 -83.40
C VAL D 662 -42.66 -53.57 -84.18
N GLU D 663 -43.55 -54.43 -84.70
CA GLU D 663 -43.08 -55.59 -85.50
C GLU D 663 -42.53 -55.17 -86.86
N GLN D 664 -43.01 -54.06 -87.41
CA GLN D 664 -42.46 -53.47 -88.64
C GLN D 664 -41.10 -52.78 -88.42
N LEU D 665 -40.83 -52.38 -87.18
CA LEU D 665 -39.61 -51.67 -86.78
C LEU D 665 -38.44 -52.64 -86.49
N LYS D 666 -38.74 -53.80 -85.89
CA LYS D 666 -37.78 -54.91 -85.76
C LYS D 666 -37.37 -55.53 -87.10
N GLN D 667 -38.29 -55.51 -88.07
CA GLN D 667 -38.00 -55.96 -89.44
C GLN D 667 -37.20 -54.94 -90.27
N GLU D 668 -36.89 -53.76 -89.69
CA GLU D 668 -35.83 -52.86 -90.18
C GLU D 668 -34.65 -52.78 -89.17
N GLY D 669 -34.46 -53.83 -88.35
CA GLY D 669 -33.38 -53.95 -87.38
C GLY D 669 -33.24 -52.87 -86.32
N VAL D 670 -34.35 -52.20 -85.96
CA VAL D 670 -34.36 -51.07 -84.99
C VAL D 670 -34.76 -51.59 -83.59
N PHE D 671 -34.21 -50.97 -82.54
CA PHE D 671 -34.48 -51.37 -81.14
C PHE D 671 -35.97 -51.13 -80.83
N ALA D 672 -36.63 -52.14 -80.24
CA ALA D 672 -38.03 -52.06 -79.84
C ALA D 672 -38.35 -53.15 -78.79
N LYS D 673 -38.70 -52.72 -77.59
CA LYS D 673 -39.27 -53.63 -76.59
C LYS D 673 -40.53 -52.99 -76.01
N GLU D 674 -41.55 -53.82 -75.76
CA GLU D 674 -42.76 -53.35 -75.07
C GLU D 674 -42.41 -52.83 -73.63
N VAL D 675 -43.19 -51.87 -73.15
CA VAL D 675 -43.13 -51.45 -71.75
C VAL D 675 -44.37 -52.04 -71.05
N ARG D 676 -44.17 -52.68 -69.91
CA ARG D 676 -45.25 -53.20 -69.08
C ARG D 676 -46.04 -52.01 -68.51
N THR D 677 -47.30 -51.85 -68.93
CA THR D 677 -48.10 -50.71 -68.52
C THR D 677 -49.47 -51.00 -67.98
N GLY D 678 -49.87 -52.26 -67.82
CA GLY D 678 -51.25 -52.64 -67.47
C GLY D 678 -52.20 -52.49 -68.66
N GLY D 679 -51.66 -52.59 -69.87
CA GLY D 679 -52.40 -52.34 -71.09
C GLY D 679 -52.91 -50.91 -71.23
N LEU D 680 -52.11 -49.95 -70.77
CA LEU D 680 -52.47 -48.51 -70.81
C LEU D 680 -51.45 -47.68 -71.61
N ALA D 681 -51.89 -46.51 -72.05
CA ALA D 681 -51.11 -45.65 -72.96
C ALA D 681 -50.96 -44.28 -72.32
N PHE D 682 -49.95 -44.15 -71.49
CA PHE D 682 -49.69 -42.90 -70.73
C PHE D 682 -49.17 -41.80 -71.62
N HIS D 683 -49.37 -40.55 -71.20
CA HIS D 683 -48.85 -39.35 -71.91
C HIS D 683 -49.27 -39.29 -73.40
N SER D 684 -50.51 -39.74 -73.65
CA SER D 684 -51.16 -39.63 -74.95
C SER D 684 -52.45 -38.84 -74.84
N TYR D 685 -53.19 -38.66 -75.95
CA TYR D 685 -54.54 -38.09 -75.92
C TYR D 685 -55.50 -38.72 -74.87
N PHE D 686 -55.39 -40.04 -74.73
CA PHE D 686 -56.25 -40.86 -73.84
C PHE D 686 -56.47 -40.33 -72.43
N MET D 687 -55.47 -39.61 -71.92
CA MET D 687 -55.49 -39.10 -70.55
C MET D 687 -56.01 -37.68 -70.41
N GLU D 688 -56.20 -36.95 -71.53
CA GLU D 688 -56.89 -35.67 -71.43
C GLU D 688 -58.32 -35.88 -70.83
N GLY D 689 -58.88 -37.09 -71.10
CA GLY D 689 -60.13 -37.54 -70.49
C GLY D 689 -60.13 -37.61 -68.97
N ILE D 690 -58.99 -37.98 -68.40
CA ILE D 690 -58.81 -38.06 -66.95
C ILE D 690 -58.51 -36.65 -66.33
N ALA D 691 -57.79 -35.78 -67.06
CA ALA D 691 -57.35 -34.45 -66.53
C ALA D 691 -58.32 -33.74 -65.52
N PRO D 692 -59.58 -33.46 -65.92
CA PRO D 692 -60.49 -32.78 -64.99
C PRO D 692 -60.90 -33.59 -63.73
N THR D 693 -61.24 -34.87 -63.90
CA THR D 693 -61.66 -35.72 -62.77
C THR D 693 -60.54 -35.90 -61.72
N LEU D 694 -59.29 -35.99 -62.18
CA LEU D 694 -58.11 -36.09 -61.31
C LEU D 694 -57.87 -34.76 -60.57
N LEU D 695 -57.65 -33.68 -61.32
CA LEU D 695 -57.48 -32.30 -60.76
C LEU D 695 -58.40 -32.05 -59.57
N GLN D 696 -59.67 -32.48 -59.68
CA GLN D 696 -60.64 -32.30 -58.60
C GLN D 696 -60.33 -33.18 -57.37
N ALA D 697 -60.05 -34.46 -57.61
CA ALA D 697 -59.68 -35.41 -56.53
C ALA D 697 -58.39 -35.03 -55.80
N LEU D 698 -57.37 -34.61 -56.56
CA LEU D 698 -56.07 -34.18 -56.03
C LEU D 698 -56.04 -32.79 -55.37
N LYS D 699 -57.03 -31.96 -55.66
CA LYS D 699 -57.18 -30.68 -54.94
C LYS D 699 -57.60 -30.92 -53.47
N LYS D 700 -58.33 -32.04 -53.24
CA LYS D 700 -58.72 -32.47 -51.88
C LYS D 700 -57.59 -33.12 -51.07
N VAL D 701 -56.53 -33.58 -51.74
CA VAL D 701 -55.37 -34.25 -51.12
C VAL D 701 -54.19 -33.29 -50.90
N ILE D 702 -53.89 -32.43 -51.88
CA ILE D 702 -52.80 -31.46 -51.78
C ILE D 702 -53.41 -30.09 -51.46
N ARG D 703 -53.77 -29.92 -50.18
CA ARG D 703 -54.41 -28.67 -49.72
C ARG D 703 -53.49 -27.45 -49.79
N GLU D 704 -52.24 -27.61 -49.34
CA GLU D 704 -51.31 -26.48 -49.19
C GLU D 704 -50.03 -26.71 -49.98
N PRO D 705 -50.07 -26.49 -51.31
CA PRO D 705 -48.89 -26.62 -52.16
C PRO D 705 -47.58 -25.97 -51.63
N ARG D 706 -46.54 -26.80 -51.44
CA ARG D 706 -45.24 -26.42 -50.87
C ARG D 706 -44.24 -26.25 -52.02
N PRO D 707 -43.29 -25.30 -51.93
CA PRO D 707 -42.39 -25.07 -53.09
C PRO D 707 -41.49 -26.23 -53.46
N ARG D 708 -41.31 -26.50 -54.75
CA ARG D 708 -40.25 -27.40 -55.22
C ARG D 708 -38.95 -26.66 -55.03
N SER D 709 -37.86 -27.38 -54.79
CA SER D 709 -36.56 -26.77 -54.53
C SER D 709 -35.69 -26.86 -55.79
N ALA D 710 -34.60 -26.10 -55.80
CA ALA D 710 -33.60 -26.11 -56.88
C ALA D 710 -33.09 -27.50 -57.24
N ARG D 711 -32.98 -28.34 -56.22
CA ARG D 711 -32.46 -29.71 -56.34
C ARG D 711 -33.30 -30.55 -57.32
N TRP D 712 -34.62 -30.54 -57.16
CA TRP D 712 -35.56 -31.30 -58.04
C TRP D 712 -35.70 -30.72 -59.45
N LEU D 713 -35.24 -31.45 -60.45
CA LEU D 713 -35.40 -31.10 -61.86
C LEU D 713 -36.66 -31.78 -62.40
N SER D 714 -37.58 -30.99 -62.96
CA SER D 714 -38.85 -31.48 -63.47
C SER D 714 -38.69 -32.19 -64.80
N THR D 715 -39.47 -33.24 -65.00
CA THR D 715 -39.60 -33.86 -66.31
C THR D 715 -40.98 -33.65 -66.95
N SER D 716 -41.93 -33.07 -66.22
CA SER D 716 -43.26 -32.79 -66.77
C SER D 716 -43.39 -31.42 -67.48
N ILE D 717 -42.36 -30.58 -67.36
CA ILE D 717 -42.36 -29.18 -67.75
C ILE D 717 -40.97 -28.84 -68.30
N PRO D 718 -40.85 -28.31 -69.53
CA PRO D 718 -39.48 -28.14 -70.06
C PRO D 718 -38.66 -27.11 -69.28
N GLU D 719 -37.35 -27.10 -69.50
CA GLU D 719 -36.44 -26.23 -68.76
C GLU D 719 -36.94 -24.79 -68.87
N ALA D 720 -37.09 -24.31 -70.11
CA ALA D 720 -37.61 -22.97 -70.41
C ALA D 720 -38.66 -22.42 -69.43
N GLN D 721 -39.68 -23.21 -69.06
CA GLN D 721 -40.73 -22.75 -68.10
C GLN D 721 -40.57 -23.23 -66.63
N TRP D 722 -39.34 -23.55 -66.19
CA TRP D 722 -39.11 -23.95 -64.79
C TRP D 722 -39.50 -22.86 -63.77
N GLN D 723 -39.42 -21.58 -64.19
CA GLN D 723 -39.83 -20.44 -63.34
C GLN D 723 -41.36 -20.28 -63.12
N SER D 724 -42.18 -20.90 -63.97
CA SER D 724 -43.66 -20.68 -64.01
C SER D 724 -44.45 -20.93 -62.70
N SER D 725 -45.67 -20.37 -62.64
CA SER D 725 -46.65 -20.60 -61.52
C SER D 725 -46.99 -22.07 -61.25
N LEU D 726 -47.01 -22.88 -62.32
CA LEU D 726 -47.27 -24.32 -62.24
C LEU D 726 -46.10 -25.05 -61.57
N ALA D 727 -44.90 -24.76 -62.07
CA ALA D 727 -43.64 -25.33 -61.58
C ALA D 727 -43.16 -24.86 -60.18
N ARG D 728 -43.75 -23.79 -59.61
CA ARG D 728 -43.33 -23.32 -58.25
C ARG D 728 -43.52 -24.42 -57.23
N THR D 729 -44.70 -25.03 -57.24
CA THR D 729 -45.09 -26.00 -56.24
C THR D 729 -45.39 -27.36 -56.86
N SER D 730 -45.38 -28.38 -55.99
CA SER D 730 -45.91 -29.71 -56.26
C SER D 730 -47.41 -29.75 -55.95
N SER D 731 -48.16 -29.12 -56.83
CA SER D 731 -49.61 -28.92 -56.69
C SER D 731 -50.37 -30.07 -57.34
N ALA D 732 -51.68 -30.10 -57.13
CA ALA D 732 -52.59 -30.99 -57.90
C ALA D 732 -52.45 -30.70 -59.40
N GLU D 733 -52.31 -29.41 -59.70
CA GLU D 733 -52.08 -28.91 -61.05
C GLU D 733 -50.77 -29.44 -61.66
N TYR D 734 -49.69 -29.45 -60.89
CA TYR D 734 -48.40 -30.02 -61.35
C TYR D 734 -48.52 -31.49 -61.76
N ASN D 735 -49.30 -32.24 -60.96
CA ASN D 735 -49.48 -33.69 -61.12
C ASN D 735 -50.29 -34.05 -62.34
N VAL D 736 -51.43 -33.39 -62.49
CA VAL D 736 -52.28 -33.59 -63.68
C VAL D 736 -51.42 -33.32 -64.92
N ASN D 737 -50.75 -32.17 -64.96
CA ASN D 737 -49.89 -31.80 -66.09
C ASN D 737 -48.91 -32.95 -66.49
N ASN D 738 -48.32 -33.61 -65.50
CA ASN D 738 -47.37 -34.74 -65.72
C ASN D 738 -48.01 -35.89 -66.52
N LEU D 739 -49.27 -36.17 -66.20
CA LEU D 739 -50.03 -37.26 -66.79
C LEU D 739 -50.25 -37.09 -68.28
N VAL D 740 -50.55 -35.85 -68.69
CA VAL D 740 -50.92 -35.53 -70.07
C VAL D 740 -49.71 -35.16 -70.89
N SER D 741 -48.77 -34.40 -70.29
CA SER D 741 -47.55 -33.94 -70.97
C SER D 741 -46.60 -35.10 -71.24
N PRO D 742 -45.67 -34.94 -72.19
CA PRO D 742 -44.73 -36.04 -72.39
C PRO D 742 -43.64 -35.93 -71.29
N VAL D 743 -42.88 -37.01 -71.09
CA VAL D 743 -41.86 -37.07 -70.03
C VAL D 743 -40.50 -36.68 -70.61
N LEU D 744 -39.98 -35.54 -70.16
CA LEU D 744 -38.77 -34.93 -70.74
C LEU D 744 -37.58 -35.29 -69.86
N PHE D 745 -37.14 -36.52 -70.03
CA PHE D 745 -36.20 -37.19 -69.14
C PHE D 745 -34.75 -36.87 -69.52
N GLN D 746 -34.36 -37.16 -70.76
CA GLN D 746 -33.04 -36.79 -71.29
C GLN D 746 -32.72 -35.31 -71.12
N GLU D 747 -33.77 -34.49 -71.07
CA GLU D 747 -33.66 -33.05 -70.88
C GLU D 747 -32.99 -32.75 -69.53
N ALA D 748 -33.43 -33.44 -68.47
CA ALA D 748 -32.83 -33.27 -67.13
C ALA D 748 -31.45 -33.93 -66.99
N LEU D 749 -31.29 -35.10 -67.60
CA LEU D 749 -30.03 -35.85 -67.52
C LEU D 749 -28.80 -35.11 -68.03
N TRP D 750 -28.98 -34.12 -68.91
CA TRP D 750 -27.88 -33.23 -69.28
C TRP D 750 -27.28 -32.53 -68.04
N HIS D 751 -28.15 -32.12 -67.11
CA HIS D 751 -27.76 -31.34 -65.92
C HIS D 751 -26.87 -32.05 -64.91
N ILE D 752 -26.82 -33.39 -64.91
CA ILE D 752 -26.04 -34.15 -63.88
C ILE D 752 -24.52 -33.89 -63.99
N PRO D 753 -23.88 -33.35 -62.93
CA PRO D 753 -22.45 -32.98 -63.06
C PRO D 753 -21.49 -34.15 -63.26
N GLU D 754 -20.21 -33.81 -63.37
CA GLU D 754 -19.15 -34.81 -63.53
C GLU D 754 -18.96 -35.67 -62.26
N HIS D 755 -18.59 -36.93 -62.43
CA HIS D 755 -18.26 -37.86 -61.32
C HIS D 755 -19.39 -38.12 -60.28
N ALA D 756 -20.65 -37.95 -60.67
CA ALA D 756 -21.74 -38.12 -59.74
C ALA D 756 -22.10 -39.58 -59.49
N VAL D 757 -22.88 -39.79 -58.45
CA VAL D 757 -23.36 -41.12 -58.10
C VAL D 757 -24.87 -41.12 -58.23
N VAL D 758 -25.37 -42.01 -59.10
CA VAL D 758 -26.74 -41.95 -59.54
C VAL D 758 -27.50 -43.20 -59.07
N LEU D 759 -28.52 -42.99 -58.26
CA LEU D 759 -29.28 -44.06 -57.66
C LEU D 759 -30.68 -44.23 -58.27
N GLU D 760 -30.91 -45.36 -58.91
CA GLU D 760 -32.22 -45.62 -59.47
C GLU D 760 -33.20 -46.19 -58.44
N ILE D 761 -33.99 -45.29 -57.88
CA ILE D 761 -34.97 -45.61 -56.85
C ILE D 761 -36.25 -46.16 -57.47
N ALA D 762 -36.32 -47.47 -57.60
CA ALA D 762 -37.48 -48.14 -58.18
C ALA D 762 -37.47 -49.60 -57.82
N PRO D 763 -38.64 -50.24 -57.74
CA PRO D 763 -38.71 -51.68 -57.47
C PRO D 763 -38.08 -52.56 -58.53
N HIS D 764 -37.73 -52.01 -59.67
CA HIS D 764 -36.80 -52.66 -60.57
C HIS D 764 -36.07 -51.57 -61.33
N ALA D 765 -34.79 -51.80 -61.58
CA ALA D 765 -33.91 -50.82 -62.14
C ALA D 765 -33.99 -50.81 -63.67
N LEU D 766 -35.11 -50.32 -64.16
CA LEU D 766 -35.42 -50.34 -65.60
C LEU D 766 -34.52 -49.37 -66.37
N LEU D 767 -34.39 -48.17 -65.83
CA LEU D 767 -33.70 -47.09 -66.50
C LEU D 767 -32.16 -47.18 -66.43
N GLN D 768 -31.59 -48.27 -65.89
CA GLN D 768 -30.13 -48.42 -65.86
C GLN D 768 -29.54 -48.17 -67.24
N ALA D 769 -30.03 -48.97 -68.21
CA ALA D 769 -29.62 -48.87 -69.62
C ALA D 769 -29.60 -47.41 -70.10
N VAL D 770 -30.74 -46.72 -69.88
CA VAL D 770 -30.92 -45.35 -70.38
C VAL D 770 -30.01 -44.33 -69.69
N LEU D 771 -29.83 -44.48 -68.37
CA LEU D 771 -29.03 -43.55 -67.57
C LEU D 771 -27.57 -43.62 -67.97
N LYS D 772 -27.05 -44.81 -68.28
CA LYS D 772 -25.66 -44.95 -68.79
C LYS D 772 -25.46 -44.14 -70.04
N ARG D 773 -26.36 -44.31 -70.98
CA ARG D 773 -26.36 -43.54 -72.23
C ARG D 773 -26.61 -42.02 -72.01
N GLY D 774 -27.59 -41.70 -71.18
CA GLY D 774 -28.00 -40.31 -70.92
C GLY D 774 -27.06 -39.43 -70.11
N VAL D 775 -26.22 -40.04 -69.26
CA VAL D 775 -25.40 -39.32 -68.26
C VAL D 775 -23.92 -39.45 -68.62
N LYS D 776 -23.12 -38.48 -68.18
CA LYS D 776 -21.68 -38.42 -68.47
C LYS D 776 -20.87 -39.70 -68.15
N SER D 777 -19.76 -39.90 -68.87
CA SER D 777 -18.94 -41.13 -68.80
C SER D 777 -18.44 -41.45 -67.40
N SER D 778 -17.89 -40.43 -66.74
CA SER D 778 -17.39 -40.52 -65.37
C SER D 778 -18.39 -41.15 -64.40
N CYS D 779 -19.57 -40.54 -64.29
CA CYS D 779 -20.64 -40.95 -63.35
C CYS D 779 -20.82 -42.45 -63.18
N THR D 780 -20.99 -42.91 -61.93
CA THR D 780 -21.34 -44.32 -61.67
C THR D 780 -22.83 -44.42 -61.31
N ILE D 781 -23.47 -45.45 -61.88
CA ILE D 781 -24.92 -45.61 -61.85
C ILE D 781 -25.21 -46.87 -61.07
N ILE D 782 -26.05 -46.76 -60.06
CA ILE D 782 -26.23 -47.83 -59.12
C ILE D 782 -27.72 -48.16 -59.01
N PRO D 783 -28.09 -49.41 -59.31
CA PRO D 783 -29.47 -49.86 -59.09
C PRO D 783 -29.74 -50.14 -57.63
N LEU D 784 -31.00 -50.28 -57.26
CA LEU D 784 -31.33 -50.67 -55.89
C LEU D 784 -32.18 -51.91 -55.80
N MET D 785 -33.05 -52.17 -56.78
CA MET D 785 -33.74 -53.47 -56.84
C MET D 785 -33.65 -54.02 -58.24
N LYS D 786 -33.81 -55.33 -58.37
CA LYS D 786 -33.78 -56.00 -59.67
C LYS D 786 -34.91 -57.03 -59.66
N ARG D 787 -35.54 -57.20 -60.81
CA ARG D 787 -36.79 -57.94 -60.96
C ARG D 787 -36.41 -59.41 -61.03
N ASP D 788 -37.15 -60.22 -60.28
CA ASP D 788 -36.91 -61.67 -60.11
C ASP D 788 -35.45 -62.01 -59.67
N HIS D 789 -34.84 -61.17 -58.82
CA HIS D 789 -33.54 -61.50 -58.19
C HIS D 789 -33.92 -62.43 -57.08
N LYS D 790 -33.08 -63.43 -56.77
CA LYS D 790 -33.46 -64.45 -55.77
C LYS D 790 -33.82 -63.76 -54.45
N ASP D 791 -33.12 -62.66 -54.16
CA ASP D 791 -33.18 -61.96 -52.89
C ASP D 791 -32.82 -60.49 -53.16
N ASN D 792 -33.80 -59.60 -53.01
CA ASN D 792 -33.56 -58.18 -53.28
C ASN D 792 -32.93 -57.44 -52.11
N LEU D 793 -33.09 -58.00 -50.91
CA LEU D 793 -32.45 -57.39 -49.73
C LEU D 793 -30.94 -57.48 -49.92
N GLU D 794 -30.44 -58.69 -50.20
CA GLU D 794 -29.06 -58.85 -50.61
C GLU D 794 -28.69 -57.84 -51.70
N PHE D 795 -29.50 -57.73 -52.74
CA PHE D 795 -29.19 -56.82 -53.85
C PHE D 795 -29.04 -55.36 -53.38
N PHE D 796 -30.00 -54.94 -52.55
CA PHE D 796 -30.04 -53.57 -52.04
C PHE D 796 -28.79 -53.27 -51.24
N LEU D 797 -28.53 -54.16 -50.28
CA LEU D 797 -27.32 -54.09 -49.46
C LEU D 797 -26.10 -54.08 -50.38
N THR D 798 -26.01 -55.01 -51.32
CA THR D 798 -24.81 -55.00 -52.13
C THR D 798 -24.58 -53.67 -52.87
N ASN D 799 -25.67 -53.02 -53.28
CA ASN D 799 -25.53 -51.76 -53.99
C ASN D 799 -25.26 -50.56 -53.04
N LEU D 800 -25.81 -50.57 -51.83
CA LEU D 800 -25.35 -49.60 -50.80
C LEU D 800 -23.85 -49.72 -50.57
N GLY D 801 -23.37 -50.95 -50.47
CA GLY D 801 -21.93 -51.21 -50.45
C GLY D 801 -21.19 -50.49 -51.57
N LYS D 802 -21.71 -50.59 -52.80
CA LYS D 802 -21.08 -49.91 -53.92
C LYS D 802 -21.09 -48.37 -53.81
N VAL D 803 -22.06 -47.82 -53.07
CA VAL D 803 -22.09 -46.38 -52.79
C VAL D 803 -20.93 -46.04 -51.88
N HIS D 804 -20.80 -46.81 -50.78
CA HIS D 804 -19.67 -46.63 -49.84
C HIS D 804 -18.33 -46.72 -50.57
N LEU D 805 -18.23 -47.64 -51.51
CA LEU D 805 -17.04 -47.75 -52.36
C LEU D 805 -16.66 -46.46 -53.11
N THR D 806 -17.62 -45.59 -53.35
CA THR D 806 -17.36 -44.37 -54.10
C THR D 806 -16.69 -43.30 -53.28
N GLY D 807 -16.78 -43.38 -51.95
CA GLY D 807 -16.31 -42.32 -51.06
C GLY D 807 -17.41 -41.58 -50.31
N ILE D 808 -18.65 -41.78 -50.74
CA ILE D 808 -19.80 -41.24 -50.01
C ILE D 808 -20.02 -42.12 -48.79
N ASN D 809 -20.26 -41.52 -47.64
CA ASN D 809 -20.35 -42.32 -46.42
C ASN D 809 -21.75 -42.85 -46.23
N VAL D 810 -21.81 -44.13 -45.87
CA VAL D 810 -23.06 -44.86 -45.71
C VAL D 810 -22.94 -45.64 -44.41
N ASN D 811 -23.94 -45.57 -43.55
CA ASN D 811 -23.92 -46.32 -42.32
C ASN D 811 -25.07 -47.29 -42.28
N PRO D 812 -24.82 -48.56 -42.68
CA PRO D 812 -25.84 -49.60 -42.71
C PRO D 812 -26.55 -49.85 -41.41
N ASN D 813 -26.01 -49.42 -40.27
CA ASN D 813 -26.57 -49.88 -38.99
C ASN D 813 -28.02 -49.46 -38.79
N ALA D 814 -28.41 -48.32 -39.35
CA ALA D 814 -29.81 -47.85 -39.23
C ALA D 814 -30.85 -48.66 -40.02
N LEU D 815 -30.41 -49.51 -40.94
CA LEU D 815 -31.31 -50.41 -41.67
C LEU D 815 -31.89 -51.45 -40.75
N PHE D 816 -31.17 -51.81 -39.68
CA PHE D 816 -31.55 -52.91 -38.79
C PHE D 816 -31.79 -52.40 -37.41
N PRO D 817 -32.50 -53.18 -36.57
CA PRO D 817 -32.79 -52.61 -35.24
C PRO D 817 -31.51 -52.35 -34.48
N PRO D 818 -31.49 -51.25 -33.71
CA PRO D 818 -30.25 -50.80 -33.09
C PRO D 818 -29.73 -51.81 -32.05
N VAL D 819 -28.41 -51.99 -31.99
CA VAL D 819 -27.80 -52.88 -31.04
C VAL D 819 -27.75 -52.17 -29.69
N GLU D 820 -28.01 -52.89 -28.61
CA GLU D 820 -27.98 -52.30 -27.28
C GLU D 820 -26.57 -52.34 -26.72
N PHE D 821 -25.98 -51.18 -26.48
CA PHE D 821 -24.65 -51.06 -25.91
C PHE D 821 -24.77 -50.82 -24.40
N PRO D 822 -23.76 -51.14 -23.60
CA PRO D 822 -22.46 -51.58 -24.03
C PRO D 822 -22.43 -52.92 -24.71
N ALA D 823 -21.52 -53.08 -25.67
CA ALA D 823 -21.32 -54.38 -26.30
C ALA D 823 -21.06 -55.47 -25.27
N PRO D 824 -21.45 -56.69 -25.60
CA PRO D 824 -21.15 -57.77 -24.69
C PRO D 824 -19.65 -58.02 -24.50
N ARG D 825 -19.32 -58.53 -23.32
CA ARG D 825 -17.97 -58.99 -23.02
C ARG D 825 -17.57 -60.02 -24.06
N GLY D 826 -16.31 -59.97 -24.48
CA GLY D 826 -15.79 -60.91 -25.43
C GLY D 826 -15.93 -60.46 -26.87
N THR D 827 -16.62 -59.35 -27.12
CA THR D 827 -16.62 -58.77 -28.44
C THR D 827 -15.18 -58.69 -28.94
N PRO D 828 -14.87 -59.22 -30.12
CA PRO D 828 -13.49 -59.31 -30.54
C PRO D 828 -12.76 -57.99 -30.53
N LEU D 829 -11.46 -58.02 -30.25
CA LEU D 829 -10.63 -56.81 -30.30
C LEU D 829 -10.58 -56.27 -31.72
N ILE D 830 -10.58 -54.94 -31.83
CA ILE D 830 -10.42 -54.26 -33.11
C ILE D 830 -8.99 -53.75 -33.31
N SER D 831 -8.32 -53.28 -32.26
CA SER D 831 -6.97 -52.67 -32.39
C SER D 831 -5.96 -53.47 -33.21
N PRO D 832 -5.92 -54.80 -33.02
CA PRO D 832 -4.89 -55.52 -33.77
C PRO D 832 -5.16 -55.67 -35.26
N HIS D 833 -6.35 -55.36 -35.74
CA HIS D 833 -6.65 -55.39 -37.17
C HIS D 833 -6.62 -54.02 -37.86
N ILE D 834 -6.05 -53.03 -37.19
CA ILE D 834 -5.90 -51.71 -37.82
C ILE D 834 -4.50 -51.70 -38.39
N LYS D 835 -4.40 -51.72 -39.71
CA LYS D 835 -3.12 -51.84 -40.38
C LYS D 835 -2.75 -50.56 -41.08
N TRP D 836 -1.46 -50.30 -41.12
CA TRP D 836 -0.94 -49.01 -41.58
C TRP D 836 -0.12 -49.16 -42.85
N ASP D 837 0.25 -48.05 -43.46
CA ASP D 837 1.19 -48.06 -44.56
C ASP D 837 2.59 -47.91 -43.97
N HIS D 838 3.24 -49.05 -43.75
CA HIS D 838 4.62 -49.02 -43.24
C HIS D 838 5.71 -49.24 -44.32
N SER D 839 5.45 -48.75 -45.53
CA SER D 839 6.45 -48.87 -46.60
C SER D 839 7.71 -48.13 -46.24
N GLN D 840 7.58 -46.91 -45.76
CA GLN D 840 8.80 -46.16 -45.39
C GLN D 840 9.32 -46.64 -44.03
N THR D 841 10.64 -46.61 -43.91
CA THR D 841 11.34 -46.83 -42.66
C THR D 841 12.06 -45.53 -42.18
N TRP D 842 12.04 -45.24 -40.87
CA TRP D 842 12.48 -43.96 -40.34
C TRP D 842 13.66 -44.10 -39.38
N ASP D 843 14.27 -42.96 -39.07
CA ASP D 843 15.45 -42.94 -38.23
C ASP D 843 15.05 -43.24 -36.82
N VAL D 844 15.96 -43.86 -36.09
CA VAL D 844 15.78 -44.15 -34.68
C VAL D 844 17.12 -43.87 -34.03
N PRO D 845 17.14 -43.10 -32.94
CA PRO D 845 18.39 -42.89 -32.22
C PRO D 845 19.05 -44.16 -31.83
N VAL D 846 20.36 -44.12 -31.76
CA VAL D 846 21.16 -45.31 -31.41
C VAL D 846 22.14 -44.99 -30.30
N ALA D 847 22.73 -46.01 -29.69
CA ALA D 847 23.56 -45.79 -28.50
C ALA D 847 24.69 -44.79 -28.71
N GLU D 848 25.27 -44.82 -29.91
CA GLU D 848 26.40 -43.96 -30.23
C GLU D 848 25.99 -42.48 -30.33
N ASP D 849 24.70 -42.18 -30.49
CA ASP D 849 24.20 -40.79 -30.41
C ASP D 849 24.31 -40.15 -29.03
N PHE D 850 24.65 -40.93 -27.99
CA PHE D 850 24.78 -40.34 -26.66
C PHE D 850 26.23 -40.39 -26.19
N PRO D 851 26.60 -39.55 -25.23
CA PRO D 851 27.94 -39.54 -24.61
C PRO D 851 28.42 -40.85 -23.98
N ASN D 852 29.76 -41.07 -23.86
CA ASN D 852 30.38 -42.34 -23.35
C ASN D 852 31.75 -42.32 -22.65
N1A COA E . 59.48 53.53 54.92
C2A COA E . 60.59 53.96 54.27
N3A COA E . 60.67 55.21 53.75
C4A COA E . 59.63 56.13 53.84
C5A COA E . 58.39 55.73 54.54
C6A COA E . 58.37 54.32 55.10
N6A COA E . 57.28 53.83 55.76
N7A COA E . 57.55 56.79 54.49
C8A COA E . 58.17 57.79 53.83
N9A COA E . 59.42 57.42 53.44
C1B COA E . 60.33 58.33 52.66
C2B COA E . 61.75 57.84 52.29
O2B COA E . 62.74 57.99 53.31
C3B COA E . 62.08 58.65 51.03
O3B COA E . 62.64 59.93 51.38
P3B COA E . 63.34 60.98 50.34
O7A COA E . 63.77 62.11 51.26
O8A COA E . 64.48 60.23 49.69
O9A COA E . 62.25 61.40 49.37
C4B COA E . 60.72 58.78 50.34
O4B COA E . 59.73 58.59 51.37
C5B COA E . 60.56 57.82 49.14
O5B COA E . 60.18 56.48 49.50
P1A COA E . 61.00 55.08 49.33
O1A COA E . 60.00 54.07 49.82
O2A COA E . 62.33 55.14 50.05
O3A COA E . 61.27 54.90 47.74
P2A COA E . 62.55 55.44 46.89
O4A COA E . 62.07 56.01 45.58
O5A COA E . 63.47 56.31 47.72
O6A COA E . 63.34 54.07 46.54
CBP COA E . 64.15 52.21 45.14
CCP COA E . 63.29 53.47 45.24
CDP COA E . 63.73 51.49 43.86
CEP COA E . 65.62 52.65 45.03
CAP COA E . 63.97 51.33 46.42
OAP COA E . 62.62 51.38 46.87
C9P COA E . 64.32 49.86 46.29
O9P COA E . 65.25 49.45 45.61
N8P COA E . 63.51 49.05 46.98
C7P COA E . 63.67 47.61 47.00
C6P COA E . 64.36 47.11 48.27
C5P COA E . 64.51 45.60 48.23
O5P COA E . 64.85 45.12 47.16
N4P COA E . 64.29 44.81 49.30
C3P COA E . 63.85 45.26 50.63
C2P COA E . 63.46 44.16 51.65
S1P COA E . 63.72 42.48 51.02
C8 MLC F . 24.68 -14.67 54.14
N9 MLC F . 23.93 -14.72 53.00
C4 MLC F . 24.14 -15.92 52.40
C5 MLC F . 25.09 -16.65 53.26
N7 MLC F . 25.38 -15.83 54.30
N3 MLC F . 23.66 -16.53 51.25
C2 MLC F . 24.03 -17.79 50.88
N1 MLC F . 24.91 -18.51 51.60
C6 MLC F . 25.46 -18.03 52.77
N6 MLC F . 26.32 -18.79 53.49
C1' MLC F . 22.99 -13.69 52.42
C2' MLC F . 22.03 -12.96 53.39
O2' MLC F . 20.71 -13.51 53.26
C3' MLC F . 22.02 -11.47 53.01
O3' MLC F . 20.70 -10.92 52.82
C4' MLC F . 22.79 -11.48 51.70
O4' MLC F . 23.66 -12.63 51.73
C5' MLC F . 23.56 -10.19 51.37
O5' MLC F . 24.55 -10.46 50.37
P1 MLC F . 24.23 -10.62 48.80
O11 MLC F . 24.55 -9.26 48.21
O12 MLC F . 25.02 -11.81 48.33
O6 MLC F . 22.61 -10.90 48.67
P2 MLC F . 21.89 -12.29 48.14
O21 MLC F . 21.91 -13.33 49.23
O22 MLC F . 22.54 -12.64 46.82
O7 MLC F . 20.32 -11.99 47.81
CPB MLC F . 19.31 -11.57 48.75
CPA MLC F . 18.26 -12.63 49.16
CP7 MLC F . 18.17 -12.58 50.71
CP9 MLC F . 16.91 -12.34 48.52
CP8 MLC F . 18.66 -14.03 48.67
OP3 MLC F . 17.55 -11.34 51.10
CP6 MLC F . 17.48 -13.75 51.36
OP2 MLC F . 18.15 -14.73 51.64
NP2 MLC F . 16.17 -13.65 51.64
CP5 MLC F . 15.44 -14.66 52.39
CP4 MLC F . 15.60 -16.09 51.83
CP3 MLC F . 14.28 -16.79 51.68
OP1 MLC F . 13.34 -16.16 51.23
NP1 MLC F . 14.19 -18.09 52.04
CP2 MLC F . 13.00 -18.91 51.86
CP1 MLC F . 11.73 -18.45 52.59
S MLC F . 11.27 -19.57 53.87
P3 MLC F . 20.33 -9.35 52.57
O31 MLC F . 20.16 -9.21 51.07
O32 MLC F . 19.04 -9.12 53.32
O33 MLC F . 21.50 -8.57 53.11
CM1 MLC F . 9.77 -19.01 54.39
CM2 MLC F . 8.63 -19.95 54.77
CM3 MLC F . 7.24 -19.32 54.70
OM2 MLC F . 9.62 -17.80 54.48
OM3 MLC F . 7.01 -18.29 55.37
OM4 MLC F . 6.34 -19.83 54.00
N1A COA G . -32.01 -47.49 -76.31
C2A COA G . -31.79 -48.19 -75.17
N3A COA G . -31.01 -49.28 -75.16
C4A COA G . -30.39 -49.74 -76.29
C5A COA G . -30.58 -49.03 -77.58
C6A COA G . -31.45 -47.82 -77.52
N6A COA G . -31.72 -47.07 -78.62
N7A COA G . -29.85 -49.72 -78.50
C8A COA G . -29.25 -50.76 -77.88
N9A COA G . -29.58 -50.76 -76.56
C1B COA G . -29.11 -51.76 -75.54
C2B COA G . -28.67 -51.18 -74.18
O2B COA G . -27.33 -50.68 -74.10
C3B COA G . -28.87 -52.40 -73.33
O3B COA G . -27.82 -53.34 -73.61
P3B COA G . -26.75 -53.88 -72.53
O7A COA G . -25.84 -52.65 -72.42
O8A COA G . -27.58 -54.22 -71.31
O9A COA G . -26.14 -55.13 -73.16
C4B COA G . -30.20 -52.97 -73.83
O4B COA G . -30.18 -52.70 -75.24
C5B COA G . -31.42 -52.37 -73.13
O5B COA G . -32.61 -53.14 -73.40
P1A COA G . -33.10 -54.44 -72.55
O1A COA G . -32.01 -55.47 -72.53
O2A COA G . -34.48 -54.88 -73.00
O3A COA G . -33.22 -54.00 -71.00
P2A COA G . -34.23 -52.91 -70.36
O4A COA G . -35.01 -53.54 -69.21
O5A COA G . -33.35 -51.68 -70.16
O6A COA G . -35.25 -52.67 -71.58
CBP COA G . -36.95 -50.94 -71.90
CCP COA G . -36.62 -52.34 -71.38
CDP COA G . -36.93 -51.02 -73.44
CEP COA G . -38.39 -50.75 -71.37
CAP COA G . -35.85 -49.91 -71.39
OAP COA G . -34.83 -49.41 -72.32
C9P COA G . -36.37 -48.69 -70.70
O9P COA G . -35.77 -48.48 -69.68
N8P COA G . -37.44 -48.01 -71.13
C7P COA G . -38.21 -47.09 -70.33
C6P COA G . -39.69 -47.44 -70.35
C5P COA G . -40.58 -46.29 -69.94
O5P COA G . -40.51 -45.25 -70.58
N4P COA G . -41.43 -46.47 -68.90
C3P COA G . -42.38 -45.48 -68.39
C2P COA G . -43.85 -45.79 -68.41
S1P COA G . -44.75 -44.22 -68.55
#